data_8DH5
#
_entry.id   8DH5
#
_cell.length_a   78.544
_cell.length_b   86.305
_cell.length_c   201.199
_cell.angle_alpha   89.790
_cell.angle_beta   85.390
_cell.angle_gamma   69.490
#
_symmetry.space_group_name_H-M   'P 1'
#
loop_
_entity.id
_entity.type
_entity.pdbx_description
1 polymer 'T7 RNA polymerase'
2 polymer 'Template strand DNA'
3 polymer RNA
4 polymer 'Non-template strand DNA'
5 non-polymer "ADENOSINE-5'-TRIPHOSPHATE"
6 non-polymer 'MAGNESIUM ION'
#
loop_
_entity_poly.entity_id
_entity_poly.type
_entity_poly.pdbx_seq_one_letter_code
_entity_poly.pdbx_strand_id
1 'polypeptide(L)'
;MNTINIAKNDFSDIELAAIPFNTLADHYGERLAREQLALEHESYEMGEARFRKMFERQLKAGEVADNAAAKPLITTLLPK
MIARINDWFEEVKAKRGKRPTAFQFLQEIKPEAVAYITIKTTLACLTSADNTTVQAVASAIGRAIEDEARFGRIRDLEAK
HFKKNVEEQLNKRVGHVYKKAFMQVVEADMLSKGLLGGEAWSSWHKEDSIHVGVRCIEMLIESTGMVSLHRQNAGVVGQD
SETIELAPEYAEAIATRAGALAGISPMFQPCVVPPKPWTGITGGGYWANGRRPLALVRTHSKKALMRYEDVYMPEVYKAI
NIAQNTAWKINKKVLAVANVITKWKHCPVEDIPAIEREELPMKPEDIDMNPEALTAWKRAAAAVYRKDKARKSRRISLEF
MLEQANKFANHKAIWFPYNMDWRGRVYAVSMFNPQGNDMTKGLLTLAKGKPIGKEGYYWLKIHGANCAGVDKVPFPERIK
FIEENHENIMACAKSPLENTWWAEQDSPFCFLAFCFEYAGVQHHGLSYNCSLPLAFDGSCSGIQHFSAMLRDEVGGRAVN
LLPSETVQDIYGIVAKKVNEILQADAINGTDNEVVTVTDENTGEISEKVKLGTKALAGQWLAYGVTRSVTKRSVMTLAYG
SKEFGFRQQVLEDTIQPAIDSGKGLMFTQPNQAAGYMAKLIWESVSVTVVAAVEAMNWLKSAAKLLAAEVKDKKTGEILR
KRCAVHWVTPDGFPVWQEYKKPIQTRLNLMFLGQFRLQPTINTNKDSEIDAHKQESGIAPNFVHSQDGSHLRKTVVWAHE
KYGIESFALIHDSFGTIPADAANLFKAVRETMVDTYESCDVLADFYDQFADQLHESQLDKMPALPAKGNLNLRDILESDF
AFA
;
B,E,I,M
2 'polydeoxyribonucleotide' (DG)(DG)(DG)(DA)(DA)(DT)(DC)(DG)(DA)(S8U)(DA)(DT)(DC)(DG)(DC)(DC)(DG)(DC) A,F,J,N
3 'polyribonucleotide' AACUGCGGCGAU C,G,K,O
4 'polydeoxyribonucleotide' (DT)(DC)(DG)(DA)(DT)(DT)(DC)(DC)(DC) D,H,L,P
#
loop_
_chem_comp.id
_chem_comp.type
_chem_comp.name
_chem_comp.formula
A RNA linking ADENOSINE-5'-MONOPHOSPHATE 'C10 H14 N5 O7 P'
ATP non-polymer ADENOSINE-5'-TRIPHOSPHATE 'C10 H16 N5 O13 P3'
C RNA linking CYTIDINE-5'-MONOPHOSPHATE 'C9 H14 N3 O8 P'
DA DNA linking 2'-DEOXYADENOSINE-5'-MONOPHOSPHATE 'C10 H14 N5 O6 P'
DC DNA linking 2'-DEOXYCYTIDINE-5'-MONOPHOSPHATE 'C9 H14 N3 O7 P'
DG DNA linking 2'-DEOXYGUANOSINE-5'-MONOPHOSPHATE 'C10 H14 N5 O7 P'
DT DNA linking THYMIDINE-5'-MONOPHOSPHATE 'C10 H15 N2 O8 P'
G RNA linking GUANOSINE-5'-MONOPHOSPHATE 'C10 H14 N5 O8 P'
MG non-polymer 'MAGNESIUM ION' 'Mg 2'
S8U DNA linking 1-(2-deoxy-5-O-phosphono-beta-D-erythro-pentofuranosyl)-1H-pyrrole-2-carbaldehyde 'C10 H14 N O7 P'
U RNA linking URIDINE-5'-MONOPHOSPHATE 'C9 H13 N2 O9 P'
#
# COMPACT_ATOMS: atom_id res chain seq x y z
N MET A 1 4.98 34.92 34.19
CA MET A 1 6.16 35.77 34.31
C MET A 1 7.38 34.93 34.69
N ASN A 2 7.55 34.67 35.98
CA ASN A 2 8.71 33.96 36.52
C ASN A 2 8.20 32.70 37.23
N THR A 3 8.38 31.56 36.58
CA THR A 3 7.82 30.31 37.07
C THR A 3 8.75 29.67 38.10
N ILE A 4 8.15 29.06 39.13
CA ILE A 4 8.91 28.31 40.10
C ILE A 4 9.50 27.07 39.45
N ASN A 5 10.64 26.62 39.98
CA ASN A 5 11.20 25.34 39.58
C ASN A 5 10.66 24.28 40.52
N ILE A 6 9.88 23.34 39.98
CA ILE A 6 9.26 22.31 40.81
C ILE A 6 10.27 21.26 41.24
N ALA A 7 11.43 21.19 40.57
CA ALA A 7 12.32 20.05 40.74
C ALA A 7 13.06 20.04 42.07
N LYS A 8 13.26 21.21 42.69
CA LYS A 8 14.14 21.30 43.85
C LYS A 8 13.59 20.53 45.05
N ASN A 9 12.28 20.45 45.20
CA ASN A 9 11.66 19.68 46.26
C ASN A 9 10.85 18.50 45.77
N ASP A 10 10.06 18.67 44.70
CA ASP A 10 9.15 17.62 44.26
C ASP A 10 9.89 16.53 43.50
N PHE A 11 10.70 16.90 42.51
CA PHE A 11 11.36 15.88 41.69
C PHE A 11 12.49 15.19 42.43
N SER A 12 13.03 15.81 43.48
CA SER A 12 13.99 15.12 44.32
C SER A 12 13.35 14.02 45.16
N ASP A 13 12.04 14.10 45.40
CA ASP A 13 11.38 13.16 46.29
C ASP A 13 11.28 11.77 45.70
N ILE A 14 11.13 11.65 44.38
CA ILE A 14 10.94 10.33 43.77
C ILE A 14 12.21 9.48 43.83
N GLU A 15 13.37 10.10 43.95
CA GLU A 15 14.61 9.35 44.13
C GLU A 15 14.89 9.02 45.59
N LEU A 16 14.36 9.82 46.53
CA LEU A 16 14.68 9.68 47.94
C LEU A 16 13.56 9.06 48.77
N ALA A 17 12.35 8.95 48.23
CA ALA A 17 11.25 8.33 48.97
C ALA A 17 11.57 6.85 49.19
N ALA A 18 11.54 6.43 50.45
CA ALA A 18 12.08 5.13 50.83
C ALA A 18 11.08 3.98 50.67
N ILE A 19 9.79 4.26 50.64
CA ILE A 19 8.79 3.23 50.38
C ILE A 19 8.87 2.77 48.91
N PRO A 20 8.92 3.65 47.89
CA PRO A 20 9.09 3.14 46.52
C PRO A 20 10.46 2.52 46.26
N PHE A 21 11.52 3.02 46.91
CA PHE A 21 12.84 2.45 46.71
C PHE A 21 12.90 1.02 47.25
N ASN A 22 12.33 0.78 48.43
CA ASN A 22 12.41 -0.53 49.04
C ASN A 22 11.59 -1.56 48.25
N THR A 23 10.39 -1.19 47.82
CA THR A 23 9.57 -2.11 47.04
C THR A 23 10.22 -2.44 45.70
N LEU A 24 11.01 -1.51 45.16
CA LEU A 24 11.79 -1.80 43.96
C LEU A 24 13.04 -2.60 44.28
N ALA A 25 13.71 -2.28 45.40
CA ALA A 25 14.92 -2.99 45.76
C ALA A 25 14.64 -4.44 46.12
N ASP A 26 13.52 -4.70 46.81
CA ASP A 26 13.17 -6.06 47.22
C ASP A 26 12.94 -6.98 46.03
N HIS A 27 12.54 -6.42 44.88
CA HIS A 27 12.31 -7.22 43.71
C HIS A 27 13.55 -7.37 42.83
N TYR A 28 14.31 -6.30 42.61
CA TYR A 28 15.36 -6.29 41.60
C TYR A 28 16.66 -5.65 42.10
N GLY A 29 16.88 -5.64 43.40
CA GLY A 29 18.11 -5.11 43.94
C GLY A 29 18.10 -3.61 44.08
N GLU A 30 18.96 -3.11 44.97
CA GLU A 30 18.98 -1.67 45.27
C GLU A 30 19.67 -0.87 44.18
N ARG A 31 20.59 -1.48 43.42
CA ARG A 31 21.31 -0.72 42.40
C ARG A 31 20.44 -0.46 41.19
N LEU A 32 19.76 -1.49 40.69
CA LEU A 32 18.81 -1.29 39.60
C LEU A 32 17.66 -0.38 40.02
N ALA A 33 17.31 -0.41 41.32
CA ALA A 33 16.35 0.54 41.86
C ALA A 33 16.85 1.97 41.75
N ARG A 34 18.16 2.17 41.91
CA ARG A 34 18.71 3.52 41.85
C ARG A 34 18.77 4.04 40.43
N GLU A 35 19.05 3.17 39.46
CA GLU A 35 19.07 3.60 38.06
C GLU A 35 17.65 3.85 37.56
N GLN A 36 16.71 2.96 37.92
CA GLN A 36 15.33 3.12 37.48
C GLN A 36 14.71 4.39 38.05
N LEU A 37 14.93 4.66 39.34
CA LEU A 37 14.38 5.86 39.97
C LEU A 37 15.02 7.12 39.40
N ALA A 38 16.32 7.06 39.08
CA ALA A 38 16.96 8.23 38.48
C ALA A 38 16.51 8.43 37.03
N LEU A 39 16.13 7.34 36.35
CA LEU A 39 15.59 7.46 35.01
C LEU A 39 14.20 8.09 35.04
N GLU A 40 13.35 7.66 35.97
CA GLU A 40 12.05 8.30 36.14
C GLU A 40 12.18 9.74 36.64
N HIS A 41 13.27 10.03 37.35
CA HIS A 41 13.58 11.42 37.69
C HIS A 41 13.89 12.22 36.44
N GLU A 42 14.72 11.66 35.55
CA GLU A 42 15.03 12.32 34.28
C GLU A 42 13.79 12.49 33.42
N SER A 43 12.85 11.55 33.51
CA SER A 43 11.62 11.65 32.72
C SER A 43 10.79 12.85 33.14
N TYR A 44 10.76 13.15 34.44
CA TYR A 44 10.02 14.32 34.91
C TYR A 44 10.80 15.60 34.65
N GLU A 45 12.13 15.58 34.80
CA GLU A 45 12.92 16.76 34.53
C GLU A 45 12.92 17.11 33.05
N MET A 46 12.93 16.09 32.17
CA MET A 46 12.79 16.35 30.74
C MET A 46 11.42 16.94 30.42
N GLY A 47 10.39 16.50 31.13
CA GLY A 47 9.05 17.02 30.89
C GLY A 47 8.85 18.43 31.39
N GLU A 48 9.54 18.80 32.47
CA GLU A 48 9.49 20.19 32.94
C GLU A 48 10.20 21.11 31.95
N ALA A 49 11.34 20.66 31.41
CA ALA A 49 12.06 21.46 30.42
C ALA A 49 11.27 21.59 29.13
N ARG A 50 10.48 20.57 28.78
CA ARG A 50 9.63 20.65 27.59
C ARG A 50 8.57 21.73 27.76
N PHE A 51 7.97 21.83 28.95
CA PHE A 51 6.96 22.85 29.21
C PHE A 51 7.58 24.24 29.25
N ARG A 52 8.76 24.38 29.86
CA ARG A 52 9.38 25.69 30.02
C ARG A 52 9.82 26.28 28.69
N LYS A 53 10.18 25.44 27.72
CA LYS A 53 10.56 25.93 26.40
C LYS A 53 9.33 26.34 25.60
N MET A 54 8.25 25.57 25.69
CA MET A 54 7.01 25.93 25.00
C MET A 54 6.39 27.17 25.63
N PHE A 55 6.52 27.31 26.95
CA PHE A 55 6.05 28.53 27.62
C PHE A 55 6.88 29.74 27.19
N GLU A 56 8.19 29.55 27.01
CA GLU A 56 9.05 30.65 26.59
C GLU A 56 8.75 31.07 25.15
N ARG A 57 8.45 30.10 24.28
CA ARG A 57 8.09 30.42 22.91
C ARG A 57 6.76 31.16 22.85
N GLN A 58 5.77 30.71 23.62
CA GLN A 58 4.49 31.40 23.68
C GLN A 58 4.59 32.76 24.37
N LEU A 59 5.61 32.95 25.20
CA LEU A 59 5.85 34.26 25.80
C LEU A 59 6.31 35.25 24.74
N LYS A 60 7.25 34.82 23.89
CA LYS A 60 7.79 35.71 22.87
C LYS A 60 6.75 36.04 21.81
N ALA A 61 5.98 35.04 21.37
CA ALA A 61 5.00 35.21 20.32
C ALA A 61 3.67 35.79 20.82
N GLY A 62 3.59 36.19 22.09
CA GLY A 62 2.37 36.76 22.62
C GLY A 62 1.23 35.79 22.81
N GLU A 63 1.48 34.49 22.67
CA GLU A 63 0.44 33.47 22.80
C GLU A 63 0.38 32.89 24.20
N VAL A 64 0.50 33.76 25.22
CA VAL A 64 0.46 33.29 26.60
C VAL A 64 -0.94 32.84 26.99
N ALA A 65 -1.97 33.44 26.39
CA ALA A 65 -3.34 33.03 26.67
C ALA A 65 -3.65 31.66 26.10
N ASP A 66 -2.94 31.25 25.05
CA ASP A 66 -3.11 29.91 24.50
C ASP A 66 -2.53 28.85 25.42
N ASN A 67 -1.63 29.23 26.32
CA ASN A 67 -1.05 28.28 27.27
C ASN A 67 -2.08 27.89 28.34
N ALA A 68 -1.94 26.67 28.86
CA ALA A 68 -2.90 26.15 29.82
C ALA A 68 -2.85 26.86 31.16
N ALA A 69 -1.71 27.48 31.51
CA ALA A 69 -1.58 28.15 32.79
C ALA A 69 -2.39 29.44 32.86
N ALA A 70 -2.69 30.05 31.72
CA ALA A 70 -3.49 31.26 31.70
C ALA A 70 -4.97 30.99 31.46
N LYS A 71 -5.33 29.76 31.11
CA LYS A 71 -6.72 29.41 30.83
C LYS A 71 -7.68 29.52 32.02
N PRO A 72 -7.38 29.01 33.24
CA PRO A 72 -8.40 29.11 34.29
C PRO A 72 -8.61 30.53 34.81
N LEU A 73 -7.59 31.38 34.66
CA LEU A 73 -7.69 32.81 34.88
C LEU A 73 -8.77 33.38 33.98
N ILE A 74 -8.53 33.33 32.67
CA ILE A 74 -9.43 33.89 31.66
C ILE A 74 -10.85 33.34 31.77
N THR A 75 -10.98 32.10 32.25
CA THR A 75 -12.31 31.52 32.47
C THR A 75 -13.11 32.30 33.52
N THR A 76 -12.46 32.66 34.63
CA THR A 76 -13.14 33.44 35.66
C THR A 76 -13.19 34.93 35.36
N LEU A 77 -12.47 35.40 34.35
CA LEU A 77 -12.45 36.82 34.00
C LEU A 77 -13.43 37.19 32.88
N LEU A 78 -13.79 36.24 32.03
CA LEU A 78 -14.60 36.55 30.86
C LEU A 78 -16.03 36.96 31.22
N PRO A 79 -16.74 36.31 32.18
CA PRO A 79 -18.06 36.85 32.58
C PRO A 79 -18.03 38.30 33.05
N LYS A 80 -17.02 38.69 33.83
CA LYS A 80 -16.96 40.06 34.31
C LYS A 80 -16.68 41.04 33.18
N MET A 81 -15.88 40.64 32.19
CA MET A 81 -15.54 41.56 31.12
C MET A 81 -16.71 41.78 30.17
N ILE A 82 -17.45 40.72 29.80
CA ILE A 82 -18.58 40.88 28.88
C ILE A 82 -19.66 41.75 29.50
N ALA A 83 -19.84 41.68 30.82
CA ALA A 83 -20.92 42.43 31.45
C ALA A 83 -20.59 43.90 31.59
N ARG A 84 -19.31 44.24 31.76
CA ARG A 84 -18.93 45.64 31.82
C ARG A 84 -19.05 46.31 30.45
N ILE A 85 -18.60 45.63 29.39
CA ILE A 85 -18.77 46.20 28.06
C ILE A 85 -20.22 46.12 27.62
N ASN A 86 -21.02 45.21 28.18
CA ASN A 86 -22.45 45.24 27.90
C ASN A 86 -23.11 46.39 28.62
N ASP A 87 -22.91 46.51 29.93
CA ASP A 87 -23.54 47.58 30.71
C ASP A 87 -23.08 48.96 30.24
N TRP A 88 -21.89 49.07 29.64
CA TRP A 88 -21.43 50.36 29.15
C TRP A 88 -22.20 50.81 27.91
N PHE A 89 -22.65 49.86 27.08
CA PHE A 89 -23.48 50.21 25.94
C PHE A 89 -24.79 50.84 26.40
N GLU A 90 -25.43 50.22 27.39
CA GLU A 90 -26.70 50.71 27.91
C GLU A 90 -26.56 52.07 28.59
N GLU A 91 -25.37 52.37 29.12
CA GLU A 91 -25.14 53.68 29.72
C GLU A 91 -25.03 54.76 28.65
N VAL A 92 -24.27 54.49 27.59
CA VAL A 92 -24.06 55.49 26.53
C VAL A 92 -25.36 55.74 25.76
N LYS A 93 -26.15 54.68 25.56
CA LYS A 93 -27.45 54.84 24.92
C LYS A 93 -28.39 55.74 25.72
N ALA A 94 -28.24 55.76 27.04
CA ALA A 94 -29.05 56.61 27.89
C ALA A 94 -28.49 58.02 28.03
N LYS A 95 -27.17 58.16 28.00
CA LYS A 95 -26.56 59.49 28.10
C LYS A 95 -26.79 60.29 26.83
N ARG A 96 -27.08 61.57 26.98
CA ARG A 96 -27.24 62.44 25.83
C ARG A 96 -25.88 62.96 25.37
N GLY A 97 -25.90 63.83 24.38
CA GLY A 97 -24.68 64.25 23.72
C GLY A 97 -24.22 63.25 22.68
N LYS A 98 -23.14 63.60 22.00
CA LYS A 98 -22.56 62.72 20.99
C LYS A 98 -22.03 61.45 21.64
N ARG A 99 -22.16 60.33 20.92
CA ARG A 99 -21.58 59.09 21.38
C ARG A 99 -20.05 59.19 21.34
N PRO A 100 -19.36 58.47 22.23
CA PRO A 100 -17.89 58.41 22.13
C PRO A 100 -17.45 57.74 20.84
N THR A 101 -16.17 57.92 20.51
CA THR A 101 -15.63 57.40 19.26
C THR A 101 -15.70 55.88 19.22
N ALA A 102 -15.41 55.23 20.35
CA ALA A 102 -15.33 53.77 20.37
C ALA A 102 -16.69 53.10 20.34
N PHE A 103 -17.77 53.82 20.63
CA PHE A 103 -19.07 53.19 20.87
C PHE A 103 -19.60 52.49 19.63
N GLN A 104 -19.55 53.17 18.48
CA GLN A 104 -20.02 52.57 17.23
C GLN A 104 -19.15 51.39 16.82
N PHE A 105 -17.86 51.44 17.14
CA PHE A 105 -16.93 50.44 16.66
C PHE A 105 -17.07 49.13 17.42
N LEU A 106 -17.40 49.21 18.71
CA LEU A 106 -17.49 48.04 19.57
C LEU A 106 -18.75 47.21 19.34
N GLN A 107 -19.66 47.66 18.47
CA GLN A 107 -20.93 46.96 18.29
C GLN A 107 -20.88 45.90 17.21
N GLU A 108 -20.14 46.15 16.12
CA GLU A 108 -20.17 45.24 14.98
C GLU A 108 -19.54 43.89 15.32
N ILE A 109 -18.58 43.87 16.21
CA ILE A 109 -17.96 42.65 16.70
C ILE A 109 -18.78 42.15 17.90
N LYS A 110 -18.85 40.83 18.03
CA LYS A 110 -19.56 40.21 19.14
C LYS A 110 -18.99 40.68 20.48
N PRO A 111 -19.83 40.91 21.48
CA PRO A 111 -19.32 41.43 22.76
C PRO A 111 -18.40 40.46 23.50
N GLU A 112 -18.67 39.15 23.42
CA GLU A 112 -17.74 38.19 23.99
C GLU A 112 -16.45 38.13 23.22
N ALA A 113 -16.48 38.44 21.93
CA ALA A 113 -15.25 38.51 21.13
C ALA A 113 -14.42 39.73 21.51
N VAL A 114 -15.08 40.83 21.93
CA VAL A 114 -14.35 41.96 22.49
C VAL A 114 -13.57 41.52 23.71
N ALA A 115 -14.24 40.79 24.61
CA ALA A 115 -13.66 40.46 25.91
C ALA A 115 -12.40 39.61 25.77
N TYR A 116 -12.41 38.61 24.89
CA TYR A 116 -11.23 37.76 24.75
C TYR A 116 -10.12 38.48 23.99
N ILE A 117 -10.46 39.20 22.92
CA ILE A 117 -9.45 39.87 22.11
C ILE A 117 -8.70 40.90 22.94
N THR A 118 -9.41 41.58 23.83
CA THR A 118 -8.77 42.55 24.73
C THR A 118 -7.89 41.85 25.75
N ILE A 119 -8.40 40.78 26.38
CA ILE A 119 -7.63 40.10 27.42
C ILE A 119 -6.37 39.47 26.83
N LYS A 120 -6.51 38.80 25.68
CA LYS A 120 -5.36 38.12 25.07
C LYS A 120 -4.31 39.12 24.59
N THR A 121 -4.74 40.18 23.91
CA THR A 121 -3.76 41.13 23.37
C THR A 121 -3.17 42.03 24.45
N THR A 122 -3.81 42.15 25.61
CA THR A 122 -3.20 42.90 26.70
C THR A 122 -2.04 42.13 27.31
N LEU A 123 -2.25 40.86 27.67
CA LEU A 123 -1.15 40.06 28.19
C LEU A 123 -0.18 39.62 27.10
N ALA A 124 -0.58 39.70 25.83
CA ALA A 124 0.40 39.55 24.75
C ALA A 124 1.37 40.73 24.74
N CYS A 125 0.83 41.95 24.88
CA CYS A 125 1.66 43.15 24.85
C CYS A 125 2.40 43.37 26.17
N LEU A 126 1.85 42.87 27.28
CA LEU A 126 2.50 43.06 28.57
C LEU A 126 3.56 42.01 28.87
N THR A 127 3.66 40.95 28.06
CA THR A 127 4.65 39.90 28.27
C THR A 127 5.72 39.85 27.18
N SER A 128 5.45 40.37 26.00
CA SER A 128 6.41 40.30 24.90
C SER A 128 6.84 41.65 24.36
N ALA A 129 5.98 42.67 24.40
CA ALA A 129 6.20 43.85 23.58
C ALA A 129 7.17 44.87 24.19
N ASP A 130 7.41 44.81 25.51
CA ASP A 130 8.29 45.71 26.27
C ASP A 130 7.70 47.12 26.40
N ASN A 131 7.00 47.61 25.37
CA ASN A 131 6.27 48.88 25.45
C ASN A 131 5.01 48.66 26.27
N THR A 132 5.03 49.08 27.53
CA THR A 132 3.88 48.96 28.41
C THR A 132 2.94 50.16 28.32
N THR A 133 3.10 51.00 27.30
CA THR A 133 2.29 52.22 27.18
C THR A 133 0.83 51.86 26.92
N VAL A 134 -0.05 52.78 27.33
CA VAL A 134 -1.48 52.57 27.13
C VAL A 134 -1.86 52.75 25.66
N GLN A 135 -1.04 53.45 24.86
CA GLN A 135 -1.41 53.65 23.46
C GLN A 135 -1.00 52.46 22.60
N ALA A 136 0.14 51.84 22.89
CA ALA A 136 0.58 50.69 22.10
C ALA A 136 -0.29 49.47 22.39
N VAL A 137 -0.84 49.37 23.59
CA VAL A 137 -1.75 48.28 23.92
C VAL A 137 -3.13 48.54 23.34
N ALA A 138 -3.67 49.75 23.56
CA ALA A 138 -5.02 50.08 23.11
C ALA A 138 -5.14 50.00 21.60
N SER A 139 -4.14 50.51 20.88
CA SER A 139 -4.16 50.37 19.42
C SER A 139 -4.07 48.90 19.02
N ALA A 140 -3.16 48.13 19.63
CA ALA A 140 -3.01 46.70 19.33
C ALA A 140 -4.32 45.93 19.56
N ILE A 141 -5.10 46.34 20.55
CA ILE A 141 -6.46 45.82 20.68
C ILE A 141 -7.29 46.20 19.46
N GLY A 142 -7.28 47.49 19.10
CA GLY A 142 -8.14 48.00 18.05
C GLY A 142 -7.87 47.42 16.68
N ARG A 143 -6.61 47.15 16.35
CA ARG A 143 -6.35 46.47 15.08
C ARG A 143 -6.83 45.02 15.13
N ALA A 144 -6.72 44.38 16.29
CA ALA A 144 -7.19 43.00 16.41
C ALA A 144 -8.71 42.93 16.44
N ILE A 145 -9.37 43.97 16.96
CA ILE A 145 -10.83 44.01 16.92
C ILE A 145 -11.32 44.28 15.50
N GLU A 146 -10.64 45.17 14.77
CA GLU A 146 -11.02 45.46 13.39
C GLU A 146 -10.82 44.25 12.49
N ASP A 147 -9.81 43.42 12.76
CA ASP A 147 -9.60 42.21 11.98
C ASP A 147 -10.77 41.24 12.17
N GLU A 148 -11.23 41.06 13.41
CA GLU A 148 -12.36 40.19 13.67
C GLU A 148 -13.66 40.84 13.18
N ALA A 149 -13.72 42.17 13.13
CA ALA A 149 -14.91 42.84 12.65
C ALA A 149 -15.00 42.81 11.13
N ARG A 150 -13.87 43.02 10.44
CA ARG A 150 -13.89 43.11 8.98
C ARG A 150 -14.06 41.75 8.32
N PHE A 151 -13.24 40.78 8.71
CA PHE A 151 -13.30 39.46 8.12
C PHE A 151 -14.27 38.53 8.84
N GLY A 152 -14.87 38.99 9.94
CA GLY A 152 -15.87 38.18 10.61
C GLY A 152 -17.21 38.18 9.93
N ARG A 153 -17.55 39.28 9.24
CA ARG A 153 -18.79 39.34 8.47
C ARG A 153 -18.80 38.33 7.33
N ILE A 154 -17.62 37.91 6.87
CA ILE A 154 -17.51 36.77 5.95
C ILE A 154 -18.05 35.51 6.62
N ARG A 155 -17.61 35.24 7.84
CA ARG A 155 -18.04 34.03 8.54
C ARG A 155 -19.47 34.17 9.04
N ASP A 156 -19.85 35.36 9.49
CA ASP A 156 -21.10 35.53 10.22
C ASP A 156 -22.30 35.56 9.29
N LEU A 157 -22.39 36.56 8.42
CA LEU A 157 -23.64 36.82 7.71
C LEU A 157 -23.59 36.43 6.24
N GLU A 158 -23.04 37.31 5.40
CA GLU A 158 -23.26 37.29 3.96
C GLU A 158 -22.65 36.10 3.24
N ALA A 159 -22.00 35.18 3.94
CA ALA A 159 -21.48 33.98 3.30
C ALA A 159 -21.30 32.86 4.31
N LYS A 160 -22.28 32.64 5.20
CA LYS A 160 -22.15 31.62 6.23
C LYS A 160 -22.12 30.21 5.62
N HIS A 161 -22.93 29.98 4.59
CA HIS A 161 -22.87 28.71 3.89
C HIS A 161 -21.60 28.61 3.04
N PHE A 162 -21.24 29.72 2.36
CA PHE A 162 -20.00 29.76 1.62
C PHE A 162 -18.79 29.80 2.55
N LYS A 163 -19.00 30.11 3.84
CA LYS A 163 -17.92 30.02 4.82
C LYS A 163 -17.41 28.60 4.96
N LYS A 164 -18.28 27.61 4.77
CA LYS A 164 -17.91 26.22 5.04
C LYS A 164 -16.84 25.69 4.10
N ASN A 165 -16.68 26.27 2.90
CA ASN A 165 -15.63 25.83 1.99
C ASN A 165 -14.35 26.66 2.07
N VAL A 166 -14.42 27.88 2.61
CA VAL A 166 -13.21 28.65 2.87
C VAL A 166 -12.67 28.37 4.27
N GLU A 167 -13.51 27.89 5.19
CA GLU A 167 -13.09 27.62 6.57
C GLU A 167 -11.97 26.59 6.63
N GLU A 168 -12.05 25.54 5.82
CA GLU A 168 -10.99 24.53 5.82
C GLU A 168 -9.69 25.10 5.28
N GLN A 169 -9.75 25.79 4.13
CA GLN A 169 -8.56 26.35 3.52
C GLN A 169 -7.93 27.42 4.40
N LEU A 170 -8.74 28.15 5.18
CA LEU A 170 -8.20 29.08 6.16
C LEU A 170 -7.53 28.35 7.30
N ASN A 171 -8.05 27.19 7.70
CA ASN A 171 -7.45 26.42 8.78
C ASN A 171 -6.11 25.83 8.36
N LYS A 172 -5.93 25.48 7.08
CA LYS A 172 -4.66 24.97 6.60
C LYS A 172 -3.57 26.04 6.62
N ARG A 173 -3.94 27.32 6.64
CA ARG A 173 -2.94 28.39 6.69
C ARG A 173 -2.28 28.43 8.07
N VAL A 174 -0.95 28.56 8.07
CA VAL A 174 -0.15 28.56 9.27
C VAL A 174 0.33 29.98 9.53
N GLY A 175 -0.10 30.55 10.65
CA GLY A 175 0.34 31.89 11.02
C GLY A 175 -0.79 32.89 10.85
N HIS A 176 -0.85 33.87 11.78
CA HIS A 176 -1.88 34.89 11.70
C HIS A 176 -1.69 35.79 10.48
N VAL A 177 -0.45 35.91 9.99
CA VAL A 177 -0.21 36.70 8.79
C VAL A 177 -0.72 35.96 7.55
N TYR A 178 -0.49 34.64 7.48
CA TYR A 178 -0.95 33.86 6.33
C TYR A 178 -2.46 33.71 6.34
N LYS A 179 -3.04 33.59 7.54
CA LYS A 179 -4.50 33.48 7.67
C LYS A 179 -5.18 34.78 7.25
N LYS A 180 -4.56 35.92 7.55
CA LYS A 180 -5.14 37.20 7.14
C LYS A 180 -5.00 37.41 5.64
N ALA A 181 -3.80 37.11 5.09
CA ALA A 181 -3.57 37.29 3.66
C ALA A 181 -4.53 36.44 2.83
N PHE A 182 -4.81 35.23 3.31
CA PHE A 182 -5.82 34.39 2.65
C PHE A 182 -7.21 35.01 2.76
N MET A 183 -7.50 35.67 3.89
CA MET A 183 -8.80 36.29 4.08
C MET A 183 -8.98 37.51 3.19
N GLN A 184 -7.89 38.16 2.79
CA GLN A 184 -7.99 39.28 1.85
C GLN A 184 -8.39 38.80 0.46
N VAL A 185 -7.89 37.63 0.04
CA VAL A 185 -8.21 37.13 -1.29
C VAL A 185 -9.66 36.67 -1.36
N VAL A 186 -10.16 36.04 -0.29
CA VAL A 186 -11.56 35.62 -0.32
C VAL A 186 -12.47 36.84 -0.27
N GLU A 187 -12.09 37.88 0.47
CA GLU A 187 -12.92 39.08 0.57
C GLU A 187 -13.04 39.77 -0.78
N ALA A 188 -11.94 39.90 -1.50
CA ALA A 188 -12.00 40.44 -2.86
C ALA A 188 -12.76 39.51 -3.79
N ASP A 189 -12.71 38.20 -3.55
CA ASP A 189 -13.42 37.27 -4.41
C ASP A 189 -14.93 37.38 -4.25
N MET A 190 -15.44 37.38 -3.00
CA MET A 190 -16.89 37.45 -2.82
C MET A 190 -17.43 38.80 -3.24
N LEU A 191 -16.64 39.87 -3.08
CA LEU A 191 -17.11 41.18 -3.49
C LEU A 191 -17.24 41.28 -5.01
N SER A 192 -16.41 40.54 -5.75
CA SER A 192 -16.60 40.41 -7.18
C SER A 192 -17.86 39.64 -7.54
N LYS A 193 -18.38 38.83 -6.62
CA LYS A 193 -19.66 38.16 -6.81
C LYS A 193 -20.80 38.88 -6.12
N GLY A 194 -20.54 40.06 -5.54
CA GLY A 194 -21.55 40.79 -4.80
C GLY A 194 -22.07 40.06 -3.58
N LEU A 195 -21.25 39.18 -2.99
CA LEU A 195 -21.75 38.29 -1.94
C LEU A 195 -21.85 39.00 -0.60
N LEU A 196 -20.88 39.86 -0.28
CA LEU A 196 -20.88 40.59 0.99
C LEU A 196 -21.70 41.88 0.91
N GLY A 197 -22.79 41.86 0.15
CA GLY A 197 -23.62 43.03 -0.03
C GLY A 197 -23.02 44.11 -0.91
N GLY A 198 -21.89 43.83 -1.55
CA GLY A 198 -21.21 44.83 -2.36
C GLY A 198 -20.55 45.95 -1.60
N GLU A 199 -20.55 45.89 -0.26
CA GLU A 199 -19.94 46.92 0.57
C GLU A 199 -18.53 46.49 0.93
N ALA A 200 -17.55 47.20 0.40
CA ALA A 200 -16.16 46.97 0.77
C ALA A 200 -15.83 47.69 2.07
N TRP A 201 -14.88 47.13 2.81
CA TRP A 201 -14.54 47.65 4.12
C TRP A 201 -13.78 48.96 4.01
N SER A 202 -14.21 49.97 4.77
CA SER A 202 -13.47 51.20 4.93
C SER A 202 -12.54 51.03 6.13
N SER A 203 -11.24 51.04 5.89
CA SER A 203 -10.27 50.76 6.93
C SER A 203 -10.29 51.82 8.01
N TRP A 204 -10.23 51.37 9.26
CA TRP A 204 -10.23 52.29 10.39
C TRP A 204 -8.96 53.13 10.39
N HIS A 205 -9.11 54.42 10.61
CA HIS A 205 -7.93 55.26 10.76
C HIS A 205 -7.26 54.98 12.11
N LYS A 206 -5.99 55.35 12.19
CA LYS A 206 -5.17 55.00 13.34
C LYS A 206 -5.65 55.65 14.63
N GLU A 207 -6.44 56.72 14.55
CA GLU A 207 -6.94 57.38 15.74
C GLU A 207 -8.05 56.58 16.42
N ASP A 208 -8.94 55.98 15.62
CA ASP A 208 -10.05 55.21 16.20
C ASP A 208 -9.58 53.87 16.74
N SER A 209 -8.55 53.28 16.13
CA SER A 209 -8.02 52.01 16.63
C SER A 209 -7.49 52.15 18.04
N ILE A 210 -6.86 53.30 18.35
CA ILE A 210 -6.45 53.54 19.72
C ILE A 210 -7.67 53.78 20.61
N HIS A 211 -8.66 54.55 20.12
CA HIS A 211 -9.84 54.89 20.91
C HIS A 211 -10.65 53.65 21.28
N VAL A 212 -10.63 52.62 20.42
CA VAL A 212 -11.35 51.39 20.72
C VAL A 212 -10.70 50.65 21.89
N GLY A 213 -9.38 50.49 21.84
CA GLY A 213 -8.70 49.79 22.91
C GLY A 213 -8.62 50.57 24.21
N VAL A 214 -8.57 51.91 24.13
CA VAL A 214 -8.51 52.71 25.36
C VAL A 214 -9.76 52.47 26.21
N ARG A 215 -10.94 52.51 25.58
CA ARG A 215 -12.17 52.15 26.28
C ARG A 215 -12.15 50.69 26.71
N CYS A 216 -11.44 49.85 25.96
CA CYS A 216 -11.41 48.42 26.27
C CYS A 216 -10.50 48.13 27.47
N ILE A 217 -9.38 48.85 27.59
CA ILE A 217 -8.56 48.70 28.79
C ILE A 217 -9.30 49.26 30.00
N GLU A 218 -10.01 50.37 29.82
CA GLU A 218 -10.80 50.94 30.90
C GLU A 218 -11.89 49.97 31.37
N MET A 219 -12.62 49.37 30.43
CA MET A 219 -13.64 48.39 30.78
C MET A 219 -13.01 47.13 31.37
N LEU A 220 -11.76 46.85 31.01
CA LEU A 220 -11.05 45.74 31.64
C LEU A 220 -10.68 46.07 33.08
N ILE A 221 -10.27 47.32 33.33
CA ILE A 221 -9.92 47.74 34.69
C ILE A 221 -11.17 47.89 35.55
N GLU A 222 -12.24 48.43 34.97
CA GLU A 222 -13.49 48.60 35.73
C GLU A 222 -14.11 47.27 36.12
N SER A 223 -13.98 46.24 35.29
CA SER A 223 -14.60 44.95 35.55
C SER A 223 -13.74 44.06 36.44
N THR A 224 -12.46 43.90 36.09
CA THR A 224 -11.54 43.06 36.83
C THR A 224 -10.31 43.86 37.21
N GLY A 225 -9.56 43.34 38.16
CA GLY A 225 -8.31 43.97 38.52
C GLY A 225 -7.12 43.33 37.85
N MET A 226 -7.24 43.07 36.55
CA MET A 226 -6.13 42.41 35.84
C MET A 226 -4.97 43.38 35.64
N VAL A 227 -5.26 44.59 35.22
CA VAL A 227 -4.24 45.59 34.92
C VAL A 227 -4.58 46.86 35.68
N SER A 228 -3.55 47.60 36.08
CA SER A 228 -3.71 48.86 36.78
C SER A 228 -3.15 50.00 35.94
N LEU A 229 -3.75 51.18 36.09
CA LEU A 229 -3.34 52.35 35.34
C LEU A 229 -2.20 53.07 36.05
N HIS A 230 -1.27 53.61 35.26
CA HIS A 230 -0.13 54.36 35.78
C HIS A 230 0.15 55.53 34.87
N ARG A 231 0.43 56.69 35.46
CA ARG A 231 0.74 57.91 34.72
C ARG A 231 2.10 58.42 35.15
N GLN A 232 2.96 58.69 34.17
CA GLN A 232 4.33 59.12 34.41
C GLN A 232 4.53 60.52 33.86
N ASN A 233 5.25 61.34 34.63
CA ASN A 233 5.54 62.74 34.30
C ASN A 233 4.25 63.52 34.02
N ALA A 234 3.31 63.41 34.96
CA ALA A 234 2.01 64.06 34.81
C ALA A 234 2.18 65.58 34.91
N GLY A 235 1.53 66.29 33.99
CA GLY A 235 1.64 67.72 33.90
C GLY A 235 2.60 68.21 32.84
N VAL A 236 3.67 67.45 32.58
CA VAL A 236 4.63 67.79 31.54
C VAL A 236 3.98 67.47 30.20
N VAL A 237 3.67 68.51 29.42
CA VAL A 237 2.95 68.33 28.16
C VAL A 237 3.77 67.59 27.12
N GLY A 238 5.09 67.49 27.31
CA GLY A 238 5.93 66.77 26.38
C GLY A 238 6.25 65.35 26.79
N GLN A 239 6.16 65.05 28.09
CA GLN A 239 6.53 63.75 28.61
C GLN A 239 5.38 63.01 29.28
N ASP A 240 4.15 63.51 29.18
CA ASP A 240 3.00 62.88 29.82
C ASP A 240 2.68 61.56 29.13
N SER A 241 2.97 60.46 29.80
CA SER A 241 2.69 59.13 29.27
C SER A 241 1.90 58.33 30.29
N GLU A 242 1.18 57.33 29.79
CA GLU A 242 0.39 56.43 30.62
C GLU A 242 0.76 54.99 30.30
N THR A 243 1.14 54.23 31.32
CA THR A 243 1.45 52.82 31.15
C THR A 243 0.50 51.98 31.98
N ILE A 244 0.42 50.71 31.58
CA ILE A 244 -0.40 49.71 32.25
C ILE A 244 0.49 48.57 32.69
N GLU A 245 0.12 47.92 33.80
CA GLU A 245 0.96 46.90 34.41
C GLU A 245 0.09 45.75 34.89
N LEU A 246 0.48 44.53 34.55
CA LEU A 246 -0.22 43.32 35.00
C LEU A 246 -0.22 43.28 36.53
N ALA A 247 -1.39 42.96 37.09
CA ALA A 247 -1.50 42.84 38.54
C ALA A 247 -0.62 41.69 39.02
N PRO A 248 0.20 41.90 40.05
CA PRO A 248 1.14 40.85 40.47
C PRO A 248 0.46 39.59 40.99
N GLU A 249 -0.76 39.72 41.51
CA GLU A 249 -1.48 38.53 41.98
C GLU A 249 -1.86 37.61 40.82
N TYR A 250 -2.17 38.18 39.65
CA TYR A 250 -2.57 37.36 38.52
C TYR A 250 -1.36 36.79 37.79
N ALA A 251 -0.27 37.56 37.69
CA ALA A 251 0.96 37.01 37.16
C ALA A 251 1.52 35.93 38.06
N GLU A 252 1.28 36.04 39.38
CA GLU A 252 1.62 34.96 40.29
C GLU A 252 0.73 33.74 40.08
N ALA A 253 -0.51 33.95 39.65
CA ALA A 253 -1.43 32.83 39.44
C ALA A 253 -1.01 31.98 38.25
N ILE A 254 -0.60 32.62 37.15
CA ILE A 254 -0.17 31.84 36.00
C ILE A 254 1.19 31.19 36.26
N ALA A 255 2.06 31.86 37.02
CA ALA A 255 3.38 31.30 37.30
C ALA A 255 3.28 30.09 38.22
N THR A 256 2.35 30.14 39.18
CA THR A 256 2.10 28.98 40.04
C THR A 256 1.47 27.84 39.24
N ARG A 257 0.51 28.17 38.36
CA ARG A 257 -0.13 27.13 37.57
C ARG A 257 0.83 26.55 36.54
N ALA A 258 1.68 27.38 35.94
CA ALA A 258 2.65 26.87 34.96
C ALA A 258 3.70 26.00 35.63
N GLY A 259 4.13 26.37 36.83
CA GLY A 259 5.01 25.50 37.58
C GLY A 259 4.34 24.20 37.99
N ALA A 260 3.04 24.26 38.28
CA ALA A 260 2.31 23.04 38.62
C ALA A 260 2.16 22.13 37.41
N LEU A 261 1.90 22.71 36.23
CA LEU A 261 1.77 21.91 35.03
C LEU A 261 3.11 21.33 34.58
N ALA A 262 4.21 22.06 34.84
CA ALA A 262 5.53 21.59 34.43
C ALA A 262 5.93 20.31 35.16
N GLY A 263 5.49 20.17 36.41
CA GLY A 263 5.71 18.96 37.16
C GLY A 263 4.71 17.86 36.91
N ILE A 264 3.80 18.05 35.97
CA ILE A 264 2.72 17.10 35.74
C ILE A 264 2.84 16.37 34.40
N SER A 265 3.46 16.99 33.39
CA SER A 265 3.65 16.35 32.09
C SER A 265 5.07 15.82 31.98
N PRO A 266 5.31 14.52 32.18
CA PRO A 266 6.67 13.99 32.03
C PRO A 266 6.90 13.41 30.64
N MET A 267 8.14 13.05 30.34
CA MET A 267 8.48 12.39 29.09
C MET A 267 8.77 10.92 29.40
N PHE A 268 7.77 10.08 29.21
CA PHE A 268 7.83 8.69 29.66
C PHE A 268 8.86 7.91 28.85
N GLN A 269 9.89 7.44 29.53
CA GLN A 269 10.97 6.65 28.96
C GLN A 269 10.77 5.17 29.30
N PRO A 270 11.50 4.26 28.66
CA PRO A 270 11.41 2.84 29.02
C PRO A 270 11.98 2.58 30.41
N CYS A 271 11.76 1.35 30.87
CA CYS A 271 12.20 0.90 32.18
C CYS A 271 13.43 0.03 32.05
N VAL A 272 14.37 0.18 33.00
CA VAL A 272 15.56 -0.69 33.03
C VAL A 272 15.34 -1.91 33.92
N VAL A 273 14.28 -1.93 34.70
CA VAL A 273 13.84 -3.10 35.46
C VAL A 273 12.44 -3.44 34.95
N PRO A 274 11.94 -4.66 35.21
CA PRO A 274 10.57 -4.96 34.83
C PRO A 274 9.59 -4.01 35.49
N PRO A 275 8.49 -3.68 34.82
CA PRO A 275 7.61 -2.62 35.31
C PRO A 275 6.85 -3.05 36.55
N LYS A 276 6.36 -2.05 37.28
CA LYS A 276 5.60 -2.29 38.50
C LYS A 276 4.32 -3.02 38.16
N PRO A 277 4.06 -4.19 38.75
CA PRO A 277 2.83 -4.94 38.43
C PRO A 277 1.61 -4.17 38.89
N TRP A 278 0.63 -4.05 38.00
CA TRP A 278 -0.62 -3.37 38.33
C TRP A 278 -1.37 -4.18 39.38
N THR A 279 -1.54 -3.59 40.56
CA THR A 279 -2.39 -4.16 41.59
C THR A 279 -3.72 -3.43 41.74
N GLY A 280 -3.73 -2.12 41.48
CA GLY A 280 -4.94 -1.32 41.52
C GLY A 280 -5.07 -0.48 40.27
N ILE A 281 -5.67 0.70 40.43
CA ILE A 281 -5.95 1.59 39.31
C ILE A 281 -4.74 2.43 38.97
N THR A 282 -4.13 3.06 39.96
CA THR A 282 -3.04 4.00 39.75
C THR A 282 -1.72 3.37 40.18
N GLY A 283 -0.65 4.15 40.02
CA GLY A 283 0.64 3.82 40.57
C GLY A 283 1.36 2.64 39.95
N GLY A 284 0.80 2.04 38.90
CA GLY A 284 1.46 0.94 38.23
C GLY A 284 2.48 1.42 37.22
N GLY A 285 2.97 0.46 36.44
CA GLY A 285 3.97 0.75 35.43
C GLY A 285 5.29 1.22 36.00
N TYR A 286 5.41 2.53 36.18
CA TYR A 286 6.59 3.10 36.81
C TYR A 286 6.52 2.89 38.33
N TRP A 287 7.69 2.93 38.96
CA TRP A 287 7.81 2.53 40.36
C TRP A 287 7.74 3.68 41.35
N ALA A 288 8.13 4.89 40.93
CA ALA A 288 8.22 6.01 41.87
C ALA A 288 6.86 6.64 42.10
N ASN A 289 6.70 7.25 43.27
CA ASN A 289 5.51 8.02 43.62
C ASN A 289 5.67 9.41 43.03
N GLY A 290 5.28 9.55 41.76
CA GLY A 290 5.45 10.80 41.04
C GLY A 290 4.21 11.69 41.12
N ARG A 291 4.35 12.89 40.55
CA ARG A 291 3.25 13.84 40.58
C ARG A 291 2.13 13.42 39.63
N ARG A 292 2.49 12.83 38.48
CA ARG A 292 1.51 12.21 37.61
C ARG A 292 1.66 10.69 37.71
N PRO A 293 0.79 10.01 38.46
CA PRO A 293 0.82 8.54 38.46
C PRO A 293 0.10 7.98 37.25
N LEU A 294 0.54 6.80 36.82
CA LEU A 294 -0.07 6.15 35.68
C LEU A 294 -1.43 5.60 36.05
N ALA A 295 -2.43 5.89 35.21
CA ALA A 295 -3.75 5.31 35.38
C ALA A 295 -3.86 4.03 34.56
N LEU A 296 -4.52 3.02 35.13
CA LEU A 296 -4.72 1.77 34.39
C LEU A 296 -5.55 2.01 33.14
N VAL A 297 -6.60 2.82 33.26
CA VAL A 297 -7.44 3.17 32.12
C VAL A 297 -7.30 4.66 31.87
N ARG A 298 -7.03 5.03 30.61
CA ARG A 298 -6.85 6.43 30.23
C ARG A 298 -8.23 7.04 29.99
N THR A 299 -8.77 7.66 31.02
CA THR A 299 -10.09 8.27 30.98
C THR A 299 -9.97 9.79 30.88
N HIS A 300 -10.96 10.40 30.23
CA HIS A 300 -10.98 11.86 30.08
C HIS A 300 -11.42 12.57 31.35
N SER A 301 -12.16 11.90 32.21
CA SER A 301 -12.53 12.42 33.52
C SER A 301 -12.01 11.48 34.60
N LYS A 302 -11.76 12.05 35.77
CA LYS A 302 -11.36 11.21 36.90
C LYS A 302 -12.51 10.40 37.48
N LYS A 303 -13.74 10.69 37.06
CA LYS A 303 -14.90 9.97 37.55
C LYS A 303 -15.04 8.65 36.82
N ALA A 304 -14.79 8.66 35.50
CA ALA A 304 -14.80 7.44 34.69
C ALA A 304 -13.68 6.49 35.08
N LEU A 305 -12.62 7.01 35.69
CA LEU A 305 -11.57 6.15 36.22
C LEU A 305 -12.03 5.48 37.51
N MET A 306 -12.76 6.20 38.36
CA MET A 306 -13.13 5.71 39.70
C MET A 306 -14.05 4.50 39.64
N ARG A 307 -14.74 4.28 38.52
CA ARG A 307 -15.62 3.14 38.37
C ARG A 307 -14.86 1.82 38.25
N TYR A 308 -13.55 1.86 38.05
CA TYR A 308 -12.73 0.67 37.89
C TYR A 308 -12.14 0.15 39.20
N GLU A 309 -12.37 0.86 40.32
CA GLU A 309 -11.80 0.43 41.58
C GLU A 309 -12.66 -0.57 42.32
N ASP A 310 -13.94 -0.67 41.98
CA ASP A 310 -14.84 -1.67 42.55
C ASP A 310 -14.77 -2.97 41.76
N VAL A 311 -14.61 -2.88 40.44
CA VAL A 311 -14.78 -4.04 39.57
C VAL A 311 -13.67 -5.06 39.81
N TYR A 312 -14.05 -6.33 39.81
CA TYR A 312 -13.13 -7.45 39.98
C TYR A 312 -12.85 -8.03 38.61
N MET A 313 -11.70 -7.66 38.03
CA MET A 313 -11.27 -8.16 36.73
C MET A 313 -9.89 -8.81 36.85
N PRO A 314 -9.80 -9.99 37.47
CA PRO A 314 -8.48 -10.62 37.64
C PRO A 314 -7.82 -11.01 36.33
N GLU A 315 -8.60 -11.41 35.34
CA GLU A 315 -8.04 -11.79 34.05
C GLU A 315 -7.50 -10.57 33.30
N VAL A 316 -8.12 -9.40 33.52
CA VAL A 316 -7.63 -8.18 32.87
C VAL A 316 -6.28 -7.78 33.45
N TYR A 317 -6.18 -7.77 34.78
CA TYR A 317 -4.94 -7.35 35.45
C TYR A 317 -3.78 -8.29 35.12
N LYS A 318 -4.06 -9.58 34.96
CA LYS A 318 -3.00 -10.53 34.60
C LYS A 318 -2.39 -10.19 33.25
N ALA A 319 -3.24 -9.86 32.27
CA ALA A 319 -2.77 -9.76 30.89
C ALA A 319 -1.91 -8.52 30.67
N ILE A 320 -2.21 -7.42 31.35
CA ILE A 320 -1.36 -6.24 31.27
C ILE A 320 -0.03 -6.52 31.96
N ASN A 321 -0.07 -7.21 33.09
CA ASN A 321 1.16 -7.52 33.83
C ASN A 321 2.07 -8.47 33.05
N ILE A 322 1.48 -9.44 32.34
CA ILE A 322 2.27 -10.33 31.49
C ILE A 322 2.89 -9.55 30.35
N ALA A 323 2.11 -8.68 29.71
CA ALA A 323 2.61 -7.88 28.60
C ALA A 323 3.68 -6.89 29.05
N GLN A 324 3.63 -6.47 30.31
CA GLN A 324 4.68 -5.62 30.85
C GLN A 324 5.98 -6.40 31.01
N ASN A 325 5.89 -7.65 31.45
CA ASN A 325 7.05 -8.45 31.78
C ASN A 325 7.89 -8.84 30.57
N THR A 326 7.37 -8.69 29.35
CA THR A 326 8.12 -9.02 28.16
C THR A 326 9.33 -8.09 28.04
N ALA A 327 10.52 -8.66 28.14
CA ALA A 327 11.75 -7.88 28.10
C ALA A 327 12.17 -7.65 26.65
N TRP A 328 12.36 -6.39 26.29
CA TRP A 328 12.86 -6.02 24.97
C TRP A 328 14.30 -5.54 25.09
N LYS A 329 14.99 -5.56 23.96
CA LYS A 329 16.31 -4.97 23.85
C LYS A 329 16.41 -4.25 22.51
N ILE A 330 17.33 -3.30 22.42
CA ILE A 330 17.52 -2.54 21.19
C ILE A 330 18.26 -3.42 20.19
N ASN A 331 17.70 -3.54 18.99
CA ASN A 331 18.35 -4.24 17.89
C ASN A 331 19.56 -3.41 17.46
N LYS A 332 20.75 -3.80 17.92
CA LYS A 332 21.96 -3.04 17.65
C LYS A 332 22.33 -3.06 16.18
N LYS A 333 22.08 -4.18 15.48
CA LYS A 333 22.50 -4.32 14.10
C LYS A 333 21.76 -3.32 13.20
N VAL A 334 20.43 -3.25 13.32
CA VAL A 334 19.69 -2.25 12.56
C VAL A 334 19.94 -0.85 13.11
N LEU A 335 20.38 -0.73 14.36
CA LEU A 335 20.74 0.57 14.89
C LEU A 335 22.03 1.08 14.26
N ALA A 336 22.95 0.18 13.94
CA ALA A 336 24.15 0.57 13.21
C ALA A 336 23.81 1.05 11.80
N VAL A 337 22.87 0.37 11.15
CA VAL A 337 22.45 0.78 9.81
C VAL A 337 21.69 2.10 9.86
N ALA A 338 20.73 2.20 10.78
CA ALA A 338 19.89 3.39 10.83
C ALA A 338 20.67 4.63 11.26
N ASN A 339 21.78 4.46 11.98
CA ASN A 339 22.53 5.61 12.44
C ASN A 339 23.27 6.29 11.30
N VAL A 340 23.63 5.57 10.25
CA VAL A 340 24.40 6.19 9.18
C VAL A 340 23.51 6.75 8.07
N ILE A 341 22.46 6.02 7.66
CA ILE A 341 21.66 6.49 6.53
C ILE A 341 20.73 7.64 6.91
N THR A 342 20.41 7.79 8.20
CA THR A 342 19.64 8.95 8.63
C THR A 342 20.44 10.24 8.54
N LYS A 343 21.78 10.15 8.54
CA LYS A 343 22.61 11.33 8.36
C LYS A 343 22.67 11.78 6.90
N TRP A 344 22.35 10.88 5.96
CA TRP A 344 22.42 11.17 4.53
C TRP A 344 21.09 11.56 3.93
N LYS A 345 20.01 10.90 4.33
CA LYS A 345 18.68 11.18 3.83
C LYS A 345 17.77 11.64 4.97
N HIS A 346 16.83 12.53 4.65
CA HIS A 346 15.87 12.98 5.65
C HIS A 346 15.00 11.83 6.13
N CYS A 347 14.27 11.22 5.23
CA CYS A 347 13.78 9.88 5.52
C CYS A 347 14.68 8.87 4.82
N PRO A 348 15.13 7.81 5.50
CA PRO A 348 16.08 6.88 4.88
C PRO A 348 15.49 6.05 3.74
N VAL A 349 14.19 6.08 3.53
CA VAL A 349 13.52 5.26 2.53
C VAL A 349 12.80 6.09 1.48
N GLU A 350 12.63 7.40 1.70
CA GLU A 350 11.71 8.21 0.90
C GLU A 350 12.08 8.24 -0.58
N ASP A 351 13.36 8.33 -0.90
CA ASP A 351 13.81 8.27 -2.28
C ASP A 351 14.92 7.24 -2.37
N ILE A 352 14.85 6.40 -3.40
CA ILE A 352 15.83 5.35 -3.64
C ILE A 352 16.04 5.28 -5.15
N PRO A 353 17.27 5.47 -5.63
CA PRO A 353 17.52 5.28 -7.07
C PRO A 353 17.27 3.85 -7.51
N ALA A 354 16.12 3.64 -8.16
CA ALA A 354 15.74 2.34 -8.68
C ALA A 354 15.96 2.32 -10.19
N ILE A 355 15.47 1.26 -10.83
CA ILE A 355 15.66 1.03 -12.26
C ILE A 355 15.01 2.13 -13.11
N GLU A 372 -10.52 24.79 -15.26
CA GLU A 372 -10.04 24.10 -14.07
C GLU A 372 -8.52 24.21 -13.96
N ALA A 373 -7.94 25.07 -14.81
CA ALA A 373 -6.48 25.20 -14.83
C ALA A 373 -5.95 25.91 -13.59
N LEU A 374 -6.63 26.98 -13.17
CA LEU A 374 -6.18 27.74 -12.00
C LEU A 374 -6.30 26.91 -10.72
N THR A 375 -7.32 26.06 -10.63
CA THR A 375 -7.45 25.19 -9.46
C THR A 375 -6.42 24.08 -9.45
N ALA A 376 -5.83 23.74 -10.60
CA ALA A 376 -4.84 22.67 -10.65
C ALA A 376 -3.52 23.10 -10.02
N TRP A 377 -3.00 24.26 -10.43
CA TRP A 377 -1.76 24.75 -9.84
C TRP A 377 -1.97 25.19 -8.39
N LYS A 378 -3.19 25.57 -8.03
CA LYS A 378 -3.52 25.76 -6.62
C LYS A 378 -3.48 24.44 -5.87
N ARG A 379 -3.98 23.37 -6.50
CA ARG A 379 -3.99 22.06 -5.84
C ARG A 379 -2.57 21.52 -5.67
N ALA A 380 -1.69 21.76 -6.65
CA ALA A 380 -0.30 21.36 -6.51
C ALA A 380 0.41 22.23 -5.48
N ALA A 381 0.02 23.50 -5.36
CA ALA A 381 0.61 24.38 -4.35
C ALA A 381 0.28 23.90 -2.95
N ALA A 382 -0.96 23.47 -2.73
CA ALA A 382 -1.34 22.92 -1.44
C ALA A 382 -0.67 21.58 -1.16
N ALA A 383 -0.22 20.88 -2.20
CA ALA A 383 0.44 19.59 -2.01
C ALA A 383 1.88 19.79 -1.54
N VAL A 384 2.62 20.71 -2.17
CA VAL A 384 3.98 20.97 -1.72
C VAL A 384 4.00 21.70 -0.38
N TYR A 385 2.91 22.39 -0.04
CA TYR A 385 2.81 23.02 1.28
C TYR A 385 2.61 21.96 2.36
N ARG A 386 1.68 21.03 2.13
CA ARG A 386 1.44 19.96 3.09
C ARG A 386 2.63 19.01 3.16
N LYS A 387 3.28 18.75 2.02
CA LYS A 387 4.47 17.89 2.04
C LYS A 387 5.65 18.56 2.73
N ASP A 388 5.72 19.89 2.68
CA ASP A 388 6.76 20.59 3.43
C ASP A 388 6.51 20.49 4.93
N LYS A 389 5.25 20.60 5.35
CA LYS A 389 4.90 20.31 6.74
C LYS A 389 5.14 18.86 7.08
N ALA A 390 4.89 17.96 6.11
CA ALA A 390 4.99 16.52 6.38
C ALA A 390 6.43 16.08 6.59
N ARG A 391 7.36 16.66 5.84
CA ARG A 391 8.76 16.25 5.94
C ARG A 391 9.39 16.74 7.24
N LYS A 392 9.10 17.97 7.64
CA LYS A 392 9.62 18.48 8.91
C LYS A 392 9.01 17.75 10.10
N SER A 393 7.74 17.34 10.00
CA SER A 393 7.10 16.63 11.09
C SER A 393 7.57 15.18 11.18
N ARG A 394 7.83 14.54 10.04
CA ARG A 394 8.29 13.16 10.04
C ARG A 394 9.73 13.05 10.53
N ARG A 395 10.55 14.08 10.29
CA ARG A 395 11.96 14.01 10.66
C ARG A 395 12.18 14.18 12.15
N ILE A 396 11.40 15.06 12.80
CA ILE A 396 11.61 15.33 14.21
C ILE A 396 11.20 14.15 15.07
N SER A 397 10.18 13.39 14.64
CA SER A 397 9.83 12.16 15.36
C SER A 397 10.88 11.09 15.15
N LEU A 398 11.52 11.08 13.97
CA LEU A 398 12.59 10.10 13.71
C LEU A 398 13.81 10.37 14.58
N GLU A 399 14.19 11.64 14.73
CA GLU A 399 15.38 11.97 15.52
C GLU A 399 15.19 11.65 16.99
N PHE A 400 13.95 11.68 17.48
CA PHE A 400 13.69 11.32 18.88
C PHE A 400 13.75 9.81 19.08
N MET A 401 13.15 9.05 18.15
CA MET A 401 13.18 7.59 18.25
C MET A 401 14.61 7.07 18.16
N LEU A 402 15.44 7.72 17.34
CA LEU A 402 16.84 7.30 17.23
C LEU A 402 17.62 7.62 18.50
N GLU A 403 17.32 8.76 19.13
CA GLU A 403 18.00 9.12 20.37
C GLU A 403 17.61 8.17 21.50
N GLN A 404 16.33 7.83 21.61
CA GLN A 404 15.89 6.87 22.61
C GLN A 404 16.47 5.48 22.35
N ALA A 405 16.56 5.09 21.07
CA ALA A 405 17.15 3.79 20.75
C ALA A 405 18.64 3.76 21.04
N ASN A 406 19.35 4.85 20.69
CA ASN A 406 20.78 4.92 20.98
C ASN A 406 21.04 5.03 22.48
N LYS A 407 20.08 5.58 23.23
CA LYS A 407 20.25 5.71 24.68
C LYS A 407 20.25 4.34 25.35
N PHE A 408 19.27 3.50 25.03
CA PHE A 408 19.11 2.20 25.67
C PHE A 408 19.75 1.06 24.87
N ALA A 409 20.68 1.38 23.97
CA ALA A 409 21.27 0.35 23.12
C ALA A 409 22.11 -0.64 23.92
N ASN A 410 22.86 -0.16 24.91
CA ASN A 410 23.80 -1.00 25.63
C ASN A 410 23.16 -1.81 26.75
N HIS A 411 21.92 -1.51 27.13
CA HIS A 411 21.29 -2.23 28.23
C HIS A 411 20.97 -3.66 27.83
N LYS A 412 21.10 -4.59 28.79
CA LYS A 412 20.87 -5.99 28.50
C LYS A 412 19.38 -6.26 28.21
N ALA A 413 18.50 -5.45 28.78
CA ALA A 413 17.07 -5.56 28.54
C ALA A 413 16.39 -4.28 29.02
N ILE A 414 15.31 -3.92 28.33
CA ILE A 414 14.46 -2.81 28.74
C ILE A 414 13.01 -3.27 28.72
N TRP A 415 12.17 -2.57 29.47
CA TRP A 415 10.79 -2.95 29.64
C TRP A 415 9.88 -1.76 29.38
N PHE A 416 8.65 -2.05 28.98
CA PHE A 416 7.67 -1.03 28.68
C PHE A 416 6.44 -1.19 29.57
N PRO A 417 6.04 -0.14 30.30
CA PRO A 417 4.77 -0.21 31.03
C PRO A 417 3.59 -0.15 30.08
N TYR A 418 2.47 -0.72 30.52
CA TYR A 418 1.29 -0.81 29.70
C TYR A 418 0.06 -0.36 30.49
N ASN A 419 -0.83 0.36 29.81
CA ASN A 419 -2.16 0.64 30.34
C ASN A 419 -3.14 0.51 29.17
N MET A 420 -4.35 1.05 29.33
CA MET A 420 -5.36 0.87 28.30
C MET A 420 -6.20 2.13 28.13
N ASP A 421 -6.75 2.31 26.93
CA ASP A 421 -7.71 3.38 26.70
C ASP A 421 -9.05 2.99 27.31
N TRP A 422 -10.03 3.89 27.23
CA TRP A 422 -11.31 3.68 27.90
C TRP A 422 -12.15 2.57 27.27
N ARG A 423 -11.67 1.92 26.20
CA ARG A 423 -12.34 0.75 25.64
C ARG A 423 -11.65 -0.56 25.98
N GLY A 424 -10.37 -0.52 26.36
CA GLY A 424 -9.67 -1.72 26.76
C GLY A 424 -8.54 -2.16 25.85
N ARG A 425 -8.32 -1.48 24.73
CA ARG A 425 -7.13 -1.73 23.93
C ARG A 425 -5.90 -1.36 24.74
N VAL A 426 -4.87 -2.20 24.68
CA VAL A 426 -3.68 -1.97 25.49
C VAL A 426 -2.68 -1.16 24.68
N TYR A 427 -1.98 -0.26 25.37
CA TYR A 427 -0.98 0.62 24.76
C TYR A 427 0.23 0.68 25.68
N ALA A 428 1.42 0.72 25.08
CA ALA A 428 2.61 1.00 25.86
C ALA A 428 2.65 2.47 26.24
N VAL A 429 3.30 2.77 27.35
CA VAL A 429 3.24 4.09 27.97
C VAL A 429 4.41 4.97 27.53
N SER A 430 5.60 4.39 27.40
CA SER A 430 6.77 5.17 27.01
C SER A 430 6.64 5.71 25.58
N MET A 431 7.27 6.85 25.34
CA MET A 431 7.20 7.49 24.03
C MET A 431 7.85 6.62 22.96
N PHE A 432 9.07 6.16 23.22
CA PHE A 432 9.67 5.08 22.45
C PHE A 432 9.01 3.78 22.89
N ASN A 433 8.36 3.08 21.97
CA ASN A 433 7.63 1.86 22.32
C ASN A 433 7.60 0.93 21.11
N PRO A 434 7.34 -0.37 21.32
CA PRO A 434 7.23 -1.28 20.18
C PRO A 434 5.98 -1.10 19.34
N GLN A 435 5.08 -0.18 19.72
CA GLN A 435 3.88 0.10 18.94
C GLN A 435 4.08 1.26 17.97
N GLY A 436 5.32 1.60 17.65
CA GLY A 436 5.65 2.73 16.79
C GLY A 436 5.61 2.38 15.32
N ASN A 437 6.38 3.15 14.54
CA ASN A 437 6.40 2.98 13.08
C ASN A 437 7.26 1.78 12.70
N ASP A 438 7.60 1.68 11.42
CA ASP A 438 8.40 0.57 10.94
C ASP A 438 9.83 0.63 11.47
N MET A 439 10.41 1.83 11.52
CA MET A 439 11.77 1.96 12.02
C MET A 439 11.84 1.72 13.53
N THR A 440 10.87 2.26 14.28
CA THR A 440 10.85 2.04 15.72
C THR A 440 10.60 0.57 16.05
N LYS A 441 9.71 -0.09 15.29
CA LYS A 441 9.54 -1.53 15.43
C LYS A 441 10.81 -2.29 15.06
N GLY A 442 11.57 -1.78 14.08
CA GLY A 442 12.77 -2.47 13.66
C GLY A 442 13.92 -2.36 14.64
N LEU A 443 14.03 -1.21 15.31
CA LEU A 443 15.06 -1.00 16.31
C LEU A 443 14.80 -1.75 17.61
N LEU A 444 13.62 -2.33 17.78
CA LEU A 444 13.22 -3.00 19.00
C LEU A 444 13.01 -4.48 18.71
N THR A 445 13.67 -5.33 19.49
CA THR A 445 13.45 -6.77 19.43
C THR A 445 13.32 -7.30 20.84
N LEU A 446 12.77 -8.51 20.95
CA LEU A 446 12.68 -9.16 22.24
C LEU A 446 14.07 -9.53 22.74
N ALA A 447 14.17 -9.68 24.06
CA ALA A 447 15.46 -9.92 24.70
C ALA A 447 15.69 -11.39 25.03
N LYS A 448 14.64 -12.10 25.45
CA LYS A 448 14.76 -13.48 25.90
C LYS A 448 14.35 -14.38 24.73
N GLY A 449 15.35 -14.83 23.97
CA GLY A 449 15.13 -15.75 22.87
C GLY A 449 15.43 -17.19 23.25
N LYS A 450 14.97 -18.08 22.38
CA LYS A 450 15.17 -19.51 22.51
C LYS A 450 15.80 -20.02 21.22
N PRO A 451 16.35 -21.25 21.22
CA PRO A 451 16.82 -21.83 19.95
C PRO A 451 15.70 -21.94 18.93
N ILE A 452 16.03 -21.61 17.69
CA ILE A 452 14.99 -21.32 16.70
C ILE A 452 14.28 -22.59 16.24
N GLY A 453 15.02 -23.66 15.99
CA GLY A 453 14.43 -24.91 15.57
C GLY A 453 13.85 -24.86 14.16
N LYS A 454 13.21 -25.97 13.79
CA LYS A 454 12.59 -26.07 12.47
C LYS A 454 11.35 -25.20 12.37
N GLU A 455 10.46 -25.31 13.36
CA GLU A 455 9.21 -24.55 13.32
C GLU A 455 9.47 -23.05 13.45
N GLY A 456 10.48 -22.66 14.23
CA GLY A 456 10.78 -21.25 14.37
C GLY A 456 11.41 -20.67 13.11
N TYR A 457 12.25 -21.45 12.45
CA TYR A 457 12.87 -20.98 11.20
C TYR A 457 11.84 -20.82 10.11
N TYR A 458 10.85 -21.72 10.07
CA TYR A 458 9.75 -21.61 9.13
C TYR A 458 8.99 -20.31 9.33
N TRP A 459 8.59 -20.02 10.57
CA TRP A 459 7.83 -18.80 10.83
C TRP A 459 8.70 -17.56 10.71
N LEU A 460 10.01 -17.69 10.91
CA LEU A 460 10.90 -16.56 10.67
C LEU A 460 10.91 -16.18 9.19
N LYS A 461 10.82 -17.18 8.32
CA LYS A 461 10.72 -16.91 6.88
C LYS A 461 9.35 -16.33 6.52
N ILE A 462 8.29 -16.83 7.17
CA ILE A 462 6.95 -16.28 6.94
C ILE A 462 6.90 -14.83 7.40
N HIS A 463 7.57 -14.52 8.51
CA HIS A 463 7.62 -13.13 8.97
C HIS A 463 8.44 -12.28 8.02
N GLY A 464 9.51 -12.84 7.45
CA GLY A 464 10.28 -12.10 6.48
C GLY A 464 9.54 -11.85 5.18
N ALA A 465 8.69 -12.80 4.78
CA ALA A 465 7.86 -12.60 3.59
C ALA A 465 6.81 -11.52 3.84
N ASN A 466 6.28 -11.45 5.07
CA ASN A 466 5.28 -10.44 5.39
C ASN A 466 5.89 -9.05 5.41
N CYS A 467 7.15 -8.93 5.86
CA CYS A 467 7.82 -7.64 5.85
C CYS A 467 8.07 -7.14 4.43
N ALA A 468 8.18 -8.07 3.48
CA ALA A 468 8.42 -7.70 2.09
C ALA A 468 7.15 -7.33 1.33
N GLY A 469 5.98 -7.55 1.93
CA GLY A 469 4.73 -7.33 1.25
C GLY A 469 4.12 -8.55 0.63
N VAL A 470 4.71 -9.73 0.84
CA VAL A 470 4.19 -10.98 0.27
C VAL A 470 3.27 -11.62 1.29
N ASP A 471 2.15 -10.97 1.59
CA ASP A 471 1.17 -11.47 2.54
C ASP A 471 -0.15 -11.86 1.89
N LYS A 472 -0.32 -11.61 0.60
CA LYS A 472 -1.56 -11.96 -0.11
C LYS A 472 -1.50 -13.35 -0.70
N VAL A 473 -0.45 -14.10 -0.40
CA VAL A 473 -0.10 -15.33 -1.09
C VAL A 473 -0.05 -16.42 -0.02
N PRO A 474 -0.48 -17.65 -0.30
CA PRO A 474 -0.44 -18.70 0.74
C PRO A 474 0.97 -18.96 1.26
N PHE A 475 1.02 -19.62 2.42
CA PHE A 475 2.27 -19.87 3.14
C PHE A 475 3.37 -20.54 2.32
N PRO A 476 3.12 -21.61 1.53
CA PRO A 476 4.26 -22.23 0.80
C PRO A 476 4.92 -21.30 -0.20
N GLU A 477 4.16 -20.42 -0.85
CA GLU A 477 4.78 -19.47 -1.77
C GLU A 477 5.46 -18.32 -1.02
N ARG A 478 5.07 -18.05 0.23
CA ARG A 478 5.84 -17.12 1.06
C ARG A 478 7.21 -17.70 1.40
N ILE A 479 7.26 -19.01 1.68
CA ILE A 479 8.54 -19.67 1.91
C ILE A 479 9.36 -19.70 0.62
N LYS A 480 8.69 -19.92 -0.51
CA LYS A 480 9.40 -19.96 -1.80
C LYS A 480 9.99 -18.59 -2.13
N PHE A 481 9.26 -17.50 -1.82
CA PHE A 481 9.77 -16.16 -2.08
C PHE A 481 11.05 -15.89 -1.30
N ILE A 482 11.09 -16.31 -0.03
CA ILE A 482 12.29 -16.15 0.78
C ILE A 482 13.43 -17.00 0.22
N GLU A 483 13.13 -18.25 -0.13
CA GLU A 483 14.17 -19.15 -0.60
C GLU A 483 14.69 -18.75 -1.97
N GLU A 484 13.81 -18.22 -2.84
CA GLU A 484 14.26 -17.70 -4.13
C GLU A 484 15.18 -16.49 -3.95
N ASN A 485 14.93 -15.68 -2.92
CA ASN A 485 15.70 -14.48 -2.68
C ASN A 485 16.75 -14.67 -1.59
N HIS A 486 17.29 -15.90 -1.46
CA HIS A 486 18.27 -16.19 -0.43
C HIS A 486 19.52 -15.34 -0.58
N GLU A 487 20.07 -15.26 -1.79
CA GLU A 487 21.31 -14.53 -2.00
C GLU A 487 21.15 -13.03 -1.81
N ASN A 488 19.93 -12.51 -2.02
CA ASN A 488 19.69 -11.08 -1.78
C ASN A 488 19.54 -10.80 -0.29
N ILE A 489 18.91 -11.72 0.45
CA ILE A 489 18.77 -11.55 1.89
C ILE A 489 20.13 -11.67 2.57
N MET A 490 20.97 -12.59 2.08
CA MET A 490 22.30 -12.75 2.65
C MET A 490 23.19 -11.55 2.36
N ALA A 491 23.04 -10.96 1.17
CA ALA A 491 23.83 -9.78 0.82
C ALA A 491 23.41 -8.56 1.62
N CYS A 492 22.12 -8.46 1.95
CA CYS A 492 21.66 -7.33 2.76
C CYS A 492 22.14 -7.45 4.20
N ALA A 493 22.21 -8.67 4.72
CA ALA A 493 22.67 -8.85 6.10
C ALA A 493 24.18 -8.63 6.20
N LYS A 494 24.94 -9.12 5.22
CA LYS A 494 26.39 -8.97 5.26
C LYS A 494 26.79 -7.51 5.11
N SER A 495 26.19 -6.80 4.16
CA SER A 495 26.48 -5.38 3.94
C SER A 495 25.18 -4.64 3.65
N PRO A 496 24.54 -4.09 4.69
CA PRO A 496 23.25 -3.41 4.48
C PRO A 496 23.38 -2.10 3.72
N LEU A 497 24.53 -1.43 3.80
CA LEU A 497 24.72 -0.20 3.07
C LEU A 497 25.09 -0.43 1.61
N GLU A 498 25.59 -1.61 1.27
CA GLU A 498 25.98 -1.91 -0.10
C GLU A 498 24.85 -2.50 -0.93
N ASN A 499 23.80 -3.01 -0.28
CA ASN A 499 22.66 -3.58 -0.99
C ASN A 499 21.40 -2.92 -0.44
N THR A 500 20.83 -2.01 -1.22
CA THR A 500 19.64 -1.26 -0.82
C THR A 500 18.35 -2.03 -1.02
N TRP A 501 18.42 -3.34 -1.27
CA TRP A 501 17.22 -4.12 -1.59
C TRP A 501 16.23 -4.09 -0.43
N TRP A 502 16.73 -4.31 0.80
CA TRP A 502 15.86 -4.32 1.98
C TRP A 502 15.13 -2.99 2.17
N ALA A 503 15.76 -1.88 1.75
CA ALA A 503 15.12 -0.58 1.86
C ALA A 503 13.95 -0.44 0.89
N GLU A 504 14.00 -1.14 -0.24
CA GLU A 504 12.91 -1.06 -1.21
C GLU A 504 11.68 -1.85 -0.78
N GLN A 505 11.77 -2.61 0.30
CA GLN A 505 10.68 -3.46 0.76
C GLN A 505 9.62 -2.63 1.49
N ASP A 506 8.49 -3.29 1.80
CA ASP A 506 7.33 -2.59 2.33
C ASP A 506 7.58 -2.13 3.77
N SER A 507 8.05 -3.02 4.62
CA SER A 507 8.49 -2.66 5.96
C SER A 507 10.00 -2.80 6.02
N PRO A 508 10.75 -1.78 5.56
CA PRO A 508 12.18 -2.01 5.27
C PRO A 508 13.04 -2.28 6.49
N PHE A 509 12.85 -1.54 7.58
CA PHE A 509 13.71 -1.74 8.74
C PHE A 509 13.37 -3.04 9.45
N CYS A 510 12.08 -3.41 9.49
CA CYS A 510 11.72 -4.71 10.04
C CYS A 510 12.12 -5.85 9.11
N PHE A 511 12.15 -5.59 7.80
CA PHE A 511 12.63 -6.62 6.88
C PHE A 511 14.12 -6.84 7.05
N LEU A 512 14.90 -5.76 7.18
CA LEU A 512 16.33 -5.88 7.42
C LEU A 512 16.60 -6.60 8.74
N ALA A 513 15.75 -6.40 9.74
CA ALA A 513 15.86 -7.15 10.99
C ALA A 513 15.70 -8.64 10.75
N PHE A 514 14.79 -9.03 9.85
CA PHE A 514 14.67 -10.44 9.49
C PHE A 514 15.92 -10.94 8.79
N CYS A 515 16.52 -10.10 7.94
CA CYS A 515 17.69 -10.52 7.17
C CYS A 515 18.85 -10.89 8.08
N PHE A 516 19.03 -10.16 9.16
CA PHE A 516 20.08 -10.48 10.12
C PHE A 516 19.81 -11.81 10.80
N GLU A 517 18.57 -12.05 11.20
CA GLU A 517 18.22 -13.33 11.82
C GLU A 517 18.26 -14.47 10.82
N TYR A 518 17.88 -14.21 9.56
CA TYR A 518 17.98 -15.23 8.52
C TYR A 518 19.42 -15.64 8.29
N ALA A 519 20.33 -14.66 8.20
CA ALA A 519 21.74 -14.97 8.04
C ALA A 519 22.31 -15.65 9.27
N GLY A 520 21.81 -15.31 10.46
CA GLY A 520 22.25 -15.98 11.67
C GLY A 520 21.90 -17.46 11.70
N VAL A 521 20.78 -17.83 11.09
CA VAL A 521 20.42 -19.25 11.00
C VAL A 521 21.33 -19.98 10.02
N GLN A 522 21.64 -19.34 8.88
CA GLN A 522 22.51 -19.97 7.90
C GLN A 522 23.93 -20.12 8.42
N HIS A 523 24.34 -19.27 9.36
CA HIS A 523 25.68 -19.37 9.92
C HIS A 523 25.73 -20.41 11.03
N HIS A 524 24.80 -20.34 11.99
CA HIS A 524 24.88 -21.12 13.21
C HIS A 524 23.88 -22.26 13.27
N GLY A 525 23.15 -22.52 12.19
CA GLY A 525 22.24 -23.64 12.15
C GLY A 525 20.94 -23.36 12.88
N LEU A 526 20.20 -24.44 13.11
CA LEU A 526 18.90 -24.35 13.76
C LEU A 526 19.00 -24.26 15.28
N SER A 527 20.20 -24.35 15.86
CA SER A 527 20.38 -24.08 17.27
C SER A 527 20.58 -22.60 17.56
N TYR A 528 20.45 -21.75 16.54
CA TYR A 528 20.65 -20.32 16.69
C TYR A 528 19.58 -19.73 17.61
N ASN A 529 20.01 -19.01 18.65
CA ASN A 529 19.09 -18.33 19.53
C ASN A 529 18.52 -17.11 18.83
N CYS A 530 17.23 -17.13 18.55
CA CYS A 530 16.56 -16.04 17.86
C CYS A 530 15.57 -15.38 18.81
N SER A 531 15.73 -14.07 19.02
CA SER A 531 14.87 -13.29 19.88
C SER A 531 14.04 -12.28 19.10
N LEU A 532 13.81 -12.53 17.81
CA LEU A 532 13.06 -11.61 16.98
C LEU A 532 11.57 -11.78 17.21
N PRO A 533 10.81 -10.68 17.32
CA PRO A 533 9.35 -10.79 17.44
C PRO A 533 8.73 -11.09 16.08
N LEU A 534 7.91 -12.13 16.01
CA LEU A 534 7.27 -12.55 14.77
C LEU A 534 5.79 -12.20 14.85
N ALA A 535 5.42 -11.09 14.21
CA ALA A 535 4.07 -10.56 14.33
C ALA A 535 3.10 -11.31 13.43
N PHE A 536 1.96 -11.70 14.01
CA PHE A 536 0.83 -12.26 13.28
C PHE A 536 -0.28 -11.23 13.32
N ASP A 537 -0.63 -10.67 12.16
CA ASP A 537 -1.55 -9.54 12.06
C ASP A 537 -2.86 -10.04 11.46
N GLY A 538 -3.92 -10.03 12.28
CA GLY A 538 -5.24 -10.39 11.75
C GLY A 538 -5.71 -9.41 10.70
N SER A 539 -6.40 -9.95 9.69
CA SER A 539 -6.77 -9.22 8.47
C SER A 539 -7.56 -7.95 8.73
N CYS A 540 -8.86 -8.07 8.96
CA CYS A 540 -9.74 -6.94 9.28
C CYS A 540 -10.41 -7.27 10.60
N SER A 541 -9.91 -6.68 11.70
CA SER A 541 -10.31 -7.11 13.05
C SER A 541 -11.80 -6.93 13.30
N GLY A 542 -12.31 -5.73 12.99
CA GLY A 542 -13.71 -5.44 13.29
C GLY A 542 -14.66 -6.35 12.53
N ILE A 543 -14.39 -6.55 11.24
CA ILE A 543 -15.22 -7.45 10.45
C ILE A 543 -15.03 -8.90 10.90
N GLN A 544 -13.80 -9.26 11.28
CA GLN A 544 -13.55 -10.58 11.86
C GLN A 544 -14.38 -10.77 13.13
N HIS A 545 -14.38 -9.76 14.00
CA HIS A 545 -15.10 -9.89 15.26
C HIS A 545 -16.60 -9.80 15.05
N PHE A 546 -17.04 -8.96 14.12
CA PHE A 546 -18.48 -8.84 13.86
C PHE A 546 -19.03 -10.12 13.22
N SER A 547 -18.28 -10.70 12.28
CA SER A 547 -18.70 -11.96 11.67
C SER A 547 -18.61 -13.12 12.65
N ALA A 548 -17.83 -12.98 13.72
CA ALA A 548 -17.73 -14.05 14.70
C ALA A 548 -18.97 -14.12 15.60
N MET A 549 -19.51 -12.97 16.00
CA MET A 549 -20.68 -12.98 16.88
C MET A 549 -21.92 -13.53 16.16
N LEU A 550 -22.25 -12.95 15.02
CA LEU A 550 -23.45 -13.35 14.27
C LEU A 550 -23.21 -14.52 13.34
N ARG A 551 -21.99 -15.08 13.35
CA ARG A 551 -21.65 -16.31 12.63
C ARG A 551 -21.88 -16.18 11.12
N ASP A 552 -21.28 -15.16 10.52
CA ASP A 552 -21.41 -14.95 9.08
C ASP A 552 -20.40 -15.83 8.34
N GLU A 553 -20.92 -16.77 7.54
CA GLU A 553 -20.03 -17.66 6.79
C GLU A 553 -19.29 -16.91 5.69
N VAL A 554 -20.01 -16.15 4.87
CA VAL A 554 -19.37 -15.46 3.75
C VAL A 554 -18.54 -14.28 4.25
N GLY A 555 -19.01 -13.61 5.30
CA GLY A 555 -18.23 -12.51 5.86
C GLY A 555 -16.95 -12.99 6.51
N GLY A 556 -17.02 -14.10 7.26
CA GLY A 556 -15.81 -14.66 7.83
C GLY A 556 -14.84 -15.17 6.78
N ARG A 557 -15.37 -15.75 5.70
CA ARG A 557 -14.52 -16.18 4.59
C ARG A 557 -13.83 -15.00 3.93
N ALA A 558 -14.49 -13.84 3.90
CA ALA A 558 -13.89 -12.66 3.29
C ALA A 558 -12.72 -12.12 4.11
N VAL A 559 -12.72 -12.37 5.42
CA VAL A 559 -11.66 -11.91 6.30
C VAL A 559 -10.83 -13.08 6.83
N ASN A 560 -10.86 -14.21 6.11
CA ASN A 560 -10.03 -15.39 6.38
C ASN A 560 -10.31 -16.00 7.75
N LEU A 561 -11.51 -15.82 8.28
CA LEU A 561 -11.91 -16.56 9.47
C LEU A 561 -12.05 -18.04 9.18
N LEU A 562 -12.35 -18.38 7.96
CA LEU A 562 -12.53 -19.75 7.52
C LEU A 562 -11.30 -20.25 6.79
N PRO A 563 -11.02 -21.55 6.87
CA PRO A 563 -9.95 -22.12 6.06
C PRO A 563 -10.30 -21.98 4.58
N SER A 564 -9.48 -21.22 3.87
CA SER A 564 -9.75 -20.88 2.48
C SER A 564 -8.67 -21.49 1.60
N GLU A 565 -8.99 -21.57 0.30
CA GLU A 565 -8.04 -22.12 -0.66
C GLU A 565 -6.81 -21.25 -0.80
N THR A 566 -6.95 -19.94 -0.56
CA THR A 566 -5.87 -18.98 -0.68
C THR A 566 -6.23 -17.78 0.18
N VAL A 567 -5.28 -16.84 0.28
CA VAL A 567 -5.53 -15.63 1.08
C VAL A 567 -6.65 -14.83 0.45
N GLN A 568 -7.70 -14.57 1.24
CA GLN A 568 -8.86 -13.85 0.75
C GLN A 568 -8.67 -12.36 0.93
N ASP A 569 -8.77 -11.61 -0.17
CA ASP A 569 -8.58 -10.17 -0.18
C ASP A 569 -9.95 -9.51 -0.25
N ILE A 570 -10.39 -8.97 0.89
CA ILE A 570 -11.74 -8.40 0.98
C ILE A 570 -11.91 -7.21 0.06
N TYR A 571 -10.84 -6.42 -0.14
CA TYR A 571 -10.92 -5.33 -1.10
C TYR A 571 -11.08 -5.86 -2.51
N GLY A 572 -10.35 -6.94 -2.84
CA GLY A 572 -10.51 -7.55 -4.15
C GLY A 572 -11.84 -8.25 -4.33
N ILE A 573 -12.42 -8.77 -3.25
CA ILE A 573 -13.75 -9.36 -3.34
C ILE A 573 -14.79 -8.28 -3.62
N VAL A 574 -14.68 -7.14 -2.93
CA VAL A 574 -15.60 -6.03 -3.17
C VAL A 574 -15.35 -5.42 -4.53
N ALA A 575 -14.08 -5.33 -4.94
CA ALA A 575 -13.76 -4.86 -6.29
C ALA A 575 -14.27 -5.80 -7.35
N LYS A 576 -14.29 -7.10 -7.07
CA LYS A 576 -14.93 -8.06 -7.97
C LYS A 576 -16.43 -7.79 -8.07
N LYS A 577 -17.06 -7.47 -6.94
CA LYS A 577 -18.51 -7.27 -6.93
C LYS A 577 -18.89 -6.01 -7.71
N VAL A 578 -18.23 -4.87 -7.43
CA VAL A 578 -18.53 -3.64 -8.16
C VAL A 578 -18.22 -3.78 -9.65
N ASN A 579 -17.25 -4.63 -10.00
CA ASN A 579 -16.96 -4.84 -11.42
C ASN A 579 -18.07 -5.62 -12.09
N GLU A 580 -18.74 -6.51 -11.36
CA GLU A 580 -19.90 -7.21 -11.91
C GLU A 580 -21.07 -6.24 -12.13
N ILE A 581 -21.27 -5.29 -11.21
CA ILE A 581 -22.31 -4.29 -11.40
C ILE A 581 -21.93 -3.35 -12.55
N LEU A 582 -20.63 -3.06 -12.68
CA LEU A 582 -20.15 -2.19 -13.75
C LEU A 582 -20.44 -2.77 -15.12
N GLN A 583 -20.23 -4.08 -15.29
CA GLN A 583 -20.47 -4.70 -16.58
C GLN A 583 -21.97 -4.79 -16.89
N ALA A 584 -22.79 -5.04 -15.86
CA ALA A 584 -24.23 -5.10 -16.06
C ALA A 584 -24.80 -3.73 -16.35
N ASP A 585 -24.26 -2.69 -15.71
CA ASP A 585 -24.75 -1.33 -15.95
C ASP A 585 -24.29 -0.78 -17.29
N ALA A 586 -23.16 -1.27 -17.82
CA ALA A 586 -22.74 -0.87 -19.15
C ALA A 586 -23.70 -1.37 -20.23
N ILE A 587 -24.49 -2.40 -19.93
CA ILE A 587 -25.41 -2.98 -20.89
C ILE A 587 -26.83 -2.43 -20.65
N ASN A 588 -27.36 -2.67 -19.45
CA ASN A 588 -28.76 -2.35 -19.15
C ASN A 588 -28.91 -1.09 -18.31
N GLY A 589 -27.90 -0.23 -18.27
CA GLY A 589 -27.95 0.94 -17.41
C GLY A 589 -28.83 2.05 -17.95
N THR A 590 -29.03 3.05 -17.09
CA THR A 590 -29.84 4.21 -17.44
C THR A 590 -29.08 5.14 -18.37
N ASP A 591 -29.80 5.72 -19.33
CA ASP A 591 -29.19 6.70 -20.20
C ASP A 591 -29.06 8.04 -19.49
N ASN A 592 -28.41 8.99 -20.16
CA ASN A 592 -28.20 10.31 -19.59
C ASN A 592 -29.47 11.14 -19.71
N GLU A 593 -29.61 12.11 -18.80
CA GLU A 593 -30.74 13.03 -18.81
C GLU A 593 -30.25 14.41 -18.42
N VAL A 594 -31.07 15.42 -18.69
CA VAL A 594 -30.75 16.82 -18.42
C VAL A 594 -31.65 17.27 -17.28
N VAL A 595 -31.03 17.75 -16.20
CA VAL A 595 -31.76 18.19 -15.01
C VAL A 595 -31.42 19.65 -14.75
N THR A 596 -32.39 20.38 -14.20
CA THR A 596 -32.18 21.76 -13.77
C THR A 596 -31.56 21.78 -12.38
N VAL A 597 -30.41 22.43 -12.24
CA VAL A 597 -29.70 22.52 -10.97
C VAL A 597 -29.46 24.00 -10.67
N THR A 598 -29.79 24.40 -9.44
CA THR A 598 -29.64 25.80 -9.01
C THR A 598 -28.74 25.87 -7.78
N ASP A 599 -27.73 26.72 -7.86
CA ASP A 599 -26.99 27.12 -6.67
C ASP A 599 -27.73 28.30 -6.03
N GLU A 600 -28.09 28.14 -4.74
CA GLU A 600 -29.03 29.06 -4.13
C GLU A 600 -28.45 30.46 -3.93
N ASN A 601 -27.14 30.55 -3.67
CA ASN A 601 -26.53 31.85 -3.43
C ASN A 601 -26.51 32.71 -4.69
N THR A 602 -26.11 32.11 -5.82
CA THR A 602 -26.14 32.84 -7.08
C THR A 602 -27.58 33.02 -7.57
N GLY A 603 -28.43 32.02 -7.34
CA GLY A 603 -29.79 32.06 -7.82
C GLY A 603 -29.97 31.70 -9.28
N GLU A 604 -28.90 31.30 -9.96
CA GLU A 604 -28.98 30.92 -11.36
C GLU A 604 -29.78 29.64 -11.53
N ILE A 605 -30.42 29.50 -12.68
CA ILE A 605 -31.15 28.29 -13.06
C ILE A 605 -30.60 27.85 -14.40
N SER A 606 -29.73 26.84 -14.39
CA SER A 606 -29.05 26.37 -15.59
C SER A 606 -29.42 24.91 -15.85
N GLU A 607 -28.99 24.42 -17.02
CA GLU A 607 -29.23 23.04 -17.43
C GLU A 607 -27.90 22.30 -17.48
N LYS A 608 -27.82 21.18 -16.78
CA LYS A 608 -26.64 20.33 -16.78
C LYS A 608 -27.07 18.89 -17.04
N VAL A 609 -26.18 18.15 -17.69
CA VAL A 609 -26.46 16.75 -17.98
C VAL A 609 -26.19 15.90 -16.74
N LYS A 610 -26.97 14.84 -16.60
CA LYS A 610 -26.83 13.90 -15.48
C LYS A 610 -26.51 12.53 -16.06
N LEU A 611 -25.28 12.06 -15.85
CA LEU A 611 -24.87 10.79 -16.41
C LEU A 611 -25.66 9.66 -15.78
N GLY A 612 -26.27 8.84 -16.63
CA GLY A 612 -26.92 7.64 -16.16
C GLY A 612 -25.91 6.58 -15.78
N THR A 613 -26.42 5.48 -15.22
CA THR A 613 -25.54 4.40 -14.81
C THR A 613 -24.87 3.72 -16.00
N LYS A 614 -25.45 3.82 -17.20
CA LYS A 614 -24.80 3.28 -18.38
C LYS A 614 -23.54 4.04 -18.73
N ALA A 615 -23.61 5.38 -18.70
CA ALA A 615 -22.43 6.19 -18.99
C ALA A 615 -21.40 6.09 -17.89
N LEU A 616 -21.84 6.14 -16.63
CA LEU A 616 -20.91 6.11 -15.51
C LEU A 616 -20.18 4.78 -15.42
N ALA A 617 -20.85 3.67 -15.79
CA ALA A 617 -20.18 2.39 -15.85
C ALA A 617 -19.09 2.38 -16.91
N GLY A 618 -19.38 3.00 -18.06
CA GLY A 618 -18.38 3.07 -19.12
C GLY A 618 -17.16 3.88 -18.76
N GLN A 619 -17.35 4.92 -17.95
CA GLN A 619 -16.21 5.70 -17.47
C GLN A 619 -15.32 4.87 -16.56
N TRP A 620 -15.92 4.14 -15.62
CA TRP A 620 -15.13 3.44 -14.61
C TRP A 620 -14.43 2.21 -15.18
N LEU A 621 -15.10 1.49 -16.09
CA LEU A 621 -14.44 0.38 -16.76
C LEU A 621 -13.29 0.86 -17.63
N ALA A 622 -13.37 2.08 -18.16
CA ALA A 622 -12.26 2.66 -18.90
C ALA A 622 -11.09 3.00 -17.97
N TYR A 623 -11.39 3.37 -16.72
CA TYR A 623 -10.32 3.63 -15.76
C TYR A 623 -9.70 2.33 -15.28
N GLY A 624 -10.51 1.28 -15.14
CA GLY A 624 -10.03 0.03 -14.56
C GLY A 624 -10.01 0.07 -13.05
N VAL A 625 -11.01 -0.54 -12.42
CA VAL A 625 -11.16 -0.51 -10.96
C VAL A 625 -10.50 -1.77 -10.39
N THR A 626 -9.65 -1.58 -9.39
CA THR A 626 -8.97 -2.66 -8.71
C THR A 626 -9.30 -2.61 -7.22
N ARG A 627 -8.56 -3.40 -6.44
CA ARG A 627 -8.72 -3.37 -4.99
C ARG A 627 -8.36 -2.01 -4.39
N SER A 628 -7.56 -1.22 -5.09
CA SER A 628 -7.16 0.09 -4.59
C SER A 628 -8.32 1.07 -4.55
N VAL A 629 -9.28 0.94 -5.48
CA VAL A 629 -10.41 1.86 -5.50
C VAL A 629 -11.34 1.58 -4.33
N THR A 630 -11.44 0.33 -3.90
CA THR A 630 -12.36 -0.07 -2.85
C THR A 630 -11.67 -0.27 -1.50
N LYS A 631 -10.35 -0.12 -1.43
CA LYS A 631 -9.57 -0.47 -0.25
C LYS A 631 -9.97 0.33 0.98
N ARG A 632 -9.75 1.65 0.94
CA ARG A 632 -10.02 2.52 2.09
C ARG A 632 -11.49 2.47 2.50
N SER A 633 -12.40 2.19 1.57
CA SER A 633 -13.81 2.11 1.91
C SER A 633 -14.11 0.93 2.82
N VAL A 634 -13.48 -0.22 2.56
CA VAL A 634 -13.69 -1.39 3.41
C VAL A 634 -13.08 -1.18 4.78
N MET A 635 -11.90 -0.54 4.83
CA MET A 635 -11.18 -0.38 6.08
C MET A 635 -11.91 0.54 7.05
N THR A 636 -12.58 1.56 6.53
CA THR A 636 -13.32 2.49 7.38
C THR A 636 -14.76 2.06 7.62
N LEU A 637 -15.12 0.83 7.24
CA LEU A 637 -16.48 0.36 7.49
C LEU A 637 -16.73 0.18 8.98
N ALA A 638 -15.78 -0.43 9.70
CA ALA A 638 -15.94 -0.63 11.13
C ALA A 638 -15.89 0.67 11.91
N TYR A 639 -15.33 1.73 11.33
CA TYR A 639 -15.37 3.04 11.97
C TYR A 639 -16.68 3.78 11.71
N GLY A 640 -17.54 3.24 10.85
CA GLY A 640 -18.87 3.80 10.62
C GLY A 640 -19.13 4.36 9.23
N SER A 641 -18.17 4.32 8.31
CA SER A 641 -18.36 4.91 6.99
C SER A 641 -19.40 4.14 6.20
N LYS A 642 -20.27 4.88 5.50
CA LYS A 642 -21.29 4.26 4.65
C LYS A 642 -21.22 4.87 3.25
N GLU A 643 -22.39 5.05 2.62
CA GLU A 643 -22.39 5.43 1.20
C GLU A 643 -21.96 6.87 0.97
N PHE A 644 -22.29 7.79 1.90
CA PHE A 644 -21.76 9.15 1.78
C PHE A 644 -20.25 9.15 1.88
N GLY A 645 -19.71 8.59 2.97
CA GLY A 645 -18.29 8.68 3.22
C GLY A 645 -17.43 8.03 2.16
N PHE A 646 -17.98 7.06 1.44
CA PHE A 646 -17.25 6.48 0.32
C PHE A 646 -17.14 7.49 -0.83
N ARG A 647 -18.14 8.35 -1.00
CA ARG A 647 -18.11 9.32 -2.10
C ARG A 647 -16.97 10.31 -1.92
N GLN A 648 -16.77 10.80 -0.70
CA GLN A 648 -15.61 11.66 -0.45
C GLN A 648 -14.31 10.88 -0.64
N GLN A 649 -14.30 9.61 -0.24
CA GLN A 649 -13.06 8.82 -0.28
C GLN A 649 -12.58 8.58 -1.70
N VAL A 650 -13.43 8.00 -2.56
CA VAL A 650 -13.00 7.68 -3.91
C VAL A 650 -12.74 8.93 -4.75
N LEU A 651 -13.22 10.09 -4.32
CA LEU A 651 -12.92 11.33 -5.04
C LEU A 651 -11.45 11.70 -4.89
N GLU A 652 -10.96 11.76 -3.65
CA GLU A 652 -9.57 12.14 -3.41
C GLU A 652 -8.59 10.99 -3.52
N ASP A 653 -9.06 9.74 -3.43
CA ASP A 653 -8.13 8.61 -3.45
C ASP A 653 -7.81 8.14 -4.87
N THR A 654 -8.79 8.16 -5.77
CA THR A 654 -8.59 7.62 -7.11
C THR A 654 -8.89 8.63 -8.22
N ILE A 655 -9.98 9.40 -8.10
CA ILE A 655 -10.38 10.28 -9.20
C ILE A 655 -9.46 11.49 -9.27
N GLN A 656 -9.26 12.17 -8.14
CA GLN A 656 -8.37 13.33 -8.13
C GLN A 656 -6.91 13.00 -8.46
N PRO A 657 -6.31 11.89 -7.99
CA PRO A 657 -4.98 11.54 -8.52
C PRO A 657 -4.99 11.19 -9.99
N ALA A 658 -6.11 10.72 -10.53
CA ALA A 658 -6.16 10.39 -11.95
C ALA A 658 -6.08 11.64 -12.81
N ILE A 659 -6.92 12.64 -12.54
CA ILE A 659 -6.94 13.86 -13.33
C ILE A 659 -5.66 14.67 -13.16
N ASP A 660 -4.93 14.48 -12.06
CA ASP A 660 -3.67 15.18 -11.87
C ASP A 660 -2.53 14.54 -12.66
N SER A 661 -2.61 13.23 -12.91
CA SER A 661 -1.53 12.51 -13.57
C SER A 661 -1.76 12.31 -15.07
N GLY A 662 -2.84 12.85 -15.63
CA GLY A 662 -3.15 12.70 -17.02
C GLY A 662 -4.30 11.75 -17.30
N LYS A 663 -4.58 10.80 -16.39
CA LYS A 663 -5.75 9.95 -16.48
C LYS A 663 -6.98 10.75 -16.05
N GLY A 664 -8.09 10.08 -15.76
CA GLY A 664 -9.27 10.82 -15.36
C GLY A 664 -9.96 11.56 -16.48
N LEU A 665 -9.48 11.41 -17.72
CA LEU A 665 -10.16 12.02 -18.87
C LEU A 665 -11.54 11.40 -19.07
N MET A 666 -11.71 10.14 -18.65
CA MET A 666 -13.03 9.52 -18.68
C MET A 666 -13.96 10.12 -17.64
N PHE A 667 -13.43 10.72 -16.58
CA PHE A 667 -14.25 11.34 -15.53
C PHE A 667 -14.59 12.76 -15.97
N THR A 668 -15.58 12.85 -16.85
CA THR A 668 -16.02 14.15 -17.36
C THR A 668 -16.63 14.99 -16.25
N GLN A 669 -17.43 14.38 -15.39
CA GLN A 669 -17.95 15.04 -14.19
C GLN A 669 -17.59 14.15 -13.00
N PRO A 670 -16.57 14.54 -12.23
CA PRO A 670 -16.00 13.61 -11.23
C PRO A 670 -16.91 13.34 -10.05
N ASN A 671 -17.75 14.29 -9.63
CA ASN A 671 -18.62 14.05 -8.49
C ASN A 671 -19.71 13.04 -8.81
N GLN A 672 -20.18 13.01 -10.05
CA GLN A 672 -21.13 11.96 -10.46
C GLN A 672 -20.47 10.60 -10.49
N ALA A 673 -19.19 10.54 -10.86
CA ALA A 673 -18.47 9.27 -10.84
C ALA A 673 -18.19 8.82 -9.40
N ALA A 674 -17.94 9.77 -8.51
CA ALA A 674 -17.66 9.43 -7.12
C ALA A 674 -18.91 8.89 -6.43
N GLY A 675 -20.04 9.59 -6.57
CA GLY A 675 -21.27 9.13 -5.94
C GLY A 675 -21.79 7.84 -6.53
N TYR A 676 -21.54 7.62 -7.82
CA TYR A 676 -21.94 6.35 -8.44
C TYR A 676 -21.08 5.20 -7.92
N MET A 677 -19.77 5.41 -7.80
CA MET A 677 -18.90 4.39 -7.24
C MET A 677 -19.18 4.19 -5.76
N ALA A 678 -19.54 5.26 -5.05
CA ALA A 678 -19.89 5.17 -3.64
C ALA A 678 -21.10 4.27 -3.45
N LYS A 679 -22.13 4.46 -4.29
CA LYS A 679 -23.28 3.57 -4.27
C LYS A 679 -22.85 2.14 -4.54
N LEU A 680 -21.96 1.94 -5.52
CA LEU A 680 -21.61 0.59 -5.93
C LEU A 680 -20.78 -0.12 -4.87
N ILE A 681 -19.88 0.60 -4.20
CA ILE A 681 -19.09 -0.01 -3.14
C ILE A 681 -20.00 -0.40 -1.98
N TRP A 682 -20.99 0.45 -1.65
CA TRP A 682 -21.82 0.19 -0.49
C TRP A 682 -22.73 -1.03 -0.69
N GLU A 683 -23.30 -1.19 -1.89
CA GLU A 683 -24.06 -2.42 -2.16
C GLU A 683 -23.17 -3.65 -2.10
N SER A 684 -21.87 -3.48 -2.38
CA SER A 684 -20.96 -4.61 -2.42
C SER A 684 -20.54 -5.05 -1.02
N VAL A 685 -20.13 -4.10 -0.16
CA VAL A 685 -19.74 -4.48 1.20
C VAL A 685 -20.95 -4.95 1.99
N SER A 686 -22.12 -4.36 1.75
CA SER A 686 -23.31 -4.72 2.53
C SER A 686 -23.77 -6.13 2.25
N VAL A 687 -23.50 -6.67 1.06
CA VAL A 687 -23.82 -8.05 0.76
C VAL A 687 -22.64 -8.99 0.97
N THR A 688 -21.43 -8.45 1.11
CA THR A 688 -20.26 -9.29 1.38
C THR A 688 -20.12 -9.57 2.87
N VAL A 689 -20.20 -8.51 3.70
CA VAL A 689 -20.10 -8.65 5.14
C VAL A 689 -21.44 -8.25 5.79
N VAL A 690 -22.41 -9.17 5.73
CA VAL A 690 -23.76 -8.83 6.18
C VAL A 690 -23.80 -8.68 7.69
N ALA A 691 -23.05 -9.52 8.42
CA ALA A 691 -23.09 -9.45 9.88
C ALA A 691 -22.41 -8.20 10.40
N ALA A 692 -21.43 -7.68 9.65
CA ALA A 692 -20.83 -6.40 10.03
C ALA A 692 -21.86 -5.28 9.92
N VAL A 693 -22.57 -5.21 8.79
CA VAL A 693 -23.52 -4.12 8.56
C VAL A 693 -24.67 -4.19 9.56
N GLU A 694 -25.15 -5.40 9.85
CA GLU A 694 -26.32 -5.54 10.72
C GLU A 694 -25.98 -5.26 12.18
N ALA A 695 -24.78 -5.65 12.62
CA ALA A 695 -24.44 -5.50 14.03
C ALA A 695 -24.19 -4.04 14.40
N MET A 696 -23.52 -3.28 13.53
CA MET A 696 -23.33 -1.86 13.80
C MET A 696 -24.64 -1.10 13.77
N ASN A 697 -25.62 -1.55 12.99
CA ASN A 697 -26.93 -0.92 13.00
C ASN A 697 -27.67 -1.21 14.30
N TRP A 698 -27.50 -2.41 14.85
CA TRP A 698 -28.16 -2.75 16.10
C TRP A 698 -27.56 -1.96 17.27
N LEU A 699 -26.23 -1.81 17.28
CA LEU A 699 -25.58 -1.03 18.33
C LEU A 699 -25.90 0.46 18.18
N LYS A 700 -26.03 0.94 16.94
CA LYS A 700 -26.36 2.34 16.72
C LYS A 700 -27.77 2.66 17.19
N SER A 701 -28.71 1.74 16.97
CA SER A 701 -30.08 1.97 17.41
C SER A 701 -30.22 1.82 18.90
N ALA A 702 -29.42 0.95 19.52
CA ALA A 702 -29.43 0.83 20.97
C ALA A 702 -28.90 2.10 21.63
N ALA A 703 -27.76 2.62 21.14
CA ALA A 703 -27.21 3.84 21.69
C ALA A 703 -28.09 5.04 21.42
N LYS A 704 -28.84 5.03 20.32
CA LYS A 704 -29.75 6.13 20.04
C LYS A 704 -30.90 6.18 21.04
N LEU A 705 -31.46 5.02 21.38
CA LEU A 705 -32.59 5.00 22.30
C LEU A 705 -32.17 5.39 23.71
N LEU A 706 -30.95 5.04 24.12
CA LEU A 706 -30.47 5.41 25.45
C LEU A 706 -30.04 6.86 25.53
N ALA A 707 -29.54 7.43 24.44
CA ALA A 707 -29.05 8.80 24.46
C ALA A 707 -30.15 9.84 24.31
N ALA A 708 -31.41 9.43 24.24
CA ALA A 708 -32.52 10.35 24.05
C ALA A 708 -33.19 10.63 25.38
N GLU A 709 -33.39 11.92 25.69
CA GLU A 709 -34.27 12.29 26.80
C GLU A 709 -35.71 12.25 26.30
N VAL A 710 -36.49 11.39 26.89
CA VAL A 710 -37.87 11.25 26.45
C VAL A 710 -38.72 12.27 27.22
N LYS A 711 -39.79 12.71 26.57
CA LYS A 711 -40.79 13.55 27.20
C LYS A 711 -42.05 13.48 26.36
N ASP A 712 -43.19 13.32 27.01
CA ASP A 712 -44.45 13.47 26.31
C ASP A 712 -44.67 14.94 26.01
N LYS A 713 -45.00 15.25 24.74
CA LYS A 713 -45.16 16.65 24.33
C LYS A 713 -46.33 17.33 25.05
N LYS A 714 -47.28 16.56 25.56
CA LYS A 714 -48.35 17.09 26.40
C LYS A 714 -48.02 17.06 27.89
N THR A 715 -46.87 16.51 28.27
CA THR A 715 -46.40 16.55 29.65
C THR A 715 -45.13 17.36 29.82
N GLY A 716 -44.22 17.32 28.85
CA GLY A 716 -43.04 18.19 28.87
C GLY A 716 -41.91 17.83 29.77
N GLU A 717 -42.20 17.53 31.04
CA GLU A 717 -41.16 17.07 31.95
C GLU A 717 -40.60 15.74 31.46
N ILE A 718 -39.29 15.57 31.61
CA ILE A 718 -38.60 14.43 31.01
C ILE A 718 -38.91 13.18 31.82
N LEU A 719 -39.47 12.17 31.15
CA LEU A 719 -39.75 10.91 31.81
C LEU A 719 -38.48 10.06 31.96
N ARG A 720 -37.54 10.19 31.04
CA ARG A 720 -36.26 9.49 31.10
C ARG A 720 -35.15 10.44 30.73
N LYS A 721 -34.02 10.32 31.43
CA LYS A 721 -32.87 11.19 31.24
C LYS A 721 -31.95 10.62 30.17
N ARG A 722 -31.01 11.45 29.71
CA ARG A 722 -29.91 11.02 28.86
C ARG A 722 -29.14 9.89 29.54
N CYS A 723 -29.25 8.69 29.01
CA CYS A 723 -28.55 7.53 29.58
C CYS A 723 -27.33 7.20 28.75
N ALA A 724 -26.23 6.90 29.43
CA ALA A 724 -25.01 6.48 28.77
C ALA A 724 -25.12 5.03 28.32
N VAL A 725 -24.06 4.53 27.70
CA VAL A 725 -24.01 3.15 27.21
C VAL A 725 -22.94 2.40 27.98
N HIS A 726 -23.26 1.18 28.39
CA HIS A 726 -22.37 0.40 29.25
C HIS A 726 -22.39 -1.06 28.86
N TRP A 727 -21.20 -1.67 28.83
CA TRP A 727 -21.08 -3.11 28.59
C TRP A 727 -19.81 -3.62 29.25
N VAL A 728 -19.69 -4.95 29.27
CA VAL A 728 -18.51 -5.61 29.83
C VAL A 728 -18.01 -6.64 28.83
N THR A 729 -16.70 -6.61 28.58
CA THR A 729 -16.07 -7.54 27.66
C THR A 729 -16.00 -8.94 28.27
N PRO A 730 -15.80 -9.98 27.45
CA PRO A 730 -15.85 -11.36 28.00
C PRO A 730 -14.75 -11.68 29.00
N ASP A 731 -13.64 -10.93 29.03
CA ASP A 731 -12.61 -11.17 30.03
C ASP A 731 -12.78 -10.30 31.28
N GLY A 732 -13.89 -9.56 31.37
CA GLY A 732 -14.26 -8.87 32.59
C GLY A 732 -14.07 -7.37 32.60
N PHE A 733 -13.53 -6.79 31.52
CA PHE A 733 -13.29 -5.35 31.49
C PHE A 733 -14.60 -4.59 31.27
N PRO A 734 -14.99 -3.69 32.16
CA PRO A 734 -16.16 -2.85 31.89
C PRO A 734 -15.77 -1.58 31.16
N VAL A 735 -16.73 -1.02 30.42
CA VAL A 735 -16.49 0.18 29.64
C VAL A 735 -17.75 1.03 29.63
N TRP A 736 -17.60 2.30 29.99
CA TRP A 736 -18.67 3.29 29.97
C TRP A 736 -18.46 4.18 28.76
N GLN A 737 -19.46 4.28 27.89
CA GLN A 737 -19.46 5.27 26.83
C GLN A 737 -20.41 6.39 27.21
N GLU A 738 -19.85 7.60 27.39
CA GLU A 738 -20.63 8.77 27.76
C GLU A 738 -20.00 10.00 27.11
N TYR A 739 -20.19 10.13 25.80
CA TYR A 739 -19.75 11.30 25.07
C TYR A 739 -20.55 12.52 25.55
N LYS A 740 -19.85 13.54 26.02
CA LYS A 740 -20.50 14.74 26.53
C LYS A 740 -20.06 15.95 25.72
N LYS A 741 -20.96 16.92 25.61
CA LYS A 741 -20.66 18.13 24.87
C LYS A 741 -20.74 19.35 25.79
N PRO A 742 -19.85 20.31 25.61
CA PRO A 742 -19.99 21.59 26.32
C PRO A 742 -21.18 22.38 25.78
N ILE A 743 -21.64 23.33 26.59
CA ILE A 743 -22.85 24.06 26.22
C ILE A 743 -22.54 25.33 25.43
N GLN A 744 -21.39 25.97 25.66
CA GLN A 744 -21.01 27.20 24.97
C GLN A 744 -19.58 27.11 24.47
N THR A 745 -19.38 27.53 23.21
CA THR A 745 -18.07 27.60 22.60
C THR A 745 -18.04 28.81 21.66
N ARG A 746 -16.88 29.47 21.59
CA ARG A 746 -16.70 30.67 20.78
C ARG A 746 -15.45 30.51 19.93
N LEU A 747 -15.51 31.03 18.70
CA LEU A 747 -14.40 30.93 17.76
C LEU A 747 -14.07 32.30 17.19
N ASN A 748 -12.78 32.56 17.01
CA ASN A 748 -12.28 33.76 16.36
C ASN A 748 -11.58 33.38 15.06
N LEU A 749 -11.56 34.31 14.12
CA LEU A 749 -11.02 33.99 12.80
C LEU A 749 -9.50 33.98 12.80
N MET A 750 -8.88 35.00 13.39
CA MET A 750 -7.43 35.10 13.40
C MET A 750 -6.80 34.62 14.70
N PHE A 751 -7.57 34.50 15.77
CA PHE A 751 -7.06 34.02 17.05
C PHE A 751 -7.68 32.67 17.39
N LEU A 752 -7.11 32.02 18.39
CA LEU A 752 -7.58 30.70 18.80
C LEU A 752 -8.95 30.80 19.46
N GLY A 753 -9.76 29.76 19.26
CA GLY A 753 -11.05 29.69 19.93
C GLY A 753 -10.88 29.20 21.36
N GLN A 754 -11.58 29.86 22.28
CA GLN A 754 -11.50 29.54 23.70
C GLN A 754 -12.90 29.38 24.28
N PHE A 755 -12.99 28.52 25.29
CA PHE A 755 -14.28 28.20 25.89
C PHE A 755 -14.77 29.33 26.79
N ARG A 756 -16.07 29.30 27.08
CA ARG A 756 -16.70 30.30 27.93
C ARG A 756 -16.44 30.02 29.41
N ASP A 766 -24.18 16.98 35.35
CA ASP A 766 -23.12 17.93 35.05
C ASP A 766 -23.33 18.55 33.67
N SER A 767 -22.74 17.94 32.65
CA SER A 767 -22.91 18.36 31.27
C SER A 767 -23.78 17.36 30.53
N GLU A 768 -24.39 17.83 29.44
CA GLU A 768 -25.31 17.01 28.68
C GLU A 768 -24.59 15.96 27.87
N ILE A 769 -25.25 14.81 27.70
CA ILE A 769 -24.73 13.75 26.83
C ILE A 769 -24.95 14.16 25.38
N ASP A 770 -23.92 14.03 24.54
CA ASP A 770 -24.01 14.25 23.12
C ASP A 770 -24.56 12.97 22.49
N ALA A 771 -25.82 13.01 22.03
CA ALA A 771 -26.46 11.85 21.44
C ALA A 771 -25.81 11.44 20.13
N HIS A 772 -25.31 12.40 19.34
CA HIS A 772 -24.74 12.07 18.04
C HIS A 772 -23.42 11.30 18.19
N LYS A 773 -22.52 11.79 19.05
CA LYS A 773 -21.24 11.11 19.26
C LYS A 773 -21.44 9.75 19.92
N GLN A 774 -22.51 9.59 20.71
CA GLN A 774 -22.85 8.29 21.27
C GLN A 774 -23.18 7.30 20.15
N GLU A 775 -23.98 7.73 19.18
CA GLU A 775 -24.30 6.84 18.06
C GLU A 775 -23.15 6.72 17.08
N SER A 776 -22.37 7.78 16.89
CA SER A 776 -21.26 7.73 15.96
C SER A 776 -20.16 6.81 16.45
N GLY A 777 -20.02 6.65 17.76
CA GLY A 777 -18.91 5.89 18.30
C GLY A 777 -19.24 4.55 18.92
N ILE A 778 -20.52 4.18 19.00
CA ILE A 778 -20.90 2.99 19.76
C ILE A 778 -20.40 1.71 19.08
N ALA A 779 -20.56 1.61 17.77
CA ALA A 779 -20.15 0.43 17.03
C ALA A 779 -18.64 0.29 16.90
N PRO A 780 -17.85 1.36 16.63
CA PRO A 780 -16.39 1.15 16.64
C PRO A 780 -15.84 0.84 18.01
N ASN A 781 -16.32 1.51 19.06
CA ASN A 781 -15.79 1.29 20.39
C ASN A 781 -16.17 -0.08 20.93
N PHE A 782 -17.37 -0.58 20.60
CA PHE A 782 -17.77 -1.91 21.03
C PHE A 782 -16.87 -2.98 20.42
N VAL A 783 -16.63 -2.90 19.12
CA VAL A 783 -15.82 -3.93 18.47
C VAL A 783 -14.35 -3.75 18.82
N HIS A 784 -13.94 -2.54 19.19
CA HIS A 784 -12.57 -2.34 19.67
C HIS A 784 -12.40 -2.90 21.07
N SER A 785 -13.45 -2.79 21.91
CA SER A 785 -13.40 -3.41 23.23
C SER A 785 -13.36 -4.93 23.12
N GLN A 786 -13.96 -5.49 22.07
CA GLN A 786 -13.92 -6.94 21.89
C GLN A 786 -12.55 -7.40 21.43
N ASP A 787 -11.87 -6.64 20.56
CA ASP A 787 -10.55 -7.08 20.12
C ASP A 787 -9.51 -6.88 21.20
N GLY A 788 -9.69 -5.87 22.05
CA GLY A 788 -8.80 -5.71 23.20
C GLY A 788 -8.99 -6.81 24.21
N SER A 789 -10.23 -7.27 24.40
CA SER A 789 -10.48 -8.44 25.24
C SER A 789 -9.90 -9.69 24.60
N HIS A 790 -9.96 -9.79 23.28
CA HIS A 790 -9.33 -10.91 22.59
C HIS A 790 -7.81 -10.86 22.74
N LEU A 791 -7.22 -9.66 22.64
CA LEU A 791 -5.78 -9.53 22.82
C LEU A 791 -5.38 -9.85 24.25
N ARG A 792 -6.18 -9.40 25.23
CA ARG A 792 -5.91 -9.71 26.62
C ARG A 792 -6.03 -11.21 26.88
N LYS A 793 -7.13 -11.82 26.42
CA LYS A 793 -7.33 -13.25 26.61
C LYS A 793 -6.26 -14.08 25.88
N THR A 794 -5.76 -13.58 24.74
CA THR A 794 -4.70 -14.30 24.02
C THR A 794 -3.39 -14.26 24.80
N VAL A 795 -3.10 -13.15 25.47
CA VAL A 795 -1.86 -13.01 26.21
C VAL A 795 -1.82 -13.99 27.38
N VAL A 796 -2.94 -14.14 28.10
CA VAL A 796 -2.93 -15.09 29.21
C VAL A 796 -2.95 -16.53 28.69
N TRP A 797 -3.72 -16.82 27.63
CA TRP A 797 -3.80 -18.20 27.15
C TRP A 797 -2.47 -18.65 26.59
N ALA A 798 -1.74 -17.74 25.92
CA ALA A 798 -0.41 -18.08 25.43
C ALA A 798 0.60 -18.21 26.58
N HIS A 799 0.33 -17.55 27.71
CA HIS A 799 1.27 -17.56 28.83
C HIS A 799 1.04 -18.72 29.79
N GLU A 800 -0.19 -19.20 29.93
CA GLU A 800 -0.49 -20.27 30.88
C GLU A 800 -0.68 -21.64 30.23
N LYS A 801 -1.30 -21.72 29.04
CA LYS A 801 -1.38 -23.01 28.37
C LYS A 801 -0.04 -23.38 27.73
N TYR A 802 0.68 -22.39 27.21
CA TYR A 802 2.01 -22.54 26.65
C TYR A 802 2.97 -21.69 27.46
N GLY A 803 4.26 -21.84 27.19
CA GLY A 803 5.24 -21.17 28.03
C GLY A 803 5.68 -19.80 27.53
N ILE A 804 4.80 -19.10 26.83
CA ILE A 804 5.19 -17.86 26.17
C ILE A 804 5.33 -16.75 27.19
N GLU A 805 6.49 -16.09 27.19
CA GLU A 805 6.79 -15.00 28.11
C GLU A 805 6.99 -13.66 27.43
N SER A 806 7.34 -13.64 26.13
CA SER A 806 7.62 -12.41 25.42
C SER A 806 6.50 -12.15 24.42
N PHE A 807 5.99 -10.92 24.41
CA PHE A 807 4.80 -10.57 23.65
C PHE A 807 5.00 -9.27 22.92
N ALA A 808 4.75 -9.29 21.61
CA ALA A 808 4.69 -8.09 20.78
C ALA A 808 3.22 -7.86 20.43
N LEU A 809 2.66 -6.76 20.91
CA LEU A 809 1.22 -6.50 20.79
C LEU A 809 0.98 -5.12 20.20
N ILE A 810 0.31 -5.07 19.05
CA ILE A 810 -0.20 -3.82 18.50
C ILE A 810 -1.66 -4.02 18.13
N HIS A 811 -2.54 -4.15 19.13
CA HIS A 811 -3.99 -4.24 18.96
C HIS A 811 -4.43 -5.37 18.03
N ASP A 812 -4.04 -5.27 16.76
CA ASP A 812 -4.32 -6.27 15.73
C ASP A 812 -3.28 -7.38 15.68
N SER A 813 -2.03 -7.07 16.00
CA SER A 813 -0.91 -7.98 15.75
C SER A 813 -0.44 -8.62 17.04
N PHE A 814 -0.07 -9.90 16.95
CA PHE A 814 0.40 -10.68 18.08
C PHE A 814 1.75 -11.27 17.70
N GLY A 815 2.77 -10.97 18.48
CA GLY A 815 4.12 -11.38 18.14
C GLY A 815 4.85 -11.97 19.33
N THR A 816 5.73 -12.92 19.03
CA THR A 816 6.61 -13.52 20.02
C THR A 816 7.88 -14.00 19.33
N ILE A 817 8.76 -14.65 20.09
CA ILE A 817 10.00 -15.21 19.58
C ILE A 817 9.67 -16.33 18.60
N PRO A 818 10.57 -16.69 17.67
CA PRO A 818 10.23 -17.73 16.69
C PRO A 818 9.96 -19.10 17.30
N ALA A 819 10.61 -19.44 18.40
CA ALA A 819 10.35 -20.74 19.04
C ALA A 819 8.92 -20.82 19.56
N ASP A 820 8.40 -19.71 20.06
CA ASP A 820 7.04 -19.64 20.56
C ASP A 820 6.03 -19.24 19.50
N ALA A 821 6.46 -19.08 18.25
CA ALA A 821 5.59 -18.51 17.23
C ALA A 821 4.46 -19.46 16.87
N ALA A 822 4.76 -20.75 16.75
CA ALA A 822 3.73 -21.73 16.41
C ALA A 822 2.67 -21.81 17.49
N ASN A 823 3.06 -21.67 18.75
CA ASN A 823 2.12 -21.76 19.85
C ASN A 823 1.27 -20.50 19.97
N LEU A 824 1.86 -19.32 19.75
CA LEU A 824 1.07 -18.10 19.72
C LEU A 824 0.09 -18.11 18.56
N PHE A 825 0.52 -18.69 17.43
CA PHE A 825 -0.37 -18.92 16.29
C PHE A 825 -1.57 -19.76 16.71
N LYS A 826 -1.36 -20.76 17.57
CA LYS A 826 -2.47 -21.54 18.10
C LYS A 826 -3.32 -20.69 19.04
N ALA A 827 -2.69 -20.08 20.05
CA ALA A 827 -3.41 -19.48 21.17
C ALA A 827 -4.29 -18.32 20.74
N VAL A 828 -3.88 -17.56 19.72
CA VAL A 828 -4.72 -16.47 19.26
C VAL A 828 -5.98 -16.99 18.56
N ARG A 829 -5.95 -18.21 18.04
CA ARG A 829 -7.14 -18.81 17.44
C ARG A 829 -8.05 -19.39 18.51
N GLU A 830 -7.48 -20.10 19.48
CA GLU A 830 -8.29 -20.79 20.49
C GLU A 830 -9.06 -19.81 21.36
N THR A 831 -8.50 -18.62 21.59
CA THR A 831 -9.18 -17.64 22.43
C THR A 831 -10.46 -17.12 21.78
N MET A 832 -10.41 -16.82 20.48
CA MET A 832 -11.59 -16.26 19.82
C MET A 832 -12.72 -17.28 19.75
N VAL A 833 -12.40 -18.55 19.46
CA VAL A 833 -13.46 -19.55 19.38
C VAL A 833 -13.94 -19.93 20.76
N ASP A 834 -13.13 -19.73 21.80
CA ASP A 834 -13.62 -19.94 23.15
C ASP A 834 -14.51 -18.79 23.59
N THR A 835 -14.15 -17.57 23.18
CA THR A 835 -14.88 -16.37 23.61
C THR A 835 -16.29 -16.36 23.02
N TYR A 836 -16.41 -16.63 21.72
CA TYR A 836 -17.70 -16.52 21.07
C TYR A 836 -18.53 -17.80 21.18
N GLU A 837 -17.94 -18.92 21.55
CA GLU A 837 -18.74 -20.08 21.94
C GLU A 837 -19.34 -19.91 23.32
N SER A 838 -18.66 -19.17 24.20
CA SER A 838 -19.11 -18.98 25.57
C SER A 838 -20.11 -17.83 25.68
N CYS A 839 -19.75 -16.66 25.16
CA CYS A 839 -20.51 -15.44 25.37
C CYS A 839 -21.13 -14.97 24.06
N ASP A 840 -22.43 -14.68 24.10
CA ASP A 840 -23.13 -13.95 23.03
C ASP A 840 -23.03 -12.48 23.40
N VAL A 841 -21.98 -11.82 22.89
CA VAL A 841 -21.63 -10.47 23.34
C VAL A 841 -22.73 -9.47 23.01
N LEU A 842 -23.51 -9.74 21.96
CA LEU A 842 -24.63 -8.86 21.63
C LEU A 842 -25.84 -9.13 22.51
N ALA A 843 -26.03 -10.38 22.93
CA ALA A 843 -27.14 -10.69 23.83
C ALA A 843 -26.84 -10.21 25.25
N ASP A 844 -25.58 -10.31 25.68
CA ASP A 844 -25.20 -9.75 26.97
C ASP A 844 -25.28 -8.22 26.95
N PHE A 845 -24.99 -7.62 25.80
CA PHE A 845 -25.14 -6.18 25.66
C PHE A 845 -26.59 -5.75 25.84
N TYR A 846 -27.52 -6.53 25.30
CA TYR A 846 -28.94 -6.23 25.45
C TYR A 846 -29.37 -6.33 26.91
N ASP A 847 -28.82 -7.29 27.65
CA ASP A 847 -29.17 -7.46 29.06
C ASP A 847 -28.70 -6.30 29.92
N GLN A 848 -27.73 -5.50 29.44
CA GLN A 848 -27.29 -4.33 30.20
C GLN A 848 -28.32 -3.22 30.15
N PHE A 849 -28.73 -2.80 28.96
CA PHE A 849 -29.53 -1.59 28.82
C PHE A 849 -31.04 -1.84 28.81
N ALA A 850 -31.49 -3.09 28.78
CA ALA A 850 -32.92 -3.37 28.57
C ALA A 850 -33.78 -2.82 29.70
N ASP A 851 -33.23 -2.69 30.90
CA ASP A 851 -33.99 -2.08 31.99
C ASP A 851 -34.11 -0.57 31.80
N GLN A 852 -33.05 0.05 31.26
CA GLN A 852 -32.99 1.50 31.09
C GLN A 852 -33.85 2.03 29.95
N LEU A 853 -34.67 1.19 29.31
CA LEU A 853 -35.47 1.60 28.17
C LEU A 853 -36.86 2.06 28.62
N HIS A 854 -37.26 3.24 28.15
CA HIS A 854 -38.60 3.78 28.38
C HIS A 854 -39.63 2.93 27.65
N GLU A 855 -40.81 2.75 28.28
CA GLU A 855 -41.88 1.91 27.75
C GLU A 855 -42.31 2.32 26.33
N SER A 856 -42.13 3.58 25.95
CA SER A 856 -42.47 3.97 24.60
C SER A 856 -41.37 3.67 23.59
N GLN A 857 -40.20 3.21 24.04
CA GLN A 857 -39.09 2.90 23.15
C GLN A 857 -38.96 1.43 22.79
N LEU A 858 -39.70 0.53 23.48
CA LEU A 858 -39.54 -0.90 23.23
C LEU A 858 -40.04 -1.29 21.84
N ASP A 859 -41.09 -0.62 21.34
CA ASP A 859 -41.60 -0.95 20.02
C ASP A 859 -40.64 -0.53 18.92
N LYS A 860 -39.82 0.49 19.17
CA LYS A 860 -38.86 0.97 18.18
C LYS A 860 -37.54 0.23 18.22
N MET A 861 -37.25 -0.51 19.28
CA MET A 861 -35.94 -1.16 19.41
C MET A 861 -35.86 -2.36 18.46
N PRO A 862 -34.81 -2.45 17.63
CA PRO A 862 -34.68 -3.61 16.76
C PRO A 862 -34.27 -4.85 17.53
N ALA A 863 -34.68 -6.00 17.00
CA ALA A 863 -34.33 -7.27 17.61
C ALA A 863 -32.89 -7.63 17.28
N LEU A 864 -32.35 -8.58 18.04
CA LEU A 864 -30.99 -9.04 17.82
C LEU A 864 -30.86 -9.67 16.43
N PRO A 865 -29.79 -9.37 15.70
CA PRO A 865 -29.62 -9.96 14.36
C PRO A 865 -29.45 -11.48 14.44
N ALA A 866 -29.88 -12.15 13.38
CA ALA A 866 -29.93 -13.60 13.37
C ALA A 866 -28.54 -14.20 13.20
N LYS A 867 -28.30 -15.29 13.90
CA LYS A 867 -27.03 -16.00 13.80
C LYS A 867 -26.99 -16.83 12.52
N GLY A 868 -25.79 -16.95 11.94
CA GLY A 868 -25.62 -17.59 10.66
C GLY A 868 -25.04 -18.99 10.76
N ASN A 869 -24.47 -19.44 9.63
CA ASN A 869 -24.05 -20.83 9.46
C ASN A 869 -22.58 -21.07 9.78
N LEU A 870 -21.90 -20.11 10.37
CA LEU A 870 -20.47 -20.22 10.58
C LEU A 870 -20.15 -21.17 11.73
N ASN A 871 -19.15 -22.01 11.52
CA ASN A 871 -18.57 -22.83 12.58
C ASN A 871 -17.36 -22.11 13.12
N LEU A 872 -17.38 -21.82 14.43
CA LEU A 872 -16.23 -21.15 15.03
C LEU A 872 -15.01 -22.06 15.06
N ARG A 873 -15.22 -23.38 15.16
CA ARG A 873 -14.09 -24.31 15.23
C ARG A 873 -13.25 -24.31 13.96
N ASP A 874 -13.80 -23.86 12.83
CA ASP A 874 -13.02 -23.74 11.61
C ASP A 874 -11.97 -22.65 11.69
N ILE A 875 -12.11 -21.70 12.62
CA ILE A 875 -11.09 -20.68 12.82
C ILE A 875 -9.78 -21.32 13.28
N LEU A 876 -9.87 -22.44 14.02
CA LEU A 876 -8.69 -23.14 14.52
C LEU A 876 -7.83 -23.69 13.39
N GLU A 877 -8.40 -23.90 12.19
CA GLU A 877 -7.66 -24.44 11.05
C GLU A 877 -7.57 -23.46 9.89
N SER A 878 -7.73 -22.16 10.15
CA SER A 878 -7.59 -21.13 9.12
C SER A 878 -6.18 -20.56 9.19
N ASP A 879 -5.43 -20.69 8.08
CA ASP A 879 -4.05 -20.23 8.07
C ASP A 879 -3.96 -18.71 8.09
N PHE A 880 -4.93 -18.04 7.48
CA PHE A 880 -4.79 -16.63 7.15
C PHE A 880 -5.64 -15.73 8.04
N ALA A 881 -6.33 -16.29 9.03
CA ALA A 881 -6.92 -15.45 10.07
C ALA A 881 -5.84 -14.67 10.79
N PHE A 882 -4.68 -15.29 11.01
CA PHE A 882 -3.49 -14.75 11.70
C PHE A 882 -3.76 -14.42 13.16
N ALA A 883 -5.03 -14.36 13.55
CA ALA A 883 -5.50 -13.81 14.81
C ALA A 883 -7.00 -14.06 14.93
C12 S8U B 10 -12.03 7.64 8.71
C13 S8U B 10 -10.99 7.26 9.76
C1' S8U B 10 -13.98 7.87 10.12
C15 S8U B 10 -11.79 7.79 7.33
C16 S8U B 10 -12.97 8.13 6.73
C17 S8U B 10 -13.94 8.20 7.71
C2' S8U B 10 -14.31 9.35 10.56
C3' S8U B 10 -15.23 9.21 11.34
C4' S8U B 10 -16.10 7.90 10.79
C5' S8U B 10 -17.30 8.39 10.03
N11 S8U B 10 -13.35 7.89 8.94
O14 S8U B 10 -9.96 6.82 9.42
O3' S8U B 10 -14.67 8.95 12.70
O4' S8U B 10 -15.34 7.22 10.04
O5' S8U B 10 -17.03 8.33 8.67
OP1 S8U B 10 -16.70 10.72 7.64
OP2 S8U B 10 -17.56 8.90 6.27
P S8U B 10 -17.54 9.48 7.62
N THR E 3 15.65 -2.28 -41.23
CA THR E 3 16.33 -1.25 -42.00
C THR E 3 17.59 -0.77 -41.29
N ILE E 4 18.33 -1.72 -40.73
CA ILE E 4 19.55 -1.42 -39.99
C ILE E 4 20.70 -2.18 -40.63
N ASN E 5 21.88 -1.55 -40.67
CA ASN E 5 23.10 -2.18 -41.15
C ASN E 5 24.16 -2.06 -40.08
N ILE E 6 24.77 -3.18 -39.71
CA ILE E 6 25.76 -3.19 -38.65
C ILE E 6 27.14 -3.03 -39.27
N ALA E 7 27.79 -1.90 -38.99
CA ALA E 7 29.15 -1.65 -39.46
C ALA E 7 30.23 -2.32 -38.60
N LYS E 8 29.89 -3.41 -37.88
CA LYS E 8 30.84 -4.01 -36.95
C LYS E 8 31.98 -4.71 -37.67
N ASN E 9 31.73 -5.27 -38.85
CA ASN E 9 32.83 -5.84 -39.63
C ASN E 9 33.85 -4.77 -39.98
N ASP E 10 33.36 -3.56 -40.24
CA ASP E 10 34.26 -2.43 -40.45
C ASP E 10 34.88 -1.96 -39.14
N PHE E 11 34.16 -2.11 -38.01
CA PHE E 11 34.75 -1.81 -36.72
C PHE E 11 35.82 -2.83 -36.33
N SER E 12 35.78 -4.02 -36.92
CA SER E 12 36.78 -5.03 -36.64
C SER E 12 38.11 -4.73 -37.34
N ASP E 13 38.11 -3.91 -38.40
CA ASP E 13 39.32 -3.71 -39.18
C ASP E 13 40.35 -2.86 -38.46
N ILE E 14 39.91 -1.93 -37.60
CA ILE E 14 40.89 -1.08 -36.91
C ILE E 14 41.65 -1.90 -35.87
N GLU E 15 41.07 -2.98 -35.37
CA GLU E 15 41.78 -3.90 -34.49
C GLU E 15 42.64 -4.89 -35.28
N LEU E 16 42.23 -5.21 -36.51
CA LEU E 16 42.96 -6.21 -37.29
C LEU E 16 44.26 -5.66 -37.85
N ALA E 17 44.35 -4.34 -38.04
CA ALA E 17 45.51 -3.75 -38.69
C ALA E 17 46.76 -3.90 -37.84
N ALA E 18 47.87 -4.27 -38.48
CA ALA E 18 49.08 -4.64 -37.76
C ALA E 18 50.02 -3.46 -37.54
N ILE E 19 49.96 -2.41 -38.34
CA ILE E 19 50.86 -1.27 -38.15
C ILE E 19 50.47 -0.42 -36.93
N PRO E 20 49.17 -0.29 -36.48
CA PRO E 20 48.99 0.32 -35.16
C PRO E 20 49.30 -0.67 -34.04
N PHE E 21 49.11 -1.97 -34.31
CA PHE E 21 49.45 -2.99 -33.34
C PHE E 21 50.96 -3.05 -33.11
N ASN E 22 51.74 -3.01 -34.20
CA ASN E 22 53.19 -3.09 -34.06
C ASN E 22 53.75 -1.84 -33.40
N THR E 23 53.28 -0.66 -33.81
CA THR E 23 53.78 0.60 -33.26
C THR E 23 53.46 0.75 -31.77
N LEU E 24 52.36 0.17 -31.31
CA LEU E 24 52.03 0.25 -29.90
C LEU E 24 52.82 -0.75 -29.06
N ALA E 25 53.23 -1.87 -29.65
CA ALA E 25 53.82 -2.96 -28.86
C ALA E 25 55.28 -2.70 -28.53
N ASP E 26 56.05 -2.14 -29.48
CA ASP E 26 57.47 -1.91 -29.24
C ASP E 26 57.72 -0.71 -28.33
N HIS E 27 56.68 0.02 -27.95
CA HIS E 27 56.77 1.13 -27.01
C HIS E 27 56.11 0.85 -25.68
N TYR E 28 54.94 0.19 -25.69
CA TYR E 28 54.17 -0.01 -24.47
C TYR E 28 53.77 -1.46 -24.23
N GLY E 29 54.19 -2.39 -25.08
CA GLY E 29 53.86 -3.78 -24.90
C GLY E 29 52.67 -4.21 -25.72
N GLU E 30 52.64 -5.50 -26.07
CA GLU E 30 51.48 -6.05 -26.76
C GLU E 30 50.24 -5.98 -25.88
N ARG E 31 50.40 -6.06 -24.56
CA ARG E 31 49.24 -6.22 -23.67
C ARG E 31 48.52 -4.91 -23.40
N LEU E 32 49.21 -3.77 -23.48
CA LEU E 32 48.50 -2.50 -23.50
C LEU E 32 48.07 -2.11 -24.90
N ALA E 33 48.68 -2.71 -25.92
CA ALA E 33 48.28 -2.48 -27.30
C ALA E 33 46.84 -2.94 -27.50
N ARG E 34 46.62 -4.27 -27.60
CA ARG E 34 45.31 -4.81 -27.97
C ARG E 34 44.18 -4.36 -27.04
N GLU E 35 44.49 -3.96 -25.81
CA GLU E 35 43.44 -3.37 -24.96
C GLU E 35 43.06 -1.97 -25.43
N GLN E 36 44.05 -1.20 -25.91
CA GLN E 36 43.75 0.13 -26.45
C GLN E 36 42.89 0.03 -27.70
N LEU E 37 43.27 -0.85 -28.64
CA LEU E 37 42.48 -0.98 -29.86
C LEU E 37 41.12 -1.64 -29.60
N ALA E 38 41.01 -2.50 -28.58
CA ALA E 38 39.70 -3.06 -28.25
C ALA E 38 38.78 -2.01 -27.63
N LEU E 39 39.35 -1.04 -26.92
CA LEU E 39 38.54 0.03 -26.34
C LEU E 39 38.03 0.97 -27.43
N GLU E 40 38.88 1.28 -28.41
CA GLU E 40 38.45 2.11 -29.54
C GLU E 40 37.38 1.38 -30.36
N HIS E 41 37.54 0.07 -30.54
CA HIS E 41 36.51 -0.71 -31.21
C HIS E 41 35.22 -0.76 -30.38
N GLU E 42 35.35 -0.90 -29.06
CA GLU E 42 34.18 -0.85 -28.19
C GLU E 42 33.54 0.52 -28.21
N SER E 43 34.33 1.58 -28.41
CA SER E 43 33.81 2.94 -28.46
C SER E 43 32.84 3.10 -29.63
N TYR E 44 33.32 2.83 -30.85
CA TYR E 44 32.50 2.99 -32.04
C TYR E 44 31.28 2.07 -32.01
N GLU E 45 31.40 0.91 -31.37
CA GLU E 45 30.26 0.01 -31.23
C GLU E 45 29.20 0.60 -30.32
N MET E 46 29.62 1.24 -29.22
CA MET E 46 28.65 1.87 -28.32
C MET E 46 28.00 3.08 -28.96
N GLY E 47 28.72 3.78 -29.84
CA GLY E 47 28.11 4.90 -30.55
C GLY E 47 27.09 4.45 -31.58
N GLU E 48 27.37 3.34 -32.27
CA GLU E 48 26.38 2.77 -33.18
C GLU E 48 25.17 2.26 -32.42
N ALA E 49 25.40 1.65 -31.25
CA ALA E 49 24.31 1.17 -30.42
C ALA E 49 23.47 2.32 -29.86
N ARG E 50 24.10 3.46 -29.58
CA ARG E 50 23.36 4.63 -29.11
C ARG E 50 22.44 5.16 -30.21
N PHE E 51 22.89 5.10 -31.46
CA PHE E 51 22.05 5.51 -32.57
C PHE E 51 20.90 4.53 -32.78
N ARG E 52 21.16 3.24 -32.57
CA ARG E 52 20.14 2.22 -32.83
C ARG E 52 18.97 2.35 -31.86
N LYS E 53 19.25 2.70 -30.61
CA LYS E 53 18.17 3.00 -29.67
C LYS E 53 17.46 4.29 -30.05
N MET E 54 18.21 5.27 -30.58
CA MET E 54 17.63 6.56 -30.92
C MET E 54 16.65 6.44 -32.08
N PHE E 55 17.03 5.71 -33.14
CA PHE E 55 16.19 5.59 -34.32
C PHE E 55 14.88 4.88 -34.01
N GLU E 56 14.95 3.77 -33.27
CA GLU E 56 13.76 2.97 -33.00
C GLU E 56 12.73 3.71 -32.15
N ARG E 57 13.17 4.71 -31.38
CA ARG E 57 12.24 5.46 -30.54
C ARG E 57 11.51 6.53 -31.33
N GLN E 58 12.23 7.28 -32.16
CA GLN E 58 11.58 8.31 -32.97
C GLN E 58 10.81 7.72 -34.12
N LEU E 59 11.19 6.52 -34.58
CA LEU E 59 10.39 5.80 -35.57
C LEU E 59 9.04 5.42 -34.98
N LYS E 60 9.04 4.89 -33.76
CA LYS E 60 7.78 4.67 -33.05
C LYS E 60 7.11 6.00 -32.72
N ALA E 61 7.85 7.00 -32.22
CA ALA E 61 7.17 8.25 -31.88
C ALA E 61 6.70 9.03 -33.10
N GLY E 62 7.22 8.72 -34.28
CA GLY E 62 6.93 9.49 -35.48
C GLY E 62 7.95 10.56 -35.77
N GLU E 63 8.90 10.79 -34.86
CA GLU E 63 9.94 11.79 -35.07
C GLU E 63 11.08 11.30 -35.96
N VAL E 64 10.83 10.25 -36.76
CA VAL E 64 11.83 9.73 -37.69
C VAL E 64 12.12 10.76 -38.79
N ALA E 65 11.13 11.60 -39.12
CA ALA E 65 11.32 12.64 -40.13
C ALA E 65 12.28 13.72 -39.66
N ASP E 66 12.43 13.93 -38.34
CA ASP E 66 13.38 14.91 -37.82
C ASP E 66 14.81 14.38 -37.75
N ASN E 67 15.02 13.09 -38.01
CA ASN E 67 16.36 12.51 -37.98
C ASN E 67 17.21 13.07 -39.11
N ALA E 68 18.53 13.07 -38.88
CA ALA E 68 19.46 13.50 -39.92
C ALA E 68 19.60 12.49 -41.05
N ALA E 69 19.24 11.22 -40.81
CA ALA E 69 19.33 10.21 -41.86
C ALA E 69 18.20 10.33 -42.86
N ALA E 70 17.06 10.85 -42.44
CA ALA E 70 15.96 11.11 -43.36
C ALA E 70 16.05 12.47 -44.04
N LYS E 71 16.87 13.37 -43.51
CA LYS E 71 17.01 14.70 -44.08
C LYS E 71 17.53 14.77 -45.53
N PRO E 72 18.55 14.00 -45.95
CA PRO E 72 19.08 14.23 -47.32
C PRO E 72 18.13 13.81 -48.42
N LEU E 73 17.20 12.90 -48.15
CA LEU E 73 16.23 12.53 -49.19
C LEU E 73 15.14 13.58 -49.33
N ILE E 74 14.56 14.02 -48.21
CA ILE E 74 13.48 15.01 -48.27
C ILE E 74 13.94 16.38 -48.72
N THR E 75 15.25 16.63 -48.75
CA THR E 75 15.74 17.89 -49.32
C THR E 75 15.62 17.87 -50.84
N THR E 76 15.88 16.72 -51.47
CA THR E 76 15.64 16.57 -52.90
C THR E 76 14.21 16.16 -53.22
N LEU E 77 13.44 15.72 -52.21
CA LEU E 77 12.04 15.40 -52.40
C LEU E 77 11.15 16.63 -52.28
N LEU E 78 11.58 17.64 -51.51
CA LEU E 78 10.76 18.83 -51.30
C LEU E 78 10.47 19.65 -52.57
N PRO E 79 11.46 20.09 -53.36
CA PRO E 79 11.11 21.01 -54.46
C PRO E 79 10.33 20.36 -55.58
N LYS E 80 10.39 19.03 -55.71
CA LYS E 80 9.50 18.34 -56.64
C LYS E 80 8.06 18.40 -56.15
N MET E 81 7.87 18.46 -54.83
CA MET E 81 6.54 18.67 -54.30
C MET E 81 6.12 20.14 -54.44
N ILE E 82 7.05 21.08 -54.21
CA ILE E 82 6.71 22.50 -54.27
C ILE E 82 6.37 22.92 -55.69
N ALA E 83 7.17 22.48 -56.66
CA ALA E 83 6.88 22.81 -58.06
C ALA E 83 5.58 22.17 -58.52
N ARG E 84 5.23 21.01 -57.95
CA ARG E 84 3.97 20.38 -58.33
C ARG E 84 2.79 20.99 -57.58
N ILE E 85 2.97 21.43 -56.33
CA ILE E 85 1.81 22.00 -55.63
C ILE E 85 1.44 23.35 -56.21
N ASN E 86 2.36 24.02 -56.89
CA ASN E 86 1.99 25.26 -57.58
C ASN E 86 1.16 24.97 -58.83
N ASP E 87 1.50 23.92 -59.59
CA ASP E 87 0.81 23.72 -60.86
C ASP E 87 -0.58 23.12 -60.71
N TRP E 88 -0.87 22.41 -59.60
CA TRP E 88 -2.24 21.95 -59.39
C TRP E 88 -3.18 23.12 -59.13
N PHE E 89 -2.66 24.20 -58.55
CA PHE E 89 -3.48 25.39 -58.30
C PHE E 89 -3.78 26.08 -59.62
N ILE E 109 -2.52 28.90 -46.80
CA ILE E 109 -1.24 28.56 -46.21
C ILE E 109 -0.15 28.60 -47.28
N LYS E 110 1.09 28.82 -46.84
CA LYS E 110 2.21 28.86 -47.78
C LYS E 110 2.43 27.48 -48.39
N PRO E 111 2.64 27.38 -49.70
CA PRO E 111 2.82 26.04 -50.31
C PRO E 111 4.07 25.34 -49.84
N GLU E 112 5.17 26.08 -49.65
CA GLU E 112 6.42 25.49 -49.16
C GLU E 112 6.24 24.86 -47.77
N ALA E 113 5.31 25.38 -46.96
CA ALA E 113 4.87 24.63 -45.79
C ALA E 113 4.21 23.31 -46.21
N VAL E 114 3.07 23.40 -46.93
CA VAL E 114 2.25 22.24 -47.25
C VAL E 114 3.01 21.14 -48.00
N ALA E 115 4.09 21.48 -48.69
CA ALA E 115 4.98 20.50 -49.28
C ALA E 115 5.66 19.62 -48.25
N TYR E 116 5.66 20.04 -47.00
CA TYR E 116 6.50 19.40 -46.01
C TYR E 116 5.82 19.09 -44.69
N ILE E 117 4.55 19.50 -44.46
CA ILE E 117 3.72 18.71 -43.55
C ILE E 117 3.39 17.37 -44.21
N THR E 118 3.39 17.31 -45.53
CA THR E 118 2.97 16.09 -46.23
C THR E 118 3.98 14.97 -46.08
N ILE E 119 5.25 15.24 -46.40
CA ILE E 119 6.24 14.17 -46.33
C ILE E 119 6.54 13.81 -44.89
N LYS E 120 6.36 14.75 -43.96
CA LYS E 120 6.63 14.46 -42.55
C LYS E 120 5.53 13.61 -41.93
N THR E 121 4.26 13.93 -42.22
CA THR E 121 3.17 13.16 -41.65
C THR E 121 3.10 11.75 -42.24
N THR E 122 3.32 11.62 -43.55
CA THR E 122 3.30 10.31 -44.18
C THR E 122 4.44 9.42 -43.67
N LEU E 123 5.63 10.01 -43.46
CA LEU E 123 6.73 9.25 -42.90
C LEU E 123 6.45 8.89 -41.43
N ALA E 124 5.85 9.80 -40.69
CA ALA E 124 5.60 9.58 -39.26
C ALA E 124 4.51 8.55 -39.04
N CYS E 125 3.35 8.76 -39.67
CA CYS E 125 2.17 7.96 -39.34
C CYS E 125 2.29 6.53 -39.87
N LEU E 126 3.10 6.31 -40.90
CA LEU E 126 3.25 4.95 -41.42
C LEU E 126 4.11 4.09 -40.51
N THR E 127 5.16 4.68 -39.92
CA THR E 127 6.05 3.92 -39.06
C THR E 127 5.47 3.74 -37.66
N SER E 128 4.67 4.69 -37.19
CA SER E 128 4.21 4.74 -35.81
C SER E 128 2.91 3.96 -35.59
N ALA E 129 1.90 4.23 -36.41
CA ALA E 129 0.57 3.73 -36.17
C ALA E 129 0.39 2.27 -36.56
N ASP E 130 1.24 1.75 -37.47
CA ASP E 130 1.09 0.44 -38.09
C ASP E 130 -0.24 0.29 -38.84
N ASN E 131 -0.87 1.42 -39.19
CA ASN E 131 -2.13 1.43 -39.93
C ASN E 131 -1.87 2.11 -41.27
N THR E 132 -2.04 1.35 -42.35
CA THR E 132 -1.72 1.82 -43.69
C THR E 132 -2.92 2.41 -44.42
N THR E 133 -4.03 2.66 -43.71
CA THR E 133 -5.22 3.20 -44.35
C THR E 133 -4.97 4.63 -44.82
N VAL E 134 -5.38 4.92 -46.06
CA VAL E 134 -5.08 6.21 -46.66
C VAL E 134 -5.85 7.34 -45.98
N GLN E 135 -7.03 7.04 -45.42
CA GLN E 135 -7.85 8.08 -44.82
C GLN E 135 -7.26 8.59 -43.52
N ALA E 136 -6.67 7.68 -42.72
CA ALA E 136 -5.99 8.10 -41.51
C ALA E 136 -4.76 8.93 -41.83
N VAL E 137 -4.07 8.60 -42.92
CA VAL E 137 -2.96 9.43 -43.38
C VAL E 137 -3.47 10.74 -43.93
N ALA E 138 -4.53 10.70 -44.76
CA ALA E 138 -5.10 11.92 -45.33
C ALA E 138 -5.63 12.83 -44.25
N SER E 139 -6.23 12.27 -43.20
CA SER E 139 -6.58 13.07 -42.04
C SER E 139 -5.33 13.66 -41.40
N ALA E 140 -4.36 12.81 -41.06
CA ALA E 140 -3.16 13.25 -40.34
C ALA E 140 -2.39 14.32 -41.11
N ILE E 141 -2.43 14.30 -42.44
CA ILE E 141 -2.08 15.48 -43.22
C ILE E 141 -3.13 16.53 -42.88
N GLY E 142 -4.31 16.42 -43.50
CA GLY E 142 -5.47 17.29 -43.36
C GLY E 142 -5.65 18.19 -42.14
N ARG E 143 -5.79 17.59 -40.94
CA ARG E 143 -5.93 18.40 -39.73
C ARG E 143 -4.71 19.28 -39.49
N ALA E 144 -3.51 18.74 -39.73
CA ALA E 144 -2.29 19.38 -39.27
C ALA E 144 -2.00 20.68 -39.99
N ILE E 145 -2.50 20.85 -41.22
CA ILE E 145 -2.30 22.14 -41.89
C ILE E 145 -3.41 23.12 -41.51
N GLU E 146 -4.63 22.63 -41.27
CA GLU E 146 -5.68 23.51 -40.75
C GLU E 146 -5.32 24.02 -39.37
N ASP E 147 -4.76 23.16 -38.52
CA ASP E 147 -4.21 23.59 -37.24
C ASP E 147 -3.08 24.58 -37.44
N GLU E 148 -2.17 24.30 -38.38
CA GLU E 148 -1.05 25.21 -38.63
C GLU E 148 -1.49 26.48 -39.31
N ALA E 149 -2.62 26.46 -40.03
CA ALA E 149 -3.13 27.68 -40.64
C ALA E 149 -3.64 28.64 -39.58
N ARG E 150 -4.45 28.15 -38.64
CA ARG E 150 -5.07 29.02 -37.64
C ARG E 150 -4.05 29.60 -36.70
N PHE E 151 -3.07 28.80 -36.27
CA PHE E 151 -2.04 29.31 -35.38
C PHE E 151 -0.90 29.99 -36.13
N GLY E 152 -0.63 29.57 -37.36
CA GLY E 152 0.35 30.27 -38.18
C GLY E 152 -0.15 31.60 -38.71
N ARG E 153 -1.47 31.84 -38.63
CA ARG E 153 -2.01 33.13 -39.02
C ARG E 153 -1.49 34.25 -38.14
N ILE E 154 -1.31 33.97 -36.84
CA ILE E 154 -0.72 34.96 -35.94
C ILE E 154 0.73 35.26 -36.33
N ARG E 155 1.47 34.24 -36.79
CA ARG E 155 2.75 34.48 -37.47
C ARG E 155 2.57 35.34 -38.71
N ASP E 156 1.56 35.02 -39.54
CA ASP E 156 1.36 35.73 -40.80
C ASP E 156 0.80 37.13 -40.59
N LEU E 157 -0.01 37.33 -39.55
CA LEU E 157 -0.64 38.62 -39.31
C LEU E 157 0.36 39.63 -38.77
N GLU E 158 -0.09 40.89 -38.70
CA GLU E 158 0.66 41.95 -38.04
C GLU E 158 0.73 41.78 -36.53
N ALA E 159 -0.02 40.81 -35.98
CA ALA E 159 0.16 40.35 -34.60
C ALA E 159 1.51 39.65 -34.38
N LYS E 160 2.44 39.78 -35.34
CA LYS E 160 3.82 39.31 -35.26
C LYS E 160 4.62 39.99 -34.15
N HIS E 161 4.09 41.05 -33.53
CA HIS E 161 4.77 41.69 -32.40
C HIS E 161 4.32 41.11 -31.06
N PHE E 162 3.00 41.04 -30.83
CA PHE E 162 2.48 40.30 -29.68
C PHE E 162 2.96 38.86 -29.71
N LYS E 163 3.08 38.31 -30.93
CA LYS E 163 3.72 37.03 -31.23
C LYS E 163 5.08 36.86 -30.58
N LYS E 164 5.97 37.85 -30.78
CA LYS E 164 7.34 37.71 -30.32
C LYS E 164 7.40 37.49 -28.81
N ASN E 165 6.43 38.04 -28.08
CA ASN E 165 6.24 37.67 -26.69
C ASN E 165 5.75 36.22 -26.57
N VAL E 166 4.92 35.76 -27.51
CA VAL E 166 4.33 34.43 -27.39
C VAL E 166 5.33 33.36 -27.79
N GLU E 167 6.29 33.69 -28.67
CA GLU E 167 7.13 32.67 -29.31
C GLU E 167 8.07 32.00 -28.32
N GLU E 168 8.56 32.75 -27.33
CA GLU E 168 9.50 32.19 -26.37
C GLU E 168 8.85 31.12 -25.51
N GLN E 169 7.58 31.32 -25.15
CA GLN E 169 6.87 30.31 -24.37
C GLN E 169 6.49 29.11 -25.24
N LEU E 170 6.24 29.33 -26.53
CA LEU E 170 5.94 28.22 -27.43
C LEU E 170 7.17 27.33 -27.62
N ASN E 171 8.36 27.94 -27.68
CA ASN E 171 9.59 27.17 -27.74
C ASN E 171 9.81 26.37 -26.46
N LYS E 172 9.40 26.93 -25.32
CA LYS E 172 9.53 26.22 -24.05
C LYS E 172 8.63 25.00 -24.00
N ARG E 173 7.46 25.06 -24.64
CA ARG E 173 6.58 23.90 -24.71
C ARG E 173 7.19 22.82 -25.59
N VAL E 174 7.07 21.56 -25.15
CA VAL E 174 7.73 20.44 -25.77
C VAL E 174 6.67 19.49 -26.34
N GLY E 175 6.85 19.07 -27.58
CA GLY E 175 5.92 18.18 -28.23
C GLY E 175 4.77 18.93 -28.89
N HIS E 176 4.06 18.21 -29.78
CA HIS E 176 2.98 18.83 -30.53
C HIS E 176 1.80 19.19 -29.64
N VAL E 177 1.49 18.36 -28.65
CA VAL E 177 0.26 18.55 -27.88
C VAL E 177 0.41 19.67 -26.85
N TYR E 178 1.63 19.96 -26.39
CA TYR E 178 1.81 20.98 -25.36
C TYR E 178 1.77 22.38 -25.97
N LYS E 179 2.49 22.58 -27.08
CA LYS E 179 2.50 23.88 -27.74
C LYS E 179 1.22 24.14 -28.54
N LYS E 180 0.45 23.10 -28.86
CA LYS E 180 -0.90 23.34 -29.36
C LYS E 180 -1.77 23.93 -28.26
N ALA E 181 -1.75 23.33 -27.07
CA ALA E 181 -2.54 23.81 -25.95
C ALA E 181 -2.13 25.21 -25.52
N PHE E 182 -0.85 25.55 -25.64
CA PHE E 182 -0.42 26.91 -25.41
C PHE E 182 -0.95 27.85 -26.48
N MET E 183 -1.15 27.34 -27.70
CA MET E 183 -1.69 28.17 -28.77
C MET E 183 -3.19 28.40 -28.65
N GLN E 184 -3.92 27.53 -27.93
CA GLN E 184 -5.33 27.80 -27.66
C GLN E 184 -5.49 28.89 -26.62
N VAL E 185 -4.61 28.92 -25.62
CA VAL E 185 -4.71 29.93 -24.57
C VAL E 185 -4.29 31.29 -25.10
N VAL E 186 -3.31 31.33 -26.00
CA VAL E 186 -2.88 32.59 -26.59
C VAL E 186 -3.98 33.16 -27.49
N GLU E 187 -4.71 32.29 -28.19
CA GLU E 187 -5.83 32.75 -29.01
C GLU E 187 -6.98 33.24 -28.14
N ALA E 188 -7.17 32.66 -26.94
CA ALA E 188 -8.21 33.13 -26.05
C ALA E 188 -7.86 34.49 -25.45
N ASP E 189 -6.58 34.71 -25.15
CA ASP E 189 -6.14 36.03 -24.71
C ASP E 189 -6.19 37.04 -25.85
N MET E 190 -5.93 36.59 -27.08
CA MET E 190 -6.02 37.47 -28.25
C MET E 190 -7.46 37.89 -28.52
N LEU E 191 -8.43 37.02 -28.22
CA LEU E 191 -9.83 37.39 -28.37
C LEU E 191 -10.22 38.44 -27.34
N SER E 192 -9.71 38.31 -26.11
CA SER E 192 -10.01 39.28 -25.07
C SER E 192 -9.34 40.62 -25.36
N LYS E 193 -8.06 40.60 -25.73
CA LYS E 193 -7.36 41.83 -26.05
C LYS E 193 -7.76 42.39 -27.42
N GLY E 194 -8.35 41.57 -28.29
CA GLY E 194 -8.76 42.05 -29.60
C GLY E 194 -7.64 42.26 -30.58
N LEU E 195 -6.47 41.65 -30.35
CA LEU E 195 -5.31 41.85 -31.20
C LEU E 195 -5.50 41.23 -32.58
N ASP E 208 -14.14 16.73 -43.04
CA ASP E 208 -13.74 17.85 -43.88
C ASP E 208 -12.24 17.84 -44.14
N SER E 209 -11.48 17.52 -43.07
CA SER E 209 -10.02 17.49 -43.18
C SER E 209 -9.54 16.37 -44.10
N ILE E 210 -10.30 15.26 -44.16
CA ILE E 210 -9.91 14.13 -45.00
C ILE E 210 -9.93 14.51 -46.47
N HIS E 211 -10.91 15.34 -46.87
CA HIS E 211 -10.97 15.80 -48.25
C HIS E 211 -9.83 16.76 -48.57
N VAL E 212 -9.40 17.55 -47.59
CA VAL E 212 -8.21 18.37 -47.79
C VAL E 212 -6.98 17.49 -47.92
N GLY E 213 -6.91 16.42 -47.12
CA GLY E 213 -5.70 15.64 -47.03
C GLY E 213 -5.45 14.69 -48.18
N VAL E 214 -6.51 14.19 -48.83
CA VAL E 214 -6.32 13.27 -49.96
C VAL E 214 -5.65 13.99 -51.12
N ARG E 215 -6.03 15.24 -51.35
CA ARG E 215 -5.46 16.02 -52.46
C ARG E 215 -3.98 16.30 -52.22
N CYS E 216 -3.57 16.40 -50.95
CA CYS E 216 -2.16 16.50 -50.67
C CYS E 216 -1.45 15.19 -50.97
N ILE E 217 -2.13 14.06 -50.71
CA ILE E 217 -1.54 12.76 -51.00
C ILE E 217 -1.47 12.52 -52.50
N GLU E 218 -2.51 12.94 -53.26
CA GLU E 218 -2.52 12.66 -54.69
C GLU E 218 -1.35 13.36 -55.37
N MET E 219 -0.96 14.52 -54.86
CA MET E 219 0.13 15.26 -55.47
C MET E 219 1.48 14.69 -55.08
N LEU E 220 1.57 14.13 -53.87
CA LEU E 220 2.79 13.47 -53.43
C LEU E 220 3.14 12.30 -54.36
N ILE E 221 2.13 11.55 -54.79
CA ILE E 221 2.37 10.40 -55.65
C ILE E 221 2.89 10.84 -57.01
N GLU E 222 2.37 11.96 -57.54
CA GLU E 222 2.94 12.53 -58.76
C GLU E 222 4.37 13.02 -58.52
N SER E 223 4.62 13.66 -57.39
CA SER E 223 5.93 14.22 -57.12
C SER E 223 6.95 13.14 -56.78
N THR E 224 6.53 12.12 -56.05
CA THR E 224 7.46 11.11 -55.55
C THR E 224 7.12 9.73 -56.10
N GLU E 242 -6.54 -0.40 -51.42
CA GLU E 242 -5.40 0.49 -51.58
C GLU E 242 -4.95 0.98 -50.20
N THR E 243 -3.75 0.56 -49.81
CA THR E 243 -3.14 0.93 -48.54
C THR E 243 -1.84 1.67 -48.83
N ILE E 244 -1.65 2.81 -48.16
CA ILE E 244 -0.49 3.66 -48.46
C ILE E 244 0.80 2.93 -48.08
N GLU E 245 1.86 3.22 -48.82
CA GLU E 245 3.11 2.48 -48.68
C GLU E 245 4.26 3.38 -49.09
N LEU E 246 5.46 2.98 -48.67
CA LEU E 246 6.69 3.72 -48.95
C LEU E 246 7.58 2.89 -49.87
N ALA E 247 8.28 3.58 -50.77
CA ALA E 247 9.10 2.89 -51.77
C ALA E 247 10.33 2.28 -51.10
N PRO E 248 10.73 1.07 -51.52
CA PRO E 248 11.90 0.45 -50.90
C PRO E 248 13.23 1.09 -51.29
N GLU E 249 13.34 1.60 -52.53
CA GLU E 249 14.57 2.24 -52.95
C GLU E 249 14.80 3.58 -52.27
N TYR E 250 13.76 4.19 -51.71
CA TYR E 250 13.91 5.38 -50.89
C TYR E 250 14.08 5.05 -49.42
N ALA E 251 13.52 3.92 -48.97
CA ALA E 251 13.65 3.53 -47.57
C ALA E 251 15.06 3.04 -47.24
N GLU E 252 15.75 2.45 -48.21
CA GLU E 252 17.13 2.04 -47.98
C GLU E 252 18.07 3.23 -47.85
N ALA E 253 17.72 4.36 -48.49
CA ALA E 253 18.60 5.52 -48.49
C ALA E 253 18.70 6.14 -47.11
N ILE E 254 17.60 6.17 -46.35
CA ILE E 254 17.69 6.58 -44.96
C ILE E 254 18.22 5.46 -44.09
N ALA E 255 18.10 4.20 -44.53
CA ALA E 255 18.65 3.08 -43.78
C ALA E 255 20.17 2.99 -43.94
N THR E 256 20.66 3.22 -45.16
CA THR E 256 22.09 3.24 -45.39
C THR E 256 22.73 4.46 -44.75
N ARG E 257 22.05 5.61 -44.80
CA ARG E 257 22.56 6.80 -44.12
C ARG E 257 22.55 6.62 -42.61
N ALA E 258 21.57 5.89 -42.07
CA ALA E 258 21.56 5.59 -40.64
C ALA E 258 22.75 4.72 -40.26
N GLY E 259 23.10 3.75 -41.09
CA GLY E 259 24.28 2.95 -40.84
C GLY E 259 25.56 3.76 -40.95
N ALA E 260 25.58 4.74 -41.86
CA ALA E 260 26.72 5.65 -41.94
C ALA E 260 26.74 6.62 -40.78
N LEU E 261 25.55 7.08 -40.34
CA LEU E 261 25.48 7.99 -39.22
C LEU E 261 25.77 7.29 -37.89
N ALA E 262 25.48 5.98 -37.82
CA ALA E 262 25.77 5.23 -36.59
C ALA E 262 27.28 5.09 -36.37
N GLY E 263 28.06 5.08 -37.46
CA GLY E 263 29.50 5.01 -37.30
C GLY E 263 30.18 6.33 -37.01
N ILE E 264 29.50 7.45 -37.31
CA ILE E 264 30.14 8.75 -37.16
C ILE E 264 30.26 9.14 -35.70
N SER E 265 29.16 9.05 -34.94
CA SER E 265 29.20 9.33 -33.51
C SER E 265 29.72 8.10 -32.78
N PRO E 266 30.92 8.18 -32.19
CA PRO E 266 31.58 6.95 -31.74
C PRO E 266 31.69 6.83 -30.24
N MET E 267 30.82 7.53 -29.48
CA MET E 267 31.04 7.81 -28.06
C MET E 267 32.45 8.34 -27.90
N PHE E 268 33.13 7.98 -26.79
CA PHE E 268 34.59 8.07 -26.60
C PHE E 268 34.95 7.52 -25.22
N GLN E 269 36.19 7.02 -25.08
CA GLN E 269 36.65 6.42 -23.84
C GLN E 269 38.08 6.86 -23.57
N PRO E 270 38.49 6.94 -22.31
CA PRO E 270 39.90 7.25 -22.01
C PRO E 270 40.82 6.15 -22.50
N CYS E 271 42.08 6.52 -22.69
CA CYS E 271 43.08 5.61 -23.24
C CYS E 271 43.85 4.94 -22.11
N VAL E 272 44.02 3.61 -22.21
CA VAL E 272 44.77 2.83 -21.23
C VAL E 272 46.24 2.85 -21.61
N VAL E 273 46.55 3.61 -22.65
CA VAL E 273 47.91 3.79 -23.14
C VAL E 273 48.11 5.26 -23.44
N PRO E 274 49.36 5.74 -23.40
CA PRO E 274 49.63 7.14 -23.77
C PRO E 274 49.08 7.46 -25.15
N PRO E 275 48.40 8.59 -25.31
CA PRO E 275 47.69 8.85 -26.57
C PRO E 275 48.66 9.13 -27.70
N LYS E 276 48.15 8.98 -28.92
CA LYS E 276 48.96 9.22 -30.11
C LYS E 276 49.33 10.70 -30.18
N PRO E 277 50.61 11.04 -30.22
CA PRO E 277 51.00 12.45 -30.24
C PRO E 277 50.61 13.12 -31.55
N TRP E 278 50.16 14.36 -31.44
CA TRP E 278 49.76 15.13 -32.60
C TRP E 278 51.01 15.61 -33.34
N THR E 279 51.18 15.13 -34.57
CA THR E 279 52.15 15.71 -35.49
C THR E 279 51.48 16.40 -36.66
N GLY E 280 50.18 16.19 -36.86
CA GLY E 280 49.43 16.84 -37.91
C GLY E 280 48.08 17.31 -37.46
N ILE E 281 47.22 17.65 -38.43
CA ILE E 281 45.91 18.21 -38.11
C ILE E 281 44.93 17.11 -37.72
N THR E 282 45.16 15.89 -38.21
CA THR E 282 44.19 14.81 -38.10
C THR E 282 44.91 13.52 -37.74
N GLY E 283 44.28 12.70 -36.91
CA GLY E 283 44.77 11.36 -36.62
C GLY E 283 45.47 11.21 -35.28
N GLY E 284 45.50 12.25 -34.45
CA GLY E 284 46.13 12.18 -33.16
C GLY E 284 45.20 11.64 -32.09
N GLY E 285 45.70 11.61 -30.86
CA GLY E 285 44.93 11.13 -29.74
C GLY E 285 44.76 9.63 -29.74
N TYR E 286 43.66 9.16 -30.32
CA TYR E 286 43.44 7.72 -30.45
C TYR E 286 44.38 7.15 -31.50
N TRP E 287 44.88 5.94 -31.24
CA TRP E 287 45.97 5.40 -32.05
C TRP E 287 45.49 4.81 -33.37
N ALA E 288 44.27 4.27 -33.41
CA ALA E 288 43.80 3.59 -34.60
C ALA E 288 43.31 4.59 -35.64
N ASN E 289 43.25 4.11 -36.89
CA ASN E 289 42.72 4.91 -38.01
C ASN E 289 41.25 4.59 -38.18
N GLY E 290 40.43 5.19 -37.32
CA GLY E 290 39.01 4.98 -37.36
C GLY E 290 38.33 5.72 -38.51
N ARG E 291 37.01 5.52 -38.59
CA ARG E 291 36.23 6.22 -39.62
C ARG E 291 36.05 7.69 -39.28
N ARG E 292 36.11 8.04 -38.00
CA ARG E 292 36.07 9.42 -37.53
C ARG E 292 37.41 9.71 -36.88
N PRO E 293 38.41 10.14 -37.64
CA PRO E 293 39.68 10.52 -37.03
C PRO E 293 39.53 11.85 -36.29
N LEU E 294 40.38 12.04 -35.29
CA LEU E 294 40.30 13.21 -34.44
C LEU E 294 40.91 14.42 -35.14
N ALA E 295 40.23 15.56 -35.03
CA ALA E 295 40.76 16.81 -35.55
C ALA E 295 41.65 17.47 -34.50
N LEU E 296 42.63 18.23 -34.97
CA LEU E 296 43.39 19.08 -34.05
C LEU E 296 42.51 20.20 -33.51
N VAL E 297 41.62 20.73 -34.35
CA VAL E 297 40.77 21.85 -34.01
C VAL E 297 39.34 21.49 -34.40
N ARG E 298 38.44 21.51 -33.42
CA ARG E 298 37.02 21.27 -33.69
C ARG E 298 36.46 22.43 -34.49
N THR E 299 36.18 22.20 -35.77
CA THR E 299 35.69 23.22 -36.67
C THR E 299 34.29 22.88 -37.15
N HIS E 300 33.49 23.92 -37.39
CA HIS E 300 32.16 23.75 -37.96
C HIS E 300 32.20 23.54 -39.46
N SER E 301 33.34 23.75 -40.10
CA SER E 301 33.49 23.59 -41.54
C SER E 301 34.82 22.88 -41.83
N LYS E 302 34.84 22.13 -42.92
CA LYS E 302 36.06 21.44 -43.32
C LYS E 302 37.07 22.38 -43.98
N LYS E 303 36.63 23.57 -44.40
CA LYS E 303 37.58 24.56 -44.93
C LYS E 303 38.39 25.20 -43.80
N ALA E 304 37.74 25.55 -42.69
CA ALA E 304 38.44 26.17 -41.57
C ALA E 304 39.39 25.22 -40.87
N LEU E 305 39.13 23.91 -40.95
CA LEU E 305 40.13 22.95 -40.48
C LEU E 305 41.32 22.92 -41.41
N MET E 306 41.08 23.04 -42.72
CA MET E 306 42.16 23.00 -43.70
C MET E 306 43.05 24.23 -43.65
N ARG E 307 42.57 25.33 -43.06
CA ARG E 307 43.42 26.50 -42.84
C ARG E 307 44.52 26.24 -41.84
N TYR E 308 44.46 25.13 -41.10
CA TYR E 308 45.48 24.79 -40.12
C TYR E 308 46.53 23.81 -40.64
N GLU E 309 46.27 23.13 -41.76
CA GLU E 309 47.15 22.06 -42.21
C GLU E 309 48.52 22.55 -42.64
N ASP E 310 48.69 23.86 -42.87
CA ASP E 310 49.96 24.41 -43.32
C ASP E 310 50.68 25.26 -42.28
N VAL E 311 49.97 25.78 -41.27
CA VAL E 311 50.58 26.74 -40.35
C VAL E 311 51.54 26.01 -39.42
N TYR E 312 52.73 26.58 -39.25
CA TYR E 312 53.78 26.01 -38.41
C TYR E 312 53.67 26.62 -37.01
N MET E 313 53.13 25.86 -36.08
CA MET E 313 52.92 26.31 -34.69
C MET E 313 53.58 25.33 -33.74
N PRO E 314 54.89 25.45 -33.52
CA PRO E 314 55.57 24.45 -32.66
C PRO E 314 55.19 24.54 -31.19
N GLU E 315 55.07 25.74 -30.63
CA GLU E 315 54.70 25.89 -29.22
C GLU E 315 53.27 25.43 -28.97
N VAL E 316 52.41 25.51 -29.98
CA VAL E 316 51.05 25.02 -29.84
C VAL E 316 51.04 23.50 -29.76
N TYR E 317 51.81 22.85 -30.63
CA TYR E 317 51.79 21.38 -30.72
C TYR E 317 52.40 20.74 -29.49
N LYS E 318 53.41 21.37 -28.89
CA LYS E 318 54.03 20.83 -27.69
C LYS E 318 53.04 20.77 -26.54
N ALA E 319 52.29 21.86 -26.34
CA ALA E 319 51.44 21.98 -25.15
C ALA E 319 50.29 20.97 -25.18
N ILE E 320 49.68 20.77 -26.35
CA ILE E 320 48.61 19.77 -26.44
C ILE E 320 49.20 18.36 -26.29
N ASN E 321 50.41 18.15 -26.80
CA ASN E 321 51.05 16.83 -26.66
C ASN E 321 51.45 16.54 -25.22
N ILE E 322 51.87 17.55 -24.46
CA ILE E 322 52.27 17.33 -23.07
C ILE E 322 51.05 17.01 -22.22
N ALA E 323 49.96 17.76 -22.39
CA ALA E 323 48.74 17.53 -21.63
C ALA E 323 48.16 16.15 -21.91
N GLN E 324 48.36 15.62 -23.11
CA GLN E 324 47.96 14.25 -23.40
C GLN E 324 48.80 13.25 -22.63
N ASN E 325 50.08 13.55 -22.43
CA ASN E 325 51.01 12.59 -21.83
C ASN E 325 50.80 12.41 -20.33
N THR E 326 50.08 13.34 -19.68
CA THR E 326 49.91 13.26 -18.24
C THR E 326 49.06 12.05 -17.85
N ALA E 327 49.60 11.22 -16.96
CA ALA E 327 48.98 9.96 -16.60
C ALA E 327 48.03 10.17 -15.42
N TRP E 328 46.79 9.72 -15.59
CA TRP E 328 45.77 9.78 -14.56
C TRP E 328 45.44 8.39 -14.08
N LYS E 329 45.01 8.30 -12.82
CA LYS E 329 44.48 7.06 -12.26
C LYS E 329 43.19 7.38 -11.52
N ILE E 330 42.40 6.34 -11.27
CA ILE E 330 41.13 6.52 -10.59
C ILE E 330 41.37 6.57 -9.09
N ASN E 331 40.91 7.66 -8.47
CA ASN E 331 40.93 7.78 -7.00
C ASN E 331 40.05 6.70 -6.39
N LYS E 332 40.65 5.56 -6.04
CA LYS E 332 39.88 4.41 -5.60
C LYS E 332 39.20 4.65 -4.25
N LYS E 333 39.76 5.54 -3.44
CA LYS E 333 39.12 5.85 -2.16
C LYS E 333 37.84 6.65 -2.35
N VAL E 334 37.86 7.62 -3.28
CA VAL E 334 36.67 8.41 -3.57
C VAL E 334 35.61 7.55 -4.27
N LEU E 335 36.05 6.61 -5.11
CA LEU E 335 35.10 5.77 -5.84
C LEU E 335 34.33 4.86 -4.91
N ALA E 336 35.01 4.31 -3.89
CA ALA E 336 34.33 3.43 -2.94
C ALA E 336 33.24 4.18 -2.19
N VAL E 337 33.50 5.43 -1.82
CA VAL E 337 32.48 6.25 -1.18
C VAL E 337 31.34 6.54 -2.14
N ALA E 338 31.68 6.91 -3.39
CA ALA E 338 30.67 7.33 -4.35
C ALA E 338 29.75 6.18 -4.72
N ASN E 339 30.27 4.96 -4.80
CA ASN E 339 29.45 3.80 -5.13
C ASN E 339 28.40 3.50 -4.07
N VAL E 340 28.60 3.96 -2.84
CA VAL E 340 27.62 3.73 -1.78
C VAL E 340 26.53 4.78 -1.79
N ILE E 341 26.91 6.06 -1.79
CA ILE E 341 25.91 7.12 -1.64
C ILE E 341 25.08 7.33 -2.89
N THR E 342 25.57 6.93 -4.07
CA THR E 342 24.73 7.00 -5.27
C THR E 342 23.61 5.97 -5.21
N LYS E 343 23.83 4.83 -4.54
CA LYS E 343 22.79 3.82 -4.41
C LYS E 343 21.68 4.27 -3.47
N TRP E 344 21.93 5.27 -2.63
CA TRP E 344 20.98 5.71 -1.61
C TRP E 344 20.33 7.05 -1.92
N LYS E 345 21.04 7.95 -2.59
CA LYS E 345 20.50 9.24 -2.98
C LYS E 345 20.67 9.40 -4.48
N HIS E 346 19.72 10.12 -5.10
CA HIS E 346 19.80 10.44 -6.52
C HIS E 346 21.07 11.23 -6.79
N CYS E 347 21.14 12.44 -6.24
CA CYS E 347 22.45 13.06 -6.15
C CYS E 347 22.96 12.89 -4.72
N PRO E 348 24.20 12.40 -4.55
CA PRO E 348 24.68 12.06 -3.20
C PRO E 348 24.92 13.25 -2.30
N VAL E 349 24.96 14.46 -2.87
CA VAL E 349 25.23 15.68 -2.11
C VAL E 349 24.01 16.59 -2.04
N GLU E 350 22.95 16.28 -2.80
CA GLU E 350 21.84 17.22 -3.00
C GLU E 350 21.15 17.58 -1.69
N ASP E 351 20.64 16.60 -0.96
CA ASP E 351 19.90 16.84 0.28
C ASP E 351 20.59 16.13 1.43
N ILE E 352 21.27 16.90 2.27
CA ILE E 352 21.95 16.40 3.46
C ILE E 352 21.25 17.02 4.67
N PRO E 353 20.67 16.23 5.58
CA PRO E 353 20.00 16.80 6.74
C PRO E 353 20.97 17.53 7.66
N ALA E 354 20.62 18.77 8.00
CA ALA E 354 21.45 19.63 8.83
C ALA E 354 20.67 20.11 10.04
N ILE E 355 21.40 20.34 11.13
CA ILE E 355 20.79 20.77 12.38
C ILE E 355 20.32 22.22 12.30
N TRP E 377 3.49 32.26 -8.55
CA TRP E 377 3.44 30.91 -8.02
C TRP E 377 3.35 29.89 -9.14
N LYS E 378 2.91 30.34 -10.33
CA LYS E 378 2.98 29.48 -11.51
C LYS E 378 4.41 29.26 -11.95
N ARG E 379 5.29 30.25 -11.72
CA ARG E 379 6.71 30.07 -12.01
C ARG E 379 7.37 29.17 -10.98
N ALA E 380 6.90 29.23 -9.73
CA ALA E 380 7.46 28.38 -8.68
C ALA E 380 7.11 26.91 -8.92
N ALA E 381 5.88 26.65 -9.37
CA ALA E 381 5.51 25.28 -9.72
C ALA E 381 6.25 24.81 -10.97
N ALA E 382 6.51 25.73 -11.90
CA ALA E 382 7.28 25.38 -13.09
C ALA E 382 8.73 25.07 -12.74
N ALA E 383 9.27 25.73 -11.73
CA ALA E 383 10.62 25.40 -11.27
C ALA E 383 10.67 24.02 -10.62
N VAL E 384 9.56 23.59 -10.01
CA VAL E 384 9.51 22.26 -9.40
C VAL E 384 9.51 21.19 -10.49
N TYR E 385 8.73 21.38 -11.55
CA TYR E 385 8.79 20.47 -12.69
C TYR E 385 10.15 20.53 -13.37
N ARG E 386 10.72 21.74 -13.49
CA ARG E 386 12.03 21.88 -14.10
C ARG E 386 13.12 21.26 -13.24
N LYS E 387 12.97 21.29 -11.92
CA LYS E 387 13.96 20.68 -11.04
C LYS E 387 13.90 19.16 -11.12
N ASP E 388 12.72 18.58 -11.32
CA ASP E 388 12.62 17.14 -11.42
C ASP E 388 13.18 16.63 -12.74
N LYS E 389 12.92 17.35 -13.83
CA LYS E 389 13.59 17.07 -15.10
C LYS E 389 15.10 17.30 -14.98
N ALA E 390 15.50 18.27 -14.15
CA ALA E 390 16.93 18.52 -13.94
C ALA E 390 17.60 17.34 -13.25
N ARG E 391 16.98 16.83 -12.19
CA ARG E 391 17.55 15.72 -11.44
C ARG E 391 17.54 14.41 -12.24
N LYS E 392 16.67 14.28 -13.23
CA LYS E 392 16.60 13.04 -13.99
C LYS E 392 17.71 12.95 -15.03
N SER E 393 18.12 14.08 -15.61
CA SER E 393 19.21 14.07 -16.58
C SER E 393 20.57 14.08 -15.89
N ARG E 394 20.65 14.65 -14.68
CA ARG E 394 21.90 14.65 -13.94
C ARG E 394 22.29 13.24 -13.51
N ARG E 395 21.31 12.41 -13.17
CA ARG E 395 21.58 11.02 -12.80
C ARG E 395 22.09 10.22 -13.99
N ILE E 396 21.61 10.53 -15.20
CA ILE E 396 22.08 9.86 -16.41
C ILE E 396 23.56 10.13 -16.62
N SER E 397 23.97 11.39 -16.45
CA SER E 397 25.39 11.71 -16.51
C SER E 397 26.14 11.10 -15.35
N LEU E 398 25.51 11.08 -14.16
CA LEU E 398 26.19 10.54 -12.97
C LEU E 398 26.42 9.04 -13.10
N GLU E 399 25.40 8.29 -13.50
CA GLU E 399 25.54 6.83 -13.62
C GLU E 399 26.54 6.46 -14.72
N PHE E 400 26.71 7.32 -15.73
CA PHE E 400 27.68 7.04 -16.77
C PHE E 400 29.10 7.32 -16.30
N MET E 401 29.31 8.47 -15.62
CA MET E 401 30.63 8.80 -15.11
C MET E 401 31.10 7.77 -14.09
N LEU E 402 30.17 7.26 -13.27
CA LEU E 402 30.53 6.25 -12.27
C LEU E 402 30.90 4.93 -12.92
N GLU E 403 30.20 4.54 -13.98
CA GLU E 403 30.55 3.31 -14.69
C GLU E 403 31.92 3.42 -15.34
N GLN E 404 32.25 4.60 -15.87
CA GLN E 404 33.59 4.82 -16.40
C GLN E 404 34.64 4.76 -15.30
N ALA E 405 34.33 5.33 -14.13
CA ALA E 405 35.28 5.31 -13.03
C ALA E 405 35.46 3.90 -12.48
N ASN E 406 34.40 3.11 -12.45
CA ASN E 406 34.51 1.74 -11.97
C ASN E 406 35.21 0.84 -12.97
N LYS E 407 35.01 1.09 -14.27
CA LYS E 407 35.59 0.24 -15.30
C LYS E 407 37.11 0.38 -15.35
N PHE E 408 37.63 1.56 -15.02
CA PHE E 408 39.04 1.87 -15.17
C PHE E 408 39.75 1.95 -13.83
N ALA E 409 39.11 1.49 -12.75
CA ALA E 409 39.63 1.71 -11.41
C ALA E 409 40.89 0.90 -11.14
N ASN E 410 40.95 -0.33 -11.66
CA ASN E 410 42.08 -1.20 -11.40
C ASN E 410 43.28 -0.90 -12.28
N HIS E 411 43.11 -0.07 -13.31
CA HIS E 411 44.22 0.19 -14.23
C HIS E 411 45.30 1.01 -13.55
N LYS E 412 46.55 0.71 -13.89
CA LYS E 412 47.69 1.41 -13.30
C LYS E 412 47.69 2.88 -13.68
N ALA E 413 47.33 3.18 -14.92
CA ALA E 413 47.26 4.56 -15.39
C ALA E 413 46.38 4.60 -16.63
N ILE E 414 45.61 5.67 -16.76
CA ILE E 414 44.83 5.93 -17.96
C ILE E 414 45.18 7.33 -18.46
N TRP E 415 45.03 7.52 -19.78
CA TRP E 415 45.39 8.78 -20.40
C TRP E 415 44.18 9.35 -21.14
N PHE E 416 44.18 10.67 -21.30
CA PHE E 416 43.12 11.37 -22.01
C PHE E 416 43.70 12.05 -23.24
N PRO E 417 43.20 11.77 -24.44
CA PRO E 417 43.54 12.61 -25.60
C PRO E 417 42.94 13.99 -25.44
N TYR E 418 43.61 14.98 -26.04
CA TYR E 418 43.20 16.36 -25.91
C TYR E 418 42.98 16.98 -27.29
N ASN E 419 42.01 17.89 -27.35
CA ASN E 419 41.54 18.50 -28.57
C ASN E 419 41.40 20.01 -28.34
N MET E 420 41.03 20.73 -29.40
CA MET E 420 40.91 22.18 -29.33
C MET E 420 39.59 22.61 -29.96
N ASP E 421 38.96 23.63 -29.38
CA ASP E 421 37.91 24.33 -30.09
C ASP E 421 38.55 25.30 -31.08
N TRP E 422 37.72 26.00 -31.84
CA TRP E 422 38.28 26.85 -32.88
C TRP E 422 38.95 28.11 -32.34
N ARG E 423 38.74 28.46 -31.07
CA ARG E 423 39.42 29.60 -30.47
C ARG E 423 40.77 29.24 -29.87
N GLY E 424 41.01 27.99 -29.53
CA GLY E 424 42.30 27.56 -29.02
C GLY E 424 42.28 26.96 -27.63
N ARG E 425 41.16 26.99 -26.92
CA ARG E 425 41.08 26.35 -25.61
C ARG E 425 41.23 24.84 -25.76
N VAL E 426 41.86 24.23 -24.77
CA VAL E 426 42.12 22.80 -24.80
C VAL E 426 40.97 22.06 -24.12
N TYR E 427 40.61 20.92 -24.69
CA TYR E 427 39.51 20.11 -24.19
C TYR E 427 39.92 18.64 -24.27
N ALA E 428 39.47 17.86 -23.30
CA ALA E 428 39.70 16.43 -23.32
C ALA E 428 38.62 15.75 -24.17
N VAL E 429 39.06 14.84 -25.05
CA VAL E 429 38.17 14.31 -26.08
C VAL E 429 37.18 13.31 -25.51
N SER E 430 37.62 12.49 -24.55
CA SER E 430 36.78 11.41 -24.05
C SER E 430 35.63 11.94 -23.20
N MET E 431 34.57 11.14 -23.12
CA MET E 431 33.36 11.57 -22.41
C MET E 431 33.61 11.70 -20.91
N PHE E 432 34.30 10.73 -20.32
CA PHE E 432 34.77 10.81 -18.95
C PHE E 432 36.13 11.52 -18.97
N ASN E 433 36.21 12.69 -18.35
CA ASN E 433 37.39 13.53 -18.50
C ASN E 433 37.62 14.30 -17.21
N PRO E 434 38.86 14.75 -16.95
CA PRO E 434 39.12 15.56 -15.74
C PRO E 434 38.44 16.91 -15.73
N GLN E 435 37.90 17.38 -16.87
CA GLN E 435 37.19 18.66 -16.92
C GLN E 435 35.71 18.52 -16.57
N GLY E 436 35.33 17.51 -15.79
CA GLY E 436 33.95 17.26 -15.45
C GLY E 436 33.47 18.04 -14.25
N ASN E 437 32.41 17.53 -13.62
CA ASN E 437 31.85 18.16 -12.43
C ASN E 437 32.69 17.78 -11.22
N ASP E 438 32.22 18.13 -10.02
CA ASP E 438 32.99 17.91 -8.80
C ASP E 438 33.19 16.44 -8.52
N MET E 439 32.17 15.60 -8.79
CA MET E 439 32.32 14.17 -8.56
C MET E 439 33.29 13.55 -9.55
N THR E 440 33.16 13.92 -10.83
CA THR E 440 34.09 13.39 -11.84
C THR E 440 35.51 13.88 -11.59
N LYS E 441 35.66 15.15 -11.19
CA LYS E 441 36.96 15.67 -10.82
C LYS E 441 37.52 14.96 -9.59
N GLY E 442 36.65 14.66 -8.62
CA GLY E 442 37.10 13.96 -7.43
C GLY E 442 37.41 12.50 -7.69
N LEU E 443 36.76 11.89 -8.68
CA LEU E 443 37.02 10.50 -9.03
C LEU E 443 38.37 10.33 -9.71
N LEU E 444 38.97 11.40 -10.22
CA LEU E 444 40.19 11.33 -11.01
C LEU E 444 41.34 11.99 -10.28
N THR E 445 42.51 11.36 -10.32
CA THR E 445 43.73 11.93 -9.77
C THR E 445 44.90 11.55 -10.67
N LEU E 446 46.01 12.25 -10.50
CA LEU E 446 47.19 11.97 -11.29
C LEU E 446 47.86 10.68 -10.80
N ALA E 447 48.68 10.10 -11.67
CA ALA E 447 49.23 8.77 -11.43
C ALA E 447 50.67 8.78 -10.91
N LYS E 448 51.49 9.72 -11.33
CA LYS E 448 52.89 9.79 -10.92
C LYS E 448 53.03 10.86 -9.83
N GLY E 449 53.03 10.43 -8.57
CA GLY E 449 53.20 11.34 -7.47
C GLY E 449 54.66 11.54 -7.10
N LYS E 450 54.89 12.45 -6.16
CA LYS E 450 56.20 12.75 -5.62
C LYS E 450 56.07 12.97 -4.12
N PRO E 451 57.13 12.74 -3.35
CA PRO E 451 57.10 13.04 -1.91
C PRO E 451 56.70 14.49 -1.65
N ILE E 452 55.70 14.65 -0.78
CA ILE E 452 54.94 15.90 -0.75
C ILE E 452 55.77 17.04 -0.18
N GLY E 453 56.60 16.77 0.84
CA GLY E 453 57.43 17.81 1.43
C GLY E 453 56.62 18.87 2.15
N LYS E 454 57.36 19.86 2.68
CA LYS E 454 56.71 20.93 3.45
C LYS E 454 55.92 21.85 2.55
N GLU E 455 56.50 22.24 1.41
CA GLU E 455 55.81 23.15 0.50
C GLU E 455 54.60 22.48 -0.14
N GLY E 456 54.73 21.21 -0.52
CA GLY E 456 53.60 20.51 -1.09
C GLY E 456 52.48 20.29 -0.10
N TYR E 457 52.84 20.02 1.16
CA TYR E 457 51.84 19.94 2.22
C TYR E 457 51.14 21.28 2.42
N TYR E 458 51.87 22.38 2.24
CA TYR E 458 51.28 23.70 2.34
C TYR E 458 50.22 23.90 1.26
N TRP E 459 50.56 23.57 0.01
CA TRP E 459 49.62 23.78 -1.09
C TRP E 459 48.50 22.75 -1.04
N LEU E 460 48.74 21.56 -0.50
CA LEU E 460 47.67 20.60 -0.29
C LEU E 460 46.63 21.16 0.67
N LYS E 461 47.07 21.82 1.72
CA LYS E 461 46.14 22.46 2.64
C LYS E 461 45.44 23.66 1.99
N ILE E 462 46.15 24.39 1.12
CA ILE E 462 45.52 25.50 0.41
C ILE E 462 44.46 24.96 -0.56
N HIS E 463 44.75 23.84 -1.21
CA HIS E 463 43.77 23.21 -2.09
C HIS E 463 42.56 22.73 -1.31
N GLY E 464 42.78 22.24 -0.09
CA GLY E 464 41.67 21.77 0.73
C GLY E 464 40.75 22.91 1.14
N ALA E 465 41.32 24.05 1.55
CA ALA E 465 40.51 25.21 1.89
C ALA E 465 39.77 25.73 0.67
N ASN E 466 40.42 25.67 -0.50
CA ASN E 466 39.76 26.08 -1.74
C ASN E 466 38.57 25.18 -2.05
N CYS E 467 38.73 23.87 -1.83
CA CYS E 467 37.64 22.92 -2.08
C CYS E 467 36.46 23.16 -1.14
N ALA E 468 36.71 23.71 0.05
CA ALA E 468 35.65 23.96 1.01
C ALA E 468 34.92 25.28 0.76
N GLY E 469 35.42 26.11 -0.16
CA GLY E 469 34.86 27.42 -0.38
C GLY E 469 35.52 28.54 0.38
N VAL E 470 36.72 28.30 0.92
CA VAL E 470 37.45 29.28 1.72
C VAL E 470 38.49 29.92 0.81
N ASP E 471 38.05 30.44 -0.34
CA ASP E 471 38.94 31.02 -1.34
C ASP E 471 38.98 32.53 -1.30
N LYS E 472 38.34 33.16 -0.32
CA LYS E 472 38.24 34.62 -0.25
C LYS E 472 39.10 35.22 0.86
N VAL E 473 39.92 34.43 1.53
CA VAL E 473 40.74 34.91 2.63
C VAL E 473 42.19 34.68 2.27
N PRO E 474 43.13 35.40 2.89
CA PRO E 474 44.55 35.16 2.61
C PRO E 474 44.98 33.75 2.98
N PHE E 475 46.12 33.34 2.40
CA PHE E 475 46.61 31.98 2.56
C PHE E 475 46.80 31.52 4.01
N PRO E 476 47.30 32.32 4.96
CA PRO E 476 47.36 31.83 6.35
C PRO E 476 46.00 31.50 6.95
N GLU E 477 44.95 32.28 6.62
CA GLU E 477 43.62 31.93 7.07
C GLU E 477 43.07 30.69 6.38
N ARG E 478 43.60 30.35 5.21
CA ARG E 478 43.24 29.10 4.57
C ARG E 478 43.87 27.91 5.29
N ILE E 479 45.14 28.05 5.68
CA ILE E 479 45.80 27.03 6.48
C ILE E 479 45.15 26.91 7.85
N LYS E 480 44.80 28.05 8.45
CA LYS E 480 44.20 28.06 9.78
C LYS E 480 42.85 27.38 9.80
N PHE E 481 42.08 27.49 8.71
CA PHE E 481 40.81 26.79 8.63
C PHE E 481 41.01 25.29 8.61
N ILE E 482 42.03 24.83 7.89
CA ILE E 482 42.31 23.39 7.80
C ILE E 482 42.76 22.83 9.14
N GLU E 483 43.64 23.56 9.84
CA GLU E 483 44.15 23.09 11.11
C GLU E 483 43.08 23.11 12.19
N GLU E 484 42.21 24.14 12.17
CA GLU E 484 41.12 24.22 13.14
C GLU E 484 40.07 23.14 12.94
N ASN E 485 40.03 22.54 11.75
CA ASN E 485 39.12 21.44 11.46
C ASN E 485 39.87 20.14 11.22
N HIS E 486 41.05 20.01 11.81
CA HIS E 486 41.90 18.83 11.59
C HIS E 486 41.21 17.56 12.05
N GLU E 487 40.54 17.60 13.21
CA GLU E 487 39.85 16.42 13.69
C GLU E 487 38.67 16.05 12.79
N ASN E 488 38.04 17.05 12.16
CA ASN E 488 36.95 16.75 11.24
C ASN E 488 37.47 16.12 9.96
N ILE E 489 38.63 16.58 9.48
CA ILE E 489 39.20 16.05 8.23
C ILE E 489 39.59 14.58 8.40
N MET E 490 40.26 14.26 9.52
CA MET E 490 40.67 12.89 9.76
C MET E 490 39.49 11.98 10.06
N ALA E 491 38.42 12.54 10.61
CA ALA E 491 37.20 11.75 10.81
C ALA E 491 36.54 11.42 9.47
N CYS E 492 36.56 12.38 8.54
CA CYS E 492 36.01 12.12 7.21
C CYS E 492 36.84 11.12 6.44
N ALA E 493 38.16 11.15 6.64
CA ALA E 493 39.02 10.19 5.95
C ALA E 493 38.92 8.80 6.57
N LYS E 494 38.65 8.72 7.88
CA LYS E 494 38.56 7.43 8.55
C LYS E 494 37.34 6.65 8.10
N SER E 495 36.16 7.28 8.14
CA SER E 495 34.91 6.63 7.74
C SER E 495 34.05 7.68 7.05
N PRO E 496 34.17 7.80 5.73
CA PRO E 496 33.41 8.85 5.01
C PRO E 496 31.91 8.64 5.02
N LEU E 497 31.44 7.40 5.17
CA LEU E 497 30.01 7.16 5.29
C LEU E 497 29.46 7.53 6.66
N GLU E 498 30.32 7.83 7.64
CA GLU E 498 29.87 8.12 8.99
C GLU E 498 29.88 9.60 9.33
N ASN E 499 30.69 10.41 8.65
CA ASN E 499 30.75 11.85 8.89
C ASN E 499 30.42 12.55 7.57
N THR E 500 29.30 13.27 7.57
CA THR E 500 28.81 13.95 6.37
C THR E 500 29.39 15.35 6.20
N TRP E 501 30.44 15.69 6.94
CA TRP E 501 30.98 17.04 6.89
C TRP E 501 31.64 17.36 5.55
N TRP E 502 32.28 16.37 4.93
CA TRP E 502 32.90 16.60 3.62
C TRP E 502 31.86 16.86 2.55
N ALA E 503 30.69 16.23 2.66
CA ALA E 503 29.62 16.44 1.69
C ALA E 503 29.05 17.85 1.78
N GLU E 504 29.10 18.47 2.95
CA GLU E 504 28.55 19.81 3.09
C GLU E 504 29.44 20.88 2.47
N GLN E 505 30.67 20.56 2.09
CA GLN E 505 31.59 21.56 1.57
C GLN E 505 31.22 21.94 0.15
N ASP E 506 31.86 23.02 -0.34
CA ASP E 506 31.48 23.63 -1.61
C ASP E 506 31.73 22.68 -2.79
N SER E 507 32.93 22.11 -2.86
CA SER E 507 33.26 21.06 -3.82
C SER E 507 33.44 19.77 -3.04
N PRO E 508 32.36 19.01 -2.78
CA PRO E 508 32.41 17.91 -1.81
C PRO E 508 33.34 16.76 -2.17
N PHE E 509 33.17 16.16 -3.36
CA PHE E 509 33.95 14.98 -3.71
C PHE E 509 35.42 15.32 -3.92
N CYS E 510 35.72 16.53 -4.37
CA CYS E 510 37.12 16.96 -4.43
C CYS E 510 37.67 17.18 -3.03
N PHE E 511 36.84 17.69 -2.12
CA PHE E 511 37.28 17.91 -0.75
C PHE E 511 37.55 16.58 -0.03
N LEU E 512 36.71 15.57 -0.26
CA LEU E 512 36.96 14.25 0.30
C LEU E 512 38.25 13.65 -0.24
N ALA E 513 38.59 13.94 -1.51
CA ALA E 513 39.86 13.48 -2.05
C ALA E 513 41.03 14.15 -1.36
N PHE E 514 40.88 15.43 -0.99
CA PHE E 514 41.90 16.10 -0.20
C PHE E 514 42.03 15.50 1.19
N CYS E 515 40.90 15.06 1.76
CA CYS E 515 40.90 14.50 3.11
C CYS E 515 41.72 13.22 3.19
N PHE E 516 41.66 12.39 2.13
CA PHE E 516 42.44 11.17 2.11
C PHE E 516 43.94 11.47 2.03
N GLU E 517 44.32 12.47 1.23
CA GLU E 517 45.74 12.81 1.12
C GLU E 517 46.23 13.52 2.37
N TYR E 518 45.38 14.32 3.02
CA TYR E 518 45.72 14.90 4.31
C TYR E 518 45.97 13.81 5.35
N ALA E 519 45.16 12.75 5.33
CA ALA E 519 45.36 11.64 6.25
C ALA E 519 46.67 10.92 5.97
N GLY E 520 47.08 10.87 4.70
CA GLY E 520 48.37 10.26 4.39
C GLY E 520 49.55 11.03 4.95
N VAL E 521 49.47 12.36 4.91
CA VAL E 521 50.55 13.18 5.46
C VAL E 521 50.58 13.06 6.98
N GLN E 522 49.40 12.97 7.61
CA GLN E 522 49.35 12.79 9.05
C GLN E 522 49.88 11.42 9.47
N HIS E 523 49.69 10.40 8.63
CA HIS E 523 50.08 9.05 8.98
C HIS E 523 51.52 8.73 8.57
N HIS E 524 51.95 9.16 7.39
CA HIS E 524 53.25 8.78 6.87
C HIS E 524 54.22 9.96 6.76
N GLY E 525 53.87 11.10 7.35
CA GLY E 525 54.79 12.21 7.42
C GLY E 525 54.91 12.96 6.10
N LEU E 526 55.93 13.82 6.05
CA LEU E 526 56.16 14.64 4.88
C LEU E 526 56.80 13.87 3.73
N SER E 527 57.30 12.66 3.98
CA SER E 527 57.86 11.82 2.93
C SER E 527 56.79 11.09 2.13
N TYR E 528 55.54 11.12 2.59
CA TYR E 528 54.43 10.47 1.90
C TYR E 528 54.23 11.09 0.53
N ASN E 529 54.35 10.27 -0.51
CA ASN E 529 54.20 10.79 -1.86
C ASN E 529 52.72 11.05 -2.16
N CYS E 530 52.45 12.16 -2.84
CA CYS E 530 51.09 12.60 -3.10
C CYS E 530 50.93 12.83 -4.60
N SER E 531 49.87 12.23 -5.16
CA SER E 531 49.61 12.32 -6.60
C SER E 531 48.32 13.07 -6.90
N LEU E 532 47.81 13.84 -5.94
CA LEU E 532 46.53 14.53 -6.10
C LEU E 532 46.72 15.84 -6.85
N PRO E 533 45.83 16.18 -7.78
CA PRO E 533 45.95 17.45 -8.51
C PRO E 533 45.52 18.64 -7.66
N LEU E 534 46.36 19.67 -7.61
CA LEU E 534 46.10 20.87 -6.82
C LEU E 534 45.82 22.02 -7.78
N ALA E 535 44.54 22.30 -7.99
CA ALA E 535 44.11 23.23 -9.04
C ALA E 535 44.04 24.66 -8.52
N PHE E 536 44.60 25.59 -9.27
CA PHE E 536 44.61 27.02 -8.93
C PHE E 536 43.82 27.77 -10.00
N ASP E 537 42.79 28.51 -9.57
CA ASP E 537 41.84 29.16 -10.46
C ASP E 537 42.06 30.67 -10.48
N GLY E 538 42.37 31.22 -11.65
CA GLY E 538 42.38 32.66 -11.79
C GLY E 538 41.01 33.26 -11.54
N SER E 539 41.00 34.50 -11.05
CA SER E 539 39.79 35.15 -10.54
C SER E 539 38.74 35.32 -11.63
N CYS E 540 38.82 36.40 -12.39
CA CYS E 540 37.98 36.61 -13.58
C CYS E 540 38.98 36.82 -14.72
N SER E 541 39.32 35.73 -15.40
CA SER E 541 40.48 35.74 -16.29
C SER E 541 40.26 36.59 -17.53
N GLY E 542 39.02 36.65 -18.04
CA GLY E 542 38.73 37.55 -19.15
C GLY E 542 39.00 39.00 -18.78
N ILE E 543 38.56 39.40 -17.59
CA ILE E 543 38.89 40.73 -17.08
C ILE E 543 40.38 40.82 -16.74
N GLN E 544 40.97 39.72 -16.27
CA GLN E 544 42.40 39.69 -15.98
C GLN E 544 43.21 39.94 -17.24
N HIS E 545 42.84 39.27 -18.34
CA HIS E 545 43.58 39.42 -19.59
C HIS E 545 43.38 40.82 -20.17
N PHE E 546 42.14 41.31 -20.21
CA PHE E 546 41.86 42.64 -20.74
C PHE E 546 42.59 43.72 -19.97
N SER E 547 42.65 43.58 -18.64
CA SER E 547 43.42 44.52 -17.84
C SER E 547 44.91 44.37 -18.06
N ALA E 548 45.36 43.16 -18.45
CA ALA E 548 46.78 42.95 -18.71
C ALA E 548 47.18 43.55 -20.04
N MET E 549 46.29 43.50 -21.05
CA MET E 549 46.57 44.14 -22.32
C MET E 549 46.77 45.64 -22.15
N LEU E 550 45.78 46.30 -21.56
CA LEU E 550 45.72 47.76 -21.54
C LEU E 550 46.28 48.35 -20.26
N ARG E 551 46.86 47.52 -19.39
CA ARG E 551 47.54 47.94 -18.17
C ARG E 551 46.60 48.68 -17.22
N ASP E 552 45.34 48.24 -17.18
CA ASP E 552 44.35 48.81 -16.27
C ASP E 552 44.71 48.42 -14.85
N GLU E 553 45.34 49.34 -14.11
CA GLU E 553 45.73 49.05 -12.74
C GLU E 553 44.52 48.87 -11.85
N VAL E 554 43.50 49.73 -12.00
CA VAL E 554 42.34 49.64 -11.12
C VAL E 554 41.51 48.40 -11.43
N GLY E 555 41.50 47.95 -12.68
CA GLY E 555 40.81 46.73 -13.03
C GLY E 555 41.64 45.53 -12.64
N GLY E 556 42.96 45.65 -12.83
CA GLY E 556 43.86 44.57 -12.42
C GLY E 556 43.88 44.36 -10.92
N ARG E 557 43.78 45.46 -10.16
CA ARG E 557 43.71 45.36 -8.70
C ARG E 557 42.45 44.62 -8.27
N ALA E 558 41.35 44.83 -8.98
CA ALA E 558 40.09 44.17 -8.61
C ALA E 558 40.09 42.68 -8.94
N VAL E 559 40.97 42.23 -9.83
CA VAL E 559 41.02 40.82 -10.20
C VAL E 559 42.33 40.20 -9.69
N ASN E 560 42.88 40.78 -8.62
CA ASN E 560 44.03 40.25 -7.88
C ASN E 560 45.29 40.14 -8.73
N LEU E 561 45.41 40.95 -9.79
CA LEU E 561 46.65 40.97 -10.57
C LEU E 561 47.78 41.60 -9.78
N LEU E 562 47.47 42.60 -8.97
CA LEU E 562 48.46 43.25 -8.13
C LEU E 562 48.58 42.51 -6.80
N PRO E 563 49.78 42.50 -6.19
CA PRO E 563 49.94 41.85 -4.89
C PRO E 563 49.19 42.58 -3.79
N SER E 564 48.13 41.96 -3.27
CA SER E 564 47.27 42.57 -2.27
C SER E 564 47.36 41.77 -0.98
N GLU E 565 47.15 42.47 0.14
CA GLU E 565 47.14 41.78 1.43
C GLU E 565 45.88 40.94 1.60
N THR E 566 44.80 41.32 0.94
CA THR E 566 43.53 40.61 1.01
C THR E 566 43.10 40.20 -0.40
N VAL E 567 42.38 39.08 -0.48
CA VAL E 567 41.83 38.64 -1.76
C VAL E 567 40.77 39.62 -2.20
N GLN E 568 40.98 40.23 -3.36
CA GLN E 568 40.06 41.25 -3.86
C GLN E 568 38.85 40.61 -4.51
N ASP E 569 37.69 41.20 -4.27
CA ASP E 569 36.40 40.68 -4.73
C ASP E 569 35.80 41.72 -5.69
N ILE E 570 35.86 41.42 -6.98
CA ILE E 570 35.32 42.35 -7.98
C ILE E 570 33.81 42.48 -7.85
N TYR E 571 33.14 41.44 -7.34
CA TYR E 571 31.71 41.53 -7.13
C TYR E 571 31.38 42.47 -5.97
N GLY E 572 32.17 42.41 -4.90
CA GLY E 572 31.98 43.34 -3.80
C GLY E 572 32.45 44.73 -4.13
N ILE E 573 33.50 44.86 -4.93
CA ILE E 573 34.00 46.17 -5.35
C ILE E 573 32.93 46.87 -6.20
N VAL E 574 32.29 46.13 -7.09
CA VAL E 574 31.21 46.71 -7.89
C VAL E 574 30.02 47.05 -6.99
N ALA E 575 29.64 46.12 -6.11
CA ALA E 575 28.48 46.34 -5.24
C ALA E 575 28.71 47.49 -4.27
N LYS E 576 29.95 47.68 -3.82
CA LYS E 576 30.26 48.88 -3.02
C LYS E 576 30.11 50.14 -3.86
N LYS E 577 30.36 50.05 -5.17
CA LYS E 577 30.20 51.23 -6.02
C LYS E 577 28.73 51.55 -6.27
N VAL E 578 27.88 50.54 -6.44
CA VAL E 578 26.46 50.85 -6.63
C VAL E 578 25.86 51.40 -5.34
N ASN E 579 26.41 51.01 -4.18
CA ASN E 579 25.90 51.54 -2.92
C ASN E 579 26.21 53.01 -2.76
N GLU E 580 27.30 53.48 -3.37
CA GLU E 580 27.56 54.91 -3.43
C GLU E 580 26.55 55.63 -4.32
N ILE E 581 26.10 54.98 -5.39
CA ILE E 581 25.10 55.59 -6.26
C ILE E 581 23.72 55.53 -5.61
N LEU E 582 23.41 54.42 -4.93
CA LEU E 582 22.15 54.29 -4.21
C LEU E 582 21.98 55.38 -3.16
N GLN E 583 23.07 55.75 -2.48
CA GLN E 583 23.00 56.80 -1.49
C GLN E 583 22.83 58.17 -2.15
N ALA E 584 23.61 58.43 -3.20
CA ALA E 584 23.55 59.73 -3.87
C ALA E 584 22.21 59.97 -4.54
N ASP E 585 21.56 58.91 -5.02
CA ASP E 585 20.25 59.08 -5.61
C ASP E 585 19.15 59.19 -4.57
N ALA E 586 19.30 58.52 -3.43
CA ALA E 586 18.29 58.60 -2.38
C ALA E 586 18.26 59.97 -1.73
N ILE E 587 19.38 60.71 -1.77
CA ILE E 587 19.46 62.04 -1.20
C ILE E 587 18.98 63.05 -2.23
N ASN E 588 19.68 63.13 -3.36
CA ASN E 588 19.28 63.98 -4.48
C ASN E 588 18.95 63.08 -5.67
N GLY E 589 17.65 62.87 -5.90
CA GLY E 589 17.18 62.08 -7.01
C GLY E 589 15.86 62.61 -7.52
N THR E 590 15.39 62.01 -8.60
CA THR E 590 14.14 62.43 -9.20
C THR E 590 12.96 61.91 -8.37
N ASP E 591 11.90 62.73 -8.30
CA ASP E 591 10.70 62.38 -7.54
C ASP E 591 9.85 61.36 -8.32
N ASN E 592 8.58 61.22 -7.95
CA ASN E 592 7.71 60.22 -8.56
C ASN E 592 6.69 60.91 -9.47
N GLU E 593 6.76 60.62 -10.76
CA GLU E 593 5.87 61.19 -11.76
C GLU E 593 4.70 60.27 -12.03
N VAL E 594 3.50 60.83 -12.08
CA VAL E 594 2.28 60.11 -12.43
C VAL E 594 2.02 60.33 -13.92
N VAL E 595 1.79 59.25 -14.66
CA VAL E 595 1.63 59.32 -16.11
C VAL E 595 0.38 58.55 -16.53
N THR E 596 -0.20 58.99 -17.64
CA THR E 596 -1.34 58.32 -18.26
C THR E 596 -0.85 57.21 -19.17
N VAL E 597 -1.38 56.01 -18.98
CA VAL E 597 -1.17 54.90 -19.92
C VAL E 597 -2.53 54.43 -20.41
N THR E 598 -2.69 54.42 -21.73
CA THR E 598 -3.86 53.85 -22.37
C THR E 598 -3.40 52.62 -23.14
N ASP E 599 -4.06 51.49 -22.90
CA ASP E 599 -3.72 50.27 -23.62
C ASP E 599 -4.00 50.44 -25.11
N GLU E 600 -3.10 49.90 -25.93
CA GLU E 600 -3.35 49.92 -27.36
C GLU E 600 -4.45 48.96 -27.75
N ASN E 601 -4.54 47.82 -27.04
CA ASN E 601 -5.55 46.83 -27.34
C ASN E 601 -6.93 47.26 -26.85
N THR E 602 -7.02 47.68 -25.59
CA THR E 602 -8.28 48.01 -24.96
C THR E 602 -8.30 49.47 -24.53
N GLY E 603 -9.50 50.02 -24.36
CA GLY E 603 -9.63 51.45 -24.18
C GLY E 603 -9.27 52.01 -22.82
N GLU E 604 -9.05 51.15 -21.81
CA GLU E 604 -8.93 51.62 -20.43
C GLU E 604 -7.68 52.48 -20.23
N ILE E 605 -7.86 53.61 -19.56
CA ILE E 605 -6.77 54.50 -19.19
C ILE E 605 -6.53 54.34 -17.70
N SER E 606 -5.31 53.99 -17.32
CA SER E 606 -4.91 53.86 -15.93
C SER E 606 -3.88 54.93 -15.60
N GLU E 607 -3.81 55.28 -14.32
CA GLU E 607 -2.87 56.29 -13.83
C GLU E 607 -1.77 55.58 -13.05
N LYS E 608 -0.72 55.17 -13.77
CA LYS E 608 0.44 54.57 -13.12
C LYS E 608 1.46 55.64 -12.75
N VAL E 609 2.41 55.26 -11.91
CA VAL E 609 3.46 56.15 -11.47
C VAL E 609 4.81 55.54 -11.86
N LYS E 610 5.60 56.28 -12.62
CA LYS E 610 6.97 55.87 -12.88
C LYS E 610 7.82 56.34 -11.71
N LEU E 611 8.52 55.40 -11.09
CA LEU E 611 9.30 55.72 -9.90
C LEU E 611 10.56 56.48 -10.29
N GLY E 612 10.89 57.48 -9.49
CA GLY E 612 12.12 58.20 -9.70
C GLY E 612 13.29 57.56 -8.98
N THR E 613 14.48 58.11 -9.23
CA THR E 613 15.70 57.53 -8.67
C THR E 613 15.74 57.65 -7.16
N LYS E 614 15.11 58.69 -6.61
CA LYS E 614 15.07 58.84 -5.16
C LYS E 614 14.27 57.72 -4.50
N ALA E 615 13.06 57.47 -5.00
CA ALA E 615 12.25 56.40 -4.45
C ALA E 615 12.79 55.03 -4.81
N LEU E 616 13.40 54.88 -5.99
CA LEU E 616 13.90 53.58 -6.41
C LEU E 616 15.13 53.17 -5.60
N ALA E 617 16.04 54.11 -5.34
CA ALA E 617 17.22 53.80 -4.56
C ALA E 617 16.88 53.43 -3.13
N GLY E 618 15.84 54.05 -2.56
CA GLY E 618 15.42 53.73 -1.21
C GLY E 618 14.96 52.29 -1.05
N GLN E 619 14.37 51.72 -2.11
CA GLN E 619 13.99 50.31 -2.08
C GLN E 619 15.23 49.42 -1.99
N TRP E 620 16.22 49.68 -2.85
CA TRP E 620 17.40 48.83 -2.90
C TRP E 620 18.25 48.97 -1.63
N LEU E 621 18.27 50.15 -1.02
CA LEU E 621 18.97 50.31 0.25
C LEU E 621 18.28 49.52 1.36
N ALA E 622 16.95 49.46 1.33
CA ALA E 622 16.22 48.64 2.30
C ALA E 622 16.47 47.16 2.10
N TYR E 623 16.80 46.75 0.87
CA TYR E 623 17.12 45.36 0.62
C TYR E 623 18.54 45.02 1.06
N GLY E 624 19.45 46.00 1.00
CA GLY E 624 20.86 45.71 1.25
C GLY E 624 21.48 45.05 0.04
N VAL E 625 22.32 45.79 -0.67
CA VAL E 625 22.96 45.29 -1.88
C VAL E 625 24.30 44.66 -1.50
N THR E 626 24.41 43.35 -1.70
CA THR E 626 25.63 42.60 -1.47
C THR E 626 26.24 42.21 -2.81
N ARG E 627 27.29 41.38 -2.75
CA ARG E 627 27.93 40.90 -3.97
C ARG E 627 27.03 39.96 -4.76
N SER E 628 26.03 39.34 -4.12
CA SER E 628 25.12 38.45 -4.81
C SER E 628 24.18 39.17 -5.78
N VAL E 629 24.06 40.49 -5.64
CA VAL E 629 23.23 41.25 -6.57
C VAL E 629 23.97 41.50 -7.88
N THR E 630 25.30 41.65 -7.82
CA THR E 630 26.09 42.02 -8.98
C THR E 630 26.98 40.88 -9.48
N LYS E 631 26.94 39.71 -8.85
CA LYS E 631 27.88 38.64 -9.17
C LYS E 631 27.72 38.16 -10.61
N ARG E 632 26.49 37.73 -10.97
CA ARG E 632 26.23 37.22 -12.31
C ARG E 632 26.50 38.27 -13.38
N SER E 633 26.30 39.55 -13.06
CA SER E 633 26.53 40.60 -14.03
C SER E 633 28.00 40.75 -14.38
N VAL E 634 28.88 40.67 -13.37
CA VAL E 634 30.30 40.80 -13.62
C VAL E 634 30.84 39.55 -14.31
N MET E 635 30.30 38.39 -13.98
CA MET E 635 30.77 37.15 -14.60
C MET E 635 30.44 37.11 -16.09
N THR E 636 29.26 37.58 -16.48
CA THR E 636 28.85 37.54 -17.87
C THR E 636 29.30 38.75 -18.66
N LEU E 637 30.10 39.65 -18.07
CA LEU E 637 30.53 40.85 -18.80
C LEU E 637 31.42 40.49 -19.97
N ALA E 638 32.36 39.56 -19.76
CA ALA E 638 33.26 39.16 -20.84
C ALA E 638 32.52 38.42 -21.94
N TYR E 639 31.39 37.80 -21.61
CA TYR E 639 30.60 37.08 -22.62
C TYR E 639 29.81 38.02 -23.51
N GLY E 640 29.79 39.32 -23.21
CA GLY E 640 29.08 40.30 -24.01
C GLY E 640 27.88 40.92 -23.33
N SER E 641 27.50 40.43 -22.16
CA SER E 641 26.35 40.98 -21.45
C SER E 641 26.60 42.42 -21.04
N LYS E 642 25.61 43.27 -21.29
CA LYS E 642 25.73 44.68 -20.95
C LYS E 642 24.53 45.09 -20.11
N GLU E 643 24.08 46.34 -20.24
CA GLU E 643 23.08 46.88 -19.32
C GLU E 643 21.73 46.18 -19.47
N PHE E 644 21.34 45.81 -20.69
CA PHE E 644 20.05 45.15 -20.88
C PHE E 644 20.05 43.75 -20.27
N GLY E 645 21.08 42.95 -20.57
CA GLY E 645 21.13 41.60 -20.04
C GLY E 645 21.27 41.57 -18.53
N PHE E 646 21.79 42.65 -17.95
CA PHE E 646 21.83 42.78 -16.49
C PHE E 646 20.41 42.84 -15.92
N ARG E 647 19.51 43.56 -16.61
CA ARG E 647 18.16 43.76 -16.11
C ARG E 647 17.42 42.43 -15.92
N GLN E 648 17.63 41.49 -16.83
CA GLN E 648 17.01 40.18 -16.68
C GLN E 648 17.63 39.41 -15.53
N GLN E 649 18.95 39.56 -15.34
CA GLN E 649 19.64 38.86 -14.28
C GLN E 649 19.18 39.33 -12.90
N VAL E 650 19.09 40.65 -12.71
CA VAL E 650 18.67 41.19 -11.41
C VAL E 650 17.26 40.75 -11.08
N LEU E 651 16.38 40.70 -12.08
CA LEU E 651 15.01 40.25 -11.84
C LEU E 651 14.97 38.77 -11.47
N GLU E 652 15.70 37.93 -12.20
CA GLU E 652 15.68 36.49 -11.92
C GLU E 652 16.41 36.13 -10.64
N ASP E 653 17.58 36.72 -10.40
CA ASP E 653 18.44 36.26 -9.32
C ASP E 653 18.11 36.91 -7.99
N THR E 654 17.71 38.19 -8.00
CA THR E 654 17.57 38.96 -6.78
C THR E 654 16.14 39.33 -6.43
N ILE E 655 15.41 39.94 -7.37
CA ILE E 655 14.12 40.54 -7.04
C ILE E 655 13.03 39.49 -6.92
N GLN E 656 12.89 38.63 -7.94
CA GLN E 656 11.87 37.58 -7.89
C GLN E 656 12.07 36.56 -6.77
N PRO E 657 13.27 36.06 -6.44
CA PRO E 657 13.38 35.16 -5.28
C PRO E 657 13.09 35.85 -3.96
N ALA E 658 13.42 37.13 -3.83
CA ALA E 658 13.12 37.84 -2.58
C ALA E 658 11.62 38.03 -2.42
N ILE E 659 10.91 38.33 -3.51
CA ILE E 659 9.46 38.52 -3.44
C ILE E 659 8.77 37.22 -3.05
N ASP E 660 9.21 36.09 -3.62
CA ASP E 660 8.61 34.80 -3.29
C ASP E 660 8.95 34.36 -1.88
N SER E 661 10.13 34.74 -1.37
CA SER E 661 10.56 34.30 -0.05
C SER E 661 9.91 35.08 1.09
N GLY E 662 9.20 36.17 0.79
CA GLY E 662 8.57 37.01 1.81
C GLY E 662 9.11 38.43 1.81
N LYS E 663 10.37 38.61 1.43
CA LYS E 663 10.95 39.95 1.29
C LYS E 663 10.47 40.59 -0.01
N GLY E 664 11.22 41.56 -0.52
CA GLY E 664 10.77 42.22 -1.72
C GLY E 664 9.59 43.13 -1.52
N LEU E 665 9.27 43.47 -0.26
CA LEU E 665 8.19 44.41 0.02
C LEU E 665 8.52 45.80 -0.49
N MET E 666 9.81 46.13 -0.59
CA MET E 666 10.20 47.42 -1.15
C MET E 666 10.03 47.46 -2.66
N PHE E 667 10.09 46.29 -3.32
CA PHE E 667 9.97 46.22 -4.77
C PHE E 667 8.49 46.29 -5.15
N THR E 668 7.96 47.51 -5.18
CA THR E 668 6.59 47.72 -5.61
C THR E 668 6.41 47.39 -7.08
N GLN E 669 7.28 47.95 -7.93
CA GLN E 669 7.39 47.50 -9.31
C GLN E 669 8.69 46.74 -9.46
N PRO E 670 8.65 45.43 -9.73
CA PRO E 670 9.91 44.68 -9.89
C PRO E 670 10.72 45.08 -11.11
N ASN E 671 10.07 45.27 -12.26
CA ASN E 671 10.80 45.62 -13.48
C ASN E 671 11.39 47.01 -13.42
N GLN E 672 10.77 47.91 -12.65
CA GLN E 672 11.35 49.24 -12.46
C GLN E 672 12.63 49.15 -11.65
N ALA E 673 12.62 48.39 -10.56
CA ALA E 673 13.81 48.20 -9.75
C ALA E 673 14.87 47.40 -10.49
N ALA E 674 14.44 46.49 -11.38
CA ALA E 674 15.41 45.74 -12.18
C ALA E 674 16.12 46.64 -13.18
N GLY E 675 15.37 47.53 -13.84
CA GLY E 675 15.98 48.46 -14.78
C GLY E 675 16.86 49.49 -14.09
N TYR E 676 16.48 49.92 -12.89
CA TYR E 676 17.31 50.87 -12.16
C TYR E 676 18.59 50.23 -11.65
N MET E 677 18.54 48.96 -11.27
CA MET E 677 19.74 48.27 -10.79
C MET E 677 20.70 47.99 -11.93
N ALA E 678 20.17 47.69 -13.12
CA ALA E 678 21.03 47.36 -14.26
C ALA E 678 21.83 48.57 -14.72
N LYS E 679 21.24 49.77 -14.66
CA LYS E 679 21.97 50.98 -14.99
C LYS E 679 23.10 51.22 -13.98
N LEU E 680 22.86 50.87 -12.72
CA LEU E 680 23.86 51.10 -11.68
C LEU E 680 25.00 50.10 -11.76
N ILE E 681 24.69 48.84 -12.10
CA ILE E 681 25.72 47.82 -12.22
C ILE E 681 26.64 48.13 -13.40
N TRP E 682 26.06 48.47 -14.56
CA TRP E 682 26.90 48.81 -15.71
C TRP E 682 27.66 50.10 -15.48
N GLU E 683 27.07 51.06 -14.77
CA GLU E 683 27.80 52.27 -14.39
C GLU E 683 28.97 51.94 -13.47
N SER E 684 28.75 51.03 -12.51
CA SER E 684 29.81 50.69 -11.57
C SER E 684 30.90 49.85 -12.24
N VAL E 685 30.50 48.90 -13.11
CA VAL E 685 31.46 48.05 -13.79
C VAL E 685 32.35 48.87 -14.72
N SER E 686 31.77 49.84 -15.42
CA SER E 686 32.52 50.62 -16.40
C SER E 686 33.59 51.50 -15.77
N VAL E 687 33.46 51.83 -14.48
CA VAL E 687 34.49 52.62 -13.82
C VAL E 687 35.55 51.75 -13.16
N THR E 688 35.21 50.51 -12.79
CA THR E 688 36.22 49.67 -12.15
C THR E 688 37.03 48.87 -13.16
N VAL E 689 36.41 48.33 -14.20
CA VAL E 689 37.13 47.54 -15.19
C VAL E 689 37.15 48.26 -16.54
N VAL E 690 37.82 49.43 -16.57
CA VAL E 690 37.77 50.32 -17.73
C VAL E 690 38.31 49.65 -18.97
N ALA E 691 39.41 48.90 -18.85
CA ALA E 691 40.00 48.24 -20.00
C ALA E 691 39.11 47.13 -20.54
N ALA E 692 38.36 46.46 -19.67
CA ALA E 692 37.48 45.38 -20.13
C ALA E 692 36.37 45.92 -21.02
N VAL E 693 35.71 46.99 -20.59
CA VAL E 693 34.64 47.55 -21.39
C VAL E 693 35.17 48.34 -22.59
N GLU E 694 36.42 48.80 -22.54
CA GLU E 694 36.96 49.57 -23.65
C GLU E 694 37.52 48.67 -24.75
N ALA E 695 38.19 47.58 -24.36
CA ALA E 695 38.66 46.63 -25.36
C ALA E 695 37.49 45.95 -26.05
N MET E 696 36.46 45.59 -25.28
CA MET E 696 35.30 44.92 -25.88
C MET E 696 34.53 45.84 -26.83
N ASN E 697 34.55 47.15 -26.58
CA ASN E 697 33.93 48.07 -27.52
C ASN E 697 34.79 48.26 -28.76
N TRP E 698 36.11 48.14 -28.62
CA TRP E 698 37.01 48.29 -29.76
C TRP E 698 36.99 47.04 -30.65
N LEU E 699 36.95 45.85 -30.04
CA LEU E 699 36.84 44.62 -30.82
C LEU E 699 35.49 44.53 -31.53
N LYS E 700 34.41 44.90 -30.83
CA LYS E 700 33.08 44.89 -31.44
C LYS E 700 33.00 45.88 -32.59
N SER E 701 33.68 47.02 -32.46
CA SER E 701 33.68 48.01 -33.53
C SER E 701 34.49 47.52 -34.72
N ALA E 702 35.55 46.77 -34.47
CA ALA E 702 36.34 46.21 -35.56
C ALA E 702 35.51 45.22 -36.37
N ALA E 703 34.95 44.19 -35.69
CA ALA E 703 34.22 43.14 -36.39
C ALA E 703 32.97 43.68 -37.09
N LYS E 704 32.44 44.80 -36.61
CA LYS E 704 31.30 45.43 -37.31
C LYS E 704 31.72 45.95 -38.68
N LEU E 705 32.92 46.52 -38.78
CA LEU E 705 33.37 47.05 -40.06
C LEU E 705 33.74 45.93 -41.03
N LEU E 706 34.41 44.88 -40.53
CA LEU E 706 34.81 43.77 -41.38
C LEU E 706 33.61 42.99 -41.91
N ALA E 707 32.55 42.87 -41.11
CA ALA E 707 31.37 42.12 -41.51
C ALA E 707 30.40 42.92 -42.36
N ALA E 708 30.74 44.15 -42.72
CA ALA E 708 29.83 44.97 -43.50
C ALA E 708 29.98 44.68 -44.99
N GLU E 709 28.94 45.02 -45.75
CA GLU E 709 28.95 44.95 -47.21
C GLU E 709 28.98 46.39 -47.72
N VAL E 710 30.19 46.89 -47.97
CA VAL E 710 30.40 48.27 -48.41
C VAL E 710 29.87 48.39 -49.84
N LYS E 711 28.76 49.10 -50.01
CA LYS E 711 28.17 49.34 -51.31
C LYS E 711 27.93 50.83 -51.50
N ASP E 712 28.07 51.29 -52.74
CA ASP E 712 27.66 52.67 -53.04
C ASP E 712 26.14 52.75 -53.07
N LYS E 713 25.62 53.89 -52.65
CA LYS E 713 24.17 54.06 -52.55
C LYS E 713 23.50 54.08 -53.91
N LYS E 714 24.16 54.64 -54.92
CA LYS E 714 23.55 54.75 -56.24
C LYS E 714 23.78 53.52 -57.11
N THR E 715 25.02 53.00 -57.15
CA THR E 715 25.28 51.80 -57.97
C THR E 715 24.63 50.56 -57.38
N GLY E 716 24.71 50.40 -56.07
CA GLY E 716 24.26 49.17 -55.45
C GLY E 716 25.20 48.00 -55.57
N GLU E 717 26.41 48.21 -56.11
CA GLU E 717 27.40 47.15 -56.23
C GLU E 717 28.29 47.12 -54.99
N ILE E 718 28.79 45.93 -54.67
CA ILE E 718 29.57 45.72 -53.46
C ILE E 718 31.00 46.15 -53.73
N LEU E 719 31.43 47.25 -53.10
CA LEU E 719 32.82 47.67 -53.24
C LEU E 719 33.74 46.88 -52.32
N ARG E 720 33.25 46.44 -51.17
CA ARG E 720 34.01 45.55 -50.29
C ARG E 720 33.06 44.53 -49.69
N LYS E 721 33.34 43.25 -49.97
CA LYS E 721 32.48 42.17 -49.50
C LYS E 721 32.62 42.00 -47.99
N ARG E 722 31.74 41.18 -47.44
CA ARG E 722 31.80 40.84 -46.03
C ARG E 722 33.07 40.05 -45.73
N CYS E 723 33.96 40.63 -44.92
CA CYS E 723 35.22 40.01 -44.57
C CYS E 723 35.15 39.40 -43.18
N ALA E 724 35.99 38.41 -42.93
CA ALA E 724 36.05 37.78 -41.63
C ALA E 724 37.18 38.39 -40.79
N VAL E 725 37.17 38.02 -39.51
CA VAL E 725 38.14 38.50 -38.54
C VAL E 725 39.09 37.37 -38.19
N HIS E 726 40.39 37.64 -38.30
CA HIS E 726 41.43 36.65 -38.05
C HIS E 726 42.54 37.29 -37.25
N TRP E 727 43.10 36.52 -36.32
CA TRP E 727 44.26 36.97 -35.55
C TRP E 727 45.09 35.75 -35.18
N VAL E 728 46.29 36.02 -34.66
CA VAL E 728 47.19 34.98 -34.21
C VAL E 728 47.44 35.17 -32.72
N THR E 729 47.44 34.06 -31.98
CA THR E 729 47.75 34.08 -30.57
C THR E 729 49.25 34.27 -30.38
N PRO E 730 49.70 34.67 -29.19
CA PRO E 730 51.15 34.88 -28.98
C PRO E 730 52.00 33.64 -29.17
N ASP E 731 51.46 32.44 -28.93
CA ASP E 731 52.24 31.22 -29.15
C ASP E 731 52.07 30.64 -30.55
N GLY E 732 51.37 31.34 -31.45
CA GLY E 732 51.37 31.01 -32.86
C GLY E 732 50.07 30.48 -33.41
N PHE E 733 49.11 30.11 -32.57
CA PHE E 733 47.86 29.53 -33.03
C PHE E 733 46.98 30.59 -33.70
N PRO E 734 46.62 30.42 -34.97
CA PRO E 734 45.67 31.35 -35.60
C PRO E 734 44.23 30.89 -35.39
N VAL E 735 43.31 31.78 -35.70
CA VAL E 735 41.90 31.54 -35.46
C VAL E 735 41.07 32.38 -36.42
N TRP E 736 40.04 31.78 -37.00
CA TRP E 736 39.19 32.43 -38.00
C TRP E 736 37.76 32.47 -37.49
N GLN E 737 37.26 33.67 -37.23
CA GLN E 737 35.86 33.85 -36.85
C GLN E 737 35.06 34.16 -38.12
N GLU E 738 34.36 33.15 -38.64
CA GLU E 738 33.54 33.29 -39.84
C GLU E 738 32.14 32.72 -39.53
N TYR E 739 31.36 33.47 -38.75
CA TYR E 739 29.99 33.08 -38.46
C TYR E 739 29.15 33.23 -39.72
N LYS E 740 28.62 32.11 -40.24
CA LYS E 740 27.79 32.14 -41.43
C LYS E 740 26.32 31.95 -41.06
N LYS E 741 25.44 32.53 -41.88
CA LYS E 741 24.01 32.35 -41.69
C LYS E 741 23.39 31.88 -43.01
N PRO E 742 22.40 31.00 -42.96
CA PRO E 742 21.73 30.56 -44.19
C PRO E 742 20.83 31.66 -44.74
N ILE E 743 20.59 31.59 -46.04
CA ILE E 743 19.83 32.65 -46.71
C ILE E 743 18.33 32.50 -46.52
N GLN E 744 17.85 31.31 -46.18
CA GLN E 744 16.41 31.05 -46.10
C GLN E 744 16.19 29.78 -45.31
N THR E 745 15.32 29.85 -44.31
CA THR E 745 14.93 28.70 -43.51
C THR E 745 13.42 28.70 -43.35
N ARG E 746 12.85 27.51 -43.28
CA ARG E 746 11.41 27.33 -43.10
C ARG E 746 11.13 26.85 -41.68
N LEU E 747 10.20 27.54 -41.01
CA LEU E 747 9.80 27.21 -39.64
C LEU E 747 8.29 27.07 -39.62
N ASN E 748 7.80 25.91 -39.18
CA ASN E 748 6.40 25.74 -38.89
C ASN E 748 6.18 25.77 -37.38
N LEU E 749 4.99 26.20 -36.98
CA LEU E 749 4.72 26.37 -35.55
C LEU E 749 4.62 25.04 -34.83
N MET E 750 4.21 23.97 -35.52
CA MET E 750 4.00 22.70 -34.85
C MET E 750 5.12 21.70 -35.08
N PHE E 751 5.80 21.77 -36.22
CA PHE E 751 6.86 20.83 -36.52
C PHE E 751 8.19 21.56 -36.64
N LEU E 752 9.27 20.77 -36.58
CA LEU E 752 10.61 21.33 -36.53
C LEU E 752 10.94 22.09 -37.80
N GLY E 753 11.80 23.10 -37.67
CA GLY E 753 12.29 23.81 -38.83
C GLY E 753 13.23 22.95 -39.65
N GLN E 754 13.33 23.28 -40.94
CA GLN E 754 14.15 22.50 -41.86
C GLN E 754 14.95 23.43 -42.76
N PHE E 755 16.14 22.95 -43.13
CA PHE E 755 17.04 23.63 -44.05
C PHE E 755 16.89 23.07 -45.45
N ARG E 756 17.07 23.94 -46.45
CA ARG E 756 17.04 23.50 -47.84
C ARG E 756 18.36 22.80 -48.18
N ASP E 766 22.85 29.11 -49.52
CA ASP E 766 24.23 29.61 -49.52
C ASP E 766 24.55 30.32 -48.20
N SER E 767 25.83 30.38 -47.86
CA SER E 767 26.28 30.89 -46.57
C SER E 767 26.87 32.28 -46.75
N GLU E 768 26.07 33.29 -46.42
CA GLU E 768 26.58 34.65 -46.21
C GLU E 768 26.96 34.76 -44.75
N ILE E 769 28.02 35.52 -44.46
CA ILE E 769 28.52 35.56 -43.08
C ILE E 769 27.52 36.33 -42.21
N ASP E 770 27.30 35.81 -41.01
CA ASP E 770 26.34 36.38 -40.06
C ASP E 770 26.99 37.59 -39.41
N ALA E 771 26.48 38.78 -39.75
CA ALA E 771 27.08 40.02 -39.25
C ALA E 771 26.96 40.10 -37.73
N HIS E 772 25.74 39.92 -37.20
CA HIS E 772 25.49 40.13 -35.77
C HIS E 772 26.27 39.16 -34.90
N LYS E 773 26.48 37.92 -35.38
CA LYS E 773 27.24 36.96 -34.59
C LYS E 773 28.73 37.28 -34.57
N GLN E 774 29.23 37.95 -35.61
CA GLN E 774 30.61 38.41 -35.58
C GLN E 774 30.81 39.47 -34.50
N GLU E 775 29.87 40.41 -34.40
CA GLU E 775 29.99 41.48 -33.40
C GLU E 775 29.79 40.93 -31.99
N SER E 776 28.74 40.13 -31.78
CA SER E 776 28.45 39.58 -30.47
C SER E 776 29.46 38.55 -30.00
N GLY E 777 30.31 38.06 -30.90
CA GLY E 777 31.23 36.99 -30.55
C GLY E 777 32.69 37.35 -30.55
N ILE E 778 33.06 38.48 -31.16
CA ILE E 778 34.48 38.79 -31.33
C ILE E 778 35.16 39.02 -29.98
N ALA E 779 34.50 39.76 -29.09
CA ALA E 779 35.13 40.06 -27.80
C ALA E 779 35.28 38.82 -26.91
N PRO E 780 34.27 37.93 -26.76
CA PRO E 780 34.56 36.71 -26.00
C PRO E 780 35.57 35.79 -26.67
N ASN E 781 35.45 35.59 -27.99
CA ASN E 781 36.31 34.64 -28.68
C ASN E 781 37.76 35.10 -28.69
N PHE E 782 37.99 36.42 -28.78
CA PHE E 782 39.36 36.93 -28.77
C PHE E 782 40.01 36.72 -27.42
N VAL E 783 39.28 36.96 -26.34
CA VAL E 783 39.89 36.84 -25.02
C VAL E 783 40.03 35.37 -24.61
N HIS E 784 39.16 34.49 -25.11
CA HIS E 784 39.31 33.06 -24.82
C HIS E 784 40.48 32.47 -25.58
N SER E 785 40.80 33.02 -26.76
CA SER E 785 42.01 32.63 -27.46
C SER E 785 43.26 33.05 -26.71
N GLN E 786 43.16 34.06 -25.84
CA GLN E 786 44.31 34.52 -25.08
C GLN E 786 44.61 33.64 -23.88
N ASP E 787 43.58 33.22 -23.14
CA ASP E 787 43.82 32.29 -22.03
C ASP E 787 44.22 30.92 -22.54
N GLY E 788 43.77 30.56 -23.75
CA GLY E 788 44.25 29.34 -24.38
C GLY E 788 45.73 29.43 -24.69
N SER E 789 46.16 30.55 -25.28
CA SER E 789 47.59 30.78 -25.48
C SER E 789 48.32 30.86 -24.16
N HIS E 790 47.68 31.47 -23.15
CA HIS E 790 48.30 31.54 -21.83
C HIS E 790 48.40 30.17 -21.18
N LEU E 791 47.39 29.32 -21.38
CA LEU E 791 47.46 27.96 -20.87
C LEU E 791 48.48 27.13 -21.64
N ARG E 792 48.52 27.27 -22.97
CA ARG E 792 49.47 26.53 -23.78
C ARG E 792 50.90 26.95 -23.47
N LYS E 793 51.13 28.26 -23.33
CA LYS E 793 52.47 28.72 -22.96
C LYS E 793 52.86 28.27 -21.56
N THR E 794 51.88 28.15 -20.66
CA THR E 794 52.17 27.71 -19.30
C THR E 794 52.58 26.25 -19.26
N VAL E 795 51.92 25.41 -20.04
CA VAL E 795 52.22 23.98 -20.09
C VAL E 795 53.66 23.75 -20.57
N VAL E 796 54.07 24.48 -21.60
CA VAL E 796 55.43 24.34 -22.13
C VAL E 796 56.44 24.94 -21.16
N TRP E 797 56.11 26.09 -20.56
CA TRP E 797 57.01 26.77 -19.62
C TRP E 797 57.21 25.95 -18.36
N ALA E 798 56.13 25.37 -17.83
CA ALA E 798 56.23 24.58 -16.60
C ALA E 798 56.94 23.25 -16.86
N HIS E 799 56.85 22.73 -18.08
CA HIS E 799 57.50 21.46 -18.38
C HIS E 799 58.98 21.62 -18.72
N GLU E 800 59.40 22.79 -19.19
CA GLU E 800 60.78 22.99 -19.62
C GLU E 800 61.63 23.69 -18.58
N LYS E 801 61.14 24.79 -18.01
CA LYS E 801 61.88 25.47 -16.95
C LYS E 801 61.92 24.63 -15.68
N TYR E 802 60.82 23.92 -15.41
CA TYR E 802 60.67 23.09 -14.23
C TYR E 802 60.39 21.67 -14.68
N GLY E 803 60.49 20.73 -13.75
CA GLY E 803 60.36 19.33 -14.12
C GLY E 803 58.93 18.83 -14.11
N ILE E 804 57.99 19.72 -14.41
CA ILE E 804 56.57 19.41 -14.25
C ILE E 804 56.10 18.55 -15.43
N GLU E 805 55.57 17.37 -15.11
CA GLU E 805 55.19 16.38 -16.11
C GLU E 805 53.71 16.04 -16.12
N SER E 806 52.99 16.29 -15.04
CA SER E 806 51.55 16.05 -14.98
C SER E 806 50.82 17.38 -14.96
N PHE E 807 49.63 17.41 -15.56
CA PHE E 807 48.91 18.66 -15.75
C PHE E 807 47.42 18.43 -15.66
N ALA E 808 46.74 19.28 -14.88
CA ALA E 808 45.29 19.31 -14.79
C ALA E 808 44.82 20.66 -15.31
N LEU E 809 44.20 20.66 -16.49
CA LEU E 809 43.87 21.89 -17.20
C LEU E 809 42.37 21.96 -17.43
N ILE E 810 41.72 22.98 -16.88
CA ILE E 810 40.35 23.33 -17.22
C ILE E 810 40.32 24.82 -17.53
N HIS E 811 40.96 25.21 -18.64
CA HIS E 811 40.94 26.57 -19.19
C HIS E 811 41.47 27.62 -18.21
N ASP E 812 40.83 27.73 -17.04
CA ASP E 812 41.29 28.59 -15.96
C ASP E 812 42.05 27.85 -14.88
N SER E 813 41.78 26.56 -14.69
CA SER E 813 42.43 25.79 -13.64
C SER E 813 43.72 25.19 -14.14
N PHE E 814 44.75 25.22 -13.30
CA PHE E 814 46.03 24.57 -13.57
C PHE E 814 46.38 23.74 -12.35
N GLY E 815 46.51 22.43 -12.52
CA GLY E 815 46.71 21.53 -11.41
C GLY E 815 47.89 20.61 -11.62
N THR E 816 48.57 20.27 -10.52
CA THR E 816 49.75 19.43 -10.54
C THR E 816 49.86 18.67 -9.21
N ILE E 817 50.83 17.78 -9.15
CA ILE E 817 51.41 17.17 -7.95
C ILE E 817 51.69 18.25 -6.92
N PRO E 818 51.43 18.00 -5.63
CA PRO E 818 51.79 19.00 -4.60
C PRO E 818 53.26 19.38 -4.59
N ALA E 819 54.17 18.43 -4.87
CA ALA E 819 55.58 18.74 -4.91
C ALA E 819 55.92 19.67 -6.08
N ASP E 820 55.14 19.62 -7.16
CA ASP E 820 55.33 20.50 -8.30
C ASP E 820 54.36 21.68 -8.29
N ALA E 821 53.54 21.83 -7.25
CA ALA E 821 52.49 22.84 -7.26
C ALA E 821 53.05 24.24 -7.08
N ALA E 822 54.17 24.38 -6.35
CA ALA E 822 54.76 25.70 -6.15
C ALA E 822 55.41 26.20 -7.43
N ASN E 823 55.99 25.30 -8.22
CA ASN E 823 56.65 25.70 -9.47
C ASN E 823 55.63 26.09 -10.54
N LEU E 824 54.48 25.39 -10.57
CA LEU E 824 53.43 25.75 -11.50
C LEU E 824 52.87 27.13 -11.19
N PHE E 825 52.55 27.37 -9.92
CA PHE E 825 52.16 28.66 -9.35
C PHE E 825 53.01 29.81 -9.87
N LYS E 826 54.32 29.57 -9.96
CA LYS E 826 55.23 30.57 -10.51
C LYS E 826 55.23 30.55 -12.05
N ALA E 827 54.97 29.38 -12.64
CA ALA E 827 55.05 29.28 -14.10
C ALA E 827 53.87 29.96 -14.78
N VAL E 828 52.67 29.89 -14.20
CA VAL E 828 51.53 30.60 -14.78
C VAL E 828 51.74 32.09 -14.69
N ARG E 829 52.32 32.56 -13.59
CA ARG E 829 52.61 33.99 -13.46
C ARG E 829 53.71 34.41 -14.43
N GLU E 830 54.68 33.54 -14.67
CA GLU E 830 55.79 33.90 -15.54
C GLU E 830 55.36 33.99 -17.00
N THR E 831 54.37 33.21 -17.41
CA THR E 831 53.95 33.21 -18.81
C THR E 831 53.14 34.45 -19.15
N MET E 832 52.25 34.87 -18.25
CA MET E 832 51.39 36.00 -18.56
C MET E 832 52.15 37.32 -18.55
N VAL E 833 53.15 37.44 -17.68
CA VAL E 833 54.00 38.63 -17.69
C VAL E 833 54.86 38.65 -18.95
N ASP E 834 55.33 37.48 -19.38
CA ASP E 834 56.15 37.40 -20.59
C ASP E 834 55.31 37.67 -21.84
N THR E 835 54.07 37.20 -21.86
CA THR E 835 53.23 37.35 -23.05
C THR E 835 52.86 38.81 -23.29
N TYR E 836 52.34 39.49 -22.26
CA TYR E 836 51.84 40.84 -22.42
C TYR E 836 52.94 41.90 -22.31
N GLU E 837 54.18 41.51 -22.02
CA GLU E 837 55.30 42.43 -22.18
C GLU E 837 55.96 42.30 -23.55
N SER E 838 55.75 41.19 -24.24
CA SER E 838 56.32 40.95 -25.56
C SER E 838 55.36 41.27 -26.69
N CYS E 839 54.05 41.11 -26.47
CA CYS E 839 53.07 41.24 -27.54
C CYS E 839 51.96 42.19 -27.10
N ASP E 840 51.76 43.26 -27.87
CA ASP E 840 50.52 44.03 -27.80
C ASP E 840 49.52 43.30 -28.69
N VAL E 841 48.69 42.46 -28.07
CA VAL E 841 47.79 41.60 -28.83
C VAL E 841 46.72 42.41 -29.54
N LEU E 842 46.40 43.60 -29.03
CA LEU E 842 45.42 44.44 -29.68
C LEU E 842 46.02 45.17 -30.89
N ALA E 843 47.26 45.65 -30.75
CA ALA E 843 47.94 46.24 -31.89
C ALA E 843 48.28 45.19 -32.94
N ASP E 844 48.60 43.96 -32.50
CA ASP E 844 48.79 42.87 -33.44
C ASP E 844 47.48 42.50 -34.13
N PHE E 845 46.36 42.58 -33.40
CA PHE E 845 45.06 42.35 -34.01
C PHE E 845 44.74 43.42 -35.05
N TYR E 846 45.13 44.68 -34.78
CA TYR E 846 44.85 45.76 -35.71
C TYR E 846 45.60 45.57 -37.02
N ASP E 847 46.87 45.16 -36.95
CA ASP E 847 47.66 44.93 -38.16
C ASP E 847 47.13 43.77 -38.99
N GLN E 848 46.30 42.90 -38.41
CA GLN E 848 45.70 41.82 -39.19
C GLN E 848 44.59 42.34 -40.10
N PHE E 849 43.74 43.24 -39.59
CA PHE E 849 42.61 43.74 -40.37
C PHE E 849 42.78 45.16 -40.88
N ALA E 850 43.93 45.80 -40.64
CA ALA E 850 44.10 47.20 -41.06
C ALA E 850 44.03 47.35 -42.58
N ASP E 851 44.50 46.36 -43.32
CA ASP E 851 44.42 46.40 -44.77
C ASP E 851 43.04 46.02 -45.29
N GLN E 852 42.25 45.28 -44.51
CA GLN E 852 40.97 44.78 -44.98
C GLN E 852 39.83 45.78 -44.84
N LEU E 853 40.07 46.96 -44.30
CA LEU E 853 39.00 47.95 -44.18
C LEU E 853 38.96 48.84 -45.41
N HIS E 854 37.78 49.37 -45.69
CA HIS E 854 37.60 50.29 -46.79
C HIS E 854 38.15 51.67 -46.44
N GLU E 855 38.39 52.47 -47.48
CA GLU E 855 38.85 53.84 -47.27
C GLU E 855 37.82 54.66 -46.51
N SER E 856 36.54 54.48 -46.83
CA SER E 856 35.49 55.14 -46.08
C SER E 856 35.38 54.62 -44.66
N GLN E 857 35.86 53.41 -44.38
CA GLN E 857 35.76 52.81 -43.06
C GLN E 857 36.88 53.23 -42.12
N LEU E 858 37.89 53.97 -42.60
CA LEU E 858 39.03 54.31 -41.77
C LEU E 858 38.66 55.33 -40.70
N ASP E 859 37.94 56.39 -41.06
CA ASP E 859 37.56 57.39 -40.07
C ASP E 859 36.54 56.87 -39.07
N LYS E 860 35.80 55.82 -39.44
CA LYS E 860 34.81 55.23 -38.53
C LYS E 860 35.45 54.31 -37.50
N MET E 861 36.66 53.83 -37.75
CA MET E 861 37.30 52.92 -36.81
C MET E 861 37.79 53.69 -35.59
N PRO E 862 37.39 53.28 -34.38
CA PRO E 862 37.94 53.92 -33.18
C PRO E 862 39.41 53.58 -32.99
N ALA E 863 40.12 54.48 -32.33
CA ALA E 863 41.55 54.30 -32.11
C ALA E 863 41.79 53.27 -31.01
N LEU E 864 43.06 52.93 -30.83
CA LEU E 864 43.45 52.01 -29.77
C LEU E 864 43.21 52.65 -28.41
N PRO E 865 42.66 51.91 -27.45
CA PRO E 865 42.56 52.45 -26.08
C PRO E 865 43.94 52.60 -25.47
N ALA E 866 44.12 53.70 -24.74
CA ALA E 866 45.44 54.01 -24.19
C ALA E 866 45.80 53.06 -23.06
N LYS E 867 47.09 52.86 -22.86
CA LYS E 867 47.56 51.98 -21.80
C LYS E 867 47.44 52.69 -20.44
N GLY E 868 47.48 51.88 -19.38
CA GLY E 868 47.41 52.38 -18.03
C GLY E 868 48.74 52.32 -17.32
N ASN E 869 48.68 52.39 -15.99
CA ASN E 869 49.86 52.47 -15.15
C ASN E 869 50.25 51.15 -14.51
N LEU E 870 49.61 50.04 -14.91
CA LEU E 870 49.86 48.76 -14.26
C LEU E 870 51.24 48.22 -14.64
N ASN E 871 51.94 47.67 -13.66
CA ASN E 871 53.20 46.98 -13.88
C ASN E 871 52.93 45.49 -14.04
N LEU E 872 53.44 44.91 -15.13
CA LEU E 872 53.25 43.49 -15.38
C LEU E 872 54.05 42.64 -14.40
N ARG E 873 55.22 43.12 -13.96
CA ARG E 873 56.06 42.34 -13.05
C ARG E 873 55.43 42.19 -11.67
N ASP E 874 54.46 43.05 -11.32
CA ASP E 874 53.76 42.91 -10.05
C ASP E 874 52.93 41.63 -9.99
N ILE E 875 52.47 41.15 -11.15
CA ILE E 875 51.67 39.93 -11.20
C ILE E 875 52.52 38.72 -10.82
N LEU E 876 53.84 38.80 -11.00
CA LEU E 876 54.73 37.75 -10.54
C LEU E 876 54.75 37.64 -9.02
N GLU E 877 54.36 38.70 -8.30
CA GLU E 877 54.37 38.72 -6.85
C GLU E 877 53.01 38.53 -6.22
N SER E 878 51.92 38.65 -6.99
CA SER E 878 50.58 38.51 -6.43
C SER E 878 50.26 37.05 -6.18
N ASP E 879 49.84 36.74 -4.96
CA ASP E 879 49.52 35.36 -4.60
C ASP E 879 48.07 34.99 -4.90
N PHE E 880 47.17 35.97 -4.99
CA PHE E 880 45.76 35.70 -5.21
C PHE E 880 45.36 35.76 -6.68
N ALA E 881 46.30 36.03 -7.58
CA ALA E 881 45.98 35.99 -9.00
C ALA E 881 45.67 34.55 -9.45
N PHE E 882 46.45 33.59 -8.94
CA PHE E 882 46.37 32.15 -9.23
C PHE E 882 46.70 31.81 -10.69
N ALA E 883 46.66 32.80 -11.57
CA ALA E 883 46.87 32.61 -12.99
C ALA E 883 47.32 33.93 -13.61
C12 S8U F 10 25.16 34.98 -20.54
C13 S8U F 10 25.95 33.69 -20.73
C1' S8U F 10 25.93 36.17 -22.47
C15 S8U F 10 24.26 35.26 -19.48
C16 S8U F 10 23.77 36.51 -19.67
C17 S8U F 10 24.34 37.02 -20.84
C2' S8U F 10 25.14 35.62 -23.71
C3' S8U F 10 25.40 36.37 -24.64
C4' S8U F 10 25.96 37.80 -24.00
C5' S8U F 10 24.92 38.90 -24.17
N11 S8U F 10 25.20 36.06 -21.35
O14 S8U F 10 25.44 32.65 -20.53
O3' S8U F 10 26.45 35.77 -25.53
O4' S8U F 10 26.20 37.63 -22.77
O5' S8U F 10 23.72 38.54 -23.55
OP1 S8U F 10 21.17 38.93 -23.49
OP2 S8U F 10 22.68 40.72 -22.73
P S8U F 10 22.49 39.59 -23.69
N ASN I 2 -3.76 22.24 77.89
CA ASN I 2 -4.99 23.01 78.04
C ASN I 2 -6.04 22.56 77.01
N THR I 3 -7.24 23.12 77.12
CA THR I 3 -8.34 22.78 76.24
C THR I 3 -8.63 23.94 75.29
N ILE I 4 -8.69 23.64 74.00
CA ILE I 4 -9.06 24.62 72.98
C ILE I 4 -10.25 24.04 72.21
N ASN I 5 -11.34 24.80 72.17
CA ASN I 5 -12.53 24.43 71.42
C ASN I 5 -12.75 25.55 70.43
N ILE I 6 -12.32 25.35 69.18
CA ILE I 6 -12.67 26.32 68.15
C ILE I 6 -14.18 26.23 67.93
N ALA I 7 -14.86 27.37 68.05
CA ALA I 7 -16.27 27.39 67.79
C ALA I 7 -16.50 27.23 66.30
N LYS I 8 -17.35 26.27 65.92
CA LYS I 8 -17.74 26.16 64.52
C LYS I 8 -18.66 27.31 64.16
N ASN I 9 -18.12 28.54 64.20
CA ASN I 9 -18.91 29.74 63.92
C ASN I 9 -19.40 29.74 62.49
N ASP I 10 -18.68 29.08 61.59
CA ASP I 10 -19.12 28.90 60.22
C ASP I 10 -20.17 27.80 60.12
N PHE I 11 -21.28 28.03 60.82
CA PHE I 11 -22.55 27.42 60.47
C PHE I 11 -23.34 28.30 59.52
N SER I 12 -22.71 29.38 59.05
CA SER I 12 -23.29 30.21 58.00
C SER I 12 -23.25 29.49 56.66
N ASP I 13 -22.29 28.58 56.46
CA ASP I 13 -22.26 27.78 55.25
C ASP I 13 -23.43 26.81 55.18
N ILE I 14 -24.05 26.49 56.33
CA ILE I 14 -25.22 25.63 56.33
C ILE I 14 -26.38 26.33 55.62
N GLU I 15 -26.53 27.64 55.85
CA GLU I 15 -27.63 28.42 55.30
C GLU I 15 -27.69 28.33 53.78
N LEU I 16 -28.90 28.16 53.27
CA LEU I 16 -29.12 28.08 51.83
C LEU I 16 -28.71 29.39 51.16
N ALA I 17 -28.39 29.32 49.87
CA ALA I 17 -28.13 30.53 49.12
C ALA I 17 -29.41 31.38 49.00
N ALA I 18 -29.29 32.53 48.35
CA ALA I 18 -30.42 33.46 48.33
C ALA I 18 -31.47 33.04 47.32
N ILE I 19 -31.06 32.69 46.11
CA ILE I 19 -31.93 32.28 45.01
C ILE I 19 -32.70 30.98 45.27
N PRO I 20 -32.10 29.88 45.78
CA PRO I 20 -32.96 28.74 46.13
C PRO I 20 -33.94 28.99 47.29
N PHE I 21 -33.50 29.75 48.31
CA PHE I 21 -34.39 30.13 49.40
C PHE I 21 -35.52 31.00 48.91
N ASN I 22 -35.23 31.88 47.94
CA ASN I 22 -36.29 32.67 47.32
C ASN I 22 -37.27 31.78 46.56
N THR I 23 -36.76 30.79 45.81
CA THR I 23 -37.66 29.86 45.13
C THR I 23 -38.37 28.97 46.14
N LEU I 24 -37.68 28.64 47.24
CA LEU I 24 -38.32 27.91 48.34
C LEU I 24 -39.42 28.75 48.97
N ALA I 25 -39.34 30.07 48.87
CA ALA I 25 -40.32 30.96 49.48
C ALA I 25 -41.61 31.02 48.67
N ASP I 26 -41.55 30.91 47.34
CA ASP I 26 -42.80 30.92 46.56
C ASP I 26 -43.61 29.65 46.81
N HIS I 27 -42.93 28.50 46.89
CA HIS I 27 -43.64 27.24 47.03
C HIS I 27 -44.28 27.12 48.41
N TYR I 28 -43.58 27.53 49.47
CA TYR I 28 -43.98 27.19 50.83
C TYR I 28 -44.07 28.38 51.78
N GLY I 29 -44.04 29.61 51.27
CA GLY I 29 -44.11 30.76 52.17
C GLY I 29 -42.75 31.14 52.72
N GLU I 30 -42.48 32.43 52.85
CA GLU I 30 -41.10 32.85 53.08
C GLU I 30 -40.67 32.76 54.54
N ARG I 31 -41.57 32.42 55.49
CA ARG I 31 -40.99 32.11 56.80
C ARG I 31 -40.87 30.63 57.02
N LEU I 32 -41.88 29.85 56.62
CA LEU I 32 -41.72 28.41 56.67
C LEU I 32 -40.45 28.02 55.92
N ALA I 33 -40.15 28.72 54.83
CA ALA I 33 -38.78 28.76 54.33
C ALA I 33 -37.81 29.19 55.42
N ARG I 34 -37.89 30.45 55.87
CA ARG I 34 -36.89 31.01 56.80
C ARG I 34 -36.80 30.21 58.09
N GLU I 35 -37.93 29.69 58.59
CA GLU I 35 -37.90 28.83 59.78
C GLU I 35 -37.28 27.48 59.48
N GLN I 36 -37.38 26.99 58.22
CA GLN I 36 -36.80 25.70 57.87
C GLN I 36 -35.27 25.76 57.92
N LEU I 37 -34.68 26.78 57.28
CA LEU I 37 -33.24 26.96 57.41
C LEU I 37 -32.85 27.33 58.84
N ALA I 38 -33.76 27.98 59.58
CA ALA I 38 -33.49 28.27 60.99
C ALA I 38 -33.43 26.98 61.80
N LEU I 39 -34.29 26.01 61.49
CA LEU I 39 -34.24 24.72 62.19
C LEU I 39 -32.98 23.96 61.84
N GLU I 40 -32.55 24.01 60.58
CA GLU I 40 -31.37 23.27 60.14
C GLU I 40 -30.10 23.84 60.77
N HIS I 41 -29.96 25.16 60.74
CA HIS I 41 -28.82 25.81 61.39
C HIS I 41 -28.82 25.56 62.89
N GLU I 42 -30.00 25.62 63.51
CA GLU I 42 -30.12 25.27 64.92
C GLU I 42 -29.69 23.83 65.15
N SER I 43 -30.10 22.92 64.27
CA SER I 43 -29.80 21.50 64.42
C SER I 43 -28.29 21.24 64.41
N TYR I 44 -27.55 22.00 63.60
CA TYR I 44 -26.09 21.88 63.63
C TYR I 44 -25.50 22.52 64.88
N GLU I 45 -26.17 23.55 65.42
CA GLU I 45 -25.66 24.20 66.62
C GLU I 45 -25.86 23.33 67.86
N MET I 46 -27.02 22.65 67.97
CA MET I 46 -27.26 21.77 69.11
C MET I 46 -26.28 20.61 69.11
N GLY I 47 -25.94 20.08 67.94
CA GLY I 47 -24.96 19.01 67.87
C GLY I 47 -23.56 19.45 68.23
N GLU I 48 -23.21 20.71 67.93
CA GLU I 48 -21.95 21.26 68.39
C GLU I 48 -21.93 21.40 69.91
N ALA I 49 -23.06 21.80 70.49
CA ALA I 49 -23.17 21.87 71.94
C ALA I 49 -23.10 20.48 72.57
N ARG I 50 -23.69 19.48 71.89
CA ARG I 50 -23.68 18.12 72.42
C ARG I 50 -22.27 17.52 72.37
N PHE I 51 -21.54 17.74 71.28
CA PHE I 51 -20.16 17.28 71.21
C PHE I 51 -19.30 18.00 72.23
N ARG I 52 -19.53 19.30 72.43
CA ARG I 52 -18.69 20.07 73.35
C ARG I 52 -18.91 19.65 74.79
N LYS I 53 -20.16 19.33 75.16
CA LYS I 53 -20.44 18.86 76.51
C LYS I 53 -19.79 17.51 76.77
N MET I 54 -19.92 16.58 75.82
CA MET I 54 -19.32 15.27 75.97
C MET I 54 -17.80 15.33 75.95
N PHE I 55 -17.23 16.25 75.16
CA PHE I 55 -15.77 16.39 75.11
C PHE I 55 -15.22 16.91 76.43
N GLU I 56 -15.94 17.83 77.09
CA GLU I 56 -15.46 18.38 78.34
C GLU I 56 -15.49 17.35 79.47
N ARG I 57 -16.48 16.45 79.46
CA ARG I 57 -16.54 15.41 80.49
C ARG I 57 -15.38 14.44 80.36
N GLN I 58 -15.02 14.06 79.13
CA GLN I 58 -13.84 13.22 78.94
C GLN I 58 -12.56 13.98 79.29
N LEU I 59 -12.57 15.30 79.18
CA LEU I 59 -11.41 16.09 79.59
C LEU I 59 -11.29 16.13 81.10
N LYS I 60 -12.43 16.20 81.81
CA LYS I 60 -12.39 16.25 83.26
C LYS I 60 -11.97 14.92 83.86
N ALA I 61 -12.26 13.81 83.17
CA ALA I 61 -11.95 12.48 83.69
C ALA I 61 -10.88 11.77 82.89
N GLY I 62 -10.19 12.47 81.99
CA GLY I 62 -9.05 11.88 81.30
C GLY I 62 -9.37 10.79 80.30
N GLU I 63 -10.55 10.84 79.67
CA GLU I 63 -10.91 9.88 78.63
C GLU I 63 -10.72 10.45 77.23
N VAL I 64 -9.87 11.47 77.07
CA VAL I 64 -9.78 12.15 75.79
C VAL I 64 -9.06 11.32 74.75
N ALA I 65 -8.20 10.39 75.16
CA ALA I 65 -7.56 9.50 74.20
C ALA I 65 -8.54 8.49 73.64
N ASP I 66 -9.65 8.26 74.35
CA ASP I 66 -10.75 7.47 73.82
C ASP I 66 -11.65 8.29 72.89
N ASN I 67 -11.59 9.61 72.98
CA ASN I 67 -12.38 10.48 72.12
C ASN I 67 -11.85 10.44 70.68
N ALA I 68 -12.78 10.56 69.73
CA ALA I 68 -12.45 10.42 68.31
C ALA I 68 -11.55 11.53 67.79
N ALA I 69 -11.49 12.68 68.45
CA ALA I 69 -10.67 13.77 67.95
C ALA I 69 -9.19 13.63 68.35
N ALA I 70 -8.89 12.82 69.35
CA ALA I 70 -7.50 12.51 69.67
C ALA I 70 -7.01 11.25 68.98
N LYS I 71 -7.92 10.46 68.40
CA LYS I 71 -7.52 9.26 67.67
C LYS I 71 -6.57 9.46 66.48
N PRO I 72 -6.68 10.49 65.61
CA PRO I 72 -5.70 10.56 64.51
C PRO I 72 -4.31 10.94 64.97
N LEU I 73 -4.20 11.64 66.09
CA LEU I 73 -2.89 11.97 66.66
C LEU I 73 -2.19 10.71 67.14
N ILE I 74 -2.91 9.84 67.86
CA ILE I 74 -2.32 8.63 68.41
C ILE I 74 -1.96 7.65 67.30
N THR I 75 -2.78 7.58 66.24
CA THR I 75 -2.49 6.63 65.16
C THR I 75 -1.24 7.00 64.38
N THR I 76 -0.88 8.29 64.35
CA THR I 76 0.30 8.72 63.62
C THR I 76 1.56 8.76 64.49
N LEU I 77 1.41 8.89 65.82
CA LEU I 77 2.55 8.93 66.71
C LEU I 77 2.84 7.58 67.38
N LEU I 78 1.93 6.62 67.27
CA LEU I 78 2.21 5.27 67.77
C LEU I 78 3.29 4.53 66.97
N PRO I 79 3.30 4.53 65.62
CA PRO I 79 4.38 3.78 64.93
C PRO I 79 5.77 4.33 65.16
N LYS I 80 5.92 5.66 65.31
CA LYS I 80 7.21 6.20 65.69
C LYS I 80 7.59 5.78 67.09
N MET I 81 6.61 5.55 67.96
CA MET I 81 6.91 5.10 69.31
C MET I 81 7.41 3.67 69.31
N ILE I 82 6.67 2.73 68.71
CA ILE I 82 6.99 1.31 68.85
C ILE I 82 8.36 1.00 68.28
N ALA I 83 8.73 1.64 67.16
CA ALA I 83 10.07 1.48 66.62
C ALA I 83 11.14 2.04 67.55
N ARG I 84 10.78 2.92 68.48
CA ARG I 84 11.74 3.43 69.45
C ARG I 84 11.90 2.50 70.65
N ILE I 85 10.87 1.73 71.02
CA ILE I 85 11.11 0.67 72.00
C ILE I 85 11.72 -0.56 71.31
N ASN I 86 11.42 -0.77 70.03
CA ASN I 86 12.01 -1.91 69.32
C ASN I 86 13.51 -1.71 69.08
N ASP I 87 13.97 -0.46 69.00
CA ASP I 87 15.40 -0.23 68.90
C ASP I 87 16.06 -0.18 70.28
N TRP I 88 15.32 0.24 71.31
CA TRP I 88 15.92 0.29 72.64
C TRP I 88 16.10 -1.11 73.21
N PHE I 89 15.18 -2.03 72.91
CA PHE I 89 15.35 -3.37 73.43
C PHE I 89 16.44 -4.14 72.68
N GLU I 90 16.81 -3.70 71.48
CA GLU I 90 17.91 -4.35 70.77
C GLU I 90 19.26 -3.67 71.03
N GLU I 91 19.27 -2.38 71.37
CA GLU I 91 20.52 -1.73 71.74
C GLU I 91 21.04 -2.26 73.07
N VAL I 92 20.13 -2.47 74.02
CA VAL I 92 20.52 -2.92 75.35
C VAL I 92 20.87 -4.42 75.33
N LYS I 93 20.17 -5.21 74.53
CA LYS I 93 20.40 -6.67 74.55
C LYS I 93 21.70 -7.03 73.83
N ALA I 94 21.97 -6.42 72.69
CA ALA I 94 23.06 -6.90 71.84
C ALA I 94 24.41 -6.46 72.40
N LYS I 95 24.47 -5.22 72.91
CA LYS I 95 25.58 -4.83 73.76
C LYS I 95 25.56 -5.68 75.02
N ARG I 96 26.71 -6.24 75.37
CA ARG I 96 26.80 -7.22 76.46
C ARG I 96 26.98 -6.47 77.77
N GLY I 97 25.87 -6.22 78.46
CA GLY I 97 25.93 -5.56 79.75
C GLY I 97 24.93 -6.15 80.71
N LYS I 98 25.12 -5.83 81.99
CA LYS I 98 24.12 -6.13 82.99
C LYS I 98 22.84 -5.37 82.65
N ARG I 99 21.72 -6.08 82.66
CA ARG I 99 20.48 -5.55 82.13
C ARG I 99 19.99 -4.40 82.99
N PRO I 100 19.62 -3.26 82.39
CA PRO I 100 18.97 -2.20 83.16
C PRO I 100 17.63 -2.69 83.70
N THR I 101 17.21 -2.10 84.82
CA THR I 101 15.99 -2.54 85.47
C THR I 101 14.77 -2.29 84.58
N ALA I 102 14.75 -1.15 83.87
CA ALA I 102 13.62 -0.82 83.01
C ALA I 102 13.48 -1.84 81.87
N PHE I 103 14.62 -2.33 81.35
CA PHE I 103 14.58 -3.27 80.23
C PHE I 103 13.89 -4.57 80.62
N GLN I 104 14.11 -5.05 81.85
CA GLN I 104 13.48 -6.29 82.32
C GLN I 104 11.98 -6.15 82.44
N PHE I 105 11.52 -5.07 83.08
CA PHE I 105 10.09 -4.88 83.31
C PHE I 105 9.33 -4.64 82.02
N LEU I 106 9.98 -4.09 80.99
CA LEU I 106 9.35 -3.81 79.72
C LEU I 106 9.17 -5.05 78.84
N GLN I 107 9.69 -6.21 79.27
CA GLN I 107 9.65 -7.41 78.46
C GLN I 107 8.38 -8.23 78.64
N GLU I 108 7.78 -8.19 79.83
CA GLU I 108 6.55 -8.95 80.07
C GLU I 108 5.35 -8.36 79.34
N ILE I 109 5.43 -7.10 78.93
CA ILE I 109 4.36 -6.42 78.22
C ILE I 109 4.80 -6.24 76.77
N LYS I 110 3.87 -6.48 75.85
CA LYS I 110 4.14 -6.44 74.41
C LYS I 110 4.59 -5.04 73.99
N PRO I 111 5.42 -4.92 72.94
CA PRO I 111 5.98 -3.59 72.63
C PRO I 111 4.97 -2.63 72.03
N GLU I 112 3.92 -3.13 71.38
CA GLU I 112 2.80 -2.29 71.01
C GLU I 112 1.88 -2.00 72.20
N ALA I 113 1.91 -2.87 73.22
CA ALA I 113 1.05 -2.66 74.38
C ALA I 113 1.58 -1.55 75.26
N VAL I 114 2.90 -1.51 75.50
CA VAL I 114 3.48 -0.46 76.34
C VAL I 114 3.28 0.90 75.69
N ALA I 115 3.42 0.96 74.36
CA ALA I 115 3.40 2.24 73.64
C ALA I 115 2.07 2.96 73.79
N TYR I 116 0.95 2.24 73.71
CA TYR I 116 -0.35 2.87 73.93
C TYR I 116 -0.49 3.33 75.37
N ILE I 117 0.07 2.58 76.32
CA ILE I 117 -0.09 2.93 77.73
C ILE I 117 0.67 4.21 78.06
N THR I 118 1.77 4.50 77.35
CA THR I 118 2.41 5.80 77.52
C THR I 118 1.50 6.92 77.04
N ILE I 119 1.07 6.86 75.77
CA ILE I 119 0.36 7.97 75.15
C ILE I 119 -1.00 8.20 75.83
N LYS I 120 -1.65 7.13 76.27
CA LYS I 120 -2.96 7.29 76.90
C LYS I 120 -2.85 7.90 78.30
N THR I 121 -1.81 7.53 79.05
CA THR I 121 -1.74 7.94 80.44
C THR I 121 -1.22 9.38 80.60
N THR I 122 -0.17 9.75 79.87
CA THR I 122 0.32 11.12 79.98
C THR I 122 -0.65 12.12 79.39
N LEU I 123 -1.36 11.77 78.33
CA LEU I 123 -2.36 12.66 77.77
C LEU I 123 -3.51 12.88 78.74
N ALA I 124 -3.90 11.81 79.45
CA ALA I 124 -4.96 11.93 80.45
C ALA I 124 -4.49 12.73 81.66
N CYS I 125 -3.24 12.51 82.08
CA CYS I 125 -2.73 13.19 83.27
C CYS I 125 -2.48 14.67 83.01
N LEU I 126 -2.21 15.05 81.76
CA LEU I 126 -1.99 16.46 81.45
C LEU I 126 -3.32 17.21 81.33
N THR I 127 -4.37 16.55 80.83
CA THR I 127 -5.63 17.23 80.61
C THR I 127 -6.49 17.26 81.87
N SER I 128 -6.60 16.13 82.56
CA SER I 128 -7.55 16.00 83.69
C SER I 128 -6.94 16.52 84.99
N ALA I 129 -5.91 15.82 85.49
CA ALA I 129 -5.32 16.20 86.76
C ALA I 129 -4.59 17.55 86.69
N ASP I 130 -4.04 17.88 85.52
CA ASP I 130 -3.27 19.11 85.29
C ASP I 130 -2.09 19.24 86.25
N ASN I 131 -1.53 18.11 86.68
CA ASN I 131 -0.31 18.05 87.46
C ASN I 131 0.79 17.57 86.54
N THR I 132 1.73 18.45 86.22
CA THR I 132 2.76 18.17 85.24
C THR I 132 3.99 17.54 85.84
N THR I 133 4.02 17.31 87.15
CA THR I 133 5.19 16.73 87.81
C THR I 133 5.50 15.36 87.23
N VAL I 134 6.77 15.16 86.84
CA VAL I 134 7.17 13.98 86.09
C VAL I 134 6.94 12.72 86.92
N GLN I 135 7.30 12.77 88.21
CA GLN I 135 7.23 11.57 89.05
C GLN I 135 5.79 11.11 89.23
N ALA I 136 4.84 12.04 89.33
CA ALA I 136 3.44 11.65 89.47
C ALA I 136 2.90 11.03 88.18
N VAL I 137 3.35 11.54 87.03
CA VAL I 137 2.90 10.97 85.75
C VAL I 137 3.67 9.70 85.43
N ALA I 138 5.00 9.71 85.64
CA ALA I 138 5.80 8.52 85.38
C ALA I 138 5.45 7.37 86.32
N SER I 139 4.90 7.67 87.50
CA SER I 139 4.35 6.61 88.34
C SER I 139 3.02 6.11 87.79
N ALA I 140 2.22 7.01 87.22
CA ALA I 140 0.89 6.64 86.75
C ALA I 140 0.95 5.65 85.60
N ILE I 141 1.89 5.85 84.66
CA ILE I 141 2.10 4.86 83.63
C ILE I 141 2.72 3.60 84.22
N GLY I 142 3.58 3.75 85.23
CA GLY I 142 4.29 2.62 85.79
C GLY I 142 3.38 1.60 86.43
N ARG I 143 2.37 2.05 87.18
CA ARG I 143 1.39 1.12 87.71
C ARG I 143 0.43 0.64 86.62
N ALA I 144 0.23 1.43 85.57
CA ALA I 144 -0.70 1.06 84.51
C ALA I 144 -0.16 -0.10 83.67
N ILE I 145 1.16 -0.12 83.44
CA ILE I 145 1.77 -1.26 82.76
C ILE I 145 1.79 -2.47 83.69
N GLU I 146 1.83 -2.24 85.01
CA GLU I 146 1.78 -3.36 85.94
C GLU I 146 0.43 -4.07 85.89
N ASP I 147 -0.67 -3.30 85.85
CA ASP I 147 -1.99 -3.91 85.75
C ASP I 147 -2.15 -4.64 84.42
N GLU I 148 -1.54 -4.11 83.35
CA GLU I 148 -1.57 -4.82 82.08
C GLU I 148 -0.67 -6.05 82.10
N ALA I 149 0.32 -6.10 83.00
CA ALA I 149 1.14 -7.30 83.15
C ALA I 149 0.56 -8.27 84.17
N ARG I 150 0.10 -7.77 85.31
CA ARG I 150 -0.49 -8.63 86.34
C ARG I 150 -1.80 -9.24 85.85
N PHE I 151 -2.66 -8.43 85.26
CA PHE I 151 -3.94 -8.93 84.82
C PHE I 151 -3.94 -9.38 83.36
N GLY I 152 -2.91 -9.02 82.61
CA GLY I 152 -2.83 -9.47 81.23
C GLY I 152 -2.41 -10.93 81.10
N ARG I 153 -1.68 -11.46 82.09
CA ARG I 153 -1.26 -12.85 82.00
C ARG I 153 -2.42 -13.82 82.19
N ILE I 154 -3.57 -13.32 82.64
CA ILE I 154 -4.77 -14.16 82.73
C ILE I 154 -5.25 -14.56 81.34
N ARG I 155 -5.44 -13.57 80.47
CA ARG I 155 -5.85 -13.87 79.10
C ARG I 155 -4.72 -14.46 78.29
N ASP I 156 -3.48 -14.08 78.59
CA ASP I 156 -2.33 -14.50 77.78
C ASP I 156 -1.98 -15.96 78.03
N LEU I 157 -1.48 -16.26 79.23
CA LEU I 157 -0.79 -17.52 79.48
C LEU I 157 -1.68 -18.56 80.16
N GLU I 158 -2.20 -18.24 81.34
CA GLU I 158 -2.56 -19.29 82.29
C GLU I 158 -3.93 -19.90 82.01
N ALA I 159 -4.93 -19.08 81.67
CA ALA I 159 -6.28 -19.59 81.44
C ALA I 159 -6.90 -18.81 80.29
N LYS I 160 -6.63 -19.27 79.06
CA LYS I 160 -7.29 -18.68 77.90
C LYS I 160 -8.73 -19.17 77.78
N HIS I 161 -9.01 -20.38 78.26
CA HIS I 161 -10.38 -20.89 78.21
C HIS I 161 -11.24 -20.23 79.28
N PHE I 162 -10.73 -20.17 80.51
CA PHE I 162 -11.43 -19.47 81.58
C PHE I 162 -11.44 -17.96 81.36
N LYS I 163 -10.58 -17.44 80.47
CA LYS I 163 -10.71 -16.05 80.06
C LYS I 163 -12.01 -15.82 79.31
N LYS I 164 -12.40 -16.76 78.45
CA LYS I 164 -13.70 -16.67 77.80
C LYS I 164 -14.84 -16.74 78.81
N ASN I 165 -14.63 -17.45 79.92
CA ASN I 165 -15.58 -17.46 81.02
C ASN I 165 -15.47 -16.22 81.90
N VAL I 166 -14.44 -15.39 81.69
CA VAL I 166 -14.25 -14.19 82.50
C VAL I 166 -14.08 -12.93 81.64
N GLU I 167 -14.15 -13.04 80.31
CA GLU I 167 -14.10 -11.85 79.46
C GLU I 167 -15.38 -11.03 79.61
N GLU I 168 -16.55 -11.67 79.42
CA GLU I 168 -17.81 -10.95 79.26
C GLU I 168 -18.15 -10.12 80.49
N GLN I 169 -17.84 -10.64 81.68
CA GLN I 169 -18.15 -9.90 82.90
C GLN I 169 -17.20 -8.73 83.11
N LEU I 170 -15.99 -8.79 82.56
CA LEU I 170 -15.14 -7.59 82.53
C LEU I 170 -15.76 -6.50 81.66
N ASN I 171 -16.34 -6.89 80.53
CA ASN I 171 -16.95 -5.91 79.63
C ASN I 171 -18.16 -5.23 80.27
N LYS I 172 -18.91 -5.95 81.10
CA LYS I 172 -20.01 -5.34 81.85
C LYS I 172 -19.50 -4.35 82.90
N ARG I 173 -18.26 -4.51 83.35
CA ARG I 173 -17.64 -3.54 84.25
C ARG I 173 -17.19 -2.33 83.44
N VAL I 174 -17.49 -1.13 83.94
CA VAL I 174 -17.16 0.10 83.25
C VAL I 174 -16.19 0.91 84.11
N GLY I 175 -15.30 1.63 83.44
CA GLY I 175 -14.29 2.39 84.13
C GLY I 175 -13.12 1.54 84.59
N HIS I 176 -11.99 2.19 84.84
CA HIS I 176 -10.78 1.47 85.22
C HIS I 176 -10.90 0.87 86.62
N VAL I 177 -11.58 1.54 87.53
CA VAL I 177 -11.58 1.09 88.92
C VAL I 177 -12.56 -0.06 89.15
N TYR I 178 -13.60 -0.19 88.32
CA TYR I 178 -14.52 -1.30 88.46
C TYR I 178 -14.02 -2.53 87.71
N LYS I 179 -13.34 -2.32 86.58
CA LYS I 179 -12.72 -3.44 85.86
C LYS I 179 -11.59 -4.06 86.67
N LYS I 180 -10.88 -3.26 87.46
CA LYS I 180 -9.82 -3.80 88.31
C LYS I 180 -10.40 -4.58 89.49
N ALA I 181 -11.47 -4.06 90.10
CA ALA I 181 -12.08 -4.72 91.26
C ALA I 181 -12.60 -6.10 90.92
N PHE I 182 -13.11 -6.30 89.70
CA PHE I 182 -13.46 -7.63 89.26
C PHE I 182 -12.22 -8.49 89.05
N MET I 183 -11.14 -7.89 88.54
CA MET I 183 -9.95 -8.65 88.21
C MET I 183 -9.11 -9.03 89.43
N GLN I 184 -9.23 -8.28 90.52
CA GLN I 184 -8.57 -8.71 91.76
C GLN I 184 -9.27 -9.93 92.35
N VAL I 185 -10.59 -9.96 92.28
CA VAL I 185 -11.34 -11.12 92.76
C VAL I 185 -11.04 -12.34 91.88
N VAL I 186 -10.91 -12.11 90.57
CA VAL I 186 -10.65 -13.21 89.63
C VAL I 186 -9.23 -13.74 89.81
N GLU I 187 -8.26 -12.83 89.91
CA GLU I 187 -6.89 -13.25 90.20
C GLU I 187 -6.84 -14.01 91.52
N ALA I 188 -7.49 -13.47 92.56
CA ALA I 188 -7.56 -14.17 93.84
C ALA I 188 -8.30 -15.49 93.71
N ASP I 189 -9.35 -15.54 92.88
CA ASP I 189 -10.06 -16.79 92.66
C ASP I 189 -9.15 -17.81 91.98
N MET I 190 -8.57 -17.44 90.86
CA MET I 190 -7.68 -18.33 90.14
C MET I 190 -6.34 -18.53 90.85
N LEU I 191 -6.12 -17.86 91.99
CA LEU I 191 -4.98 -18.09 92.88
C LEU I 191 -5.35 -18.87 94.13
N SER I 192 -6.48 -18.54 94.77
CA SER I 192 -7.03 -19.43 95.79
C SER I 192 -7.20 -20.84 95.24
N LYS I 193 -7.61 -20.92 93.97
CA LYS I 193 -7.36 -22.10 93.17
C LYS I 193 -5.87 -22.22 92.92
N GLY I 194 -5.36 -21.45 92.02
CA GLY I 194 -3.91 -21.44 91.83
C GLY I 194 -3.47 -21.56 90.37
N LEU I 195 -4.33 -21.15 89.44
CA LEU I 195 -4.13 -21.49 88.02
C LEU I 195 -3.17 -20.56 87.29
N LEU I 196 -2.72 -19.49 87.95
CA LEU I 196 -1.81 -18.49 87.43
C LEU I 196 -0.36 -18.94 87.62
N GLY I 197 -0.14 -20.25 87.75
CA GLY I 197 1.10 -20.83 88.18
C GLY I 197 1.20 -21.08 89.66
N GLY I 198 0.20 -20.67 90.45
CA GLY I 198 0.29 -20.67 91.88
C GLY I 198 1.09 -19.51 92.45
N GLU I 199 1.62 -18.63 91.60
CA GLU I 199 2.46 -17.53 92.02
C GLU I 199 1.68 -16.23 91.88
N ALA I 200 1.38 -15.61 93.02
CA ALA I 200 0.89 -14.24 93.01
C ALA I 200 1.94 -13.33 92.41
N TRP I 201 1.49 -12.30 91.70
CA TRP I 201 2.45 -11.39 91.10
C TRP I 201 2.98 -10.45 92.17
N SER I 202 4.30 -10.45 92.34
CA SER I 202 4.98 -9.53 93.25
C SER I 202 4.68 -8.09 92.87
N SER I 203 4.18 -7.33 93.84
CA SER I 203 3.91 -5.91 93.61
C SER I 203 5.20 -5.17 93.33
N TRP I 204 5.16 -4.29 92.33
CA TRP I 204 6.36 -3.60 91.89
C TRP I 204 6.81 -2.62 92.95
N HIS I 205 8.12 -2.47 93.10
CA HIS I 205 8.65 -1.48 94.02
C HIS I 205 8.25 -0.09 93.56
N LYS I 206 7.95 0.78 94.53
CA LYS I 206 7.34 2.07 94.20
C LYS I 206 8.32 2.95 93.44
N GLU I 207 9.61 2.85 93.78
CA GLU I 207 10.64 3.51 93.00
C GLU I 207 10.79 2.89 91.62
N ASP I 208 10.56 1.58 91.50
CA ASP I 208 10.79 0.91 90.22
C ASP I 208 9.80 1.36 89.17
N SER I 209 8.51 1.43 89.53
CA SER I 209 7.47 1.79 88.56
C SER I 209 7.67 3.20 88.00
N ILE I 210 8.33 4.08 88.75
CA ILE I 210 8.65 5.39 88.20
C ILE I 210 9.82 5.30 87.24
N HIS I 211 10.80 4.41 87.52
CA HIS I 211 11.87 4.16 86.56
C HIS I 211 11.33 3.58 85.25
N VAL I 212 10.27 2.77 85.33
CA VAL I 212 9.54 2.36 84.13
C VAL I 212 9.01 3.57 83.38
N GLY I 213 8.28 4.44 84.07
CA GLY I 213 7.67 5.58 83.41
C GLY I 213 8.66 6.61 82.91
N VAL I 214 9.79 6.76 83.60
CA VAL I 214 10.80 7.73 83.18
C VAL I 214 11.44 7.30 81.87
N ARG I 215 11.82 6.02 81.76
CA ARG I 215 12.39 5.51 80.52
C ARG I 215 11.36 5.52 79.39
N CYS I 216 10.09 5.32 79.72
CA CYS I 216 9.06 5.34 78.68
C CYS I 216 8.81 6.74 78.15
N ILE I 217 8.76 7.75 79.03
CA ILE I 217 8.52 9.10 78.53
C ILE I 217 9.79 9.69 77.94
N GLU I 218 10.97 9.26 78.41
CA GLU I 218 12.20 9.60 77.70
C GLU I 218 12.22 8.96 76.32
N MET I 219 11.59 7.80 76.18
CA MET I 219 11.44 7.16 74.89
C MET I 219 10.39 7.84 74.04
N LEU I 220 9.48 8.60 74.64
CA LEU I 220 8.46 9.29 73.87
C LEU I 220 9.02 10.56 73.23
N ILE I 221 9.80 11.34 73.97
CA ILE I 221 10.32 12.60 73.45
C ILE I 221 11.33 12.36 72.33
N GLU I 222 12.05 11.24 72.38
CA GLU I 222 13.00 10.93 71.31
C GLU I 222 12.28 10.47 70.05
N SER I 223 11.18 9.73 70.21
CA SER I 223 10.45 9.24 69.05
C SER I 223 9.62 10.34 68.41
N THR I 224 8.77 11.01 69.20
CA THR I 224 7.93 12.09 68.73
C THR I 224 8.14 13.34 69.59
N GLY I 225 7.71 14.47 69.06
CA GLY I 225 7.80 15.71 69.81
C GLY I 225 6.51 16.04 70.54
N MET I 226 5.82 15.01 71.02
CA MET I 226 4.51 15.20 71.64
C MET I 226 4.62 15.93 72.97
N VAL I 227 5.48 15.44 73.86
CA VAL I 227 5.63 16.02 75.18
C VAL I 227 7.00 16.67 75.27
N SER I 228 7.04 17.88 75.83
CA SER I 228 8.25 18.68 75.91
C SER I 228 8.66 18.84 77.38
N LEU I 229 9.91 18.52 77.67
CA LEU I 229 10.44 18.69 79.02
C LEU I 229 10.61 20.17 79.32
N HIS I 230 10.02 20.61 80.44
CA HIS I 230 10.13 22.02 80.83
C HIS I 230 10.56 22.13 82.30
N SER I 241 10.69 21.42 90.09
CA SER I 241 10.30 20.03 89.88
C SER I 241 10.18 19.74 88.39
N GLU I 242 10.52 18.50 88.01
CA GLU I 242 10.51 18.09 86.61
C GLU I 242 9.09 18.10 86.07
N THR I 243 8.85 18.84 84.99
CA THR I 243 7.53 19.00 84.42
C THR I 243 7.54 18.71 82.94
N ILE I 244 6.48 18.10 82.44
CA ILE I 244 6.36 17.67 81.05
C ILE I 244 5.10 18.33 80.49
N GLU I 245 5.26 19.08 79.40
CA GLU I 245 4.21 19.90 78.82
C GLU I 245 3.85 19.39 77.43
N LEU I 246 2.57 19.47 77.10
CA LEU I 246 2.12 19.08 75.76
C LEU I 246 2.50 20.13 74.74
N ALA I 247 2.98 19.66 73.58
CA ALA I 247 3.35 20.56 72.49
C ALA I 247 2.11 21.28 71.96
N PRO I 248 2.26 22.53 71.48
CA PRO I 248 1.06 23.24 71.01
C PRO I 248 0.52 22.69 69.71
N GLU I 249 1.39 22.32 68.76
CA GLU I 249 0.94 21.78 67.48
C GLU I 249 0.24 20.44 67.64
N TYR I 250 0.52 19.70 68.71
CA TYR I 250 -0.21 18.47 69.00
C TYR I 250 -1.50 18.74 69.77
N ALA I 251 -1.52 19.75 70.64
CA ALA I 251 -2.75 20.11 71.34
C ALA I 251 -3.77 20.75 70.42
N GLU I 252 -3.31 21.45 69.38
CA GLU I 252 -4.25 22.10 68.48
C GLU I 252 -4.76 21.18 67.38
N ALA I 253 -4.05 20.08 67.11
CA ALA I 253 -4.56 19.10 66.17
C ALA I 253 -5.79 18.40 66.72
N ILE I 254 -5.80 18.07 68.00
CA ILE I 254 -6.99 17.52 68.63
C ILE I 254 -8.04 18.60 68.83
N ALA I 255 -7.63 19.87 68.90
CA ALA I 255 -8.59 20.96 69.06
C ALA I 255 -9.32 21.23 67.75
N THR I 256 -8.58 21.26 66.64
CA THR I 256 -9.20 21.48 65.33
C THR I 256 -10.02 20.27 64.90
N ARG I 257 -9.53 19.06 65.19
CA ARG I 257 -10.29 17.85 64.85
C ARG I 257 -11.58 17.76 65.65
N ALA I 258 -11.58 18.25 66.89
CA ALA I 258 -12.81 18.30 67.66
C ALA I 258 -13.75 19.38 67.14
N GLY I 259 -13.19 20.50 66.66
CA GLY I 259 -14.01 21.55 66.11
C GLY I 259 -14.69 21.13 64.81
N ALA I 260 -13.99 20.37 63.99
CA ALA I 260 -14.61 19.82 62.78
C ALA I 260 -15.61 18.73 63.12
N LEU I 261 -15.34 17.96 64.17
CA LEU I 261 -16.25 16.87 64.56
C LEU I 261 -17.57 17.42 65.12
N ALA I 262 -17.54 18.62 65.69
CA ALA I 262 -18.78 19.23 66.18
C ALA I 262 -19.68 19.64 65.03
N GLY I 263 -19.10 19.97 63.87
CA GLY I 263 -19.91 20.41 62.74
C GLY I 263 -20.61 19.29 62.00
N ILE I 264 -20.02 18.10 61.99
CA ILE I 264 -20.56 16.99 61.22
C ILE I 264 -21.40 16.05 62.08
N SER I 265 -21.88 16.51 63.23
CA SER I 265 -22.73 15.71 64.11
C SER I 265 -23.97 16.51 64.50
N PRO I 266 -24.92 16.68 63.59
CA PRO I 266 -26.09 17.50 63.90
C PRO I 266 -27.23 16.71 64.51
N MET I 267 -27.97 17.39 65.38
CA MET I 267 -29.18 16.83 65.99
C MET I 267 -30.35 17.15 65.06
N PHE I 268 -30.64 16.23 64.15
CA PHE I 268 -31.61 16.49 63.08
C PHE I 268 -33.02 16.69 63.64
N GLN I 269 -33.74 17.64 63.05
CA GLN I 269 -35.06 18.08 63.45
C GLN I 269 -36.03 17.93 62.28
N PRO I 270 -37.32 17.79 62.54
CA PRO I 270 -38.30 17.68 61.44
C PRO I 270 -38.40 18.98 60.65
N CYS I 271 -39.00 18.86 59.48
CA CYS I 271 -39.11 19.97 58.54
C CYS I 271 -40.47 20.63 58.65
N VAL I 272 -40.48 21.96 58.62
CA VAL I 272 -41.74 22.70 58.60
C VAL I 272 -42.25 22.95 57.19
N VAL I 273 -41.43 22.70 56.17
CA VAL I 273 -41.88 22.67 54.77
C VAL I 273 -41.71 21.23 54.29
N PRO I 274 -42.30 20.84 53.16
CA PRO I 274 -42.02 19.52 52.61
C PRO I 274 -40.52 19.39 52.30
N PRO I 275 -39.99 18.17 52.45
CA PRO I 275 -38.54 18.01 52.31
C PRO I 275 -38.10 18.13 50.87
N LYS I 276 -36.82 18.40 50.68
CA LYS I 276 -36.26 18.48 49.34
C LYS I 276 -36.27 17.09 48.71
N PRO I 277 -36.85 16.95 47.53
CA PRO I 277 -36.88 15.62 46.88
C PRO I 277 -35.49 15.16 46.49
N TRP I 278 -35.30 13.84 46.54
CA TRP I 278 -34.01 13.24 46.24
C TRP I 278 -33.79 13.20 44.73
N THR I 279 -32.75 13.88 44.27
CA THR I 279 -32.33 13.81 42.87
C THR I 279 -30.97 13.16 42.68
N GLY I 280 -30.26 12.86 43.77
CA GLY I 280 -28.97 12.20 43.70
C GLY I 280 -28.66 11.44 44.96
N ILE I 281 -27.43 10.94 45.08
CA ILE I 281 -27.05 10.20 46.28
C ILE I 281 -26.83 11.11 47.48
N THR I 282 -26.70 12.42 47.26
CA THR I 282 -26.47 13.38 48.32
C THR I 282 -27.37 14.59 48.12
N GLY I 283 -27.49 15.40 49.17
CA GLY I 283 -28.14 16.69 49.08
C GLY I 283 -29.64 16.70 49.27
N GLY I 284 -30.28 15.53 49.31
CA GLY I 284 -31.72 15.48 49.43
C GLY I 284 -32.20 15.68 50.85
N GLY I 285 -33.53 15.56 51.01
CA GLY I 285 -34.14 15.65 52.31
C GLY I 285 -34.17 17.05 52.90
N TYR I 286 -33.01 17.53 53.34
CA TYR I 286 -32.90 18.86 53.90
C TYR I 286 -32.58 19.87 52.81
N TRP I 287 -33.19 21.04 52.91
CA TRP I 287 -33.09 22.04 51.85
C TRP I 287 -31.75 22.75 51.86
N ALA I 288 -31.18 22.96 53.05
CA ALA I 288 -29.92 23.68 53.17
C ALA I 288 -28.75 22.81 52.73
N ASN I 289 -27.68 23.47 52.28
CA ASN I 289 -26.44 22.78 51.94
C ASN I 289 -25.57 22.76 53.19
N GLY I 290 -25.61 21.66 53.94
CA GLY I 290 -24.87 21.58 55.18
C GLY I 290 -23.40 21.27 54.98
N ARG I 291 -22.69 21.22 56.10
CA ARG I 291 -21.32 20.70 56.09
C ARG I 291 -21.32 19.25 55.64
N ARG I 292 -22.23 18.45 56.20
CA ARG I 292 -22.50 17.12 55.67
C ARG I 292 -23.91 17.11 55.09
N PRO I 293 -24.06 17.04 53.76
CA PRO I 293 -25.39 16.84 53.19
C PRO I 293 -25.94 15.47 53.56
N LEU I 294 -27.25 15.32 53.40
CA LEU I 294 -27.89 14.04 53.67
C LEU I 294 -27.45 13.01 52.64
N ALA I 295 -27.09 11.82 53.11
CA ALA I 295 -26.72 10.72 52.24
C ALA I 295 -27.93 9.83 51.99
N LEU I 296 -28.05 9.36 50.75
CA LEU I 296 -29.18 8.50 50.40
C LEU I 296 -29.04 7.13 51.06
N VAL I 297 -27.88 6.52 50.94
CA VAL I 297 -27.61 5.19 51.51
C VAL I 297 -26.65 5.37 52.66
N ARG I 298 -27.09 5.05 53.87
CA ARG I 298 -26.27 5.20 55.05
C ARG I 298 -25.12 4.19 55.03
N THR I 299 -24.03 4.54 54.36
CA THR I 299 -22.90 3.65 54.14
C THR I 299 -21.81 3.90 55.17
N HIS I 300 -21.10 2.82 55.51
CA HIS I 300 -20.00 2.92 56.47
C HIS I 300 -18.82 3.69 55.87
N SER I 301 -18.41 3.30 54.67
CA SER I 301 -17.37 4.00 53.93
C SER I 301 -17.99 4.98 52.95
N LYS I 302 -17.21 5.99 52.58
CA LYS I 302 -17.63 6.94 51.55
C LYS I 302 -17.47 6.38 50.15
N LYS I 303 -16.89 5.18 50.02
CA LYS I 303 -16.70 4.53 48.73
C LYS I 303 -17.92 3.74 48.32
N ALA I 304 -18.62 3.12 49.28
CA ALA I 304 -19.85 2.41 48.99
C ALA I 304 -21.00 3.35 48.63
N LEU I 305 -20.92 4.62 49.03
CA LEU I 305 -21.93 5.58 48.61
C LEU I 305 -21.74 6.02 47.17
N MET I 306 -20.50 6.08 46.70
CA MET I 306 -20.23 6.43 45.31
C MET I 306 -20.71 5.37 44.33
N ARG I 307 -20.94 4.15 44.81
CA ARG I 307 -21.40 3.07 43.94
C ARG I 307 -22.83 3.29 43.44
N TYR I 308 -23.59 4.18 44.09
CA TYR I 308 -24.99 4.38 43.75
C TYR I 308 -25.23 5.53 42.78
N GLU I 309 -24.26 6.45 42.61
CA GLU I 309 -24.49 7.61 41.77
C GLU I 309 -24.46 7.27 40.29
N ASP I 310 -23.91 6.11 39.92
CA ASP I 310 -23.94 5.68 38.54
C ASP I 310 -25.16 4.84 38.22
N VAL I 311 -25.63 4.04 39.18
CA VAL I 311 -26.71 3.11 38.92
C VAL I 311 -28.02 3.86 38.75
N TYR I 312 -28.92 3.27 37.96
CA TYR I 312 -30.18 3.89 37.57
C TYR I 312 -31.30 3.17 38.29
N MET I 313 -31.85 3.80 39.32
CA MET I 313 -32.86 3.20 40.20
C MET I 313 -34.06 4.13 40.33
N PRO I 314 -34.85 4.26 39.26
CA PRO I 314 -35.94 5.25 39.30
C PRO I 314 -37.04 4.92 40.29
N GLU I 315 -37.36 3.63 40.47
CA GLU I 315 -38.51 3.25 41.29
C GLU I 315 -38.27 3.53 42.77
N VAL I 316 -37.05 3.29 43.25
CA VAL I 316 -36.78 3.57 44.67
C VAL I 316 -36.69 5.07 44.91
N TYR I 317 -36.22 5.82 43.90
CA TYR I 317 -36.10 7.27 44.05
C TYR I 317 -37.45 7.94 44.23
N LYS I 318 -38.48 7.45 43.51
CA LYS I 318 -39.83 7.94 43.74
C LYS I 318 -40.27 7.64 45.17
N ALA I 319 -40.07 6.39 45.61
CA ALA I 319 -40.66 5.90 46.86
C ALA I 319 -40.26 6.75 48.05
N ILE I 320 -38.95 6.99 48.23
CA ILE I 320 -38.47 7.80 49.34
C ILE I 320 -38.96 9.24 49.21
N ASN I 321 -39.17 9.72 47.98
CA ASN I 321 -39.74 11.04 47.81
C ASN I 321 -41.23 11.04 48.15
N ILE I 322 -41.94 9.95 47.86
CA ILE I 322 -43.35 9.88 48.24
C ILE I 322 -43.48 9.69 49.74
N ALA I 323 -42.49 9.06 50.37
CA ALA I 323 -42.51 8.96 51.83
C ALA I 323 -42.21 10.29 52.49
N GLN I 324 -41.46 11.16 51.81
CA GLN I 324 -41.11 12.45 52.37
C GLN I 324 -42.28 13.43 52.30
N ASN I 325 -43.07 13.38 51.23
CA ASN I 325 -44.16 14.35 51.07
C ASN I 325 -45.35 14.08 51.97
N THR I 326 -45.31 13.00 52.77
CA THR I 326 -46.34 12.74 53.76
C THR I 326 -46.35 13.85 54.81
N ALA I 327 -47.49 14.51 54.97
CA ALA I 327 -47.63 15.62 55.90
C ALA I 327 -48.13 15.09 57.24
N TRP I 328 -47.35 15.33 58.30
CA TRP I 328 -47.69 14.92 59.65
C TRP I 328 -48.08 16.12 60.49
N LYS I 329 -48.79 15.85 61.58
CA LYS I 329 -49.11 16.87 62.57
C LYS I 329 -49.14 16.21 63.94
N ILE I 330 -48.91 17.03 64.97
CA ILE I 330 -48.85 16.55 66.34
C ILE I 330 -50.22 16.74 66.96
N ASN I 331 -50.86 15.64 67.34
CA ASN I 331 -52.16 15.74 68.00
C ASN I 331 -51.95 16.25 69.42
N LYS I 332 -52.38 17.50 69.66
CA LYS I 332 -52.26 18.11 70.98
C LYS I 332 -53.05 17.35 72.03
N LYS I 333 -54.04 16.56 71.61
CA LYS I 333 -54.86 15.80 72.52
C LYS I 333 -54.05 14.72 73.24
N VAL I 334 -53.21 13.99 72.50
CA VAL I 334 -52.30 13.03 73.14
C VAL I 334 -51.20 13.78 73.89
N LEU I 335 -50.75 14.91 73.33
CA LEU I 335 -49.65 15.66 73.92
C LEU I 335 -50.04 16.27 75.27
N ALA I 336 -51.27 16.80 75.36
CA ALA I 336 -51.72 17.39 76.62
C ALA I 336 -51.83 16.35 77.72
N VAL I 337 -52.19 15.11 77.36
CA VAL I 337 -52.18 14.03 78.34
C VAL I 337 -50.75 13.70 78.76
N ALA I 338 -49.86 13.53 77.77
CA ALA I 338 -48.48 13.16 78.06
C ALA I 338 -47.75 14.24 78.84
N ASN I 339 -48.13 15.50 78.63
CA ASN I 339 -47.43 16.61 79.28
C ASN I 339 -47.58 16.59 80.79
N VAL I 340 -48.72 16.13 81.30
CA VAL I 340 -48.95 16.18 82.74
C VAL I 340 -48.48 14.91 83.46
N ILE I 341 -48.58 13.74 82.82
CA ILE I 341 -48.22 12.50 83.50
C ILE I 341 -46.70 12.37 83.59
N THR I 342 -45.98 12.80 82.55
CA THR I 342 -44.53 12.73 82.55
C THR I 342 -43.90 13.63 83.60
N LYS I 343 -44.63 14.63 84.10
CA LYS I 343 -44.19 15.40 85.25
C LYS I 343 -44.39 14.64 86.56
N TRP I 344 -45.26 13.64 86.59
CA TRP I 344 -45.53 12.88 87.78
C TRP I 344 -44.78 11.55 87.85
N LYS I 345 -44.32 11.03 86.71
CA LYS I 345 -43.63 9.74 86.65
C LYS I 345 -42.34 9.88 85.88
N HIS I 346 -41.39 8.98 86.20
CA HIS I 346 -40.19 8.86 85.38
C HIS I 346 -40.54 8.32 84.00
N CYS I 347 -41.38 7.28 83.94
CA CYS I 347 -42.00 6.89 82.69
C CYS I 347 -43.49 6.68 82.93
N PRO I 348 -44.34 7.09 81.99
CA PRO I 348 -45.78 7.15 82.26
C PRO I 348 -46.43 5.80 82.51
N VAL I 349 -45.90 4.72 81.94
CA VAL I 349 -46.61 3.45 81.89
C VAL I 349 -45.87 2.33 82.62
N GLU I 350 -44.81 2.65 83.37
CA GLU I 350 -44.07 1.59 84.06
C GLU I 350 -44.88 1.00 85.19
N ASP I 351 -45.42 1.84 86.07
CA ASP I 351 -46.10 1.39 87.27
C ASP I 351 -47.47 2.05 87.37
N ILE I 352 -48.53 1.26 87.24
CA ILE I 352 -49.91 1.71 87.40
C ILE I 352 -50.55 0.82 88.45
N PRO I 353 -51.21 1.38 89.48
CA PRO I 353 -51.81 0.59 90.56
C PRO I 353 -52.96 -0.30 90.08
N LYS I 378 -29.09 -13.17 92.99
CA LYS I 378 -27.88 -12.55 92.44
C LYS I 378 -28.18 -11.87 91.12
N ARG I 379 -29.06 -12.45 90.32
CA ARG I 379 -29.47 -11.83 89.07
C ARG I 379 -30.46 -10.70 89.28
N ALA I 380 -31.12 -10.65 90.44
CA ALA I 380 -32.02 -9.54 90.73
C ALA I 380 -31.26 -8.26 91.06
N ALA I 381 -30.07 -8.39 91.67
CA ALA I 381 -29.27 -7.21 91.98
C ALA I 381 -28.74 -6.55 90.72
N ALA I 382 -28.37 -7.35 89.71
CA ALA I 382 -27.95 -6.79 88.44
C ALA I 382 -29.12 -6.25 87.62
N ALA I 383 -30.34 -6.70 87.91
CA ALA I 383 -31.50 -6.23 87.18
C ALA I 383 -32.03 -4.91 87.73
N VAL I 384 -31.98 -4.73 89.05
CA VAL I 384 -32.46 -3.48 89.64
C VAL I 384 -31.46 -2.35 89.37
N TYR I 385 -30.16 -2.66 89.32
CA TYR I 385 -29.18 -1.67 88.90
C TYR I 385 -29.34 -1.35 87.42
N ARG I 386 -29.70 -2.36 86.62
CA ARG I 386 -29.94 -2.12 85.20
C ARG I 386 -31.26 -1.41 84.96
N LYS I 387 -32.27 -1.67 85.78
CA LYS I 387 -33.55 -0.97 85.62
C LYS I 387 -33.46 0.48 86.06
N ASP I 388 -32.63 0.77 87.08
CA ASP I 388 -32.50 2.14 87.55
C ASP I 388 -31.69 2.98 86.56
N LYS I 389 -30.70 2.38 85.90
CA LYS I 389 -29.98 3.10 84.86
C LYS I 389 -30.76 3.14 83.56
N ALA I 390 -31.67 2.18 83.36
CA ALA I 390 -32.56 2.22 82.19
C ALA I 390 -33.51 3.40 82.30
N ARG I 391 -34.26 3.48 83.41
CA ARG I 391 -35.26 4.52 83.61
C ARG I 391 -34.69 5.93 83.54
N LYS I 392 -33.38 6.08 83.78
CA LYS I 392 -32.74 7.37 83.54
C LYS I 392 -32.46 7.58 82.05
N SER I 393 -32.11 6.51 81.34
CA SER I 393 -31.82 6.64 79.91
C SER I 393 -33.09 6.79 79.09
N ARG I 394 -34.16 6.09 79.45
CA ARG I 394 -35.44 6.30 78.77
C ARG I 394 -35.99 7.70 79.05
N ARG I 395 -35.68 8.27 80.22
CA ARG I 395 -36.20 9.59 80.57
C ARG I 395 -35.53 10.69 79.75
N ILE I 396 -34.23 10.57 79.49
CA ILE I 396 -33.53 11.63 78.74
C ILE I 396 -33.95 11.61 77.28
N SER I 397 -34.38 10.45 76.76
CA SER I 397 -34.99 10.39 75.44
C SER I 397 -36.47 10.78 75.50
N LEU I 398 -37.11 10.54 76.64
CA LEU I 398 -38.51 10.92 76.83
C LEU I 398 -38.67 12.44 76.79
N GLU I 399 -37.83 13.15 77.55
CA GLU I 399 -37.95 14.60 77.62
C GLU I 399 -37.62 15.27 76.30
N PHE I 400 -36.70 14.67 75.51
CA PHE I 400 -36.42 15.23 74.20
C PHE I 400 -37.57 14.98 73.22
N MET I 401 -38.17 13.79 73.29
CA MET I 401 -39.33 13.50 72.45
C MET I 401 -40.50 14.43 72.78
N LEU I 402 -40.71 14.70 74.07
CA LEU I 402 -41.76 15.62 74.46
C LEU I 402 -41.42 17.07 74.11
N GLU I 403 -40.14 17.42 74.14
CA GLU I 403 -39.73 18.79 73.81
C GLU I 403 -39.98 19.10 72.34
N GLN I 404 -39.55 18.19 71.45
CA GLN I 404 -39.78 18.39 70.03
C GLN I 404 -41.28 18.32 69.71
N ALA I 405 -42.01 17.46 70.41
CA ALA I 405 -43.46 17.40 70.22
C ALA I 405 -44.12 18.70 70.65
N ASN I 406 -43.61 19.33 71.70
CA ASN I 406 -44.14 20.62 72.12
C ASN I 406 -43.66 21.74 71.22
N LYS I 407 -42.48 21.59 70.61
CA LYS I 407 -41.95 22.65 69.75
C LYS I 407 -42.76 22.79 68.47
N PHE I 408 -43.16 21.66 67.88
CA PHE I 408 -43.88 21.66 66.61
C PHE I 408 -45.36 21.38 66.77
N ALA I 409 -45.90 21.47 67.99
CA ALA I 409 -47.32 21.21 68.20
C ALA I 409 -48.19 22.27 67.55
N ASN I 410 -47.69 23.49 67.42
CA ASN I 410 -48.49 24.59 66.87
C ASN I 410 -48.40 24.68 65.36
N HIS I 411 -47.41 24.04 64.74
CA HIS I 411 -47.33 24.03 63.29
C HIS I 411 -48.48 23.21 62.69
N LYS I 412 -49.05 23.72 61.60
CA LYS I 412 -50.15 23.02 60.94
C LYS I 412 -49.70 21.70 60.35
N ALA I 413 -48.45 21.63 59.87
CA ALA I 413 -47.91 20.39 59.34
C ALA I 413 -46.40 20.39 59.52
N ILE I 414 -45.86 19.19 59.72
CA ILE I 414 -44.42 18.97 59.77
C ILE I 414 -44.10 17.77 58.90
N TRP I 415 -42.90 17.76 58.33
CA TRP I 415 -42.49 16.72 57.41
C TRP I 415 -41.20 16.08 57.88
N PHE I 416 -41.04 14.79 57.57
CA PHE I 416 -39.83 14.05 57.89
C PHE I 416 -39.13 13.65 56.61
N PRO I 417 -37.85 13.98 56.43
CA PRO I 417 -37.10 13.43 55.31
C PRO I 417 -36.75 11.97 55.57
N TYR I 418 -36.45 11.26 54.48
CA TYR I 418 -36.19 9.84 54.56
C TYR I 418 -34.95 9.47 53.76
N ASN I 419 -34.31 8.38 54.18
CA ASN I 419 -33.24 7.74 53.42
C ASN I 419 -33.17 6.29 53.89
N MET I 420 -32.18 5.54 53.42
CA MET I 420 -32.12 4.12 53.67
C MET I 420 -30.74 3.69 54.12
N ASP I 421 -30.68 2.53 54.77
CA ASP I 421 -29.41 1.92 55.15
C ASP I 421 -28.81 1.23 53.92
N TRP I 422 -27.73 0.46 54.12
CA TRP I 422 -27.10 -0.17 52.98
C TRP I 422 -27.92 -1.33 52.41
N ARG I 423 -28.86 -1.88 53.19
CA ARG I 423 -29.75 -2.92 52.70
C ARG I 423 -31.01 -2.37 52.03
N GLY I 424 -31.32 -1.09 52.21
CA GLY I 424 -32.43 -0.48 51.52
C GLY I 424 -33.68 -0.26 52.35
N ARG I 425 -33.72 -0.72 53.59
CA ARG I 425 -34.82 -0.38 54.48
C ARG I 425 -34.84 1.12 54.72
N VAL I 426 -36.03 1.70 54.68
CA VAL I 426 -36.17 3.16 54.73
C VAL I 426 -36.28 3.59 56.19
N TYR I 427 -35.53 4.64 56.52
CA TYR I 427 -35.51 5.21 57.86
C TYR I 427 -35.75 6.72 57.77
N ALA I 428 -36.39 7.27 58.80
CA ALA I 428 -36.52 8.71 58.89
C ALA I 428 -35.28 9.29 59.57
N VAL I 429 -34.77 10.39 59.00
CA VAL I 429 -33.48 10.90 59.42
C VAL I 429 -33.59 11.68 60.73
N SER I 430 -34.73 12.34 60.95
CA SER I 430 -34.91 13.18 62.14
C SER I 430 -34.88 12.35 63.43
N MET I 431 -34.46 12.98 64.51
CA MET I 431 -34.38 12.30 65.81
C MET I 431 -35.79 11.99 66.33
N PHE I 432 -36.66 12.99 66.32
CA PHE I 432 -38.09 12.80 66.58
C PHE I 432 -38.75 12.40 65.27
N ASN I 433 -39.26 11.18 65.19
CA ASN I 433 -39.79 10.65 63.94
C ASN I 433 -40.84 9.58 64.27
N PRO I 434 -41.69 9.20 63.31
CA PRO I 434 -42.74 8.21 63.59
C PRO I 434 -42.28 6.77 63.66
N GLN I 435 -40.98 6.48 63.72
CA GLN I 435 -40.49 5.12 63.87
C GLN I 435 -40.02 4.81 65.29
N GLY I 436 -40.43 5.60 66.27
CA GLY I 436 -39.97 5.47 67.64
C GLY I 436 -40.87 4.61 68.50
N ASN I 437 -40.80 4.86 69.81
CA ASN I 437 -41.59 4.11 70.78
C ASN I 437 -43.05 4.56 70.74
N ASP I 438 -43.88 3.85 71.52
CA ASP I 438 -45.34 4.02 71.47
C ASP I 438 -45.77 5.46 71.74
N MET I 439 -45.15 6.11 72.73
CA MET I 439 -45.49 7.50 73.01
C MET I 439 -45.10 8.41 71.85
N THR I 440 -43.97 8.13 71.19
CA THR I 440 -43.57 8.91 70.03
C THR I 440 -44.54 8.72 68.88
N LYS I 441 -45.03 7.48 68.67
CA LYS I 441 -46.03 7.26 67.63
C LYS I 441 -47.38 7.82 68.03
N GLY I 442 -47.72 7.77 69.31
CA GLY I 442 -48.97 8.35 69.77
C GLY I 442 -48.99 9.86 69.67
N LEU I 443 -47.82 10.49 69.78
CA LEU I 443 -47.70 11.93 69.64
C LEU I 443 -47.82 12.39 68.18
N LEU I 444 -47.67 11.48 67.23
CA LEU I 444 -47.65 11.83 65.82
C LEU I 444 -48.88 11.27 65.12
N THR I 445 -49.43 12.07 64.21
CA THR I 445 -50.58 11.66 63.41
C THR I 445 -50.46 12.35 62.05
N LEU I 446 -51.23 11.87 61.09
CA LEU I 446 -51.16 12.48 59.77
C LEU I 446 -51.93 13.80 59.76
N ALA I 447 -51.65 14.63 58.77
CA ALA I 447 -52.33 15.90 58.60
C ALA I 447 -53.42 15.88 57.54
N LYS I 448 -53.31 14.99 56.55
CA LYS I 448 -54.28 14.89 55.48
C LYS I 448 -55.52 14.16 56.00
N GLY I 449 -56.63 14.89 56.12
CA GLY I 449 -57.86 14.33 56.66
C GLY I 449 -58.79 13.88 55.55
N LYS I 450 -59.47 12.77 55.80
CA LYS I 450 -60.51 12.24 54.92
C LYS I 450 -61.66 11.76 55.78
N PRO I 451 -62.90 11.82 55.27
CA PRO I 451 -64.02 11.22 56.00
C PRO I 451 -63.80 9.73 56.20
N ILE I 452 -64.07 9.26 57.42
CA ILE I 452 -63.58 7.96 57.85
C ILE I 452 -64.33 6.83 57.12
N GLY I 453 -65.64 6.95 56.98
CA GLY I 453 -66.40 5.94 56.27
C GLY I 453 -66.59 4.66 57.05
N LYS I 454 -67.43 3.76 56.55
CA LYS I 454 -67.70 2.52 57.26
C LYS I 454 -66.57 1.52 57.13
N GLU I 455 -65.79 1.58 56.05
CA GLU I 455 -64.63 0.71 55.94
C GLU I 455 -63.47 1.24 56.76
N GLY I 456 -63.30 2.56 56.81
CA GLY I 456 -62.25 3.13 57.63
C GLY I 456 -62.53 3.05 59.11
N TYR I 457 -63.81 3.12 59.50
CA TYR I 457 -64.17 2.88 60.90
C TYR I 457 -63.88 1.44 61.28
N TYR I 458 -64.13 0.51 60.35
CA TYR I 458 -63.81 -0.90 60.56
C TYR I 458 -62.32 -1.07 60.88
N TRP I 459 -61.46 -0.52 60.03
CA TRP I 459 -60.02 -0.67 60.25
C TRP I 459 -59.55 0.15 61.45
N LEU I 460 -60.28 1.22 61.81
CA LEU I 460 -59.93 1.97 63.01
C LEU I 460 -60.15 1.13 64.26
N LYS I 461 -61.24 0.36 64.30
CA LYS I 461 -61.43 -0.60 65.39
C LYS I 461 -60.34 -1.66 65.37
N ILE I 462 -59.90 -2.06 64.18
CA ILE I 462 -58.87 -3.09 64.05
C ILE I 462 -57.53 -2.57 64.55
N HIS I 463 -57.17 -1.33 64.17
CA HIS I 463 -55.92 -0.74 64.65
C HIS I 463 -55.97 -0.53 66.16
N GLY I 464 -57.14 -0.19 66.70
CA GLY I 464 -57.28 -0.12 68.14
C GLY I 464 -57.16 -1.48 68.79
N ALA I 465 -57.80 -2.50 68.21
CA ALA I 465 -57.72 -3.85 68.74
C ALA I 465 -56.29 -4.38 68.69
N ASN I 466 -55.55 -4.05 67.63
CA ASN I 466 -54.14 -4.42 67.57
C ASN I 466 -53.32 -3.68 68.62
N CYS I 467 -53.68 -2.42 68.90
CA CYS I 467 -53.00 -1.67 69.95
C CYS I 467 -53.29 -2.25 71.32
N ALA I 468 -54.45 -2.91 71.48
CA ALA I 468 -54.73 -3.64 72.72
C ALA I 468 -53.90 -4.92 72.82
N GLY I 469 -53.43 -5.46 71.70
CA GLY I 469 -52.72 -6.72 71.73
C GLY I 469 -53.60 -7.94 71.51
N VAL I 470 -54.79 -7.78 70.94
CA VAL I 470 -55.68 -8.89 70.68
C VAL I 470 -55.48 -9.38 69.25
N ASP I 471 -54.28 -9.12 68.70
CA ASP I 471 -53.95 -9.47 67.32
C ASP I 471 -53.99 -10.97 67.03
N LYS I 472 -54.02 -11.82 68.05
CA LYS I 472 -54.05 -13.27 67.86
C LYS I 472 -55.44 -13.81 67.55
N VAL I 473 -56.49 -13.09 67.93
CA VAL I 473 -57.86 -13.48 67.61
C VAL I 473 -58.14 -12.99 66.19
N PRO I 474 -59.02 -13.66 65.42
CA PRO I 474 -59.32 -13.18 64.06
C PRO I 474 -60.02 -11.82 63.97
N PHE I 475 -60.48 -11.48 62.76
CA PHE I 475 -61.07 -10.16 62.53
C PHE I 475 -62.41 -9.93 63.23
N PRO I 476 -63.46 -10.77 63.03
CA PRO I 476 -64.77 -10.39 63.59
C PRO I 476 -64.81 -10.26 65.10
N GLU I 477 -63.87 -10.89 65.80
CA GLU I 477 -63.78 -10.74 67.24
C GLU I 477 -62.97 -9.52 67.64
N ARG I 478 -61.99 -9.10 66.84
CA ARG I 478 -61.36 -7.81 67.11
C ARG I 478 -62.37 -6.67 67.09
N ILE I 479 -63.47 -6.84 66.36
CA ILE I 479 -64.58 -5.88 66.39
C ILE I 479 -65.35 -6.00 67.70
N LYS I 480 -65.61 -7.24 68.16
CA LYS I 480 -66.43 -7.40 69.36
C LYS I 480 -65.69 -6.99 70.62
N PHE I 481 -64.36 -7.12 70.66
CA PHE I 481 -63.63 -6.68 71.84
C PHE I 481 -63.52 -5.16 71.91
N ILE I 482 -63.73 -4.46 70.79
CA ILE I 482 -63.85 -3.01 70.84
C ILE I 482 -65.25 -2.60 71.24
N GLU I 483 -66.27 -3.34 70.79
CA GLU I 483 -67.64 -3.01 71.14
C GLU I 483 -68.00 -3.45 72.56
N GLU I 484 -67.37 -4.51 73.07
CA GLU I 484 -67.65 -4.95 74.44
C GLU I 484 -67.19 -3.91 75.44
N ASN I 485 -66.01 -3.33 75.24
CA ASN I 485 -65.49 -2.27 76.08
C ASN I 485 -65.65 -0.89 75.45
N HIS I 486 -66.74 -0.68 74.71
CA HIS I 486 -66.93 0.58 73.99
C HIS I 486 -67.05 1.77 74.94
N GLU I 487 -67.64 1.56 76.12
CA GLU I 487 -67.77 2.65 77.07
C GLU I 487 -66.45 2.95 77.79
N ASN I 488 -65.58 1.94 77.96
CA ASN I 488 -64.27 2.19 78.53
C ASN I 488 -63.38 2.95 77.56
N ILE I 489 -63.55 2.72 76.25
CA ILE I 489 -62.86 3.51 75.25
C ILE I 489 -63.37 4.94 75.26
N MET I 490 -64.69 5.11 75.45
CA MET I 490 -65.27 6.44 75.56
C MET I 490 -64.77 7.17 76.80
N ALA I 491 -64.66 6.44 77.92
CA ALA I 491 -64.28 7.07 79.18
C ALA I 491 -62.85 7.60 79.16
N CYS I 492 -61.95 6.90 78.47
CA CYS I 492 -60.59 7.38 78.31
C CYS I 492 -60.50 8.56 77.34
N ALA I 493 -61.57 8.84 76.60
CA ALA I 493 -61.57 9.95 75.65
C ALA I 493 -62.12 11.24 76.25
N LYS I 494 -63.15 11.14 77.11
CA LYS I 494 -63.67 12.32 77.78
C LYS I 494 -62.61 12.93 78.69
N SER I 495 -62.16 12.17 79.67
CA SER I 495 -61.11 12.61 80.59
C SER I 495 -60.08 11.49 80.71
N PRO I 496 -58.97 11.57 79.99
CA PRO I 496 -57.99 10.48 80.01
C PRO I 496 -57.24 10.36 81.33
N LEU I 497 -57.25 11.39 82.17
CA LEU I 497 -56.63 11.28 83.49
C LEU I 497 -57.55 10.56 84.48
N GLU I 498 -58.86 10.56 84.24
CA GLU I 498 -59.78 9.89 85.15
C GLU I 498 -59.72 8.38 85.00
N ASN I 499 -59.50 7.88 83.79
CA ASN I 499 -59.53 6.45 83.52
C ASN I 499 -58.16 6.02 83.02
N THR I 500 -57.58 5.02 83.68
CA THR I 500 -56.28 4.48 83.30
C THR I 500 -56.40 3.18 82.52
N TRP I 501 -57.55 2.94 81.89
CA TRP I 501 -57.73 1.72 81.10
C TRP I 501 -56.87 1.73 79.85
N TRP I 502 -56.66 2.90 79.25
CA TRP I 502 -55.81 2.98 78.06
C TRP I 502 -54.35 2.70 78.38
N ALA I 503 -53.90 3.11 79.58
CA ALA I 503 -52.52 2.87 79.97
C ALA I 503 -52.25 1.40 80.27
N GLU I 504 -53.29 0.62 80.57
CA GLU I 504 -53.09 -0.79 80.88
C GLU I 504 -52.78 -1.65 79.66
N GLN I 505 -52.80 -1.09 78.45
CA GLN I 505 -52.69 -1.92 77.26
C GLN I 505 -51.24 -1.98 76.77
N ASP I 506 -51.04 -2.71 75.67
CA ASP I 506 -49.69 -3.00 75.19
C ASP I 506 -49.05 -1.76 74.56
N SER I 507 -49.78 -1.07 73.69
CA SER I 507 -49.32 0.21 73.16
C SER I 507 -50.26 1.29 73.65
N PRO I 508 -50.07 1.79 74.89
CA PRO I 508 -51.07 2.68 75.49
C PRO I 508 -51.27 4.01 74.75
N PHE I 509 -50.21 4.65 74.31
CA PHE I 509 -50.37 5.99 73.75
C PHE I 509 -50.94 5.97 72.34
N CYS I 510 -50.66 4.91 71.56
CA CYS I 510 -51.34 4.75 70.29
C CYS I 510 -52.79 4.32 70.51
N PHE I 511 -53.04 3.43 71.47
CA PHE I 511 -54.41 3.09 71.85
C PHE I 511 -55.13 4.32 72.40
N LEU I 512 -54.42 5.16 73.16
CA LEU I 512 -54.97 6.45 73.58
C LEU I 512 -55.44 7.24 72.38
N ALA I 513 -54.52 7.51 71.43
CA ALA I 513 -54.86 8.23 70.21
C ALA I 513 -55.99 7.57 69.43
N PHE I 514 -56.12 6.25 69.53
CA PHE I 514 -57.26 5.57 68.93
C PHE I 514 -58.56 5.90 69.65
N CYS I 515 -58.51 6.04 70.98
CA CYS I 515 -59.71 6.35 71.75
C CYS I 515 -60.27 7.72 71.40
N PHE I 516 -59.40 8.66 71.02
CA PHE I 516 -59.85 10.01 70.74
C PHE I 516 -60.55 10.08 69.39
N GLU I 517 -60.02 9.35 68.40
CA GLU I 517 -60.68 9.27 67.10
C GLU I 517 -61.90 8.35 67.17
N TYR I 518 -61.86 7.31 68.01
CA TYR I 518 -63.03 6.46 68.18
C TYR I 518 -64.18 7.22 68.82
N ALA I 519 -63.88 8.21 69.65
CA ALA I 519 -64.94 9.05 70.20
C ALA I 519 -65.46 10.03 69.14
N GLY I 520 -64.54 10.71 68.44
CA GLY I 520 -64.92 11.78 67.54
C GLY I 520 -65.77 11.32 66.37
N VAL I 521 -65.64 10.06 65.97
CA VAL I 521 -66.56 9.53 64.96
C VAL I 521 -67.94 9.26 65.56
N GLN I 522 -68.00 8.97 66.87
CA GLN I 522 -69.28 8.74 67.53
C GLN I 522 -69.96 10.04 67.93
N HIS I 523 -69.25 11.17 67.85
CA HIS I 523 -69.87 12.48 68.07
C HIS I 523 -70.30 13.14 66.75
N HIS I 524 -69.50 13.01 65.70
CA HIS I 524 -69.72 13.73 64.46
C HIS I 524 -70.20 12.84 63.33
N GLY I 525 -70.50 11.56 63.61
CA GLY I 525 -70.88 10.63 62.57
C GLY I 525 -69.70 10.24 61.69
N LEU I 526 -70.04 9.69 60.52
CA LEU I 526 -69.02 9.23 59.59
C LEU I 526 -68.44 10.36 58.74
N SER I 527 -68.96 11.58 58.87
CA SER I 527 -68.40 12.72 58.16
C SER I 527 -67.14 13.26 58.81
N TYR I 528 -66.82 12.81 60.01
CA TYR I 528 -65.66 13.33 60.75
C TYR I 528 -64.36 12.91 60.06
N ASN I 529 -63.45 13.87 59.91
CA ASN I 529 -62.18 13.63 59.25
C ASN I 529 -61.23 12.93 60.23
N CYS I 530 -60.83 11.71 59.89
CA CYS I 530 -59.87 10.96 60.68
C CYS I 530 -58.52 10.94 59.96
N SER I 531 -57.46 11.26 60.69
CA SER I 531 -56.13 11.31 60.11
C SER I 531 -55.12 10.48 60.91
N LEU I 532 -55.60 9.52 61.70
CA LEU I 532 -54.69 8.66 62.45
C LEU I 532 -54.04 7.65 61.49
N PRO I 533 -52.76 7.36 61.67
CA PRO I 533 -52.16 6.26 60.90
C PRO I 533 -52.56 4.90 61.47
N LEU I 534 -52.86 3.98 60.56
CA LEU I 534 -53.39 2.67 60.91
C LEU I 534 -52.32 1.64 60.57
N ALA I 535 -51.47 1.32 61.55
CA ALA I 535 -50.28 0.52 61.33
C ALA I 535 -50.61 -0.96 61.26
N PHE I 536 -50.16 -1.61 60.18
CA PHE I 536 -50.51 -2.98 59.86
C PHE I 536 -49.24 -3.79 59.71
N ASP I 537 -49.01 -4.75 60.62
CA ASP I 537 -47.75 -5.46 60.70
C ASP I 537 -47.90 -6.93 60.33
N GLY I 538 -46.91 -7.46 59.59
CA GLY I 538 -46.90 -8.87 59.27
C GLY I 538 -46.48 -9.75 60.43
N SER I 539 -46.75 -11.04 60.29
CA SER I 539 -46.54 -11.99 61.39
C SER I 539 -45.05 -12.17 61.69
N CYS I 540 -44.28 -12.57 60.69
CA CYS I 540 -42.82 -12.66 60.79
C CYS I 540 -42.26 -12.40 59.40
N SER I 541 -41.90 -11.13 59.15
CA SER I 541 -41.59 -10.68 57.79
C SER I 541 -40.36 -11.36 57.22
N GLY I 542 -39.50 -11.92 58.07
CA GLY I 542 -38.42 -12.75 57.62
C GLY I 542 -38.92 -13.90 56.78
N ILE I 543 -39.77 -14.74 57.37
CA ILE I 543 -40.26 -15.93 56.68
C ILE I 543 -41.58 -15.69 55.95
N GLN I 544 -42.12 -14.47 55.95
CA GLN I 544 -43.08 -14.10 54.92
C GLN I 544 -42.44 -14.18 53.55
N HIS I 545 -41.29 -13.53 53.40
CA HIS I 545 -40.60 -13.50 52.12
C HIS I 545 -39.99 -14.86 51.81
N PHE I 546 -39.31 -15.47 52.79
CA PHE I 546 -38.61 -16.75 52.57
C PHE I 546 -39.55 -17.86 52.11
N SER I 547 -40.83 -17.81 52.50
CA SER I 547 -41.80 -18.78 52.03
C SER I 547 -42.37 -18.41 50.68
N ALA I 548 -42.28 -17.13 50.27
CA ALA I 548 -42.81 -16.71 48.99
C ALA I 548 -41.83 -16.96 47.85
N MET I 549 -40.53 -16.79 48.13
CA MET I 549 -39.51 -17.06 47.11
C MET I 549 -39.52 -18.51 46.68
N LEU I 550 -39.60 -19.42 47.65
CA LEU I 550 -39.46 -20.84 47.39
C LEU I 550 -40.80 -21.57 47.40
N ARG I 551 -41.90 -20.80 47.38
CA ARG I 551 -43.27 -21.33 47.32
C ARG I 551 -43.54 -22.38 48.40
N ASP I 552 -43.12 -22.07 49.62
CA ASP I 552 -43.38 -22.98 50.73
C ASP I 552 -44.86 -22.95 51.08
N GLU I 553 -45.50 -24.10 50.99
CA GLU I 553 -46.88 -24.22 51.49
C GLU I 553 -46.91 -24.08 53.00
N VAL I 554 -46.18 -24.97 53.70
CA VAL I 554 -46.28 -25.05 55.15
C VAL I 554 -45.67 -23.83 55.82
N GLY I 555 -44.73 -23.15 55.17
CA GLY I 555 -44.21 -21.92 55.73
C GLY I 555 -45.18 -20.76 55.59
N GLY I 556 -46.01 -20.79 54.54
CA GLY I 556 -47.03 -19.77 54.36
C GLY I 556 -48.28 -19.99 55.18
N ARG I 557 -48.59 -21.24 55.55
CA ARG I 557 -49.69 -21.50 56.46
C ARG I 557 -49.47 -20.81 57.80
N ALA I 558 -48.31 -21.05 58.41
CA ALA I 558 -48.04 -20.57 59.76
C ALA I 558 -48.11 -19.05 59.83
N VAL I 559 -47.51 -18.38 58.87
CA VAL I 559 -47.34 -16.93 58.91
C VAL I 559 -48.61 -16.28 58.34
N ASN I 560 -49.61 -17.13 58.05
CA ASN I 560 -50.90 -16.73 57.47
C ASN I 560 -50.72 -16.06 56.11
N LEU I 561 -49.70 -16.47 55.36
CA LEU I 561 -49.63 -16.08 53.96
C LEU I 561 -50.77 -16.68 53.16
N LEU I 562 -51.41 -17.73 53.69
CA LEU I 562 -52.47 -18.49 53.06
C LEU I 562 -53.77 -18.27 53.83
N PRO I 563 -54.90 -18.15 53.13
CA PRO I 563 -56.17 -17.84 53.81
C PRO I 563 -56.58 -18.96 54.75
N SER I 564 -56.86 -18.57 56.00
CA SER I 564 -57.22 -19.52 57.05
C SER I 564 -58.31 -18.90 57.91
N GLU I 565 -59.00 -19.75 58.66
CA GLU I 565 -60.05 -19.29 59.56
C GLU I 565 -59.50 -18.75 60.87
N THR I 566 -58.25 -19.07 61.22
CA THR I 566 -57.63 -18.61 62.44
C THR I 566 -56.24 -18.08 62.16
N VAL I 567 -55.83 -17.07 62.95
CA VAL I 567 -54.45 -16.64 62.93
C VAL I 567 -53.58 -17.77 63.45
N GLN I 568 -52.57 -18.14 62.67
CA GLN I 568 -51.71 -19.25 63.05
C GLN I 568 -50.50 -18.71 63.81
N ASP I 569 -50.28 -19.24 65.01
CA ASP I 569 -49.17 -18.84 65.86
C ASP I 569 -47.97 -19.71 65.52
N ILE I 570 -46.91 -19.10 64.98
CA ILE I 570 -45.73 -19.86 64.58
C ILE I 570 -45.05 -20.44 65.82
N TYR I 571 -45.01 -19.66 66.89
CA TYR I 571 -44.42 -20.11 68.15
C TYR I 571 -45.27 -21.22 68.77
N GLY I 572 -46.57 -21.24 68.49
CA GLY I 572 -47.40 -22.34 68.96
C GLY I 572 -47.18 -23.62 68.16
N ILE I 573 -46.96 -23.49 66.85
CA ILE I 573 -46.82 -24.67 66.00
C ILE I 573 -45.53 -25.40 66.30
N VAL I 574 -44.43 -24.66 66.48
CA VAL I 574 -43.15 -25.26 66.85
C VAL I 574 -43.26 -25.90 68.23
N ALA I 575 -44.02 -25.29 69.14
CA ALA I 575 -44.21 -25.87 70.47
C ALA I 575 -45.02 -27.15 70.43
N LYS I 576 -46.00 -27.26 69.53
CA LYS I 576 -46.75 -28.50 69.43
C LYS I 576 -45.91 -29.61 68.80
N LYS I 577 -45.01 -29.25 67.87
CA LYS I 577 -44.08 -30.23 67.33
C LYS I 577 -43.02 -30.64 68.35
N VAL I 578 -42.63 -29.71 69.23
CA VAL I 578 -41.74 -30.05 70.34
C VAL I 578 -42.47 -30.97 71.33
N ASN I 579 -43.75 -30.71 71.58
CA ASN I 579 -44.55 -31.56 72.45
C ASN I 579 -44.71 -32.96 71.88
N GLU I 580 -44.71 -33.10 70.55
CA GLU I 580 -44.88 -34.42 69.94
C GLU I 580 -43.63 -35.27 70.09
N ILE I 581 -42.45 -34.68 69.89
CA ILE I 581 -41.21 -35.40 70.13
C ILE I 581 -41.05 -35.69 71.62
N LEU I 582 -41.48 -34.75 72.47
CA LEU I 582 -41.44 -34.95 73.92
C LEU I 582 -42.33 -36.10 74.34
N GLN I 583 -43.46 -36.31 73.66
CA GLN I 583 -44.31 -37.47 73.93
C GLN I 583 -43.88 -38.71 73.19
N ALA I 584 -43.24 -38.57 72.03
CA ALA I 584 -42.66 -39.72 71.35
C ALA I 584 -41.42 -40.22 72.09
N ASP I 585 -40.63 -39.30 72.65
CA ASP I 585 -39.54 -39.69 73.54
C ASP I 585 -40.05 -40.13 74.91
N ALA I 586 -41.32 -39.84 75.23
CA ALA I 586 -41.94 -40.32 76.46
C ALA I 586 -42.36 -41.78 76.37
N ILE I 587 -41.99 -42.48 75.29
CA ILE I 587 -42.32 -43.88 75.08
C ILE I 587 -41.07 -44.74 75.03
N ASN I 588 -40.12 -44.38 74.16
CA ASN I 588 -38.93 -45.19 73.93
C ASN I 588 -37.67 -44.48 74.45
N GLY I 589 -37.18 -43.47 73.74
CA GLY I 589 -36.10 -42.63 74.26
C GLY I 589 -34.74 -43.32 74.35
N THR I 590 -33.85 -42.67 75.10
CA THR I 590 -32.47 -43.13 75.27
C THR I 590 -32.14 -43.16 76.76
N ASP I 591 -31.55 -44.26 77.21
CA ASP I 591 -31.20 -44.42 78.61
C ASP I 591 -30.08 -43.48 79.02
N ASN I 592 -29.95 -43.27 80.33
CA ASN I 592 -28.90 -42.43 80.88
C ASN I 592 -27.58 -43.19 80.91
N GLU I 593 -26.48 -42.46 80.68
CA GLU I 593 -25.15 -43.04 80.65
C GLU I 593 -24.19 -42.15 81.46
N VAL I 594 -23.17 -42.78 82.04
CA VAL I 594 -22.16 -42.10 82.81
C VAL I 594 -20.81 -42.27 82.12
N VAL I 595 -20.08 -41.15 81.98
CA VAL I 595 -18.79 -41.15 81.30
C VAL I 595 -18.01 -39.94 81.81
N THR I 596 -16.70 -39.98 81.64
CA THR I 596 -15.85 -38.89 82.13
C THR I 596 -15.84 -37.74 81.13
N VAL I 597 -16.03 -36.53 81.63
CA VAL I 597 -15.97 -35.31 80.83
C VAL I 597 -15.33 -34.22 81.68
N THR I 598 -14.50 -33.40 81.06
CA THR I 598 -13.83 -32.33 81.78
C THR I 598 -14.73 -31.09 81.85
N ASP I 599 -14.70 -30.43 83.00
CA ASP I 599 -15.45 -29.20 83.21
C ASP I 599 -14.48 -28.03 83.13
N GLU I 600 -14.88 -26.97 82.42
CA GLU I 600 -13.98 -25.86 82.15
C GLU I 600 -13.65 -25.06 83.41
N ASN I 601 -14.59 -24.95 84.34
CA ASN I 601 -14.32 -24.30 85.62
C ASN I 601 -13.28 -25.08 86.41
N THR I 602 -13.51 -26.38 86.61
CA THR I 602 -12.57 -27.21 87.34
C THR I 602 -11.27 -27.40 86.57
N GLY I 603 -11.35 -27.44 85.24
CA GLY I 603 -10.19 -27.69 84.40
C GLY I 603 -9.77 -29.13 84.29
N GLU I 604 -10.44 -30.04 84.99
CA GLU I 604 -10.02 -31.42 85.13
C GLU I 604 -11.18 -32.35 84.75
N ILE I 605 -10.84 -33.61 84.49
CA ILE I 605 -11.87 -34.61 84.20
C ILE I 605 -12.51 -35.07 85.50
N SER I 606 -13.77 -35.49 85.39
CA SER I 606 -14.51 -36.06 86.51
C SER I 606 -15.70 -36.82 85.94
N GLU I 607 -16.06 -37.91 86.61
CA GLU I 607 -17.13 -38.77 86.13
C GLU I 607 -18.48 -38.12 86.39
N LYS I 608 -19.27 -37.94 85.34
CA LYS I 608 -20.59 -37.32 85.43
C LYS I 608 -21.57 -38.12 84.57
N VAL I 609 -22.86 -37.97 84.88
CA VAL I 609 -23.91 -38.71 84.21
C VAL I 609 -24.57 -37.81 83.18
N LYS I 610 -24.51 -38.22 81.91
CA LYS I 610 -25.22 -37.50 80.85
C LYS I 610 -26.69 -37.93 80.87
N LEU I 611 -27.59 -36.97 81.03
CA LEU I 611 -29.02 -37.26 80.99
C LEU I 611 -29.41 -37.69 79.58
N GLY I 612 -29.92 -38.90 79.46
CA GLY I 612 -30.41 -39.37 78.18
C GLY I 612 -31.66 -38.62 77.76
N THR I 613 -32.06 -38.87 76.51
CA THR I 613 -33.26 -38.24 75.97
C THR I 613 -34.54 -38.73 76.64
N LYS I 614 -34.46 -39.82 77.40
CA LYS I 614 -35.62 -40.32 78.14
C LYS I 614 -35.98 -39.40 79.30
N ALA I 615 -35.06 -39.23 80.25
CA ALA I 615 -35.32 -38.43 81.43
C ALA I 615 -35.51 -36.95 81.08
N LEU I 616 -34.82 -36.47 80.04
CA LEU I 616 -35.01 -35.10 79.60
C LEU I 616 -36.40 -34.88 79.02
N ALA I 617 -36.99 -35.93 78.44
CA ALA I 617 -38.35 -35.82 77.93
C ALA I 617 -39.35 -35.69 79.07
N GLY I 618 -39.15 -36.44 80.16
CA GLY I 618 -40.06 -36.34 81.29
C GLY I 618 -39.92 -35.05 82.05
N GLN I 619 -38.73 -34.45 82.05
CA GLN I 619 -38.51 -33.20 82.77
C GLN I 619 -39.18 -32.04 82.05
N TRP I 620 -39.02 -31.95 80.73
CA TRP I 620 -39.65 -30.88 79.98
C TRP I 620 -41.17 -31.07 79.89
N LEU I 621 -41.65 -32.32 79.94
CA LEU I 621 -43.08 -32.57 79.87
C LEU I 621 -43.78 -32.15 81.17
N ALA I 622 -43.16 -32.40 82.31
CA ALA I 622 -43.75 -31.99 83.58
C ALA I 622 -43.73 -30.47 83.73
N TYR I 623 -42.67 -29.82 83.25
CA TYR I 623 -42.62 -28.37 83.26
C TYR I 623 -43.64 -27.78 82.28
N GLY I 624 -43.63 -28.27 81.06
CA GLY I 624 -44.56 -27.80 80.04
C GLY I 624 -43.86 -26.96 79.00
N VAL I 625 -44.24 -27.15 77.74
CA VAL I 625 -43.69 -26.40 76.62
C VAL I 625 -44.83 -25.63 75.98
N THR I 626 -44.69 -24.31 75.92
CA THR I 626 -45.73 -23.44 75.38
C THR I 626 -45.14 -22.55 74.29
N ARG I 627 -46.01 -21.73 73.70
CA ARG I 627 -45.58 -20.81 72.65
C ARG I 627 -44.64 -19.74 73.18
N SER I 628 -44.72 -19.43 74.48
CA SER I 628 -43.77 -18.53 75.10
C SER I 628 -42.39 -19.18 75.25
N VAL I 629 -42.30 -20.50 75.16
CA VAL I 629 -41.03 -21.19 75.25
C VAL I 629 -40.31 -21.27 73.91
N THR I 630 -41.04 -21.11 72.80
CA THR I 630 -40.40 -21.13 71.48
C THR I 630 -40.46 -19.79 70.75
N LYS I 631 -40.96 -18.72 71.39
CA LYS I 631 -41.24 -17.48 70.67
C LYS I 631 -39.96 -16.81 70.16
N ARG I 632 -39.00 -16.60 71.06
CA ARG I 632 -37.77 -15.89 70.67
C ARG I 632 -36.93 -16.69 69.69
N SER I 633 -37.15 -18.00 69.58
CA SER I 633 -36.30 -18.82 68.73
C SER I 633 -36.62 -18.60 67.25
N VAL I 634 -37.90 -18.58 66.89
CA VAL I 634 -38.26 -18.30 65.50
C VAL I 634 -38.10 -16.82 65.21
N MET I 635 -38.30 -15.95 66.21
CA MET I 635 -38.07 -14.52 66.04
C MET I 635 -36.61 -14.24 65.69
N THR I 636 -35.70 -14.93 66.36
CA THR I 636 -34.28 -14.79 66.08
C THR I 636 -33.82 -15.66 64.91
N LEU I 637 -34.64 -16.63 64.51
CA LEU I 637 -34.27 -17.52 63.39
C LEU I 637 -34.14 -16.74 62.09
N ALA I 638 -35.03 -15.77 61.86
CA ALA I 638 -34.92 -14.91 60.70
C ALA I 638 -33.65 -14.06 60.74
N TYR I 639 -33.07 -13.86 61.93
CA TYR I 639 -31.83 -13.13 62.10
C TYR I 639 -30.62 -14.03 62.09
N GLY I 640 -30.79 -15.32 61.84
CA GLY I 640 -29.69 -16.24 61.70
C GLY I 640 -29.40 -17.12 62.90
N SER I 641 -30.29 -17.18 63.87
CA SER I 641 -30.06 -18.00 65.05
C SER I 641 -30.14 -19.48 64.71
N LYS I 642 -29.19 -20.26 65.24
CA LYS I 642 -29.13 -21.68 64.96
C LYS I 642 -29.31 -22.51 66.23
N GLU I 643 -28.88 -23.77 66.20
CA GLU I 643 -29.16 -24.67 67.31
C GLU I 643 -28.34 -24.33 68.54
N PHE I 644 -27.08 -23.92 68.36
CA PHE I 644 -26.28 -23.48 69.50
C PHE I 644 -26.92 -22.27 70.17
N GLY I 645 -27.33 -21.29 69.35
CA GLY I 645 -27.93 -20.08 69.90
C GLY I 645 -29.24 -20.34 70.59
N PHE I 646 -29.94 -21.41 70.20
CA PHE I 646 -31.17 -21.79 70.89
C PHE I 646 -30.89 -22.16 72.35
N ARG I 647 -29.81 -22.91 72.60
CA ARG I 647 -29.54 -23.39 73.95
C ARG I 647 -29.10 -22.25 74.88
N GLN I 648 -28.54 -21.17 74.33
CA GLN I 648 -28.14 -20.05 75.17
C GLN I 648 -29.30 -19.12 75.46
N GLN I 649 -30.35 -19.12 74.63
CA GLN I 649 -31.47 -18.22 74.82
C GLN I 649 -32.67 -18.87 75.49
N VAL I 650 -32.84 -20.20 75.38
CA VAL I 650 -33.90 -20.84 76.14
C VAL I 650 -33.53 -20.89 77.61
N LEU I 651 -32.23 -20.89 77.92
CA LEU I 651 -31.79 -20.87 79.31
C LEU I 651 -31.90 -19.47 79.91
N GLU I 652 -31.72 -18.44 79.08
CA GLU I 652 -31.60 -17.07 79.55
C GLU I 652 -32.93 -16.51 80.06
N ASP I 653 -34.06 -17.06 79.63
CA ASP I 653 -35.34 -16.45 80.00
C ASP I 653 -36.47 -17.42 80.33
N THR I 654 -36.30 -18.73 80.18
CA THR I 654 -37.35 -19.65 80.59
C THR I 654 -37.20 -20.05 82.06
N ILE I 655 -35.96 -20.20 82.52
CA ILE I 655 -35.72 -20.68 83.88
C ILE I 655 -35.78 -19.58 84.92
N GLN I 656 -35.63 -18.32 84.52
CA GLN I 656 -35.45 -17.27 85.52
C GLN I 656 -36.77 -16.74 86.10
N PRO I 657 -37.87 -16.65 85.34
CA PRO I 657 -39.18 -16.54 86.02
C PRO I 657 -39.59 -17.79 86.77
N ALA I 658 -38.97 -18.93 86.48
CA ALA I 658 -39.29 -20.17 87.18
C ALA I 658 -38.61 -20.24 88.54
N ILE I 659 -37.34 -19.83 88.63
CA ILE I 659 -36.65 -19.86 89.90
C ILE I 659 -37.21 -18.82 90.86
N ASP I 660 -37.78 -17.73 90.32
CA ASP I 660 -38.47 -16.77 91.17
C ASP I 660 -39.80 -17.31 91.66
N SER I 661 -40.48 -18.07 90.80
CA SER I 661 -41.77 -18.68 91.15
C SER I 661 -41.62 -20.01 91.87
N GLY I 662 -40.44 -20.61 91.86
CA GLY I 662 -40.19 -21.87 92.55
C GLY I 662 -40.20 -23.08 91.64
N LYS I 663 -40.89 -23.01 90.50
CA LYS I 663 -40.92 -24.13 89.57
C LYS I 663 -39.58 -24.26 88.84
N GLY I 664 -39.47 -25.34 88.05
CA GLY I 664 -38.25 -25.60 87.32
C GLY I 664 -37.18 -26.33 88.09
N LEU I 665 -37.48 -26.85 89.28
CA LEU I 665 -36.49 -27.54 90.08
C LEU I 665 -36.10 -28.88 89.46
N MET I 666 -37.01 -29.53 88.73
CA MET I 666 -36.76 -30.87 88.22
C MET I 666 -35.67 -30.92 87.15
N PHE I 667 -35.25 -29.77 86.62
CA PHE I 667 -34.08 -29.69 85.76
C PHE I 667 -32.84 -29.99 86.61
N THR I 668 -32.31 -31.21 86.50
CA THR I 668 -31.13 -31.58 87.27
C THR I 668 -29.91 -30.76 86.83
N GLN I 669 -29.73 -30.60 85.52
CA GLN I 669 -28.71 -29.71 84.99
C GLN I 669 -29.40 -28.77 84.00
N PRO I 670 -29.40 -27.46 84.27
CA PRO I 670 -30.05 -26.53 83.31
C PRO I 670 -29.42 -26.53 81.93
N ASN I 671 -28.09 -26.52 81.84
CA ASN I 671 -27.42 -26.48 80.54
C ASN I 671 -27.62 -27.77 79.76
N GLN I 672 -27.84 -28.89 80.44
CA GLN I 672 -28.03 -30.17 79.76
C GLN I 672 -29.31 -30.19 78.95
N ALA I 673 -30.37 -29.58 79.48
CA ALA I 673 -31.65 -29.56 78.80
C ALA I 673 -31.83 -28.36 77.88
N ALA I 674 -31.05 -27.30 78.11
CA ALA I 674 -30.97 -26.24 77.11
C ALA I 674 -30.46 -26.80 75.78
N GLY I 675 -29.47 -27.70 75.85
CA GLY I 675 -29.02 -28.37 74.65
C GLY I 675 -30.06 -29.34 74.09
N TYR I 676 -30.79 -30.01 74.98
CA TYR I 676 -31.83 -30.92 74.50
C TYR I 676 -33.04 -30.15 73.96
N MET I 677 -33.39 -29.03 74.60
CA MET I 677 -34.42 -28.17 74.04
C MET I 677 -33.99 -27.64 72.68
N ALA I 678 -32.76 -27.11 72.59
CA ALA I 678 -32.24 -26.56 71.35
C ALA I 678 -32.26 -27.59 70.22
N LYS I 679 -31.98 -28.86 70.54
CA LYS I 679 -32.11 -29.92 69.56
C LYS I 679 -33.54 -30.07 69.08
N LEU I 680 -34.52 -29.79 69.96
CA LEU I 680 -35.92 -29.94 69.61
C LEU I 680 -36.51 -28.70 68.95
N ILE I 681 -35.94 -27.51 69.18
CA ILE I 681 -36.45 -26.34 68.47
C ILE I 681 -35.96 -26.34 67.03
N TRP I 682 -34.69 -26.70 66.81
CA TRP I 682 -34.11 -26.68 65.48
C TRP I 682 -34.75 -27.74 64.58
N GLU I 683 -35.09 -28.90 65.14
CA GLU I 683 -35.77 -29.92 64.36
C GLU I 683 -37.21 -29.52 64.07
N SER I 684 -37.84 -28.76 64.96
CA SER I 684 -39.24 -28.37 64.76
C SER I 684 -39.36 -27.20 63.80
N VAL I 685 -38.42 -26.24 63.84
CA VAL I 685 -38.48 -25.15 62.89
C VAL I 685 -38.06 -25.61 61.49
N SER I 686 -37.35 -26.72 61.38
CA SER I 686 -37.02 -27.25 60.06
C SER I 686 -38.22 -27.92 59.41
N VAL I 687 -39.15 -28.45 60.22
CA VAL I 687 -40.39 -28.98 59.69
C VAL I 687 -41.41 -27.87 59.45
N THR I 688 -41.38 -26.82 60.28
CA THR I 688 -42.39 -25.77 60.19
C THR I 688 -42.21 -24.92 58.95
N VAL I 689 -41.01 -24.37 58.74
CA VAL I 689 -40.70 -23.58 57.55
C VAL I 689 -39.45 -24.20 56.92
N VAL I 690 -39.65 -25.14 56.01
CA VAL I 690 -38.54 -25.82 55.36
C VAL I 690 -37.82 -24.88 54.39
N ALA I 691 -38.55 -23.94 53.78
CA ALA I 691 -37.95 -23.10 52.77
C ALA I 691 -36.93 -22.14 53.34
N ALA I 692 -37.22 -21.54 54.50
CA ALA I 692 -36.32 -20.55 55.09
C ALA I 692 -34.97 -21.18 55.43
N VAL I 693 -34.99 -22.28 56.19
CA VAL I 693 -33.76 -22.95 56.62
C VAL I 693 -32.93 -23.38 55.42
N GLU I 694 -33.59 -23.84 54.36
CA GLU I 694 -32.86 -24.19 53.14
C GLU I 694 -32.45 -22.95 52.35
N ALA I 695 -33.19 -21.84 52.45
CA ALA I 695 -32.82 -20.65 51.70
C ALA I 695 -31.61 -19.95 52.32
N MET I 696 -31.61 -19.79 53.64
CA MET I 696 -30.45 -19.20 54.32
C MET I 696 -29.21 -20.05 54.11
N ASN I 697 -29.36 -21.38 54.19
CA ASN I 697 -28.21 -22.28 54.07
C ASN I 697 -27.56 -22.17 52.69
N TRP I 698 -28.37 -22.03 51.64
CA TRP I 698 -27.80 -21.81 50.30
C TRP I 698 -27.05 -20.49 50.23
N LEU I 699 -27.57 -19.46 50.90
CA LEU I 699 -26.94 -18.14 50.84
C LEU I 699 -25.63 -18.11 51.61
N LYS I 700 -25.54 -18.82 52.74
CA LYS I 700 -24.31 -18.83 53.52
C LYS I 700 -23.21 -19.62 52.81
N SER I 701 -23.55 -20.78 52.28
CA SER I 701 -22.57 -21.57 51.54
C SER I 701 -22.11 -20.85 50.28
N ALA I 702 -22.95 -19.97 49.74
CA ALA I 702 -22.53 -19.06 48.68
C ALA I 702 -21.46 -18.13 49.22
N ALA I 703 -21.84 -17.25 50.16
CA ALA I 703 -20.94 -16.25 50.71
C ALA I 703 -19.69 -16.85 51.37
N LYS I 704 -19.76 -18.12 51.78
CA LYS I 704 -18.58 -18.84 52.22
C LYS I 704 -17.52 -18.87 51.13
N LEU I 705 -17.90 -19.32 49.94
CA LEU I 705 -16.94 -19.47 48.85
C LEU I 705 -16.54 -18.12 48.26
N LEU I 706 -17.41 -17.12 48.38
CA LEU I 706 -17.03 -15.78 47.93
C LEU I 706 -15.94 -15.19 48.83
N ALA I 707 -16.07 -15.35 50.14
CA ALA I 707 -15.13 -14.79 51.10
C ALA I 707 -13.95 -15.72 51.39
N ALA I 708 -13.81 -16.81 50.64
CA ALA I 708 -12.75 -17.78 50.87
C ALA I 708 -11.54 -17.42 50.02
N GLU I 709 -10.41 -17.16 50.67
CA GLU I 709 -9.15 -16.97 49.95
C GLU I 709 -8.68 -18.33 49.43
N VAL I 710 -8.71 -18.50 48.12
CA VAL I 710 -8.49 -19.80 47.50
C VAL I 710 -7.09 -19.82 46.90
N LYS I 711 -6.27 -20.73 47.41
CA LYS I 711 -4.95 -21.03 46.87
C LYS I 711 -4.77 -22.54 46.90
N ASP I 712 -4.14 -23.08 45.87
CA ASP I 712 -3.76 -24.48 45.92
C ASP I 712 -2.61 -24.65 46.90
N LYS I 713 -2.69 -25.70 47.72
CA LYS I 713 -1.71 -25.87 48.80
C LYS I 713 -0.31 -26.11 48.26
N LYS I 714 -0.20 -26.70 47.07
CA LYS I 714 1.11 -26.87 46.45
C LYS I 714 1.61 -25.58 45.81
N THR I 715 0.71 -24.75 45.30
CA THR I 715 1.13 -23.50 44.66
C THR I 715 1.55 -22.46 45.70
N GLY I 716 0.63 -22.12 46.61
CA GLY I 716 0.90 -21.12 47.63
C GLY I 716 0.49 -19.71 47.27
N GLU I 717 0.01 -19.49 46.05
CA GLU I 717 -0.43 -18.17 45.60
C GLU I 717 -1.93 -18.19 45.36
N ILE I 718 -2.57 -17.05 45.63
CA ILE I 718 -4.02 -16.97 45.63
C ILE I 718 -4.55 -17.03 44.20
N LEU I 719 -5.31 -18.08 43.89
CA LEU I 719 -5.97 -18.17 42.60
C LEU I 719 -7.20 -17.27 42.53
N ARG I 720 -7.83 -17.02 43.67
CA ARG I 720 -9.01 -16.16 43.75
C ARG I 720 -8.92 -15.36 45.04
N LYS I 721 -9.09 -14.05 44.94
CA LYS I 721 -9.05 -13.20 46.10
C LYS I 721 -10.36 -13.29 46.88
N ARG I 722 -10.29 -12.91 48.16
CA ARG I 722 -11.46 -12.86 49.02
C ARG I 722 -12.47 -11.86 48.47
N CYS I 723 -13.59 -12.35 47.95
CA CYS I 723 -14.56 -11.53 47.23
C CYS I 723 -15.78 -11.23 48.09
N ALA I 724 -16.36 -10.06 47.87
CA ALA I 724 -17.61 -9.68 48.48
C ALA I 724 -18.78 -10.19 47.65
N VAL I 725 -19.97 -10.16 48.24
CA VAL I 725 -21.19 -10.55 47.53
C VAL I 725 -21.99 -9.29 47.23
N HIS I 726 -22.80 -9.37 46.17
CA HIS I 726 -23.55 -8.23 45.67
C HIS I 726 -24.81 -8.76 45.02
N TRP I 727 -25.94 -8.10 45.29
CA TRP I 727 -27.18 -8.44 44.63
C TRP I 727 -28.01 -7.19 44.43
N VAL I 728 -29.07 -7.33 43.65
CA VAL I 728 -29.95 -6.23 43.28
C VAL I 728 -31.37 -6.60 43.66
N THR I 729 -32.01 -5.75 44.46
CA THR I 729 -33.40 -5.95 44.83
C THR I 729 -34.30 -5.71 43.63
N PRO I 730 -35.51 -6.29 43.61
CA PRO I 730 -36.35 -6.21 42.40
C PRO I 730 -36.74 -4.81 41.94
N ASP I 731 -36.90 -3.84 42.85
CA ASP I 731 -37.21 -2.49 42.44
C ASP I 731 -35.99 -1.73 41.93
N GLY I 732 -34.79 -2.33 41.99
CA GLY I 732 -33.60 -1.72 41.42
C GLY I 732 -32.57 -1.24 42.42
N PHE I 733 -32.76 -1.48 43.71
CA PHE I 733 -31.77 -1.06 44.70
C PHE I 733 -30.64 -2.08 44.76
N PRO I 734 -29.40 -1.70 44.48
CA PRO I 734 -28.28 -2.64 44.63
C PRO I 734 -27.73 -2.62 46.05
N VAL I 735 -27.25 -3.79 46.48
CA VAL I 735 -26.65 -3.95 47.80
C VAL I 735 -25.27 -4.58 47.61
N TRP I 736 -24.28 -4.03 48.31
CA TRP I 736 -22.97 -4.67 48.44
C TRP I 736 -22.72 -4.94 49.91
N GLN I 737 -22.26 -6.15 50.22
CA GLN I 737 -21.95 -6.54 51.59
C GLN I 737 -20.45 -6.80 51.71
N GLU I 738 -19.74 -5.85 52.32
CA GLU I 738 -18.30 -5.94 52.49
C GLU I 738 -17.98 -5.75 53.98
N TYR I 739 -18.29 -6.77 54.77
CA TYR I 739 -17.87 -6.77 56.16
C TYR I 739 -16.36 -6.91 56.23
N LYS I 740 -15.72 -6.04 56.99
CA LYS I 740 -14.27 -5.98 57.05
C LYS I 740 -13.79 -6.25 58.46
N LYS I 741 -12.53 -6.70 58.56
CA LYS I 741 -11.88 -6.91 59.84
C LYS I 741 -10.45 -6.38 59.74
N PRO I 742 -9.94 -5.75 60.79
CA PRO I 742 -8.56 -5.28 60.77
C PRO I 742 -7.59 -6.44 60.90
N ILE I 743 -6.43 -6.30 60.26
CA ILE I 743 -5.43 -7.36 60.29
C ILE I 743 -4.75 -7.41 61.65
N GLN I 744 -4.37 -6.26 62.19
CA GLN I 744 -3.78 -6.16 63.52
C GLN I 744 -4.82 -5.63 64.49
N THR I 745 -5.07 -6.36 65.56
CA THR I 745 -6.03 -5.99 66.58
C THR I 745 -5.35 -5.87 67.93
N ARG I 746 -5.91 -5.05 68.81
CA ARG I 746 -5.36 -4.80 70.14
C ARG I 746 -6.46 -4.93 71.17
N LEU I 747 -6.18 -5.67 72.25
CA LEU I 747 -7.06 -5.74 73.40
C LEU I 747 -6.23 -5.44 74.65
N ASN I 748 -6.66 -4.44 75.41
CA ASN I 748 -6.11 -4.12 76.71
C ASN I 748 -7.22 -4.30 77.74
N LEU I 749 -6.87 -4.84 78.92
CA LEU I 749 -7.88 -5.10 79.92
C LEU I 749 -8.35 -3.84 80.62
N MET I 750 -7.48 -2.86 80.79
CA MET I 750 -7.82 -1.65 81.54
C MET I 750 -8.23 -0.48 80.66
N PHE I 751 -7.74 -0.42 79.42
CA PHE I 751 -8.10 0.63 78.48
C PHE I 751 -8.60 0.00 77.19
N LEU I 752 -9.27 0.80 76.37
CA LEU I 752 -9.86 0.26 75.15
C LEU I 752 -8.79 -0.03 74.11
N GLY I 753 -8.96 -1.12 73.39
CA GLY I 753 -8.06 -1.45 72.31
C GLY I 753 -8.16 -0.47 71.15
N GLN I 754 -7.09 -0.37 70.39
CA GLN I 754 -7.02 0.60 69.31
C GLN I 754 -6.60 -0.04 67.98
N ASP I 766 -4.60 -3.03 54.19
CA ASP I 766 -4.89 -2.40 55.47
C ASP I 766 -6.18 -2.96 56.05
N SER I 767 -7.03 -3.53 55.18
CA SER I 767 -8.28 -4.12 55.63
C SER I 767 -8.66 -5.27 54.71
N GLU I 768 -9.07 -6.38 55.30
CA GLU I 768 -9.53 -7.54 54.56
C GLU I 768 -10.98 -7.85 54.94
N ILE I 769 -11.66 -8.59 54.07
CA ILE I 769 -13.07 -8.87 54.24
C ILE I 769 -13.24 -10.07 55.17
N ASP I 770 -14.02 -9.86 56.23
CA ASP I 770 -14.23 -10.89 57.26
C ASP I 770 -15.15 -11.96 56.72
N ALA I 771 -14.69 -13.21 56.73
CA ALA I 771 -15.50 -14.30 56.21
C ALA I 771 -16.70 -14.61 57.10
N HIS I 772 -16.51 -14.54 58.43
CA HIS I 772 -17.56 -15.01 59.34
C HIS I 772 -18.78 -14.08 59.34
N LYS I 773 -18.55 -12.76 59.36
CA LYS I 773 -19.69 -11.85 59.25
C LYS I 773 -20.32 -11.91 57.87
N GLN I 774 -19.54 -12.26 56.84
CA GLN I 774 -20.12 -12.46 55.50
C GLN I 774 -21.14 -13.58 55.52
N GLU I 775 -20.79 -14.73 56.09
CA GLU I 775 -21.70 -15.87 56.11
C GLU I 775 -22.86 -15.63 57.06
N SER I 776 -22.59 -15.05 58.25
CA SER I 776 -23.64 -14.82 59.23
C SER I 776 -24.56 -13.66 58.83
N GLY I 777 -24.15 -12.86 57.86
CA GLY I 777 -24.89 -11.65 57.55
C GLY I 777 -25.74 -11.71 56.29
N ILE I 778 -25.39 -12.56 55.32
CA ILE I 778 -25.97 -12.45 53.98
C ILE I 778 -27.47 -12.68 53.96
N ALA I 779 -27.97 -13.50 54.86
CA ALA I 779 -29.33 -14.00 54.72
C ALA I 779 -30.31 -13.13 55.51
N PRO I 780 -30.00 -12.65 56.72
CA PRO I 780 -30.83 -11.57 57.28
C PRO I 780 -30.77 -10.31 56.44
N ASN I 781 -29.61 -9.99 55.86
CA ASN I 781 -29.52 -8.79 55.02
C ASN I 781 -30.24 -8.99 53.68
N PHE I 782 -30.35 -10.24 53.21
CA PHE I 782 -31.07 -10.47 51.95
C PHE I 782 -32.55 -10.26 52.13
N VAL I 783 -33.14 -10.87 53.17
CA VAL I 783 -34.58 -10.74 53.38
C VAL I 783 -34.92 -9.30 53.79
N HIS I 784 -34.03 -8.64 54.53
CA HIS I 784 -34.29 -7.26 54.92
C HIS I 784 -34.23 -6.33 53.72
N SER I 785 -33.40 -6.65 52.73
CA SER I 785 -33.48 -5.93 51.47
C SER I 785 -34.79 -6.22 50.74
N GLN I 786 -35.32 -7.43 50.90
CA GLN I 786 -36.56 -7.80 50.21
C GLN I 786 -37.77 -7.12 50.84
N ASP I 787 -37.85 -7.08 52.17
CA ASP I 787 -38.99 -6.36 52.77
C ASP I 787 -38.85 -4.87 52.57
N GLY I 788 -37.61 -4.37 52.46
CA GLY I 788 -37.41 -3.00 52.03
C GLY I 788 -37.67 -2.82 50.54
N SER I 789 -37.48 -3.88 49.76
CA SER I 789 -37.90 -3.85 48.37
C SER I 789 -39.42 -3.81 48.26
N HIS I 790 -40.09 -4.71 48.98
CA HIS I 790 -41.55 -4.72 49.03
C HIS I 790 -42.09 -3.45 49.67
N LEU I 791 -41.32 -2.84 50.58
CA LEU I 791 -41.67 -1.55 51.17
C LEU I 791 -41.81 -0.47 50.10
N ARG I 792 -40.70 -0.17 49.41
CA ARG I 792 -40.66 0.92 48.45
C ARG I 792 -41.64 0.72 47.31
N LYS I 793 -41.85 -0.53 46.90
CA LYS I 793 -42.82 -0.82 45.86
C LYS I 793 -44.24 -0.58 46.34
N THR I 794 -44.49 -0.74 47.65
CA THR I 794 -45.85 -0.57 48.17
C THR I 794 -46.28 0.89 48.15
N VAL I 795 -45.38 1.80 48.53
CA VAL I 795 -45.76 3.21 48.57
C VAL I 795 -45.89 3.81 47.17
N VAL I 796 -45.22 3.25 46.16
CA VAL I 796 -45.43 3.74 44.80
C VAL I 796 -46.64 3.08 44.15
N TRP I 797 -46.96 1.84 44.54
CA TRP I 797 -48.17 1.19 44.05
C TRP I 797 -49.40 1.82 44.68
N ALA I 798 -49.32 2.17 45.97
CA ALA I 798 -50.46 2.79 46.63
C ALA I 798 -50.63 4.26 46.25
N HIS I 799 -49.56 4.93 45.84
CA HIS I 799 -49.69 6.32 45.42
C HIS I 799 -50.17 6.45 43.99
N GLU I 800 -49.84 5.48 43.13
CA GLU I 800 -50.18 5.60 41.72
C GLU I 800 -51.51 4.92 41.38
N LYS I 801 -51.76 3.73 41.93
CA LYS I 801 -53.03 3.05 41.63
C LYS I 801 -54.18 3.69 42.39
N TYR I 802 -53.95 4.11 43.63
CA TYR I 802 -54.97 4.74 44.47
C TYR I 802 -54.52 6.14 44.84
N GLY I 803 -55.47 6.92 45.36
CA GLY I 803 -55.21 8.32 45.65
C GLY I 803 -54.47 8.57 46.95
N ILE I 804 -53.81 7.54 47.47
CA ILE I 804 -53.11 7.65 48.74
C ILE I 804 -51.85 8.49 48.56
N GLU I 805 -51.66 9.45 49.46
CA GLU I 805 -50.44 10.26 49.48
C GLU I 805 -49.81 10.39 50.85
N SER I 806 -50.50 9.97 51.92
CA SER I 806 -49.98 10.04 53.27
C SER I 806 -49.67 8.62 53.74
N PHE I 807 -48.42 8.38 54.11
CA PHE I 807 -47.92 7.04 54.38
C PHE I 807 -47.14 7.02 55.70
N ALA I 808 -47.33 5.95 56.47
CA ALA I 808 -46.59 5.72 57.71
C ALA I 808 -45.87 4.38 57.58
N LEU I 809 -44.54 4.42 57.64
CA LEU I 809 -43.72 3.24 57.34
C LEU I 809 -42.80 2.92 58.50
N ILE I 810 -42.91 1.69 59.01
CA ILE I 810 -41.91 1.10 59.90
C ILE I 810 -41.63 -0.32 59.42
N HIS I 811 -40.65 -0.47 58.51
CA HIS I 811 -40.18 -1.71 57.88
C HIS I 811 -41.21 -2.81 57.72
N ASP I 812 -41.68 -3.38 58.83
CA ASP I 812 -42.70 -4.41 58.82
C ASP I 812 -44.11 -3.83 58.70
N SER I 813 -44.30 -2.61 59.17
CA SER I 813 -45.64 -2.03 59.32
C SER I 813 -45.91 -0.99 58.24
N PHE I 814 -47.12 -1.01 57.72
CA PHE I 814 -47.59 -0.11 56.68
C PHE I 814 -48.84 0.60 57.19
N GLY I 815 -48.82 1.92 57.18
CA GLY I 815 -49.91 2.69 57.78
C GLY I 815 -50.29 3.89 56.96
N THR I 816 -51.59 4.20 56.99
CA THR I 816 -52.13 5.41 56.38
C THR I 816 -53.43 5.77 57.08
N ILE I 817 -54.09 6.82 56.59
CA ILE I 817 -55.36 7.30 57.13
C ILE I 817 -56.43 6.26 56.84
N PRO I 818 -57.56 6.22 57.59
CA PRO I 818 -58.44 5.05 57.51
C PRO I 818 -59.12 4.82 56.17
N ALA I 819 -59.50 5.89 55.47
CA ALA I 819 -60.17 5.73 54.19
C ALA I 819 -59.25 5.12 53.14
N ASP I 820 -57.95 5.38 53.25
CA ASP I 820 -56.95 4.82 52.36
C ASP I 820 -56.41 3.48 52.82
N ALA I 821 -56.80 3.03 54.03
CA ALA I 821 -56.22 1.81 54.58
C ALA I 821 -56.71 0.57 53.83
N ALA I 822 -58.00 0.54 53.47
CA ALA I 822 -58.54 -0.61 52.75
C ALA I 822 -57.91 -0.75 51.37
N ASN I 823 -57.52 0.36 50.75
CA ASN I 823 -56.80 0.29 49.48
C ASN I 823 -55.33 -0.08 49.69
N LEU I 824 -54.71 0.43 50.77
CA LEU I 824 -53.36 0.02 51.11
C LEU I 824 -53.33 -1.44 51.55
N PHE I 825 -54.43 -1.93 52.13
CA PHE I 825 -54.54 -3.35 52.47
C PHE I 825 -54.45 -4.22 51.23
N LYS I 826 -54.97 -3.76 50.09
CA LYS I 826 -54.82 -4.52 48.86
C LYS I 826 -53.48 -4.24 48.18
N ALA I 827 -52.91 -3.06 48.41
CA ALA I 827 -51.68 -2.69 47.72
C ALA I 827 -50.43 -3.34 48.34
N VAL I 828 -50.53 -3.86 49.56
CA VAL I 828 -49.34 -4.41 50.20
C VAL I 828 -49.06 -5.83 49.72
N ARG I 829 -50.10 -6.59 49.35
CA ARG I 829 -49.89 -7.93 48.82
C ARG I 829 -49.72 -7.94 47.31
N GLU I 830 -50.42 -7.04 46.61
CA GLU I 830 -50.28 -6.94 45.17
C GLU I 830 -48.85 -6.65 44.76
N THR I 831 -48.11 -5.90 45.58
CA THR I 831 -46.69 -5.71 45.34
C THR I 831 -45.92 -7.00 45.59
N MET I 832 -46.28 -7.75 46.63
CA MET I 832 -45.50 -8.93 47.00
C MET I 832 -45.73 -10.07 46.01
N VAL I 833 -46.98 -10.30 45.59
CA VAL I 833 -47.22 -11.40 44.66
C VAL I 833 -46.70 -11.06 43.27
N ASP I 834 -46.68 -9.77 42.89
CA ASP I 834 -46.15 -9.41 41.59
C ASP I 834 -44.63 -9.47 41.57
N THR I 835 -44.00 -9.23 42.72
CA THR I 835 -42.55 -9.22 42.80
C THR I 835 -41.97 -10.63 42.63
N TYR I 836 -42.46 -11.58 43.42
CA TYR I 836 -41.90 -12.93 43.40
C TYR I 836 -42.44 -13.78 42.25
N GLU I 837 -43.52 -13.36 41.60
CA GLU I 837 -43.95 -14.05 40.38
C GLU I 837 -43.19 -13.53 39.16
N SER I 838 -42.72 -12.28 39.21
CA SER I 838 -41.97 -11.72 38.09
C SER I 838 -40.55 -12.28 38.04
N CYS I 839 -39.85 -12.24 39.17
CA CYS I 839 -38.47 -12.68 39.26
C CYS I 839 -38.28 -13.56 40.48
N ASP I 840 -37.53 -14.65 40.32
CA ASP I 840 -37.08 -15.45 41.44
C ASP I 840 -35.77 -14.84 41.93
N VAL I 841 -35.82 -14.24 43.13
CA VAL I 841 -34.67 -13.49 43.62
C VAL I 841 -33.48 -14.39 43.96
N LEU I 842 -33.71 -15.69 44.14
CA LEU I 842 -32.61 -16.59 44.50
C LEU I 842 -31.72 -16.88 43.30
N ALA I 843 -32.32 -17.19 42.14
CA ALA I 843 -31.50 -17.46 40.96
C ALA I 843 -30.89 -16.18 40.40
N ASP I 844 -31.56 -15.04 40.61
CA ASP I 844 -30.94 -13.76 40.29
C ASP I 844 -29.65 -13.57 41.07
N PHE I 845 -29.66 -13.96 42.36
CA PHE I 845 -28.48 -13.80 43.20
C PHE I 845 -27.30 -14.62 42.68
N TYR I 846 -27.57 -15.82 42.16
CA TYR I 846 -26.53 -16.63 41.52
C TYR I 846 -25.83 -15.85 40.41
N ASP I 847 -26.63 -15.16 39.58
CA ASP I 847 -26.08 -14.51 38.38
C ASP I 847 -25.07 -13.41 38.69
N GLN I 848 -25.05 -12.92 39.94
CA GLN I 848 -24.13 -11.84 40.29
C GLN I 848 -22.79 -12.35 40.81
N PHE I 849 -22.77 -13.46 41.55
CA PHE I 849 -21.51 -14.05 42.00
C PHE I 849 -21.10 -15.27 41.17
N ALA I 850 -21.76 -15.51 40.05
CA ALA I 850 -21.45 -16.69 39.23
C ALA I 850 -20.05 -16.60 38.66
N ASP I 851 -19.74 -15.50 37.97
CA ASP I 851 -18.43 -15.34 37.35
C ASP I 851 -17.31 -15.18 38.37
N GLN I 852 -17.64 -14.78 39.61
CA GLN I 852 -16.62 -14.64 40.64
C GLN I 852 -16.16 -15.97 41.23
N LEU I 853 -16.92 -17.04 41.02
CA LEU I 853 -16.57 -18.33 41.60
C LEU I 853 -15.47 -19.00 40.78
N HIS I 854 -14.40 -19.40 41.47
CA HIS I 854 -13.30 -20.12 40.85
C HIS I 854 -13.74 -21.55 40.51
N GLU I 855 -12.98 -22.19 39.61
CA GLU I 855 -13.33 -23.50 39.07
C GLU I 855 -13.53 -24.56 40.15
N SER I 856 -12.75 -24.51 41.24
CA SER I 856 -12.88 -25.50 42.30
C SER I 856 -14.13 -25.30 43.13
N GLN I 857 -14.66 -24.06 43.19
CA GLN I 857 -15.87 -23.80 43.94
C GLN I 857 -17.12 -24.34 43.24
N LEU I 858 -17.04 -24.58 41.93
CA LEU I 858 -18.22 -25.08 41.21
C LEU I 858 -18.56 -26.51 41.63
N ASP I 859 -17.57 -27.28 42.06
CA ASP I 859 -17.83 -28.60 42.61
C ASP I 859 -18.40 -28.54 44.03
N LYS I 860 -18.13 -27.44 44.76
CA LYS I 860 -18.56 -27.30 46.14
C LYS I 860 -19.90 -26.59 46.28
N MET I 861 -20.25 -25.73 45.33
CA MET I 861 -21.45 -24.89 45.40
C MET I 861 -22.72 -25.73 45.47
N PRO I 862 -23.53 -25.61 46.52
CA PRO I 862 -24.80 -26.32 46.57
C PRO I 862 -25.76 -25.83 45.50
N ALA I 863 -26.66 -26.72 45.09
CA ALA I 863 -27.67 -26.37 44.11
C ALA I 863 -28.75 -25.49 44.74
N LEU I 864 -29.52 -24.84 43.87
CA LEU I 864 -30.60 -23.97 44.33
C LEU I 864 -31.68 -24.81 45.03
N PRO I 865 -32.21 -24.32 46.15
CA PRO I 865 -33.24 -25.09 46.85
C PRO I 865 -34.53 -25.13 46.03
N ALA I 866 -35.23 -26.26 46.15
CA ALA I 866 -36.39 -26.52 45.32
C ALA I 866 -37.57 -25.63 45.70
N LYS I 867 -38.36 -25.27 44.70
CA LYS I 867 -39.61 -24.57 44.94
C LYS I 867 -40.67 -25.53 45.46
N GLY I 868 -41.76 -24.97 45.97
CA GLY I 868 -42.81 -25.80 46.51
C GLY I 868 -44.16 -25.63 45.84
N ASN I 869 -45.23 -26.01 46.54
CA ASN I 869 -46.58 -26.04 45.96
C ASN I 869 -47.37 -24.78 46.24
N LEU I 870 -46.79 -23.77 46.88
CA LEU I 870 -47.55 -22.57 47.21
C LEU I 870 -47.78 -21.75 45.94
N ASN I 871 -49.05 -21.61 45.58
CA ASN I 871 -49.50 -20.65 44.59
C ASN I 871 -49.55 -19.27 45.25
N LEU I 872 -48.72 -18.34 44.75
CA LEU I 872 -48.62 -17.00 45.31
C LEU I 872 -49.94 -16.22 45.24
N ARG I 873 -50.91 -16.69 44.45
CA ARG I 873 -52.21 -16.05 44.39
C ARG I 873 -53.00 -16.22 45.68
N ASP I 874 -52.56 -17.10 46.58
CA ASP I 874 -53.24 -17.24 47.86
C ASP I 874 -52.94 -16.08 48.80
N ILE I 875 -51.88 -15.32 48.55
CA ILE I 875 -51.48 -14.24 49.45
C ILE I 875 -52.46 -13.09 49.39
N LEU I 876 -53.04 -12.82 48.21
CA LEU I 876 -54.00 -11.72 48.09
C LEU I 876 -55.32 -12.00 48.81
N GLU I 877 -55.56 -13.23 49.24
CA GLU I 877 -56.80 -13.55 49.92
C GLU I 877 -56.61 -13.89 51.40
N SER I 878 -55.38 -14.11 51.83
CA SER I 878 -55.08 -14.22 53.25
C SER I 878 -55.05 -12.82 53.84
N ASP I 879 -56.00 -12.52 54.69
CA ASP I 879 -56.10 -11.20 55.28
C ASP I 879 -55.37 -11.08 56.62
N PHE I 880 -55.00 -12.22 57.23
CA PHE I 880 -54.20 -12.21 58.45
C PHE I 880 -52.73 -11.97 58.18
N ALA I 881 -52.27 -12.14 56.93
CA ALA I 881 -50.88 -11.88 56.60
C ALA I 881 -50.51 -10.43 56.85
N PHE I 882 -51.46 -9.52 56.61
CA PHE I 882 -51.35 -8.08 56.83
C PHE I 882 -50.29 -7.42 55.94
N ALA I 883 -49.60 -8.21 55.12
CA ALA I 883 -48.50 -7.78 54.28
C ALA I 883 -48.16 -8.88 53.29
C12 S8U J 10 -30.78 -11.44 68.58
C13 S8U J 10 -31.62 -10.46 67.77
C1' S8U J 10 -29.15 -12.06 66.92
C15 S8U J 10 -31.02 -11.79 69.93
C16 S8U J 10 -30.06 -12.69 70.31
C17 S8U J 10 -29.22 -12.90 69.20
C2' S8U J 10 -27.57 -12.08 67.00
C3' S8U J 10 -27.22 -12.74 66.04
C4' S8U J 10 -28.41 -13.87 65.81
C5' S8U J 10 -28.24 -15.07 66.71
N11 S8U J 10 -29.69 -12.13 68.14
O14 S8U J 10 -32.50 -9.88 68.29
O3' S8U J 10 -27.12 -11.88 64.82
O4' S8U J 10 -29.50 -13.27 66.07
O5' S8U J 10 -26.90 -15.29 67.00
OP1 S8U J 10 -25.95 -16.36 69.16
OP2 S8U J 10 -27.64 -17.58 67.87
P S8U J 10 -26.48 -16.66 67.80
N MET M 1 -10.02 -68.16 -78.06
CA MET M 1 -11.21 -68.54 -78.81
C MET M 1 -12.13 -67.35 -79.01
N ASN M 2 -13.42 -67.54 -78.72
CA ASN M 2 -14.40 -66.48 -78.91
C ASN M 2 -14.21 -65.38 -77.86
N THR M 3 -13.83 -64.19 -78.32
CA THR M 3 -13.60 -63.06 -77.43
C THR M 3 -14.87 -62.24 -77.27
N ILE M 4 -15.08 -61.71 -76.07
CA ILE M 4 -16.31 -61.01 -75.73
C ILE M 4 -16.26 -59.59 -76.29
N ASN M 5 -17.25 -59.26 -77.12
CA ASN M 5 -17.41 -57.89 -77.57
C ASN M 5 -18.07 -57.07 -76.49
N ILE M 6 -17.67 -55.82 -76.38
CA ILE M 6 -18.05 -55.00 -75.24
C ILE M 6 -18.84 -53.76 -75.66
N ALA M 7 -18.81 -53.41 -76.95
CA ALA M 7 -19.51 -52.24 -77.45
C ALA M 7 -21.01 -52.46 -77.66
N LYS M 8 -21.48 -53.72 -77.68
CA LYS M 8 -22.87 -53.96 -78.05
C LYS M 8 -23.86 -53.59 -76.95
N ASN M 9 -23.42 -53.49 -75.70
CA ASN M 9 -24.36 -53.14 -74.63
C ASN M 9 -23.74 -52.20 -73.60
N ASP M 10 -22.51 -52.47 -73.19
CA ASP M 10 -21.92 -51.75 -72.06
C ASP M 10 -21.56 -50.32 -72.44
N PHE M 11 -21.02 -50.12 -73.63
CA PHE M 11 -20.70 -48.78 -74.09
C PHE M 11 -21.94 -47.98 -74.50
N SER M 12 -23.10 -48.63 -74.56
CA SER M 12 -24.35 -47.94 -74.88
C SER M 12 -25.03 -47.34 -73.66
N ASP M 13 -24.59 -47.69 -72.45
CA ASP M 13 -25.17 -47.17 -71.22
C ASP M 13 -24.49 -45.89 -70.72
N ILE M 14 -23.34 -45.53 -71.29
CA ILE M 14 -22.51 -44.47 -70.72
C ILE M 14 -23.10 -43.11 -71.05
N GLU M 15 -23.44 -42.91 -72.32
CA GLU M 15 -24.00 -41.69 -72.86
C GLU M 15 -25.52 -41.65 -72.81
N LEU M 16 -26.18 -42.81 -72.75
CA LEU M 16 -27.63 -42.85 -72.63
C LEU M 16 -28.11 -42.47 -71.24
N ALA M 17 -27.21 -42.30 -70.28
CA ALA M 17 -27.58 -41.83 -68.96
C ALA M 17 -28.14 -40.41 -69.05
N ALA M 18 -29.18 -40.14 -68.27
CA ALA M 18 -29.88 -38.87 -68.39
C ALA M 18 -29.20 -37.76 -67.61
N ILE M 19 -28.53 -38.08 -66.51
CA ILE M 19 -27.93 -37.05 -65.67
C ILE M 19 -26.75 -36.31 -66.31
N PRO M 20 -25.85 -36.91 -67.16
CA PRO M 20 -24.83 -36.04 -67.79
C PRO M 20 -25.38 -35.31 -69.00
N PHE M 21 -26.36 -35.88 -69.70
CA PHE M 21 -27.05 -35.14 -70.77
C PHE M 21 -27.69 -33.88 -70.20
N ASN M 22 -28.49 -34.02 -69.14
CA ASN M 22 -29.38 -32.94 -68.71
C ASN M 22 -28.60 -31.68 -68.34
N THR M 23 -27.52 -31.82 -67.55
CA THR M 23 -26.73 -30.64 -67.19
C THR M 23 -25.93 -30.12 -68.37
N LEU M 24 -25.48 -31.02 -69.26
CA LEU M 24 -24.71 -30.56 -70.42
C LEU M 24 -25.59 -29.85 -71.44
N ALA M 25 -26.88 -30.18 -71.49
CA ALA M 25 -27.77 -29.57 -72.46
C ALA M 25 -28.05 -28.10 -72.11
N ASP M 26 -28.34 -27.82 -70.84
CA ASP M 26 -28.64 -26.45 -70.46
C ASP M 26 -27.39 -25.58 -70.43
N HIS M 27 -26.22 -26.18 -70.23
CA HIS M 27 -25.00 -25.39 -70.11
C HIS M 27 -24.52 -24.89 -71.47
N TYR M 28 -24.63 -25.72 -72.52
CA TYR M 28 -24.07 -25.38 -73.81
C TYR M 28 -24.98 -25.63 -75.00
N GLY M 29 -26.07 -26.39 -74.84
CA GLY M 29 -26.91 -26.74 -75.97
C GLY M 29 -27.01 -28.24 -76.17
N GLU M 30 -28.15 -28.69 -76.72
CA GLU M 30 -28.34 -30.12 -76.93
C GLU M 30 -27.40 -30.67 -77.99
N ARG M 31 -26.98 -29.83 -78.94
CA ARG M 31 -26.18 -30.30 -80.06
C ARG M 31 -24.74 -30.58 -79.64
N LEU M 32 -24.14 -29.70 -78.85
CA LEU M 32 -22.76 -29.90 -78.40
C LEU M 32 -22.68 -30.95 -77.32
N ALA M 33 -23.74 -31.12 -76.52
CA ALA M 33 -23.78 -32.19 -75.53
C ALA M 33 -23.80 -33.55 -76.18
N ARG M 34 -24.58 -33.69 -77.26
CA ARG M 34 -24.60 -34.95 -78.01
C ARG M 34 -23.26 -35.20 -78.70
N GLU M 35 -22.61 -34.14 -79.17
CA GLU M 35 -21.31 -34.30 -79.80
C GLU M 35 -20.25 -34.71 -78.79
N GLN M 36 -20.32 -34.14 -77.58
CA GLN M 36 -19.38 -34.52 -76.52
C GLN M 36 -19.61 -35.95 -76.06
N LEU M 37 -20.87 -36.35 -75.97
CA LEU M 37 -21.18 -37.73 -75.58
C LEU M 37 -20.74 -38.72 -76.64
N ALA M 38 -20.97 -38.40 -77.91
CA ALA M 38 -20.54 -39.29 -78.99
C ALA M 38 -19.02 -39.31 -79.13
N LEU M 39 -18.35 -38.20 -78.84
CA LEU M 39 -16.90 -38.16 -78.91
C LEU M 39 -16.27 -38.99 -77.81
N GLU M 40 -16.82 -38.90 -76.59
CA GLU M 40 -16.35 -39.77 -75.51
C GLU M 40 -16.73 -41.22 -75.77
N HIS M 41 -17.89 -41.46 -76.39
CA HIS M 41 -18.27 -42.79 -76.81
C HIS M 41 -17.28 -43.35 -77.84
N GLU M 42 -17.00 -42.58 -78.89
CA GLU M 42 -16.01 -42.98 -79.87
C GLU M 42 -14.66 -43.20 -79.23
N SER M 43 -14.31 -42.37 -78.24
CA SER M 43 -13.02 -42.44 -77.57
C SER M 43 -12.80 -43.81 -76.92
N TYR M 44 -13.83 -44.39 -76.32
CA TYR M 44 -13.70 -45.72 -75.73
C TYR M 44 -13.71 -46.82 -76.77
N GLU M 45 -14.42 -46.62 -77.88
CA GLU M 45 -14.52 -47.65 -78.91
C GLU M 45 -13.21 -47.82 -79.67
N MET M 46 -12.51 -46.71 -79.93
CA MET M 46 -11.20 -46.82 -80.57
C MET M 46 -10.21 -47.56 -79.68
N GLY M 47 -10.27 -47.30 -78.37
CA GLY M 47 -9.40 -47.99 -77.44
C GLY M 47 -9.72 -49.47 -77.30
N GLU M 48 -10.98 -49.86 -77.53
CA GLU M 48 -11.31 -51.28 -77.58
C GLU M 48 -10.73 -51.92 -78.84
N ALA M 49 -10.77 -51.22 -79.97
CA ALA M 49 -10.31 -51.78 -81.23
C ALA M 49 -8.81 -52.00 -81.23
N ARG M 50 -8.05 -51.14 -80.56
CA ARG M 50 -6.61 -51.36 -80.43
C ARG M 50 -6.32 -52.61 -79.62
N PHE M 51 -7.03 -52.79 -78.51
CA PHE M 51 -6.79 -53.94 -77.65
C PHE M 51 -7.15 -55.25 -78.35
N ARG M 52 -8.25 -55.26 -79.11
CA ARG M 52 -8.67 -56.48 -79.79
C ARG M 52 -7.78 -56.76 -81.00
N LYS M 53 -7.34 -55.71 -81.70
CA LYS M 53 -6.39 -55.90 -82.78
C LYS M 53 -5.03 -56.35 -82.23
N MET M 54 -4.63 -55.80 -81.08
CA MET M 54 -3.37 -56.22 -80.46
C MET M 54 -3.45 -57.67 -79.99
N PHE M 55 -4.56 -58.05 -79.34
CA PHE M 55 -4.74 -59.39 -78.80
C PHE M 55 -4.53 -60.47 -79.86
N GLU M 56 -5.32 -60.41 -80.93
CA GLU M 56 -5.24 -61.46 -81.96
C GLU M 56 -3.88 -61.47 -82.63
N ARG M 57 -3.21 -60.32 -82.68
CA ARG M 57 -1.83 -60.29 -83.17
C ARG M 57 -0.89 -61.05 -82.24
N GLN M 58 -1.13 -61.00 -80.93
CA GLN M 58 -0.37 -61.85 -80.01
C GLN M 58 -0.90 -63.28 -79.97
N LEU M 59 -2.18 -63.48 -80.30
CA LEU M 59 -2.72 -64.83 -80.35
C LEU M 59 -2.09 -65.62 -81.50
N LYS M 60 -1.88 -64.97 -82.65
CA LYS M 60 -1.21 -65.62 -83.76
C LYS M 60 0.29 -65.74 -83.52
N ALA M 61 0.86 -64.84 -82.71
CA ALA M 61 2.29 -64.85 -82.43
C ALA M 61 2.66 -65.70 -81.22
N GLY M 62 1.67 -66.26 -80.52
CA GLY M 62 1.93 -67.10 -79.37
C GLY M 62 2.22 -66.37 -78.08
N GLU M 63 2.31 -65.04 -78.11
CA GLU M 63 2.54 -64.25 -76.88
C GLU M 63 1.23 -63.92 -76.17
N VAL M 64 0.27 -64.84 -76.17
CA VAL M 64 -0.98 -64.62 -75.46
C VAL M 64 -0.79 -64.69 -73.95
N ALA M 65 0.26 -65.37 -73.48
CA ALA M 65 0.56 -65.37 -72.06
C ALA M 65 1.20 -64.05 -71.63
N ASP M 66 1.86 -63.36 -72.57
CA ASP M 66 2.37 -62.02 -72.30
C ASP M 66 1.24 -61.03 -72.08
N ASN M 67 0.09 -61.26 -72.70
CA ASN M 67 -1.06 -60.38 -72.55
C ASN M 67 -1.59 -60.44 -71.12
N ALA M 68 -2.09 -59.30 -70.65
CA ALA M 68 -2.57 -59.20 -69.27
C ALA M 68 -3.88 -59.96 -69.04
N ALA M 69 -4.61 -60.30 -70.09
CA ALA M 69 -5.87 -61.01 -69.90
C ALA M 69 -5.65 -62.46 -69.49
N ALA M 70 -4.54 -63.06 -69.91
CA ALA M 70 -4.21 -64.43 -69.53
C ALA M 70 -3.46 -64.52 -68.21
N LYS M 71 -3.13 -63.37 -67.59
CA LYS M 71 -2.47 -63.36 -66.30
C LYS M 71 -3.30 -64.00 -65.19
N PRO M 72 -4.55 -63.60 -64.90
CA PRO M 72 -5.20 -64.11 -63.68
C PRO M 72 -5.53 -65.59 -63.72
N LEU M 73 -5.56 -66.18 -64.91
CA LEU M 73 -5.80 -67.61 -65.00
C LEU M 73 -4.53 -68.42 -64.74
N ILE M 74 -3.37 -67.90 -65.13
CA ILE M 74 -2.14 -68.66 -64.96
C ILE M 74 -1.59 -68.54 -63.54
N THR M 75 -1.89 -67.44 -62.84
CA THR M 75 -1.35 -67.25 -61.50
C THR M 75 -1.99 -68.20 -60.50
N THR M 76 -3.23 -68.60 -60.73
CA THR M 76 -3.90 -69.57 -59.88
C THR M 76 -3.52 -71.00 -60.23
N LEU M 77 -3.03 -71.22 -61.44
CA LEU M 77 -2.77 -72.57 -61.95
C LEU M 77 -1.36 -73.06 -61.63
N LEU M 78 -0.38 -72.17 -61.70
CA LEU M 78 1.02 -72.56 -61.53
C LEU M 78 1.35 -73.17 -60.16
N PRO M 79 1.02 -72.54 -59.01
CA PRO M 79 1.53 -73.08 -57.72
C PRO M 79 1.01 -74.47 -57.38
N LYS M 80 -0.16 -74.83 -57.89
CA LYS M 80 -0.65 -76.19 -57.68
C LYS M 80 0.14 -77.21 -58.49
N MET M 81 0.69 -76.80 -59.64
CA MET M 81 1.46 -77.71 -60.48
C MET M 81 2.94 -77.72 -60.14
N ILE M 82 3.44 -76.77 -59.33
CA ILE M 82 4.77 -76.93 -58.76
C ILE M 82 4.79 -78.12 -57.81
N ALA M 83 3.73 -78.30 -57.04
CA ALA M 83 3.64 -79.42 -56.13
C ALA M 83 3.47 -80.74 -56.90
N ARG M 84 2.72 -80.70 -58.00
CA ARG M 84 2.50 -81.91 -58.80
C ARG M 84 3.81 -82.45 -59.36
N ILE M 85 4.69 -81.55 -59.82
CA ILE M 85 6.03 -81.96 -60.25
C ILE M 85 6.83 -82.47 -59.07
N ASN M 86 6.75 -81.78 -57.93
CA ASN M 86 7.48 -82.20 -56.74
C ASN M 86 6.92 -83.49 -56.14
N ASP M 87 5.61 -83.69 -56.23
CA ASP M 87 5.02 -84.95 -55.78
C ASP M 87 5.49 -86.11 -56.65
N TRP M 88 5.66 -85.87 -57.94
CA TRP M 88 6.24 -86.85 -58.84
C TRP M 88 7.74 -86.95 -58.58
N LYS M 110 14.84 -74.89 -62.44
CA LYS M 110 14.06 -75.15 -61.24
C LYS M 110 12.81 -75.95 -61.58
N PRO M 111 12.21 -76.56 -60.55
CA PRO M 111 10.92 -77.26 -60.79
C PRO M 111 9.81 -76.31 -61.18
N GLU M 112 9.77 -75.12 -60.58
CA GLU M 112 8.79 -74.12 -60.97
C GLU M 112 9.07 -73.58 -62.36
N ALA M 113 10.34 -73.51 -62.76
CA ALA M 113 10.70 -72.99 -64.07
C ALA M 113 10.24 -73.91 -65.19
N VAL M 114 10.36 -75.23 -64.99
CA VAL M 114 9.86 -76.19 -65.97
C VAL M 114 8.33 -76.12 -66.03
N ALA M 115 7.69 -75.87 -64.89
CA ALA M 115 6.23 -75.82 -64.83
C ALA M 115 5.68 -74.62 -65.59
N TYR M 116 6.31 -73.46 -65.44
CA TYR M 116 5.83 -72.26 -66.11
C TYR M 116 6.02 -72.34 -67.62
N ILE M 117 7.16 -72.91 -68.06
CA ILE M 117 7.42 -73.04 -69.49
C ILE M 117 6.43 -73.99 -70.14
N THR M 118 6.04 -75.05 -69.42
CA THR M 118 5.08 -76.00 -69.96
C THR M 118 3.69 -75.37 -70.09
N ILE M 119 3.29 -74.57 -69.10
CA ILE M 119 1.96 -73.95 -69.14
C ILE M 119 1.87 -72.93 -70.26
N LYS M 120 2.92 -72.13 -70.45
CA LYS M 120 2.89 -71.09 -71.48
C LYS M 120 2.94 -71.70 -72.88
N THR M 121 3.72 -72.75 -73.07
CA THR M 121 3.87 -73.34 -74.40
C THR M 121 2.58 -73.99 -74.87
N THR M 122 1.84 -74.63 -73.96
CA THR M 122 0.60 -75.29 -74.33
C THR M 122 -0.46 -74.28 -74.77
N LEU M 123 -0.55 -73.15 -74.09
CA LEU M 123 -1.50 -72.11 -74.47
C LEU M 123 -1.11 -71.47 -75.79
N ALA M 124 0.20 -71.26 -76.00
CA ALA M 124 0.67 -70.60 -77.23
C ALA M 124 0.40 -71.45 -78.46
N CYS M 125 0.66 -72.76 -78.37
CA CYS M 125 0.38 -73.65 -79.50
C CYS M 125 -1.13 -73.77 -79.74
N LEU M 126 -1.92 -73.80 -78.66
CA LEU M 126 -3.37 -73.83 -78.81
C LEU M 126 -3.89 -72.52 -79.40
N THR M 127 -3.29 -71.40 -79.02
CA THR M 127 -3.67 -70.11 -79.59
C THR M 127 -3.14 -69.96 -81.02
N ASN M 131 -2.65 -78.08 -85.85
CA ASN M 131 -1.42 -78.40 -85.14
C ASN M 131 -1.67 -78.58 -83.64
N THR M 132 -2.78 -79.23 -83.31
CA THR M 132 -3.17 -79.46 -81.93
C THR M 132 -2.69 -80.80 -81.38
N THR M 133 -1.85 -81.51 -82.15
CA THR M 133 -1.36 -82.81 -81.71
C THR M 133 -0.49 -82.66 -80.47
N VAL M 134 -0.63 -83.61 -79.53
CA VAL M 134 0.07 -83.52 -78.26
C VAL M 134 1.58 -83.66 -78.44
N GLN M 135 2.01 -84.43 -79.43
CA GLN M 135 3.44 -84.64 -79.64
C GLN M 135 4.13 -83.37 -80.13
N ALA M 136 3.44 -82.57 -80.94
CA ALA M 136 4.01 -81.32 -81.44
C ALA M 136 4.23 -80.33 -80.31
N VAL M 137 3.28 -80.24 -79.37
CA VAL M 137 3.44 -79.36 -78.22
C VAL M 137 4.53 -79.89 -77.30
N ALA M 138 4.63 -81.21 -77.17
CA ALA M 138 5.64 -81.80 -76.29
C ALA M 138 7.04 -81.60 -76.84
N SER M 139 7.20 -81.66 -78.17
CA SER M 139 8.50 -81.43 -78.78
C SER M 139 8.97 -80.00 -78.58
N ALA M 140 8.05 -79.04 -78.61
CA ALA M 140 8.40 -77.65 -78.33
C ALA M 140 8.73 -77.47 -76.84
N ILE M 141 8.03 -78.19 -75.97
CA ILE M 141 8.25 -78.06 -74.54
C ILE M 141 9.63 -78.59 -74.15
N GLY M 142 10.03 -79.73 -74.73
CA GLY M 142 11.34 -80.28 -74.42
C GLY M 142 12.47 -79.44 -74.95
N ARG M 143 12.30 -78.85 -76.14
CA ARG M 143 13.32 -77.96 -76.69
C ARG M 143 13.42 -76.66 -75.89
N ALA M 144 12.28 -76.17 -75.39
CA ALA M 144 12.30 -74.95 -74.60
C ALA M 144 13.01 -75.14 -73.27
N ILE M 145 12.79 -76.29 -72.63
CA ILE M 145 13.49 -76.61 -71.40
C ILE M 145 14.98 -76.80 -71.65
N GLU M 146 15.33 -77.38 -72.81
CA GLU M 146 16.73 -77.59 -73.15
C GLU M 146 17.45 -76.27 -73.38
N ASP M 147 16.80 -75.32 -74.05
CA ASP M 147 17.41 -74.00 -74.24
C ASP M 147 17.52 -73.26 -72.90
N GLU M 148 16.52 -73.43 -72.02
CA GLU M 148 16.55 -72.78 -70.73
C GLU M 148 17.65 -73.37 -69.84
N ALA M 149 17.86 -74.69 -69.92
CA ALA M 149 18.87 -75.33 -69.09
C ALA M 149 20.29 -74.92 -69.49
N ARG M 150 20.52 -74.66 -70.78
CA ARG M 150 21.86 -74.30 -71.23
C ARG M 150 22.29 -72.96 -70.67
N PHE M 151 21.37 -72.00 -70.58
CA PHE M 151 21.68 -70.71 -69.99
C PHE M 151 21.43 -70.73 -68.48
N HIS M 205 18.77 -84.29 -77.88
CA HIS M 205 18.12 -85.54 -78.28
C HIS M 205 16.61 -85.34 -78.44
N LYS M 206 16.13 -85.48 -79.67
CA LYS M 206 14.73 -85.20 -79.98
C LYS M 206 13.80 -86.26 -79.37
N GLU M 207 14.19 -87.53 -79.45
CA GLU M 207 13.35 -88.61 -78.95
C GLU M 207 13.18 -88.53 -77.43
N ASP M 208 14.21 -88.05 -76.71
CA ASP M 208 14.06 -87.83 -75.28
C ASP M 208 13.17 -86.64 -75.00
N SER M 209 13.21 -85.63 -75.88
CA SER M 209 12.54 -84.36 -75.61
C SER M 209 11.02 -84.49 -75.63
N ILE M 210 10.47 -85.35 -76.51
CA ILE M 210 9.03 -85.56 -76.50
C ILE M 210 8.59 -86.21 -75.18
N HIS M 211 9.35 -87.20 -74.72
CA HIS M 211 8.98 -87.92 -73.51
C HIS M 211 9.10 -87.04 -72.28
N VAL M 212 10.04 -86.10 -72.29
CA VAL M 212 10.07 -85.09 -71.23
C VAL M 212 8.85 -84.19 -71.32
N GLY M 213 8.43 -83.84 -72.54
CA GLY M 213 7.24 -83.04 -72.71
C GLY M 213 5.96 -83.76 -72.35
N VAL M 214 5.87 -85.07 -72.60
CA VAL M 214 4.64 -85.78 -72.26
C VAL M 214 4.51 -85.94 -70.75
N ARG M 215 5.63 -86.04 -70.03
CA ARG M 215 5.57 -86.12 -68.57
C ARG M 215 5.13 -84.78 -67.99
N CYS M 216 5.60 -83.68 -68.57
CA CYS M 216 5.07 -82.37 -68.23
C CYS M 216 3.58 -82.31 -68.51
N ILE M 217 3.17 -82.62 -69.75
CA ILE M 217 1.78 -82.52 -70.21
C ILE M 217 0.84 -83.28 -69.27
N GLU M 218 1.28 -84.45 -68.79
CA GLU M 218 0.52 -85.19 -67.78
C GLU M 218 0.33 -84.36 -66.52
N MET M 219 1.41 -83.78 -66.01
CA MET M 219 1.36 -83.01 -64.77
C MET M 219 0.35 -81.87 -64.83
N LEU M 220 0.14 -81.30 -66.01
CA LEU M 220 -0.80 -80.18 -66.15
C LEU M 220 -2.26 -80.64 -66.11
N ILE M 221 -2.58 -81.84 -66.60
CA ILE M 221 -3.98 -82.18 -66.77
C ILE M 221 -4.67 -82.53 -65.43
N GLU M 222 -3.91 -82.98 -64.42
CA GLU M 222 -4.50 -83.08 -63.09
C GLU M 222 -4.47 -81.74 -62.37
N SER M 223 -3.45 -80.92 -62.65
CA SER M 223 -3.38 -79.60 -62.05
C SER M 223 -4.57 -78.75 -62.48
N THR M 224 -4.79 -78.62 -63.78
CA THR M 224 -5.87 -77.79 -64.27
C THR M 224 -6.71 -78.49 -65.33
N ILE M 244 -4.77 -81.70 -78.12
CA ILE M 244 -4.91 -80.78 -77.01
C ILE M 244 -6.12 -79.89 -77.23
N GLU M 245 -7.06 -79.93 -76.29
CA GLU M 245 -8.24 -79.08 -76.32
C GLU M 245 -8.26 -78.28 -75.02
N LEU M 246 -8.25 -76.97 -75.15
CA LEU M 246 -8.38 -76.11 -73.98
C LEU M 246 -9.77 -76.26 -73.39
N ALA M 247 -9.84 -76.26 -72.06
CA ALA M 247 -11.13 -76.34 -71.37
C ALA M 247 -11.99 -75.15 -71.76
N PRO M 248 -13.30 -75.37 -72.03
CA PRO M 248 -14.17 -74.25 -72.42
C PRO M 248 -14.20 -73.15 -71.38
N GLU M 249 -14.45 -73.51 -70.12
CA GLU M 249 -14.64 -72.50 -69.07
C GLU M 249 -13.40 -71.65 -68.85
N TYR M 250 -12.23 -72.15 -69.21
CA TYR M 250 -11.02 -71.32 -69.18
C TYR M 250 -10.96 -70.37 -70.37
N ALA M 251 -11.55 -70.74 -71.50
CA ALA M 251 -11.53 -69.86 -72.69
C ALA M 251 -12.38 -68.62 -72.46
N GLU M 252 -13.58 -68.81 -71.93
CA GLU M 252 -14.46 -67.67 -71.67
C GLU M 252 -13.90 -66.77 -70.58
N ALA M 253 -13.09 -67.33 -69.68
CA ALA M 253 -12.49 -66.54 -68.62
C ALA M 253 -11.52 -65.51 -69.18
N ILE M 254 -10.58 -65.94 -70.03
CA ILE M 254 -9.63 -65.01 -70.64
C ILE M 254 -10.26 -64.12 -71.68
N ALA M 255 -11.50 -64.41 -72.10
CA ALA M 255 -12.23 -63.57 -73.04
C ALA M 255 -13.12 -62.57 -72.33
N THR M 256 -13.84 -63.02 -71.29
CA THR M 256 -14.60 -62.09 -70.45
C THR M 256 -13.66 -61.13 -69.72
N ARG M 257 -12.43 -61.58 -69.42
CA ARG M 257 -11.41 -60.66 -68.92
C ARG M 257 -11.02 -59.66 -69.99
N ALA M 258 -10.62 -60.16 -71.17
CA ALA M 258 -10.12 -59.28 -72.24
C ALA M 258 -11.19 -58.32 -72.75
N GLY M 259 -12.45 -58.75 -72.76
CA GLY M 259 -13.52 -57.84 -73.12
C GLY M 259 -13.65 -56.69 -72.15
N ALA M 260 -13.27 -56.90 -70.89
CA ALA M 260 -13.24 -55.80 -69.93
C ALA M 260 -12.11 -54.84 -70.24
N LEU M 261 -10.86 -55.35 -70.35
CA LEU M 261 -9.69 -54.48 -70.57
C LEU M 261 -9.81 -53.66 -71.85
N ALA M 262 -10.57 -54.14 -72.83
CA ALA M 262 -10.87 -53.32 -74.00
C ALA M 262 -11.66 -52.07 -73.61
N GLY M 263 -12.47 -52.17 -72.57
CA GLY M 263 -13.22 -51.04 -72.07
C GLY M 263 -12.55 -50.21 -71.01
N ILE M 264 -11.36 -50.60 -70.56
CA ILE M 264 -10.62 -49.85 -69.54
C ILE M 264 -9.44 -49.09 -70.12
N SER M 265 -9.12 -49.28 -71.41
CA SER M 265 -8.03 -48.57 -72.06
C SER M 265 -8.61 -47.68 -73.16
N PRO M 266 -8.97 -46.43 -72.86
CA PRO M 266 -9.54 -45.57 -73.90
C PRO M 266 -8.53 -44.63 -74.54
N MET M 267 -8.72 -44.29 -75.80
CA MET M 267 -7.97 -43.19 -76.39
C MET M 267 -8.67 -41.88 -76.06
N PHE M 268 -7.89 -40.88 -75.71
CA PHE M 268 -8.41 -39.63 -75.15
C PHE M 268 -8.34 -38.54 -76.21
N GLN M 269 -9.49 -37.96 -76.51
CA GLN M 269 -9.69 -36.91 -77.49
C GLN M 269 -10.08 -35.60 -76.80
N PRO M 270 -9.77 -34.44 -77.40
CA PRO M 270 -10.18 -33.18 -76.79
C PRO M 270 -11.69 -33.00 -76.86
N CYS M 271 -12.19 -32.16 -75.95
CA CYS M 271 -13.62 -31.92 -75.84
C CYS M 271 -14.05 -30.69 -76.62
N VAL M 272 -15.22 -30.77 -77.24
CA VAL M 272 -15.77 -29.65 -77.99
C VAL M 272 -16.46 -28.63 -77.10
N VAL M 273 -16.70 -28.98 -75.84
CA VAL M 273 -17.28 -28.07 -74.86
C VAL M 273 -16.20 -27.82 -73.81
N PRO M 274 -16.34 -26.82 -72.94
CA PRO M 274 -15.41 -26.72 -71.81
C PRO M 274 -15.49 -27.97 -70.95
N PRO M 275 -14.37 -28.37 -70.36
CA PRO M 275 -14.37 -29.59 -69.55
C PRO M 275 -15.06 -29.37 -68.21
N LYS M 276 -15.47 -30.48 -67.61
CA LYS M 276 -16.13 -30.43 -66.30
C LYS M 276 -15.12 -30.01 -65.24
N PRO M 277 -15.47 -29.05 -64.37
CA PRO M 277 -14.52 -28.62 -63.34
C PRO M 277 -14.28 -29.71 -62.31
N TRP M 278 -13.02 -29.81 -61.87
CA TRP M 278 -12.66 -30.76 -60.83
C TRP M 278 -13.17 -30.27 -59.48
N THR M 279 -14.20 -30.94 -58.97
CA THR M 279 -14.74 -30.62 -57.65
C THR M 279 -14.43 -31.69 -56.61
N GLY M 280 -13.91 -32.83 -57.03
CA GLY M 280 -13.56 -33.91 -56.12
C GLY M 280 -12.34 -34.64 -56.62
N ILE M 281 -12.26 -35.93 -56.31
CA ILE M 281 -11.07 -36.70 -56.63
C ILE M 281 -11.19 -37.47 -57.94
N THR M 282 -12.41 -37.70 -58.44
CA THR M 282 -12.64 -38.41 -59.69
C THR M 282 -13.80 -37.74 -60.43
N GLY M 283 -14.02 -38.18 -61.66
CA GLY M 283 -15.16 -37.73 -62.44
C GLY M 283 -15.01 -36.38 -63.09
N GLY M 284 -13.88 -35.69 -62.90
CA GLY M 284 -13.68 -34.40 -63.51
C GLY M 284 -13.26 -34.49 -64.97
N GLY M 285 -13.13 -33.32 -65.59
CA GLY M 285 -12.73 -33.25 -66.98
C GLY M 285 -13.83 -33.67 -67.94
N TYR M 286 -13.96 -34.97 -68.17
CA TYR M 286 -15.00 -35.49 -69.03
C TYR M 286 -16.32 -35.56 -68.28
N TRP M 287 -17.41 -35.26 -68.98
CA TRP M 287 -18.71 -35.08 -68.34
C TRP M 287 -19.47 -36.39 -68.13
N ALA M 288 -19.26 -37.38 -68.98
CA ALA M 288 -20.00 -38.63 -68.88
C ALA M 288 -19.45 -39.51 -67.77
N ASN M 289 -20.32 -40.37 -67.23
CA ASN M 289 -19.94 -41.33 -66.20
C ASN M 289 -19.28 -42.51 -66.89
N GLY M 290 -17.95 -42.54 -66.92
CA GLY M 290 -17.21 -43.55 -67.64
C GLY M 290 -16.97 -44.80 -66.81
N ARG M 291 -16.44 -45.82 -67.50
CA ARG M 291 -16.12 -47.07 -66.82
C ARG M 291 -14.85 -46.95 -66.01
N ARG M 292 -13.78 -46.44 -66.60
CA ARG M 292 -12.72 -46.01 -65.72
C ARG M 292 -12.84 -44.51 -65.48
N PRO M 293 -12.79 -44.06 -64.24
CA PRO M 293 -12.90 -42.62 -63.98
C PRO M 293 -11.57 -41.92 -64.17
N LEU M 294 -11.65 -40.68 -64.65
CA LEU M 294 -10.45 -39.84 -64.71
C LEU M 294 -10.06 -39.44 -63.29
N ALA M 295 -8.81 -39.70 -62.94
CA ALA M 295 -8.31 -39.38 -61.61
C ALA M 295 -7.68 -38.00 -61.62
N LEU M 296 -7.91 -37.25 -60.54
CA LEU M 296 -7.25 -35.95 -60.39
C LEU M 296 -5.75 -36.11 -60.24
N VAL M 297 -5.30 -37.20 -59.62
CA VAL M 297 -3.88 -37.51 -59.48
C VAL M 297 -3.64 -38.91 -60.03
N ARG M 298 -2.74 -39.02 -61.01
CA ARG M 298 -2.36 -40.33 -61.52
C ARG M 298 -1.50 -41.05 -60.49
N THR M 299 -1.99 -42.19 -60.01
CA THR M 299 -1.33 -42.93 -58.94
C THR M 299 -1.14 -44.38 -59.34
N HIS M 300 -0.02 -44.96 -58.90
CA HIS M 300 0.26 -46.37 -59.16
C HIS M 300 -0.58 -47.29 -58.31
N SER M 301 -1.21 -46.77 -57.26
CA SER M 301 -2.11 -47.54 -56.43
C SER M 301 -3.39 -46.74 -56.24
N LYS M 302 -4.52 -47.46 -56.14
CA LYS M 302 -5.77 -46.81 -55.79
C LYS M 302 -5.72 -46.20 -54.39
N LYS M 303 -4.86 -46.70 -53.53
CA LYS M 303 -4.82 -46.25 -52.15
C LYS M 303 -4.04 -44.95 -52.02
N ALA M 304 -3.07 -44.71 -52.90
CA ALA M 304 -2.40 -43.42 -52.94
C ALA M 304 -3.32 -42.33 -53.47
N LEU M 305 -4.29 -42.71 -54.32
CA LEU M 305 -5.27 -41.74 -54.79
C LEU M 305 -6.23 -41.35 -53.67
N MET M 306 -6.62 -42.31 -52.83
CA MET M 306 -7.63 -42.07 -51.81
C MET M 306 -7.13 -41.14 -50.69
N ARG M 307 -5.82 -40.98 -50.55
CA ARG M 307 -5.30 -40.04 -49.56
C ARG M 307 -5.67 -38.60 -49.90
N TYR M 308 -5.82 -38.30 -51.19
CA TYR M 308 -6.11 -36.95 -51.64
C TYR M 308 -7.59 -36.57 -51.49
N GLU M 309 -8.47 -37.54 -51.23
CA GLU M 309 -9.91 -37.25 -51.24
C GLU M 309 -10.32 -36.39 -50.05
N ASP M 310 -9.60 -36.46 -48.95
CA ASP M 310 -9.89 -35.62 -47.79
C ASP M 310 -9.09 -34.32 -47.81
N VAL M 311 -8.13 -34.19 -48.72
CA VAL M 311 -7.21 -33.05 -48.71
C VAL M 311 -7.94 -31.80 -49.19
N TYR M 312 -7.85 -30.74 -48.40
CA TYR M 312 -8.37 -29.43 -48.78
C TYR M 312 -7.24 -28.65 -49.44
N MET M 313 -7.26 -28.62 -50.78
CA MET M 313 -6.27 -27.89 -51.57
C MET M 313 -7.02 -26.97 -52.52
N PRO M 314 -7.54 -25.84 -52.02
CA PRO M 314 -8.38 -24.99 -52.88
C PRO M 314 -7.62 -24.34 -54.02
N GLU M 315 -6.34 -24.02 -53.85
CA GLU M 315 -5.56 -23.44 -54.94
C GLU M 315 -5.18 -24.48 -55.97
N VAL M 316 -5.15 -25.77 -55.61
CA VAL M 316 -4.91 -26.82 -56.58
C VAL M 316 -6.08 -26.92 -57.55
N TYR M 317 -7.29 -27.03 -57.01
CA TYR M 317 -8.47 -27.28 -57.82
C TYR M 317 -8.77 -26.10 -58.74
N LYS M 318 -8.53 -24.88 -58.27
CA LYS M 318 -8.73 -23.71 -59.13
C LYS M 318 -7.72 -23.68 -60.26
N ALA M 319 -6.47 -24.05 -59.99
CA ALA M 319 -5.44 -24.02 -61.02
C ALA M 319 -5.72 -25.03 -62.11
N ILE M 320 -6.27 -26.19 -61.75
CA ILE M 320 -6.55 -27.23 -62.75
C ILE M 320 -7.79 -26.85 -63.57
N ASN M 321 -8.81 -26.29 -62.92
CA ASN M 321 -10.07 -26.01 -63.61
C ASN M 321 -9.91 -24.93 -64.67
N ILE M 322 -9.20 -23.84 -64.34
CA ILE M 322 -9.04 -22.77 -65.31
C ILE M 322 -8.03 -23.11 -66.39
N ALA M 323 -7.11 -24.06 -66.14
CA ALA M 323 -6.27 -24.55 -67.22
C ALA M 323 -7.08 -25.36 -68.21
N GLN M 324 -8.08 -26.10 -67.72
CA GLN M 324 -9.01 -26.78 -68.59
C GLN M 324 -9.88 -25.80 -69.38
N ASN M 325 -10.19 -24.65 -68.78
CA ASN M 325 -11.11 -23.70 -69.40
C ASN M 325 -10.50 -22.94 -70.57
N THR M 326 -9.20 -23.05 -70.79
CA THR M 326 -8.56 -22.34 -71.90
C THR M 326 -9.03 -22.93 -73.22
N ALA M 327 -9.65 -22.09 -74.05
CA ALA M 327 -10.16 -22.53 -75.34
C ALA M 327 -9.04 -22.53 -76.38
N TRP M 328 -8.99 -23.61 -77.16
CA TRP M 328 -8.00 -23.76 -78.22
C TRP M 328 -8.70 -23.97 -79.55
N LYS M 329 -8.04 -23.56 -80.62
CA LYS M 329 -8.47 -23.85 -81.98
C LYS M 329 -7.27 -24.31 -82.78
N ILE M 330 -7.50 -25.14 -83.78
CA ILE M 330 -6.41 -25.67 -84.60
C ILE M 330 -6.09 -24.66 -85.69
N ASN M 331 -4.85 -24.19 -85.72
CA ASN M 331 -4.40 -23.24 -86.71
C ASN M 331 -4.47 -23.88 -88.09
N LYS M 332 -5.45 -23.46 -88.89
CA LYS M 332 -5.72 -24.11 -90.17
C LYS M 332 -4.58 -23.88 -91.17
N LYS M 333 -3.83 -22.79 -91.02
CA LYS M 333 -2.80 -22.46 -91.99
C LYS M 333 -1.62 -23.43 -91.89
N VAL M 334 -1.15 -23.71 -90.68
CA VAL M 334 -0.07 -24.68 -90.53
C VAL M 334 -0.57 -26.11 -90.75
N LEU M 335 -1.88 -26.35 -90.62
CA LEU M 335 -2.41 -27.67 -90.92
C LEU M 335 -2.44 -27.93 -92.41
N ALA M 336 -2.88 -26.94 -93.20
CA ALA M 336 -2.88 -27.08 -94.64
C ALA M 336 -1.46 -27.25 -95.18
N VAL M 337 -0.48 -26.60 -94.56
CA VAL M 337 0.91 -26.80 -94.95
C VAL M 337 1.35 -28.23 -94.61
N ALA M 338 1.02 -28.68 -93.40
CA ALA M 338 1.51 -29.98 -92.92
C ALA M 338 0.94 -31.13 -93.74
N ASN M 339 -0.33 -31.02 -94.18
CA ASN M 339 -0.95 -32.10 -94.94
C ASN M 339 -0.24 -32.35 -96.25
N VAL M 340 0.37 -31.33 -96.84
CA VAL M 340 1.08 -31.52 -98.10
C VAL M 340 2.42 -32.22 -97.86
N ILE M 341 3.24 -31.69 -96.95
CA ILE M 341 4.60 -32.19 -96.81
C ILE M 341 4.62 -33.56 -96.14
N THR M 342 3.65 -33.83 -95.25
CA THR M 342 3.54 -35.17 -94.67
C THR M 342 3.18 -36.21 -95.72
N LYS M 343 2.44 -35.82 -96.76
CA LYS M 343 2.13 -36.73 -97.85
C LYS M 343 3.35 -37.09 -98.66
N TRP M 344 4.41 -36.28 -98.60
CA TRP M 344 5.60 -36.46 -99.42
C TRP M 344 6.79 -37.04 -98.67
N LYS M 345 7.05 -36.57 -97.46
CA LYS M 345 8.18 -37.06 -96.69
C LYS M 345 7.67 -37.81 -95.46
N HIS M 346 8.41 -38.87 -95.08
CA HIS M 346 8.13 -39.58 -93.85
C HIS M 346 8.13 -38.63 -92.66
N CYS M 347 9.13 -37.76 -92.61
CA CYS M 347 9.16 -36.70 -91.61
C CYS M 347 9.49 -35.39 -92.32
N PRO M 348 8.58 -34.42 -92.28
CA PRO M 348 8.63 -33.29 -93.23
C PRO M 348 9.81 -32.35 -93.06
N VAL M 349 10.56 -32.41 -91.96
CA VAL M 349 11.65 -31.49 -91.72
C VAL M 349 13.02 -32.17 -91.73
N GLU M 350 13.08 -33.51 -91.84
CA GLU M 350 14.33 -34.20 -91.59
C GLU M 350 15.33 -34.01 -92.73
N ASP M 351 14.93 -34.28 -93.96
CA ASP M 351 15.82 -34.16 -95.10
C ASP M 351 15.41 -32.95 -95.92
N ILE M 352 16.20 -31.88 -95.80
CA ILE M 352 16.00 -30.64 -96.55
C ILE M 352 17.22 -30.45 -97.45
N PRO M 353 17.04 -30.36 -98.76
CA PRO M 353 18.16 -29.94 -99.61
C PRO M 353 18.52 -28.48 -99.33
N ALA M 354 19.72 -28.26 -98.79
CA ALA M 354 20.17 -26.93 -98.42
C ALA M 354 21.59 -26.71 -98.92
N ILE M 355 21.99 -25.45 -98.98
CA ILE M 355 23.30 -25.09 -99.49
C ILE M 355 24.29 -24.89 -98.33
N GLU M 372 39.89 -52.29 -82.69
CA GLU M 372 38.54 -51.75 -82.49
C GLU M 372 37.83 -51.46 -83.79
N ALA M 373 38.52 -51.68 -84.92
CA ALA M 373 37.95 -51.28 -86.21
C ALA M 373 36.69 -52.06 -86.54
N LEU M 374 36.58 -53.28 -86.01
CA LEU M 374 35.36 -54.07 -86.21
C LEU M 374 34.21 -53.53 -85.35
N THR M 375 34.50 -53.06 -84.15
CA THR M 375 33.42 -52.69 -83.23
C THR M 375 32.97 -51.24 -83.38
N ALA M 376 33.77 -50.38 -84.00
CA ALA M 376 33.32 -49.04 -84.41
C ALA M 376 32.66 -49.08 -85.78
N TRP M 377 31.84 -50.09 -86.01
CA TRP M 377 31.45 -50.51 -87.36
C TRP M 377 30.25 -51.44 -87.25
N LYS M 378 30.06 -52.03 -86.07
CA LYS M 378 28.81 -52.68 -85.73
C LYS M 378 27.88 -51.78 -84.94
N ARG M 379 28.42 -50.77 -84.26
CA ARG M 379 27.58 -49.71 -83.70
C ARG M 379 27.12 -48.74 -84.77
N ALA M 380 27.90 -48.59 -85.85
CA ALA M 380 27.43 -47.84 -87.01
C ALA M 380 26.27 -48.55 -87.68
N ALA M 381 26.33 -49.89 -87.74
CA ALA M 381 25.19 -50.65 -88.23
C ALA M 381 24.05 -50.65 -87.22
N ALA M 382 24.38 -50.65 -85.92
CA ALA M 382 23.34 -50.55 -84.90
C ALA M 382 22.70 -49.17 -84.87
N ALA M 383 23.44 -48.13 -85.29
CA ALA M 383 22.86 -46.80 -85.39
C ALA M 383 21.81 -46.73 -86.49
N VAL M 384 22.00 -47.50 -87.56
CA VAL M 384 21.03 -47.50 -88.65
C VAL M 384 19.73 -48.17 -88.22
N TYR M 385 19.83 -49.23 -87.40
CA TYR M 385 18.64 -49.95 -86.98
C TYR M 385 17.77 -49.11 -86.05
N ARG M 386 18.38 -48.33 -85.15
CA ARG M 386 17.59 -47.49 -84.27
C ARG M 386 17.13 -46.20 -84.96
N LYS M 387 17.93 -45.65 -85.87
CA LYS M 387 17.50 -44.49 -86.64
C LYS M 387 16.33 -44.85 -87.53
N ASP M 388 16.33 -46.07 -88.07
CA ASP M 388 15.13 -46.65 -88.66
C ASP M 388 14.02 -46.72 -87.63
N LYS M 389 14.31 -47.35 -86.48
CA LYS M 389 13.30 -47.56 -85.43
C LYS M 389 12.77 -46.25 -84.87
N ALA M 390 13.48 -45.14 -85.07
CA ALA M 390 12.89 -43.83 -84.83
C ALA M 390 11.81 -43.52 -85.86
N ARG M 391 12.13 -43.72 -87.14
CA ARG M 391 11.37 -43.10 -88.23
C ARG M 391 9.95 -43.65 -88.32
N LYS M 392 9.78 -44.99 -88.25
CA LYS M 392 8.43 -45.51 -88.31
C LYS M 392 7.69 -45.33 -86.98
N SER M 393 8.42 -45.21 -85.87
CA SER M 393 7.76 -44.88 -84.61
C SER M 393 7.34 -43.42 -84.59
N ARG M 394 8.16 -42.54 -85.15
CA ARG M 394 7.76 -41.14 -85.30
C ARG M 394 6.64 -40.99 -86.32
N ARG M 395 6.62 -41.84 -87.36
CA ARG M 395 5.61 -41.70 -88.41
C ARG M 395 4.23 -42.13 -87.92
N ILE M 396 4.15 -43.26 -87.21
CA ILE M 396 2.85 -43.75 -86.76
C ILE M 396 2.23 -42.78 -85.75
N SER M 397 3.05 -42.05 -85.00
CA SER M 397 2.52 -41.02 -84.11
C SER M 397 2.24 -39.73 -84.88
N LEU M 398 2.99 -39.46 -85.95
CA LEU M 398 2.75 -38.27 -86.76
C LEU M 398 1.36 -38.30 -87.39
N GLU M 399 0.93 -39.47 -87.86
CA GLU M 399 -0.35 -39.57 -88.57
C GLU M 399 -1.53 -39.37 -87.63
N PHE M 400 -1.40 -39.82 -86.37
CA PHE M 400 -2.52 -39.72 -85.44
C PHE M 400 -2.78 -38.27 -85.05
N MET M 401 -1.72 -37.50 -84.77
CA MET M 401 -1.91 -36.10 -84.42
C MET M 401 -2.40 -35.29 -85.61
N LEU M 402 -2.04 -35.70 -86.83
CA LEU M 402 -2.62 -35.08 -88.01
C LEU M 402 -4.07 -35.50 -88.19
N GLU M 403 -4.38 -36.77 -87.93
CA GLU M 403 -5.76 -37.25 -88.02
C GLU M 403 -6.63 -36.59 -86.97
N GLN M 404 -6.08 -36.34 -85.79
CA GLN M 404 -6.84 -35.62 -84.77
C GLN M 404 -7.01 -34.15 -85.14
N ALA M 405 -5.94 -33.52 -85.63
CA ALA M 405 -6.02 -32.11 -86.01
C ALA M 405 -6.96 -31.91 -87.19
N ASN M 406 -6.99 -32.87 -88.12
CA ASN M 406 -7.97 -32.79 -89.19
C ASN M 406 -9.39 -33.06 -88.70
N LYS M 407 -9.54 -33.78 -87.59
CA LYS M 407 -10.87 -34.13 -87.09
C LYS M 407 -11.55 -32.92 -86.46
N PHE M 408 -10.81 -32.09 -85.74
CA PHE M 408 -11.38 -30.98 -84.99
C PHE M 408 -11.10 -29.62 -85.61
N ALA M 409 -10.59 -29.58 -86.85
CA ALA M 409 -10.22 -28.31 -87.46
C ALA M 409 -11.44 -27.45 -87.77
N ASN M 410 -12.57 -28.08 -88.09
CA ASN M 410 -13.79 -27.33 -88.37
C ASN M 410 -14.40 -26.72 -87.11
N HIS M 411 -14.12 -27.30 -85.94
CA HIS M 411 -14.72 -26.83 -84.71
C HIS M 411 -14.20 -25.45 -84.33
N LYS M 412 -15.10 -24.62 -83.81
CA LYS M 412 -14.73 -23.25 -83.46
C LYS M 412 -13.76 -23.20 -82.30
N ALA M 413 -13.88 -24.12 -81.35
CA ALA M 413 -12.97 -24.20 -80.22
C ALA M 413 -12.98 -25.63 -79.69
N ILE M 414 -11.80 -26.10 -79.31
CA ILE M 414 -11.70 -27.37 -78.59
C ILE M 414 -10.97 -27.12 -77.28
N TRP M 415 -11.36 -27.87 -76.26
CA TRP M 415 -10.83 -27.70 -74.92
C TRP M 415 -10.07 -28.96 -74.51
N PHE M 416 -9.23 -28.81 -73.50
CA PHE M 416 -8.43 -29.92 -73.03
C PHE M 416 -8.65 -30.16 -71.54
N PRO M 417 -8.80 -31.41 -71.12
CA PRO M 417 -8.81 -31.70 -69.68
C PRO M 417 -7.41 -31.90 -69.15
N TYR M 418 -7.26 -31.66 -67.85
CA TYR M 418 -5.96 -31.72 -67.20
C TYR M 418 -6.08 -32.45 -65.87
N ASN M 419 -5.11 -33.30 -65.57
CA ASN M 419 -4.95 -33.82 -64.23
C ASN M 419 -3.48 -33.64 -63.85
N MET M 420 -3.02 -34.39 -62.86
CA MET M 420 -1.68 -34.23 -62.32
C MET M 420 -1.05 -35.59 -62.06
N ASP M 421 0.23 -35.73 -62.39
CA ASP M 421 0.97 -36.90 -61.93
C ASP M 421 1.17 -36.82 -60.42
N TRP M 422 1.74 -37.88 -59.84
CA TRP M 422 1.81 -37.99 -58.38
C TRP M 422 2.70 -36.92 -57.76
N ARG M 423 3.60 -36.30 -58.54
CA ARG M 423 4.35 -35.15 -58.05
C ARG M 423 3.59 -33.84 -58.20
N GLY M 424 2.61 -33.79 -59.08
CA GLY M 424 1.74 -32.64 -59.20
C GLY M 424 1.94 -31.74 -60.39
N ARG M 425 2.63 -32.21 -61.42
CA ARG M 425 2.81 -31.40 -62.62
C ARG M 425 1.58 -31.52 -63.52
N VAL M 426 1.25 -30.41 -64.20
CA VAL M 426 -0.01 -30.28 -64.92
C VAL M 426 0.12 -30.92 -66.29
N TYR M 427 -0.64 -32.00 -66.52
CA TYR M 427 -0.58 -32.77 -67.76
C TYR M 427 -1.96 -32.78 -68.41
N ALA M 428 -1.99 -32.72 -69.74
CA ALA M 428 -3.23 -32.78 -70.49
C ALA M 428 -3.58 -34.23 -70.81
N VAL M 429 -4.87 -34.57 -70.69
CA VAL M 429 -5.28 -35.96 -70.74
C VAL M 429 -5.28 -36.50 -72.17
N SER M 430 -5.72 -35.69 -73.14
CA SER M 430 -5.87 -36.17 -74.50
C SER M 430 -4.52 -36.48 -75.15
N MET M 431 -4.53 -37.49 -76.02
CA MET M 431 -3.30 -37.87 -76.72
C MET M 431 -2.83 -36.75 -77.64
N PHE M 432 -3.76 -36.17 -78.39
CA PHE M 432 -3.47 -34.95 -79.15
C PHE M 432 -3.69 -33.78 -78.21
N ASN M 433 -2.61 -33.20 -77.73
CA ASN M 433 -2.64 -32.15 -76.73
C ASN M 433 -1.59 -31.11 -77.06
N PRO M 434 -1.67 -29.89 -76.46
CA PRO M 434 -0.62 -28.87 -76.70
C PRO M 434 0.73 -29.22 -76.08
N GLN M 435 0.88 -30.46 -75.64
CA GLN M 435 2.06 -30.95 -74.94
C GLN M 435 2.97 -31.80 -75.81
N GLY M 436 2.66 -31.94 -77.10
CA GLY M 436 3.38 -32.84 -77.98
C GLY M 436 4.64 -32.24 -78.57
N ASN M 437 4.93 -32.65 -79.81
CA ASN M 437 6.13 -32.19 -80.50
C ASN M 437 5.87 -30.83 -81.15
N ASP M 438 6.89 -30.31 -81.83
CA ASP M 438 6.81 -28.97 -82.42
C ASP M 438 5.74 -28.89 -83.50
N MET M 439 5.54 -29.98 -84.25
CA MET M 439 4.46 -30.02 -85.22
C MET M 439 3.10 -29.88 -84.53
N THR M 440 2.90 -30.60 -83.44
CA THR M 440 1.63 -30.53 -82.71
C THR M 440 1.45 -29.17 -82.06
N LYS M 441 2.51 -28.63 -81.46
CA LYS M 441 2.45 -27.29 -80.88
C LYS M 441 2.09 -26.24 -81.93
N GLY M 442 2.61 -26.40 -83.15
CA GLY M 442 2.28 -25.47 -84.21
C GLY M 442 0.83 -25.58 -84.66
N LEU M 443 0.30 -26.81 -84.70
CA LEU M 443 -1.06 -27.03 -85.17
C LEU M 443 -2.08 -26.35 -84.26
N LEU M 444 -1.89 -26.46 -82.95
CA LEU M 444 -2.82 -25.89 -81.99
C LEU M 444 -2.46 -24.44 -81.69
N THR M 445 -3.48 -23.59 -81.59
CA THR M 445 -3.33 -22.24 -81.09
C THR M 445 -4.50 -21.96 -80.16
N LEU M 446 -4.42 -20.87 -79.42
CA LEU M 446 -5.53 -20.52 -78.54
C LEU M 446 -6.70 -20.00 -79.36
N ALA M 447 -7.91 -20.16 -78.82
CA ALA M 447 -9.10 -19.73 -79.54
C ALA M 447 -9.50 -18.30 -79.19
N LYS M 448 -9.34 -17.91 -77.92
CA LYS M 448 -9.62 -16.54 -77.50
C LYS M 448 -8.67 -15.58 -78.22
N GLY M 449 -9.18 -14.40 -78.55
CA GLY M 449 -8.44 -13.45 -79.35
C GLY M 449 -8.52 -12.05 -78.78
N LYS M 450 -7.36 -11.40 -78.69
CA LYS M 450 -7.24 -10.04 -78.25
C LYS M 450 -6.35 -9.28 -79.20
N PRO M 451 -6.69 -8.02 -79.53
CA PRO M 451 -5.80 -7.19 -80.37
C PRO M 451 -4.39 -7.13 -79.81
N ILE M 452 -3.41 -7.29 -80.70
CA ILE M 452 -2.06 -7.65 -80.29
C ILE M 452 -1.39 -6.50 -79.54
N GLY M 453 -1.54 -5.27 -80.03
CA GLY M 453 -0.89 -4.13 -79.42
C GLY M 453 0.60 -4.06 -79.70
N LYS M 454 1.21 -2.92 -79.39
CA LYS M 454 2.64 -2.75 -79.64
C LYS M 454 3.48 -3.64 -78.73
N GLU M 455 3.12 -3.70 -77.44
CA GLU M 455 3.83 -4.58 -76.51
C GLU M 455 3.64 -6.03 -76.87
N GLY M 456 2.43 -6.41 -77.29
CA GLY M 456 2.21 -7.77 -77.74
C GLY M 456 2.92 -8.09 -79.04
N TYR M 457 3.05 -7.11 -79.92
CA TYR M 457 3.86 -7.30 -81.12
C TYR M 457 5.33 -7.48 -80.77
N TYR M 458 5.79 -6.78 -79.72
CA TYR M 458 7.14 -6.99 -79.22
C TYR M 458 7.32 -8.43 -78.74
N TRP M 459 6.28 -9.01 -78.14
CA TRP M 459 6.38 -10.38 -77.66
C TRP M 459 6.16 -11.41 -78.74
N LEU M 460 5.56 -11.02 -79.87
CA LEU M 460 5.49 -11.93 -81.01
C LEU M 460 6.88 -12.14 -81.61
N LYS M 461 7.67 -11.06 -81.70
CA LYS M 461 9.01 -11.18 -82.26
C LYS M 461 9.94 -11.96 -81.35
N ILE M 462 9.77 -11.82 -80.03
CA ILE M 462 10.56 -12.60 -79.08
C ILE M 462 10.25 -14.08 -79.23
N HIS M 463 8.97 -14.42 -79.38
CA HIS M 463 8.58 -15.82 -79.54
C HIS M 463 9.07 -16.37 -80.88
N GLY M 464 9.04 -15.55 -81.93
CA GLY M 464 9.59 -15.98 -83.21
C GLY M 464 11.08 -16.20 -83.16
N ALA M 465 11.79 -15.36 -82.39
CA ALA M 465 13.21 -15.59 -82.17
C ALA M 465 13.45 -16.83 -81.34
N ASN M 466 12.56 -17.12 -80.39
CA ASN M 466 12.69 -18.30 -79.55
C ASN M 466 12.53 -19.58 -80.37
N CYS M 467 11.63 -19.58 -81.35
CA CYS M 467 11.45 -20.75 -82.20
C CYS M 467 12.62 -20.97 -83.14
N ALA M 468 13.41 -19.92 -83.41
CA ALA M 468 14.54 -20.01 -84.33
C ALA M 468 15.86 -20.30 -83.62
N GLY M 469 15.87 -20.42 -82.30
CA GLY M 469 17.09 -20.64 -81.56
C GLY M 469 17.84 -19.38 -81.18
N VAL M 470 17.21 -18.21 -81.27
CA VAL M 470 17.86 -16.94 -80.95
C VAL M 470 17.76 -16.63 -79.46
N ASP M 471 17.15 -17.51 -78.66
CA ASP M 471 16.96 -17.29 -77.23
C ASP M 471 18.26 -17.19 -76.43
N LYS M 472 19.41 -17.46 -77.04
CA LYS M 472 20.70 -17.35 -76.39
C LYS M 472 21.25 -15.93 -76.37
N VAL M 473 20.48 -14.95 -76.84
CA VAL M 473 20.96 -13.59 -77.03
C VAL M 473 19.99 -12.65 -76.31
N PRO M 474 20.43 -11.46 -75.88
CA PRO M 474 19.50 -10.52 -75.23
C PRO M 474 18.36 -10.08 -76.14
N PHE M 475 17.29 -9.61 -75.48
CA PHE M 475 16.05 -9.20 -76.16
C PHE M 475 16.21 -8.21 -77.30
N PRO M 476 17.02 -7.12 -77.21
CA PRO M 476 17.11 -6.22 -78.37
C PRO M 476 17.73 -6.85 -79.59
N GLU M 477 18.59 -7.87 -79.41
CA GLU M 477 19.12 -8.60 -80.56
C GLU M 477 18.12 -9.60 -81.12
N ARG M 478 17.23 -10.13 -80.27
CA ARG M 478 16.15 -10.98 -80.76
C ARG M 478 15.17 -10.17 -81.61
N ILE M 479 14.92 -8.92 -81.21
CA ILE M 479 14.11 -8.01 -82.01
C ILE M 479 14.82 -7.68 -83.32
N LYS M 480 16.16 -7.59 -83.28
CA LYS M 480 16.93 -7.31 -84.49
C LYS M 480 16.91 -8.47 -85.47
N PHE M 481 16.83 -9.70 -84.97
CA PHE M 481 16.85 -10.88 -85.85
C PHE M 481 15.59 -10.97 -86.68
N ILE M 482 14.45 -10.60 -86.11
CA ILE M 482 13.18 -10.73 -86.81
C ILE M 482 13.04 -9.65 -87.88
N GLU M 483 13.44 -8.43 -87.57
CA GLU M 483 13.35 -7.35 -88.55
C GLU M 483 14.35 -7.52 -89.69
N GLU M 484 15.48 -8.18 -89.43
CA GLU M 484 16.44 -8.45 -90.49
C GLU M 484 15.84 -9.40 -91.52
N ASN M 485 15.34 -10.55 -91.07
CA ASN M 485 14.70 -11.53 -91.95
C ASN M 485 13.21 -11.30 -92.05
N HIS M 486 12.81 -10.03 -92.06
CA HIS M 486 11.40 -9.68 -92.22
C HIS M 486 10.88 -10.11 -93.58
N GLU M 487 11.71 -9.97 -94.63
CA GLU M 487 11.32 -10.44 -95.95
C GLU M 487 11.26 -11.97 -96.01
N ASN M 488 12.12 -12.64 -95.24
CA ASN M 488 12.08 -14.11 -95.20
C ASN M 488 10.81 -14.60 -94.52
N ILE M 489 10.30 -13.85 -93.54
CA ILE M 489 9.07 -14.23 -92.85
C ILE M 489 7.87 -14.08 -93.79
N MET M 490 7.81 -12.94 -94.50
CA MET M 490 6.67 -12.67 -95.38
C MET M 490 6.58 -13.70 -96.51
N ALA M 491 7.73 -14.10 -97.06
CA ALA M 491 7.72 -15.10 -98.12
C ALA M 491 7.24 -16.45 -97.63
N CYS M 492 7.52 -16.80 -96.38
CA CYS M 492 7.07 -18.08 -95.84
C CYS M 492 5.58 -18.07 -95.54
N ALA M 493 5.03 -16.92 -95.15
CA ALA M 493 3.61 -16.87 -94.82
C ALA M 493 2.74 -16.93 -96.06
N LYS M 494 3.15 -16.25 -97.14
CA LYS M 494 2.36 -16.23 -98.36
C LYS M 494 2.67 -17.44 -99.24
N SER M 495 3.92 -17.88 -99.26
CA SER M 495 4.36 -19.01 -100.08
C SER M 495 5.05 -20.05 -99.20
N PRO M 496 4.28 -20.79 -98.40
CA PRO M 496 4.92 -21.72 -97.46
C PRO M 496 5.57 -22.92 -98.11
N LEU M 497 5.05 -23.38 -99.25
CA LEU M 497 5.67 -24.49 -99.96
C LEU M 497 6.84 -24.02 -100.81
N GLU M 498 6.79 -22.79 -101.31
CA GLU M 498 7.83 -22.26 -102.19
C GLU M 498 9.07 -21.78 -101.44
N ASN M 499 8.95 -21.54 -100.13
CA ASN M 499 10.09 -21.09 -99.33
C ASN M 499 10.27 -22.07 -98.17
N THR M 500 11.43 -22.74 -98.16
CA THR M 500 11.70 -23.74 -97.14
C THR M 500 12.11 -23.15 -95.80
N TRP M 501 12.39 -21.84 -95.74
CA TRP M 501 13.18 -21.24 -94.66
C TRP M 501 12.57 -21.46 -93.27
N TRP M 502 11.25 -21.62 -93.18
CA TRP M 502 10.65 -21.89 -91.89
C TRP M 502 11.01 -23.29 -91.38
N ALA M 503 11.30 -24.22 -92.30
CA ALA M 503 11.68 -25.57 -91.88
C ALA M 503 13.12 -25.63 -91.39
N GLU M 504 13.98 -24.71 -91.85
CA GLU M 504 15.36 -24.71 -91.40
C GLU M 504 15.51 -24.39 -89.92
N GLN M 505 14.50 -23.75 -89.30
CA GLN M 505 14.60 -23.32 -87.91
C GLN M 505 14.50 -24.52 -86.96
N ASP M 506 14.91 -24.28 -85.71
CA ASP M 506 14.98 -25.36 -84.73
C ASP M 506 13.60 -25.89 -84.36
N SER M 507 12.61 -24.99 -84.24
CA SER M 507 11.21 -25.35 -84.00
C SER M 507 10.41 -24.89 -85.22
N PRO M 508 10.41 -25.68 -86.30
CA PRO M 508 9.92 -25.18 -87.59
C PRO M 508 8.42 -24.86 -87.63
N PHE M 509 7.58 -25.79 -87.17
CA PHE M 509 6.15 -25.60 -87.33
C PHE M 509 5.60 -24.52 -86.39
N CYS M 510 6.21 -24.35 -85.22
CA CYS M 510 5.87 -23.21 -84.39
C CYS M 510 6.39 -21.92 -84.99
N PHE M 511 7.55 -21.97 -85.64
CA PHE M 511 8.08 -20.81 -86.33
C PHE M 511 7.19 -20.40 -87.49
N LEU M 512 6.65 -21.39 -88.21
CA LEU M 512 5.74 -21.10 -89.32
C LEU M 512 4.42 -20.52 -88.83
N ALA M 513 3.93 -21.00 -87.68
CA ALA M 513 2.74 -20.40 -87.08
C ALA M 513 3.01 -18.96 -86.66
N PHE M 514 4.25 -18.66 -86.25
CA PHE M 514 4.63 -17.28 -85.97
C PHE M 514 4.67 -16.44 -87.24
N CYS M 515 5.05 -17.05 -88.39
CA CYS M 515 5.06 -16.33 -89.65
C CYS M 515 3.67 -15.87 -90.05
N PHE M 516 2.67 -16.75 -89.90
CA PHE M 516 1.30 -16.41 -90.25
C PHE M 516 0.75 -15.29 -89.38
N GLU M 517 1.16 -15.26 -88.11
CA GLU M 517 0.72 -14.18 -87.24
C GLU M 517 1.49 -12.89 -87.49
N TYR M 518 2.79 -13.00 -87.82
CA TYR M 518 3.58 -11.81 -88.15
C TYR M 518 3.04 -11.13 -89.40
N ALA M 519 2.66 -11.91 -90.41
CA ALA M 519 2.12 -11.34 -91.63
C ALA M 519 0.72 -10.78 -91.40
N GLY M 520 -0.01 -11.30 -90.42
CA GLY M 520 -1.36 -10.84 -90.19
C GLY M 520 -1.42 -9.44 -89.60
N VAL M 521 -0.55 -9.15 -88.63
CA VAL M 521 -0.52 -7.82 -88.05
C VAL M 521 0.15 -6.83 -89.00
N GLN M 522 1.10 -7.30 -89.82
CA GLN M 522 1.63 -6.45 -90.87
C GLN M 522 0.57 -6.14 -91.93
N HIS M 523 -0.37 -7.06 -92.15
CA HIS M 523 -1.41 -6.83 -93.14
C HIS M 523 -2.56 -5.99 -92.60
N HIS M 524 -2.84 -6.06 -91.29
CA HIS M 524 -4.01 -5.41 -90.71
C HIS M 524 -3.67 -4.41 -89.62
N GLY M 525 -2.40 -4.10 -89.39
CA GLY M 525 -2.04 -3.16 -88.35
C GLY M 525 -2.02 -3.81 -86.97
N LEU M 526 -1.73 -2.96 -85.97
CA LEU M 526 -1.65 -3.43 -84.58
C LEU M 526 -3.00 -3.83 -83.99
N SER M 527 -4.10 -3.61 -84.72
CA SER M 527 -5.43 -3.92 -84.22
C SER M 527 -5.81 -5.38 -84.45
N TYR M 528 -5.12 -6.07 -85.35
CA TYR M 528 -5.42 -7.47 -85.64
C TYR M 528 -5.19 -8.33 -84.42
N ASN M 529 -6.17 -9.15 -84.05
CA ASN M 529 -6.05 -9.94 -82.84
C ASN M 529 -5.13 -11.14 -83.07
N CYS M 530 -4.26 -11.40 -82.10
CA CYS M 530 -3.36 -12.53 -82.15
C CYS M 530 -3.74 -13.51 -81.05
N SER M 531 -3.99 -14.75 -81.45
CA SER M 531 -4.35 -15.81 -80.52
C SER M 531 -3.25 -16.86 -80.38
N LEU M 532 -2.04 -16.54 -80.83
CA LEU M 532 -0.96 -17.52 -80.82
C LEU M 532 -0.31 -17.57 -79.45
N PRO M 533 -0.09 -18.76 -78.89
CA PRO M 533 0.56 -18.85 -77.57
C PRO M 533 2.04 -18.56 -77.66
N LEU M 534 2.56 -17.90 -76.62
CA LEU M 534 3.96 -17.49 -76.56
C LEU M 534 4.59 -18.11 -75.31
N ALA M 535 5.40 -19.14 -75.51
CA ALA M 535 5.95 -19.94 -74.41
C ALA M 535 7.27 -19.36 -73.92
N PHE M 536 7.34 -19.07 -72.62
CA PHE M 536 8.53 -18.49 -71.98
C PHE M 536 9.14 -19.56 -71.08
N ASP M 537 10.40 -19.92 -71.34
CA ASP M 537 11.00 -21.13 -70.80
C ASP M 537 12.16 -20.81 -69.88
N GLY M 538 12.06 -21.22 -68.62
CA GLY M 538 13.17 -21.06 -67.69
C GLY M 538 14.38 -21.88 -68.12
N SER M 539 15.56 -21.39 -67.76
CA SER M 539 16.80 -21.92 -68.34
C SER M 539 17.10 -23.33 -67.85
N CYS M 540 17.01 -23.56 -66.53
CA CYS M 540 17.23 -24.90 -65.97
C CYS M 540 16.43 -24.95 -64.66
N SER M 541 15.14 -25.26 -64.80
CA SER M 541 14.16 -25.01 -63.74
C SER M 541 14.45 -25.80 -62.47
N GLY M 542 15.15 -26.93 -62.59
CA GLY M 542 15.52 -27.68 -61.40
C GLY M 542 16.43 -26.90 -60.48
N ILE M 543 17.47 -26.27 -61.05
CA ILE M 543 18.40 -25.50 -60.23
C ILE M 543 18.05 -24.01 -60.19
N GLN M 544 17.06 -23.57 -60.96
CA GLN M 544 16.41 -22.30 -60.67
C GLN M 544 15.80 -22.33 -59.27
N HIS M 545 15.11 -23.42 -58.95
CA HIS M 545 14.45 -23.55 -57.66
C HIS M 545 15.46 -23.80 -56.55
N PHE M 546 16.39 -24.73 -56.78
CA PHE M 546 17.42 -25.07 -55.79
C PHE M 546 18.20 -23.83 -55.35
N SER M 547 18.52 -22.95 -56.29
CA SER M 547 19.21 -21.71 -55.94
C SER M 547 18.28 -20.76 -55.17
N ALA M 548 16.97 -20.86 -55.40
CA ALA M 548 16.03 -19.96 -54.72
C ALA M 548 15.75 -20.38 -53.29
N MET M 549 15.84 -21.68 -52.98
CA MET M 549 15.61 -22.12 -51.60
C MET M 549 16.79 -21.73 -50.71
N LEU M 550 18.01 -21.92 -51.20
CA LEU M 550 19.21 -21.74 -50.38
C LEU M 550 19.87 -20.39 -50.61
N ARG M 551 19.21 -19.50 -51.36
CA ARG M 551 19.71 -18.16 -51.65
C ARG M 551 21.10 -18.18 -52.29
N ASP M 552 21.25 -19.01 -53.32
CA ASP M 552 22.54 -19.12 -53.99
C ASP M 552 22.75 -17.95 -54.94
N GLU M 553 23.80 -17.18 -54.71
CA GLU M 553 24.13 -16.07 -55.60
C GLU M 553 24.73 -16.60 -56.91
N VAL M 554 25.77 -17.45 -56.81
CA VAL M 554 26.41 -17.98 -58.00
C VAL M 554 25.47 -18.92 -58.73
N GLY M 555 24.64 -19.67 -58.00
CA GLY M 555 23.64 -20.49 -58.64
C GLY M 555 22.57 -19.68 -59.32
N GLY M 556 22.24 -18.51 -58.77
CA GLY M 556 21.24 -17.66 -59.38
C GLY M 556 21.73 -16.94 -60.62
N ARG M 557 23.04 -16.67 -60.70
CA ARG M 557 23.59 -15.99 -61.86
C ARG M 557 23.73 -16.93 -63.06
N ALA M 558 24.14 -18.18 -62.81
CA ALA M 558 24.37 -19.14 -63.90
C ALA M 558 23.11 -19.48 -64.66
N VAL M 559 21.94 -19.17 -64.10
CA VAL M 559 20.63 -19.49 -64.66
C VAL M 559 19.78 -18.24 -64.88
N ASN M 560 20.38 -17.06 -64.72
CA ASN M 560 19.78 -15.76 -65.06
C ASN M 560 18.62 -15.39 -64.15
N LEU M 561 18.60 -15.89 -62.91
CA LEU M 561 17.74 -15.29 -61.90
C LEU M 561 18.18 -13.87 -61.57
N LEU M 562 19.46 -13.56 -61.79
CA LEU M 562 20.03 -12.24 -61.60
C LEU M 562 19.87 -11.41 -62.86
N PRO M 563 19.43 -10.16 -62.75
CA PRO M 563 19.38 -9.29 -63.94
C PRO M 563 20.77 -9.02 -64.47
N SER M 564 21.07 -9.55 -65.64
CA SER M 564 22.38 -9.43 -66.25
C SER M 564 22.25 -8.83 -67.64
N GLU M 565 23.34 -8.24 -68.12
CA GLU M 565 23.35 -7.65 -69.45
C GLU M 565 23.33 -8.72 -70.54
N THR M 566 24.03 -9.84 -70.30
CA THR M 566 24.08 -10.96 -71.23
C THR M 566 23.55 -12.20 -70.55
N VAL M 567 22.82 -13.02 -71.30
CA VAL M 567 22.33 -14.29 -70.78
C VAL M 567 23.48 -15.31 -70.82
N GLN M 568 23.85 -15.82 -69.66
CA GLN M 568 24.92 -16.80 -69.57
C GLN M 568 24.30 -18.19 -69.47
N ASP M 569 24.61 -19.03 -70.46
CA ASP M 569 24.21 -20.42 -70.38
C ASP M 569 25.07 -21.12 -69.35
N ILE M 570 24.43 -21.89 -68.45
CA ILE M 570 25.15 -22.60 -67.40
C ILE M 570 26.24 -23.49 -67.98
N TYR M 571 25.98 -24.09 -69.14
CA TYR M 571 26.86 -25.08 -69.74
C TYR M 571 28.22 -24.48 -70.12
N GLY M 572 28.23 -23.24 -70.62
CA GLY M 572 29.49 -22.58 -70.88
C GLY M 572 30.18 -22.04 -69.64
N ILE M 573 29.44 -21.87 -68.54
CA ILE M 573 30.07 -21.35 -67.33
C ILE M 573 30.78 -22.48 -66.58
N VAL M 574 30.15 -23.66 -66.50
CA VAL M 574 30.87 -24.82 -65.96
C VAL M 574 32.01 -25.20 -66.89
N ALA M 575 31.81 -25.04 -68.20
CA ALA M 575 32.90 -25.25 -69.15
C ALA M 575 34.04 -24.27 -68.90
N LYS M 576 33.71 -23.00 -68.68
CA LYS M 576 34.74 -22.01 -68.38
C LYS M 576 35.49 -22.33 -67.09
N LYS M 577 34.83 -23.00 -66.14
CA LYS M 577 35.52 -23.47 -64.95
C LYS M 577 36.37 -24.70 -65.25
N VAL M 578 35.98 -25.51 -66.24
CA VAL M 578 36.80 -26.66 -66.62
C VAL M 578 38.11 -26.21 -67.29
N ASN M 579 38.08 -25.07 -67.99
CA ASN M 579 39.31 -24.54 -68.60
C ASN M 579 40.38 -24.25 -67.55
N GLU M 580 39.97 -23.70 -66.40
CA GLU M 580 40.93 -23.34 -65.37
C GLU M 580 41.48 -24.57 -64.66
N ILE M 581 40.68 -25.63 -64.54
CA ILE M 581 41.18 -26.88 -64.00
C ILE M 581 42.06 -27.59 -65.02
N LEU M 582 41.71 -27.46 -66.32
CA LEU M 582 42.49 -28.09 -67.37
C LEU M 582 43.86 -27.44 -67.51
N GLN M 583 43.93 -26.11 -67.34
CA GLN M 583 45.22 -25.42 -67.29
C GLN M 583 46.01 -25.89 -66.08
N ALA M 584 45.38 -25.89 -64.89
CA ALA M 584 46.07 -26.20 -63.65
C ALA M 584 46.68 -27.60 -63.68
N ASP M 585 46.09 -28.52 -64.45
CA ASP M 585 46.69 -29.83 -64.61
C ASP M 585 47.79 -29.85 -65.66
N ALA M 586 47.84 -28.86 -66.55
CA ALA M 586 48.86 -28.79 -67.59
C ALA M 586 50.09 -28.00 -67.17
N ILE M 587 50.09 -27.40 -65.98
CA ILE M 587 51.28 -26.76 -65.45
C ILE M 587 51.92 -27.59 -64.34
N ASN M 588 51.11 -28.23 -63.49
CA ASN M 588 51.58 -29.22 -62.54
C ASN M 588 50.65 -30.42 -62.63
N GLY M 589 51.19 -31.57 -63.01
CA GLY M 589 50.38 -32.74 -63.25
C GLY M 589 51.05 -34.00 -62.72
N THR M 590 50.22 -34.95 -62.34
CA THR M 590 50.70 -36.22 -61.82
C THR M 590 51.38 -37.03 -62.92
N ASP M 591 52.41 -37.77 -62.54
CA ASP M 591 53.12 -38.61 -63.49
C ASP M 591 52.33 -39.88 -63.79
N ASN M 592 52.57 -40.44 -64.97
CA ASN M 592 51.90 -41.66 -65.39
C ASN M 592 52.37 -42.85 -64.57
N LEU M 611 47.78 -43.46 -66.54
CA LEU M 611 47.79 -42.21 -67.30
C LEU M 611 47.89 -41.01 -66.38
N GLY M 612 48.92 -40.20 -66.61
CA GLY M 612 49.09 -39.00 -65.82
C GLY M 612 48.04 -37.96 -66.13
N THR M 613 47.66 -37.20 -65.11
CA THR M 613 46.62 -36.18 -65.27
C THR M 613 47.10 -35.02 -66.13
N LYS M 614 48.41 -34.78 -66.19
CA LYS M 614 48.95 -33.78 -67.13
C LYS M 614 48.74 -34.22 -68.57
N ALA M 615 48.94 -35.50 -68.86
CA ALA M 615 48.74 -36.00 -70.22
C ALA M 615 47.26 -36.08 -70.59
N LEU M 616 46.40 -36.37 -69.61
CA LEU M 616 44.96 -36.38 -69.87
C LEU M 616 44.44 -34.97 -70.12
N ALA M 617 45.00 -33.96 -69.45
CA ALA M 617 44.60 -32.58 -69.69
C ALA M 617 45.05 -32.09 -71.05
N GLY M 618 46.22 -32.53 -71.52
CA GLY M 618 46.66 -32.18 -72.86
C GLY M 618 45.82 -32.84 -73.95
N GLN M 619 45.27 -34.02 -73.67
CA GLN M 619 44.35 -34.66 -74.60
C GLN M 619 43.07 -33.84 -74.74
N TRP M 620 42.52 -33.39 -73.61
CA TRP M 620 41.27 -32.62 -73.65
C TRP M 620 41.49 -31.22 -74.19
N LEU M 621 42.70 -30.67 -74.01
CA LEU M 621 43.02 -29.40 -74.66
C LEU M 621 43.16 -29.56 -76.17
N ALA M 622 43.59 -30.74 -76.62
CA ALA M 622 43.68 -31.00 -78.05
C ALA M 622 42.30 -31.18 -78.67
N TYR M 623 41.37 -31.82 -77.94
CA TYR M 623 40.00 -31.93 -78.41
C TYR M 623 39.28 -30.59 -78.38
N GLY M 624 39.72 -29.68 -77.52
CA GLY M 624 38.98 -28.45 -77.27
C GLY M 624 37.88 -28.68 -76.24
N VAL M 625 37.53 -27.61 -75.53
CA VAL M 625 36.53 -27.66 -74.49
C VAL M 625 35.43 -26.66 -74.81
N THR M 626 34.20 -27.15 -74.96
CA THR M 626 33.04 -26.37 -75.35
C THR M 626 31.99 -26.45 -74.25
N ARG M 627 30.83 -25.85 -74.53
CA ARG M 627 29.67 -26.03 -73.66
C ARG M 627 28.91 -27.30 -73.98
N SER M 628 29.21 -27.96 -75.11
CA SER M 628 28.46 -29.14 -75.53
C SER M 628 28.86 -30.39 -74.74
N VAL M 629 30.12 -30.48 -74.31
CA VAL M 629 30.54 -31.62 -73.50
C VAL M 629 29.86 -31.58 -72.14
N THR M 630 29.76 -30.40 -71.53
CA THR M 630 29.14 -30.23 -70.23
C THR M 630 27.62 -30.06 -70.31
N LYS M 631 27.05 -30.04 -71.51
CA LYS M 631 25.65 -29.65 -71.67
C LYS M 631 24.70 -30.69 -71.10
N ARG M 632 24.77 -31.92 -71.62
CA ARG M 632 23.86 -32.98 -71.17
C ARG M 632 24.07 -33.33 -69.70
N SER M 633 25.30 -33.18 -69.20
CA SER M 633 25.60 -33.51 -67.81
C SER M 633 25.02 -32.49 -66.83
N VAL M 634 24.77 -31.26 -67.27
CA VAL M 634 24.27 -30.24 -66.36
C VAL M 634 22.81 -30.48 -66.02
N MET M 635 21.99 -30.82 -67.03
CA MET M 635 20.56 -31.01 -66.79
C MET M 635 20.29 -32.31 -66.06
N THR M 636 21.04 -33.37 -66.38
CA THR M 636 20.88 -34.64 -65.67
C THR M 636 21.40 -34.59 -64.23
N LEU M 637 22.11 -33.52 -63.86
CA LEU M 637 22.54 -33.36 -62.47
C LEU M 637 21.34 -33.21 -61.55
N ALA M 638 20.36 -32.38 -61.96
CA ALA M 638 19.12 -32.22 -61.21
C ALA M 638 18.24 -33.45 -61.29
N TYR M 639 18.64 -34.46 -62.05
CA TYR M 639 17.90 -35.69 -62.23
C TYR M 639 18.41 -36.81 -61.34
N GLY M 640 19.50 -36.55 -60.59
CA GLY M 640 20.04 -37.51 -59.64
C GLY M 640 21.37 -38.16 -60.01
N SER M 641 22.08 -37.64 -61.00
CA SER M 641 23.26 -38.33 -61.52
C SER M 641 24.50 -38.15 -60.64
N LYS M 642 25.31 -39.21 -60.53
CA LYS M 642 26.50 -39.19 -59.67
C LYS M 642 27.72 -39.63 -60.50
N GLU M 643 28.93 -39.20 -60.04
CA GLU M 643 30.03 -38.91 -60.97
C GLU M 643 30.42 -40.06 -61.90
N PHE M 644 30.22 -41.25 -61.44
CA PHE M 644 30.24 -42.40 -62.33
C PHE M 644 29.38 -42.23 -63.59
N GLY M 645 28.19 -41.64 -63.45
CA GLY M 645 27.27 -41.54 -64.56
C GLY M 645 27.62 -40.53 -65.64
N PHE M 646 28.61 -39.66 -65.40
CA PHE M 646 28.97 -38.55 -66.27
C PHE M 646 30.10 -38.90 -67.20
N ARG M 647 31.01 -39.76 -66.75
CA ARG M 647 32.03 -40.30 -67.63
C ARG M 647 31.41 -41.19 -68.70
N GLN M 648 30.24 -41.78 -68.40
CA GLN M 648 29.44 -42.45 -69.42
C GLN M 648 29.02 -41.46 -70.51
N GLN M 649 28.35 -40.38 -70.10
CA GLN M 649 27.80 -39.41 -71.05
C GLN M 649 28.89 -38.77 -71.90
N VAL M 650 29.98 -38.32 -71.27
CA VAL M 650 31.06 -37.66 -72.00
C VAL M 650 31.74 -38.61 -72.98
N LEU M 651 31.59 -39.92 -72.79
CA LEU M 651 32.12 -40.85 -73.78
C LEU M 651 31.23 -40.90 -75.02
N GLU M 652 29.92 -41.06 -74.82
CA GLU M 652 29.02 -41.10 -75.98
C GLU M 652 28.78 -39.73 -76.58
N ASP M 653 28.89 -38.66 -75.78
CA ASP M 653 28.61 -37.34 -76.32
C ASP M 653 29.78 -36.79 -77.13
N THR M 654 31.00 -37.01 -76.66
CA THR M 654 32.17 -36.37 -77.26
C THR M 654 33.21 -37.36 -77.74
N ILE M 655 33.58 -38.36 -76.94
CA ILE M 655 34.65 -39.27 -77.31
C ILE M 655 34.20 -40.21 -78.42
N GLN M 656 33.00 -40.79 -78.28
CA GLN M 656 32.53 -41.74 -79.29
C GLN M 656 32.27 -41.13 -80.67
N PRO M 657 31.63 -39.95 -80.84
CA PRO M 657 31.53 -39.41 -82.20
C PRO M 657 32.86 -38.99 -82.77
N ALA M 658 33.84 -38.64 -81.92
CA ALA M 658 35.15 -38.29 -82.41
C ALA M 658 35.86 -39.51 -83.01
N ILE M 659 35.78 -40.66 -82.34
CA ILE M 659 36.44 -41.88 -82.79
C ILE M 659 35.87 -42.33 -84.13
N ASP M 660 34.53 -42.33 -84.26
CA ASP M 660 33.91 -42.74 -85.51
C ASP M 660 34.16 -41.75 -86.64
N SER M 661 34.24 -40.46 -86.33
CA SER M 661 34.48 -39.45 -87.35
C SER M 661 35.97 -39.22 -87.61
N GLY M 662 36.86 -39.73 -86.77
CA GLY M 662 38.28 -39.67 -87.00
C GLY M 662 39.06 -38.85 -86.00
N LYS M 663 38.37 -38.02 -85.21
CA LYS M 663 39.00 -37.24 -84.14
C LYS M 663 39.14 -38.17 -82.93
N GLY M 664 39.44 -37.64 -81.76
CA GLY M 664 39.70 -38.51 -80.64
C GLY M 664 41.03 -39.22 -80.71
N LEU M 665 41.88 -38.86 -81.67
CA LEU M 665 43.15 -39.56 -81.88
C LEU M 665 44.14 -39.32 -80.76
N MET M 666 43.99 -38.21 -80.02
CA MET M 666 44.85 -37.96 -78.87
C MET M 666 44.46 -38.80 -77.67
N PHE M 667 43.19 -39.22 -77.58
CA PHE M 667 42.81 -40.27 -76.64
C PHE M 667 43.19 -41.60 -77.30
N THR M 668 44.34 -42.15 -76.89
CA THR M 668 44.69 -43.51 -77.32
C THR M 668 43.73 -44.54 -76.75
N GLN M 669 43.04 -44.20 -75.67
CA GLN M 669 42.03 -45.02 -75.02
C GLN M 669 41.01 -44.07 -74.41
N PRO M 670 39.73 -44.46 -74.38
CA PRO M 670 38.68 -43.47 -74.06
C PRO M 670 38.35 -43.33 -72.59
N ASN M 671 38.53 -44.39 -71.81
CA ASN M 671 37.90 -44.47 -70.48
C ASN M 671 38.55 -43.51 -69.49
N GLN M 672 39.89 -43.43 -69.50
CA GLN M 672 40.57 -42.57 -68.54
C GLN M 672 40.28 -41.09 -68.79
N ALA M 673 40.26 -40.68 -70.06
CA ALA M 673 39.88 -39.31 -70.39
C ALA M 673 38.43 -39.02 -70.02
N ALA M 674 37.56 -40.03 -70.10
CA ALA M 674 36.18 -39.86 -69.67
C ALA M 674 36.08 -39.79 -68.15
N GLY M 675 36.74 -40.73 -67.46
CA GLY M 675 36.71 -40.72 -66.01
C GLY M 675 37.43 -39.54 -65.40
N TYR M 676 38.50 -39.07 -66.04
CA TYR M 676 39.13 -37.82 -65.62
C TYR M 676 38.20 -36.65 -65.87
N MET M 677 37.43 -36.68 -66.96
CA MET M 677 36.48 -35.60 -67.23
C MET M 677 35.38 -35.57 -66.18
N ALA M 678 34.82 -36.73 -65.81
CA ALA M 678 33.71 -36.76 -64.87
C ALA M 678 34.12 -36.26 -63.49
N LYS M 679 35.41 -36.36 -63.15
CA LYS M 679 35.88 -35.72 -61.94
C LYS M 679 35.81 -34.20 -62.05
N LEU M 680 36.30 -33.64 -63.17
CA LEU M 680 36.52 -32.21 -63.27
C LEU M 680 35.22 -31.42 -63.30
N ILE M 681 34.16 -31.95 -63.94
CA ILE M 681 32.89 -31.24 -64.01
C ILE M 681 32.24 -31.12 -62.65
N TRP M 682 32.58 -32.00 -61.72
CA TRP M 682 31.88 -32.14 -60.45
C TRP M 682 32.19 -31.06 -59.45
N GLU M 683 33.47 -30.74 -59.29
CA GLU M 683 33.80 -29.53 -58.58
C GLU M 683 33.54 -28.29 -59.42
N SER M 684 33.44 -28.46 -60.75
CA SER M 684 33.07 -27.34 -61.60
C SER M 684 31.60 -26.99 -61.43
N VAL M 685 30.72 -27.99 -61.31
CA VAL M 685 29.32 -27.71 -61.03
C VAL M 685 29.09 -27.44 -59.54
N SER M 686 29.97 -27.91 -58.67
CA SER M 686 29.80 -27.68 -57.22
C SER M 686 30.12 -26.24 -56.83
N VAL M 687 30.90 -25.53 -57.64
CA VAL M 687 31.17 -24.13 -57.33
C VAL M 687 30.20 -23.20 -58.06
N THR M 688 29.63 -23.63 -59.19
CA THR M 688 28.72 -22.76 -59.93
C THR M 688 27.34 -22.71 -59.26
N VAL M 689 26.81 -23.87 -58.86
CA VAL M 689 25.54 -23.93 -58.14
C VAL M 689 25.76 -24.83 -56.92
N VAL M 690 26.14 -24.22 -55.80
CA VAL M 690 26.34 -24.98 -54.58
C VAL M 690 25.02 -25.38 -53.96
N ALA M 691 23.93 -24.65 -54.28
CA ALA M 691 22.65 -24.91 -53.64
C ALA M 691 22.02 -26.21 -54.10
N ALA M 692 22.26 -26.60 -55.36
CA ALA M 692 21.71 -27.84 -55.87
C ALA M 692 22.29 -29.03 -55.12
N VAL M 693 23.60 -29.24 -55.27
CA VAL M 693 24.27 -30.45 -54.76
C VAL M 693 24.08 -30.59 -53.26
N GLU M 694 24.04 -29.47 -52.53
CA GLU M 694 23.81 -29.53 -51.09
C GLU M 694 22.38 -29.94 -50.78
N ALA M 695 21.40 -29.47 -51.57
CA ALA M 695 20.01 -29.79 -51.29
C ALA M 695 19.67 -31.22 -51.67
N MET M 696 20.16 -31.69 -52.83
CA MET M 696 19.93 -33.08 -53.22
C MET M 696 20.61 -34.05 -52.26
N ASN M 697 21.74 -33.66 -51.67
CA ASN M 697 22.40 -34.51 -50.69
C ASN M 697 21.62 -34.54 -49.37
N TRP M 698 21.07 -33.39 -48.96
CA TRP M 698 20.25 -33.36 -47.75
C TRP M 698 18.95 -34.13 -47.94
N LEU M 699 18.37 -34.05 -49.14
CA LEU M 699 17.13 -34.76 -49.42
C LEU M 699 17.36 -36.27 -49.50
N LYS M 700 18.45 -36.68 -50.16
CA LYS M 700 18.75 -38.09 -50.30
C LYS M 700 19.08 -38.73 -48.96
N SER M 701 19.75 -37.97 -48.07
CA SER M 701 20.04 -38.48 -46.74
C SER M 701 18.76 -38.61 -45.91
N ALA M 702 17.81 -37.69 -46.11
CA ALA M 702 16.56 -37.72 -45.36
C ALA M 702 15.73 -38.95 -45.72
N ALA M 703 15.58 -39.22 -47.02
CA ALA M 703 14.82 -40.39 -47.45
C ALA M 703 15.56 -41.68 -47.13
N LYS M 704 16.89 -41.64 -47.07
CA LYS M 704 17.66 -42.83 -46.75
C LYS M 704 17.38 -43.32 -45.33
N LEU M 705 17.26 -42.39 -44.38
CA LEU M 705 17.01 -42.80 -43.00
C LEU M 705 15.56 -43.24 -42.81
N LEU M 706 14.63 -42.66 -43.58
CA LEU M 706 13.24 -43.06 -43.49
C LEU M 706 13.00 -44.41 -44.14
N ALA M 707 13.59 -44.64 -45.33
CA ALA M 707 13.39 -45.90 -46.03
C ALA M 707 14.15 -47.06 -45.41
N ALA M 708 15.09 -46.79 -44.51
CA ALA M 708 15.78 -47.86 -43.80
C ALA M 708 14.95 -48.28 -42.59
N GLU M 709 14.81 -49.59 -42.39
CA GLU M 709 14.16 -50.12 -41.20
C GLU M 709 15.25 -50.40 -40.15
N VAL M 710 15.21 -49.67 -39.05
CA VAL M 710 16.22 -49.84 -38.02
C VAL M 710 15.87 -51.06 -37.18
N LYS M 711 16.92 -51.74 -36.70
CA LYS M 711 16.73 -53.00 -36.00
C LYS M 711 17.94 -53.26 -35.11
N ASP M 712 17.67 -53.75 -33.92
CA ASP M 712 18.71 -54.22 -33.01
C ASP M 712 18.95 -55.69 -33.30
N LYS M 713 20.23 -56.08 -33.38
CA LYS M 713 20.58 -57.47 -33.60
C LYS M 713 20.37 -58.34 -32.37
N LYS M 714 20.58 -57.77 -31.17
CA LYS M 714 20.34 -58.52 -29.94
C LYS M 714 18.85 -58.60 -29.61
N THR M 715 18.10 -57.52 -29.84
CA THR M 715 16.66 -57.56 -29.59
C THR M 715 15.93 -58.44 -30.60
N GLY M 716 16.42 -58.50 -31.83
CA GLY M 716 15.81 -59.34 -32.83
C GLY M 716 14.50 -58.85 -33.39
N GLU M 717 14.09 -57.62 -33.04
CA GLU M 717 12.87 -57.04 -33.56
C GLU M 717 13.19 -55.69 -34.22
N ILE M 718 12.39 -55.34 -35.21
CA ILE M 718 12.58 -54.09 -35.94
C ILE M 718 12.06 -52.95 -35.09
N LEU M 719 12.92 -51.96 -34.81
CA LEU M 719 12.55 -50.86 -33.94
C LEU M 719 11.73 -49.81 -34.68
N ARG M 720 12.00 -49.61 -35.98
CA ARG M 720 11.25 -48.70 -36.83
C ARG M 720 11.02 -49.36 -38.17
N LYS M 721 9.78 -49.30 -38.67
CA LYS M 721 9.47 -49.92 -39.94
C LYS M 721 9.94 -49.03 -41.09
N ARG M 722 9.82 -49.56 -42.31
CA ARG M 722 10.23 -48.83 -43.50
C ARG M 722 9.24 -47.69 -43.74
N CYS M 723 9.66 -46.46 -43.44
CA CYS M 723 8.81 -45.29 -43.51
C CYS M 723 8.99 -44.60 -44.85
N ALA M 724 7.86 -44.21 -45.47
CA ALA M 724 7.91 -43.47 -46.72
C ALA M 724 8.13 -41.98 -46.43
N VAL M 725 8.22 -41.20 -47.50
CA VAL M 725 8.51 -39.77 -47.41
C VAL M 725 7.30 -38.98 -47.91
N HIS M 726 7.03 -37.85 -47.27
CA HIS M 726 5.86 -37.04 -47.59
C HIS M 726 6.17 -35.57 -47.34
N TRP M 727 5.66 -34.70 -48.21
CA TRP M 727 5.81 -33.26 -48.05
C TRP M 727 4.62 -32.56 -48.70
N VAL M 728 4.51 -31.26 -48.46
CA VAL M 728 3.41 -30.44 -48.94
C VAL M 728 3.98 -29.28 -49.75
N THR M 729 3.48 -29.11 -50.98
CA THR M 729 3.86 -27.99 -51.82
C THR M 729 3.16 -26.71 -51.35
N PRO M 730 3.79 -25.54 -51.53
CA PRO M 730 3.25 -24.31 -50.92
C PRO M 730 1.89 -23.89 -51.44
N ASP M 731 1.50 -24.30 -52.64
CA ASP M 731 0.17 -23.99 -53.13
C ASP M 731 -0.90 -24.88 -52.52
N GLY M 732 -0.51 -25.88 -51.71
CA GLY M 732 -1.44 -26.71 -50.96
C GLY M 732 -1.43 -28.17 -51.31
N PHE M 733 -0.67 -28.58 -52.32
CA PHE M 733 -0.74 -29.95 -52.83
C PHE M 733 0.14 -30.86 -51.98
N PRO M 734 -0.37 -31.99 -51.51
CA PRO M 734 0.48 -32.98 -50.85
C PRO M 734 1.01 -34.01 -51.85
N VAL M 735 2.04 -34.72 -51.42
CA VAL M 735 2.63 -35.76 -52.27
C VAL M 735 3.30 -36.82 -51.41
N TRP M 736 2.99 -38.08 -51.69
CA TRP M 736 3.59 -39.21 -50.98
C TRP M 736 4.46 -39.99 -51.94
N GLN M 737 5.70 -40.24 -51.54
CA GLN M 737 6.66 -41.01 -52.32
C GLN M 737 6.82 -42.39 -51.67
N GLU M 738 6.29 -43.42 -52.36
CA GLU M 738 6.23 -44.78 -51.81
C GLU M 738 6.63 -45.77 -52.91
N TYR M 739 7.93 -45.90 -53.15
CA TYR M 739 8.46 -46.87 -54.11
C TYR M 739 8.47 -48.25 -53.47
N LYS M 740 7.80 -49.21 -54.12
CA LYS M 740 7.69 -50.56 -53.58
C LYS M 740 8.39 -51.57 -54.49
N LYS M 741 8.69 -52.73 -53.93
CA LYS M 741 9.17 -53.87 -54.70
C LYS M 741 8.51 -55.14 -54.22
N PRO M 742 7.83 -55.87 -55.10
CA PRO M 742 7.32 -57.21 -54.75
C PRO M 742 8.40 -58.12 -54.19
N ILE M 743 7.96 -59.09 -53.37
CA ILE M 743 8.88 -59.88 -52.57
C ILE M 743 9.76 -60.81 -53.39
N GLN M 744 9.38 -61.09 -54.63
CA GLN M 744 10.07 -62.10 -55.43
C GLN M 744 10.18 -61.61 -56.87
N THR M 745 11.34 -61.89 -57.46
CA THR M 745 11.51 -61.71 -58.91
C THR M 745 12.31 -62.89 -59.43
N ARG M 746 11.71 -63.64 -60.35
CA ARG M 746 12.44 -64.67 -61.08
C ARG M 746 12.34 -64.33 -62.57
N LEU M 747 13.47 -64.01 -63.17
CA LEU M 747 13.54 -63.69 -64.58
C LEU M 747 14.05 -64.92 -65.32
N ASN M 748 13.36 -65.30 -66.39
CA ASN M 748 13.77 -66.38 -67.25
C ASN M 748 14.47 -65.81 -68.46
N LEU M 749 15.44 -66.56 -68.98
CA LEU M 749 16.09 -66.17 -70.23
C LEU M 749 15.09 -66.20 -71.39
N MET M 750 14.20 -67.17 -71.39
CA MET M 750 13.31 -67.34 -72.55
C MET M 750 12.11 -66.41 -72.49
N PHE M 751 11.62 -66.08 -71.30
CA PHE M 751 10.46 -65.22 -71.20
C PHE M 751 10.59 -64.27 -70.01
N LEU M 752 9.96 -63.11 -70.14
CA LEU M 752 10.01 -62.10 -69.09
C LEU M 752 9.36 -62.62 -67.81
N GLY M 753 9.84 -62.10 -66.69
CA GLY M 753 9.33 -62.47 -65.39
C GLY M 753 7.91 -61.97 -65.15
N ASP M 766 1.36 -55.98 -48.31
CA ASP M 766 1.63 -56.17 -49.74
C ASP M 766 3.08 -56.56 -49.98
N SER M 767 3.96 -55.56 -50.00
CA SER M 767 5.36 -55.78 -50.34
C SER M 767 6.19 -54.66 -49.74
N GLU M 768 7.51 -54.88 -49.69
CA GLU M 768 8.42 -53.96 -49.02
C GLU M 768 8.58 -52.68 -49.83
N ILE M 769 9.15 -51.67 -49.17
CA ILE M 769 9.42 -50.37 -49.78
C ILE M 769 10.85 -50.39 -50.32
N ASP M 770 11.02 -49.96 -51.58
CA ASP M 770 12.32 -49.97 -52.23
C ASP M 770 13.20 -48.88 -51.63
N ALA M 771 14.25 -49.29 -50.91
CA ALA M 771 15.14 -48.33 -50.27
C ALA M 771 15.87 -47.46 -51.29
N HIS M 772 16.41 -48.09 -52.34
CA HIS M 772 17.26 -47.37 -53.28
C HIS M 772 16.46 -46.42 -54.16
N LYS M 773 15.30 -46.87 -54.66
CA LYS M 773 14.46 -46.01 -55.48
C LYS M 773 13.93 -44.82 -54.69
N GLN M 774 13.79 -44.97 -53.37
CA GLN M 774 13.35 -43.87 -52.53
C GLN M 774 14.37 -42.74 -52.50
N GLU M 775 15.66 -43.06 -52.57
CA GLU M 775 16.70 -42.05 -52.54
C GLU M 775 17.00 -41.47 -53.93
N SER M 776 16.93 -42.30 -54.96
CA SER M 776 17.18 -41.84 -56.33
C SER M 776 16.09 -40.89 -56.80
N GLY M 777 14.90 -40.97 -56.21
CA GLY M 777 13.81 -40.15 -56.65
C GLY M 777 13.61 -38.83 -55.91
N ILE M 778 13.92 -38.81 -54.60
CA ILE M 778 13.38 -37.78 -53.69
C ILE M 778 13.80 -36.39 -54.15
N ALA M 779 15.05 -36.24 -54.55
CA ALA M 779 15.53 -34.91 -54.88
C ALA M 779 15.03 -34.46 -56.26
N PRO M 780 14.97 -35.30 -57.31
CA PRO M 780 14.13 -34.92 -58.46
C PRO M 780 12.64 -34.74 -58.18
N ASN M 781 11.95 -35.64 -57.47
CA ASN M 781 10.49 -35.46 -57.34
C ASN M 781 10.15 -34.22 -56.49
N PHE M 782 11.00 -33.87 -55.53
CA PHE M 782 10.70 -32.72 -54.67
C PHE M 782 10.77 -31.43 -55.46
N VAL M 783 11.85 -31.24 -56.22
CA VAL M 783 11.98 -30.04 -57.04
C VAL M 783 10.98 -30.04 -58.19
N HIS M 784 10.53 -31.22 -58.63
CA HIS M 784 9.48 -31.27 -59.63
C HIS M 784 8.12 -30.97 -59.03
N SER M 785 7.90 -31.34 -57.78
CA SER M 785 6.70 -30.88 -57.07
C SER M 785 6.73 -29.37 -56.86
N GLN M 786 7.92 -28.79 -56.76
CA GLN M 786 8.04 -27.35 -56.57
C GLN M 786 7.76 -26.58 -57.86
N ASP M 787 8.25 -27.05 -59.01
CA ASP M 787 7.97 -26.33 -60.25
C ASP M 787 6.51 -26.46 -60.65
N GLY M 788 5.78 -27.43 -60.09
CA GLY M 788 4.34 -27.47 -60.24
C GLY M 788 3.65 -26.50 -59.31
N SER M 789 4.22 -26.28 -58.12
CA SER M 789 3.68 -25.29 -57.20
C SER M 789 3.82 -23.89 -57.79
N HIS M 790 4.96 -23.59 -58.39
CA HIS M 790 5.11 -22.36 -59.15
C HIS M 790 4.15 -22.33 -60.33
N LEU M 791 3.93 -23.47 -60.97
CA LEU M 791 3.05 -23.56 -62.12
C LEU M 791 1.60 -23.29 -61.72
N ARG M 792 1.12 -24.00 -60.69
CA ARG M 792 -0.26 -23.85 -60.26
C ARG M 792 -0.51 -22.48 -59.65
N LYS M 793 0.48 -21.92 -58.96
CA LYS M 793 0.29 -20.59 -58.38
C LYS M 793 0.28 -19.51 -59.46
N THR M 794 1.05 -19.69 -60.53
CA THR M 794 1.10 -18.67 -61.58
C THR M 794 -0.21 -18.58 -62.35
N VAL M 795 -0.86 -19.73 -62.60
CA VAL M 795 -2.04 -19.73 -63.44
C VAL M 795 -3.23 -19.12 -62.68
N VAL M 796 -3.30 -19.29 -61.36
CA VAL M 796 -4.37 -18.62 -60.62
C VAL M 796 -4.02 -17.16 -60.36
N TRP M 797 -2.72 -16.84 -60.24
CA TRP M 797 -2.32 -15.45 -60.06
C TRP M 797 -2.62 -14.62 -61.30
N ALA M 798 -2.36 -15.19 -62.48
CA ALA M 798 -2.65 -14.49 -63.73
C ALA M 798 -4.14 -14.39 -64.01
N HIS M 799 -4.95 -15.30 -63.46
CA HIS M 799 -6.38 -15.22 -63.65
C HIS M 799 -7.05 -14.28 -62.64
N GLU M 800 -6.52 -14.18 -61.44
CA GLU M 800 -7.11 -13.31 -60.43
C GLU M 800 -6.66 -11.87 -60.61
N LYS M 801 -5.34 -11.65 -60.63
CA LYS M 801 -4.81 -10.29 -60.66
C LYS M 801 -4.97 -9.66 -62.04
N TYR M 802 -4.99 -10.48 -63.08
CA TYR M 802 -5.06 -10.03 -64.46
C TYR M 802 -6.22 -10.74 -65.15
N GLY M 803 -6.55 -10.30 -66.36
CA GLY M 803 -7.72 -10.82 -67.03
C GLY M 803 -7.48 -12.00 -67.95
N ILE M 804 -6.39 -12.72 -67.72
CA ILE M 804 -5.99 -13.81 -68.62
C ILE M 804 -6.85 -15.04 -68.33
N GLU M 805 -7.36 -15.66 -69.40
CA GLU M 805 -8.11 -16.90 -69.30
C GLU M 805 -7.57 -18.03 -70.15
N SER M 806 -6.72 -17.74 -71.14
CA SER M 806 -6.17 -18.75 -72.04
C SER M 806 -4.70 -18.96 -71.69
N PHE M 807 -4.32 -20.20 -71.43
CA PHE M 807 -3.01 -20.54 -70.89
C PHE M 807 -2.45 -21.75 -71.62
N ALA M 808 -1.17 -21.68 -71.99
CA ALA M 808 -0.43 -22.78 -72.59
C ALA M 808 0.71 -23.13 -71.65
N LEU M 809 0.65 -24.31 -71.02
CA LEU M 809 1.60 -24.66 -69.98
C LEU M 809 2.20 -26.02 -70.28
N ILE M 810 3.52 -26.08 -70.38
CA ILE M 810 4.22 -27.36 -70.27
C ILE M 810 5.35 -27.23 -69.25
N HIS M 811 4.98 -27.37 -67.96
CA HIS M 811 5.88 -27.40 -66.82
C HIS M 811 6.78 -26.17 -66.72
N ASP M 812 7.79 -26.08 -67.59
CA ASP M 812 8.71 -24.96 -67.57
C ASP M 812 8.27 -23.80 -68.44
N SER M 813 7.36 -24.02 -69.39
CA SER M 813 6.95 -22.99 -70.32
C SER M 813 5.56 -22.49 -69.94
N PHE M 814 5.34 -21.19 -70.12
CA PHE M 814 4.08 -20.53 -69.77
C PHE M 814 3.64 -19.72 -70.98
N GLY M 815 2.53 -20.12 -71.59
CA GLY M 815 2.07 -19.44 -72.78
C GLY M 815 0.77 -18.68 -72.58
N THR M 816 0.54 -17.69 -73.44
CA THR M 816 -0.63 -16.82 -73.32
C THR M 816 -0.80 -16.04 -74.61
N ILE M 817 -1.93 -15.34 -74.70
CA ILE M 817 -2.21 -14.41 -75.80
C ILE M 817 -1.15 -13.31 -75.81
N PRO M 818 -0.68 -12.86 -76.97
CA PRO M 818 0.38 -11.82 -76.99
C PRO M 818 0.00 -10.52 -76.29
N ALA M 819 -1.28 -10.14 -76.26
CA ALA M 819 -1.68 -8.95 -75.53
C ALA M 819 -1.48 -9.12 -74.02
N ASP M 820 -1.70 -10.34 -73.51
CA ASP M 820 -1.46 -10.65 -72.11
C ASP M 820 -0.06 -11.22 -71.86
N ALA M 821 0.86 -11.05 -72.81
CA ALA M 821 2.17 -11.69 -72.68
C ALA M 821 3.06 -10.98 -71.67
N ALA M 822 3.05 -9.65 -71.66
CA ALA M 822 3.77 -8.90 -70.63
C ALA M 822 3.16 -9.13 -69.25
N ASN M 823 1.89 -9.52 -69.21
CA ASN M 823 1.23 -9.76 -67.93
C ASN M 823 1.69 -11.06 -67.28
N LEU M 824 1.70 -12.15 -68.06
CA LEU M 824 2.13 -13.44 -67.53
C LEU M 824 3.64 -13.45 -67.24
N PHE M 825 4.41 -12.64 -67.98
CA PHE M 825 5.83 -12.44 -67.70
C PHE M 825 6.03 -12.00 -66.25
N LYS M 826 5.31 -10.96 -65.83
CA LYS M 826 5.41 -10.48 -64.46
C LYS M 826 4.82 -11.47 -63.47
N ALA M 827 3.80 -12.22 -63.89
CA ALA M 827 3.12 -13.14 -62.97
C ALA M 827 4.02 -14.30 -62.56
N VAL M 828 4.88 -14.77 -63.46
CA VAL M 828 5.74 -15.90 -63.12
C VAL M 828 6.87 -15.48 -62.20
N ARG M 829 7.20 -14.19 -62.15
CA ARG M 829 8.20 -13.73 -61.19
C ARG M 829 7.57 -13.47 -59.83
N GLU M 830 6.40 -12.82 -59.83
CA GLU M 830 5.74 -12.47 -58.59
C GLU M 830 5.34 -13.71 -57.79
N THR M 831 4.99 -14.80 -58.47
CA THR M 831 4.62 -16.01 -57.76
C THR M 831 5.84 -16.68 -57.16
N MET M 832 6.98 -16.63 -57.85
CA MET M 832 8.17 -17.31 -57.35
C MET M 832 8.74 -16.63 -56.12
N VAL M 833 8.71 -15.29 -56.09
CA VAL M 833 9.26 -14.59 -54.94
C VAL M 833 8.27 -14.58 -53.78
N ASP M 834 6.96 -14.59 -54.05
CA ASP M 834 5.98 -14.63 -52.98
C ASP M 834 5.91 -16.01 -52.34
N THR M 835 6.18 -17.06 -53.11
CA THR M 835 6.15 -18.41 -52.57
C THR M 835 7.37 -18.68 -51.70
N TYR M 836 8.56 -18.31 -52.18
CA TYR M 836 9.79 -18.71 -51.49
C TYR M 836 10.08 -17.86 -50.26
N GLU M 837 9.64 -16.60 -50.24
CA GLU M 837 9.79 -15.82 -49.03
C GLU M 837 8.80 -16.27 -47.95
N SER M 838 7.64 -16.79 -48.36
CA SER M 838 6.65 -17.25 -47.39
C SER M 838 6.98 -18.64 -46.87
N CYS M 839 7.35 -19.55 -47.75
CA CYS M 839 7.60 -20.94 -47.39
C CYS M 839 9.08 -21.27 -47.59
N ASP M 840 9.70 -21.81 -46.55
CA ASP M 840 11.08 -22.29 -46.62
C ASP M 840 11.07 -23.81 -46.74
N VAL M 841 10.63 -24.28 -47.92
CA VAL M 841 10.15 -25.64 -48.14
C VAL M 841 11.10 -26.72 -47.65
N LEU M 842 12.40 -26.41 -47.57
CA LEU M 842 13.35 -27.34 -46.97
C LEU M 842 13.10 -27.50 -45.48
N ALA M 843 12.83 -26.39 -44.78
CA ALA M 843 12.55 -26.46 -43.35
C ALA M 843 11.20 -27.09 -43.08
N ASP M 844 10.19 -26.77 -43.92
CA ASP M 844 8.89 -27.40 -43.78
C ASP M 844 8.95 -28.89 -44.07
N PHE M 845 9.81 -29.29 -45.01
CA PHE M 845 10.02 -30.71 -45.29
C PHE M 845 10.55 -31.44 -44.07
N TYR M 846 11.42 -30.78 -43.30
CA TYR M 846 11.97 -31.39 -42.09
C TYR M 846 10.88 -31.67 -41.07
N ASP M 847 9.86 -30.80 -41.00
CA ASP M 847 8.84 -30.93 -39.97
C ASP M 847 7.95 -32.14 -40.20
N GLN M 848 7.82 -32.59 -41.46
CA GLN M 848 6.94 -33.71 -41.77
C GLN M 848 7.63 -35.07 -41.65
N PHE M 849 8.95 -35.10 -41.40
CA PHE M 849 9.60 -36.38 -41.14
C PHE M 849 10.46 -36.40 -39.88
N ALA M 850 10.58 -35.27 -39.16
CA ALA M 850 11.39 -35.25 -37.95
C ALA M 850 10.80 -36.09 -36.83
N ASP M 851 9.51 -36.38 -36.88
CA ASP M 851 8.90 -37.27 -35.89
C ASP M 851 9.01 -38.74 -36.27
N GLN M 852 9.35 -39.04 -37.53
CA GLN M 852 9.44 -40.42 -37.98
C GLN M 852 10.82 -41.03 -37.80
N LEU M 853 11.87 -40.21 -37.66
CA LEU M 853 13.20 -40.76 -37.52
C LEU M 853 13.44 -41.27 -36.09
N HIS M 854 14.41 -42.16 -35.96
CA HIS M 854 14.76 -42.84 -34.72
C HIS M 854 15.89 -42.08 -34.01
N GLU M 855 16.05 -42.39 -32.72
CA GLU M 855 17.04 -41.70 -31.88
C GLU M 855 18.46 -41.91 -32.40
N SER M 856 18.75 -43.09 -32.95
CA SER M 856 20.05 -43.32 -33.58
C SER M 856 20.16 -42.60 -34.92
N GLN M 857 19.05 -42.15 -35.50
CA GLN M 857 19.08 -41.48 -36.79
C GLN M 857 19.25 -39.97 -36.68
N LEU M 858 18.79 -39.35 -35.58
CA LEU M 858 18.98 -37.91 -35.43
C LEU M 858 20.45 -37.53 -35.24
N ASP M 859 21.28 -38.48 -34.78
CA ASP M 859 22.71 -38.25 -34.79
C ASP M 859 23.30 -38.33 -36.19
N LYS M 860 22.66 -39.10 -37.08
CA LYS M 860 23.15 -39.30 -38.43
C LYS M 860 22.66 -38.25 -39.42
N MET M 861 21.56 -37.57 -39.10
CA MET M 861 21.00 -36.55 -39.98
C MET M 861 21.93 -35.35 -40.09
N PRO M 862 22.36 -34.95 -41.28
CA PRO M 862 23.13 -33.72 -41.41
C PRO M 862 22.27 -32.50 -41.14
N ALA M 863 22.94 -31.38 -40.89
CA ALA M 863 22.24 -30.13 -40.64
C ALA M 863 21.63 -29.59 -41.93
N LEU M 864 20.66 -28.69 -41.77
CA LEU M 864 20.02 -28.07 -42.92
C LEU M 864 21.02 -27.18 -43.65
N PRO M 865 21.06 -27.24 -44.99
CA PRO M 865 22.02 -26.41 -45.74
C PRO M 865 21.80 -24.92 -45.50
N ALA M 866 22.91 -24.19 -45.49
CA ALA M 866 22.90 -22.79 -45.09
C ALA M 866 22.23 -21.92 -46.14
N LYS M 867 21.74 -20.77 -45.69
CA LYS M 867 21.23 -19.77 -46.61
C LYS M 867 22.40 -19.04 -47.28
N GLY M 868 22.08 -18.14 -48.20
CA GLY M 868 23.10 -17.41 -48.90
C GLY M 868 22.80 -15.94 -49.07
N ASN M 869 23.53 -15.27 -49.95
CA ASN M 869 23.45 -13.82 -50.11
C ASN M 869 22.50 -13.39 -51.21
N LEU M 870 21.82 -14.33 -51.88
CA LEU M 870 20.90 -13.97 -52.95
C LEU M 870 19.64 -13.35 -52.37
N ASN M 871 19.21 -12.23 -52.97
CA ASN M 871 17.94 -11.62 -52.63
C ASN M 871 16.91 -11.99 -53.68
N LEU M 872 15.67 -12.21 -53.24
CA LEU M 872 14.60 -12.54 -54.16
C LEU M 872 14.09 -11.32 -54.90
N ARG M 873 14.31 -10.12 -54.35
CA ARG M 873 13.92 -8.87 -54.98
C ARG M 873 14.71 -8.55 -56.24
N ASP M 874 15.65 -9.42 -56.64
CA ASP M 874 16.38 -9.28 -57.89
C ASP M 874 15.77 -10.10 -59.03
N ILE M 875 15.02 -11.15 -58.70
CA ILE M 875 14.51 -12.07 -59.73
C ILE M 875 13.50 -11.36 -60.64
N LEU M 876 12.67 -10.48 -60.06
CA LEU M 876 11.60 -9.83 -60.80
C LEU M 876 12.12 -8.89 -61.89
N GLU M 877 13.38 -8.48 -61.83
CA GLU M 877 13.95 -7.60 -62.83
C GLU M 877 14.67 -8.35 -63.94
N SER M 878 15.07 -9.58 -63.70
CA SER M 878 15.81 -10.37 -64.68
C SER M 878 14.86 -10.81 -65.78
N ASP M 879 14.96 -10.16 -66.94
CA ASP M 879 14.15 -10.57 -68.08
C ASP M 879 14.63 -11.88 -68.70
N PHE M 880 15.86 -12.30 -68.39
CA PHE M 880 16.42 -13.53 -68.92
C PHE M 880 16.01 -14.77 -68.13
N ALA M 881 15.39 -14.59 -66.95
CA ALA M 881 15.00 -15.74 -66.14
C ALA M 881 13.86 -16.51 -66.77
N PHE M 882 13.00 -15.82 -67.52
CA PHE M 882 11.79 -16.38 -68.14
C PHE M 882 10.89 -17.06 -67.12
C12 S8U N 10 19.50 -39.15 -66.91
C13 S8U N 10 18.18 -38.44 -67.17
C1' S8U N 10 19.15 -39.74 -64.61
C15 S8U N 10 20.55 -39.35 -67.83
C16 S8U N 10 21.55 -40.03 -67.20
C17 S8U N 10 21.14 -40.27 -65.89
C2' S8U N 10 18.44 -41.14 -64.47
C3' S8U N 10 18.47 -41.44 -63.29
C4' S8U N 10 19.58 -40.45 -62.54
C5' S8U N 10 20.71 -41.29 -61.97
N11 S8U N 10 19.88 -39.71 -65.72
O14 S8U N 10 17.36 -38.96 -67.80
O3' S8U N 10 17.13 -41.25 -62.69
O4' S8U N 10 20.04 -39.64 -63.38
O5' S8U N 10 21.21 -42.10 -62.98
OP1 S8U N 10 23.14 -43.30 -64.18
OP2 S8U N 10 23.60 -41.13 -63.16
P S8U N 10 22.82 -42.40 -63.04
PG ATP Q . -2.82 -4.16 1.64
O1G ATP Q . -1.74 -5.10 2.07
O2G ATP Q . -2.28 -2.82 1.13
O3G ATP Q . -3.78 -4.72 0.60
PB ATP Q . -3.62 -3.45 4.41
O1B ATP Q . -4.85 -3.80 5.14
O2B ATP Q . -2.33 -4.11 4.91
O3B ATP Q . -3.75 -3.78 2.87
PA ATP Q . -2.12 -0.90 4.50
O1A ATP Q . -1.06 -1.27 3.55
O2A ATP Q . -1.70 -0.91 5.97
O3A ATP Q . -3.38 -1.88 4.38
O5' ATP Q . -2.73 0.53 4.17
C5' ATP Q . -1.97 1.73 4.40
C4' ATP Q . -2.88 2.85 4.82
O4' ATP Q . -3.92 2.36 5.68
C3' ATP Q . -2.20 3.98 5.60
O3' ATP Q . -2.85 5.22 5.35
C2' ATP Q . -2.39 3.53 7.04
O2' ATP Q . -2.33 4.62 7.95
C1' ATP Q . -3.80 2.94 6.97
N9 ATP Q . -4.12 1.92 7.97
C8 ATP Q . -3.35 0.86 8.37
N7 ATP Q . -3.92 0.10 9.28
C5 ATP Q . -5.16 0.71 9.48
C6 ATP Q . -6.24 0.39 10.32
N6 ATP Q . -6.26 -0.66 11.14
N1 ATP Q . -7.32 1.20 10.28
C2 ATP Q . -7.32 2.25 9.44
N3 ATP Q . -6.35 2.64 8.62
C4 ATP Q . -5.30 1.83 8.67
MG MG R . -0.03 -4.98 3.49
PG ATP S . 32.38 33.02 -5.33
O1G ATP S . 33.11 31.81 -4.84
O2G ATP S . 31.05 33.29 -4.60
O3G ATP S . 33.22 34.31 -5.32
PB ATP S . 32.61 32.53 -8.27
O1B ATP S . 32.66 33.73 -9.14
O2B ATP S . 33.94 31.84 -8.01
O3B ATP S . 31.95 32.85 -6.86
PA ATP S . 30.89 30.14 -8.28
O1A ATP S . 29.99 30.46 -7.15
O2A ATP S . 31.98 29.11 -7.97
O3A ATP S . 31.62 31.43 -8.84
O5' ATP S . 30.07 29.62 -9.53
C5' ATP S . 28.83 28.89 -9.37
C4' ATP S . 27.78 29.48 -10.27
O4' ATP S . 28.40 30.38 -11.22
C3' ATP S . 27.01 28.47 -11.12
O3' ATP S . 25.70 28.95 -11.41
C2' ATP S . 27.87 28.38 -12.37
O2' ATP S . 27.12 27.95 -13.50
C1' ATP S . 28.32 29.83 -12.52
N9 ATP S . 29.62 29.99 -13.17
C8 ATP S . 30.84 29.55 -12.70
N7 ATP S . 31.85 29.84 -13.49
C5 ATP S . 31.25 30.52 -14.55
C6 ATP S . 31.77 31.10 -15.72
N6 ATP S . 33.07 31.09 -16.04
N1 ATP S . 30.90 31.71 -16.56
C2 ATP S . 29.61 31.73 -16.24
N3 ATP S . 29.00 31.22 -15.17
C4 ATP S . 29.88 30.62 -14.36
MG MG T . 34.05 30.15 -5.86
PG ATP U . -48.08 -9.78 69.87
O1G ATP U . -48.95 -10.00 71.06
O2G ATP U . -48.74 -10.19 68.55
O3G ATP U . -47.56 -8.34 69.74
PB ATP U . -45.30 -10.75 69.36
O1B ATP U . -44.88 -12.15 69.12
O2B ATP U . -45.26 -9.83 68.15
O3B ATP U . -46.77 -10.68 69.96
PA ATP U . -44.67 -8.85 71.55
O1A ATP U . -46.01 -8.91 72.19
O2A ATP U . -44.36 -7.55 70.80
O3A ATP U . -44.46 -10.05 70.52
O5' ATP U . -43.55 -9.09 72.64
C5' ATP U . -42.42 -8.21 72.76
C4' ATP U . -41.25 -8.85 72.07
O4' ATP U . -41.31 -8.57 70.66
C3' ATP U . -39.86 -8.37 72.52
O3' ATP U . -39.30 -9.29 73.45
C2' ATP U . -39.05 -8.31 71.22
O2' ATP U . -37.90 -9.15 71.27
C1' ATP U . -40.02 -8.84 70.17
N9 ATP U . -39.89 -8.22 68.85
C8 ATP U . -40.73 -7.31 68.26
N7 ATP U . -40.35 -6.94 67.05
C5 ATP U . -39.18 -7.66 66.85
C6 ATP U . -38.29 -7.71 65.76
N6 ATP U . -38.44 -7.01 64.64
N1 ATP U . -37.22 -8.53 65.87
C2 ATP U . -37.06 -9.24 66.99
N3 ATP U . -37.84 -9.26 68.08
C4 ATP U . -38.89 -8.44 67.94
PG ATP V . 17.50 -24.12 -77.14
O1G ATP V . 17.33 -23.22 -78.32
O2G ATP V . 17.02 -23.50 -75.83
O3G ATP V . 16.84 -25.50 -77.33
PB ATP V . 20.00 -25.08 -75.80
O1B ATP V . 21.39 -25.17 -76.31
O2B ATP V . 19.84 -24.27 -74.51
O3B ATP V . 19.04 -24.45 -76.89
PA ATP V . 18.02 -27.07 -74.80
O1A ATP V . 17.00 -26.02 -74.55
O2A ATP V . 18.49 -27.71 -73.51
O3A ATP V . 19.33 -26.50 -75.55
O5' ATP V . 17.48 -28.21 -75.75
C5' ATP V . 18.38 -29.07 -76.49
C4' ATP V . 18.40 -30.45 -75.88
O4' ATP V . 17.97 -30.40 -74.50
C3' ATP V . 17.54 -31.51 -76.57
O3' ATP V . 18.28 -32.71 -76.78
C2' ATP V . 16.38 -31.72 -75.60
O2' ATP V . 15.88 -33.05 -75.66
C1' ATP V . 17.08 -31.47 -74.26
N9 ATP V . 16.19 -31.13 -73.16
C8 ATP V . 15.34 -30.06 -73.09
N7 ATP V . 14.67 -29.98 -71.97
C5 ATP V . 15.11 -31.09 -71.25
C6 ATP V . 14.78 -31.59 -69.97
N6 ATP V . 13.89 -31.01 -69.15
N1 ATP V . 15.41 -32.70 -69.55
C2 ATP V . 16.30 -33.29 -70.36
N3 ATP V . 16.69 -32.90 -71.59
C4 ATP V . 16.05 -31.80 -71.98
#